data_7B6V
#
_entry.id   7B6V
#
_cell.length_a   130.404
_cell.length_b   130.404
_cell.length_c   221.221
_cell.angle_alpha   90.000
_cell.angle_beta   90.000
_cell.angle_gamma   120.000
#
_symmetry.space_group_name_H-M   'P 31'
#
loop_
_entity.id
_entity.type
_entity.pdbx_description
1 polymer 'Capsid protein VP1'
2 branched 2-acetamido-2-deoxy-alpha-D-galactopyranose-(1-3)-2-acetamido-2-deoxy-beta-D-galactopyranose-(1-3)-alpha-D-galactopyranose-(1-4)-beta-D-galactopyranose
3 branched 2-acetamido-2-deoxy-alpha-D-galactopyranose-(1-3)-2-acetamido-2-deoxy-beta-D-galactopyranose-(1-3)-alpha-D-galactopyranose-(1-4)-beta-D-galactopyranose-(1-4)-beta-D-glucopyranose
4 non-polymer 'N-acetyl-alpha-neuraminic acid'
5 non-polymer 'MAGNESIUM ION'
6 non-polymer 1,2-ETHANEDIOL
7 non-polymer 'TRIETHYLENE GLYCOL'
8 non-polymer DI(HYDROXYETHYL)ETHER
9 water water
#
_entity_poly.entity_id   1
_entity_poly.type   'polypeptide(L)'
_entity_poly.pdbx_seq_one_letter_code
;GSHMGGIEVLAVRTGPDSITEIEAYLNPRMGQPQNEDFYGFSDNVTVSDDFGSDAPPWKQFPCYSTARISLPMLNQDMTS
DTILMWEAISCRTEVMGVNMLTNVHSAQKRVYENDREGTGIGVEGMGYHMFAIGGEPLELQFMVFNHRATYPAEATVIKN
PGASSQVFDPNLKGTLTADGVFPVEAWGPDPFKNENTRYFGQYTGGTQTPPVLTFTNTQTTILLDENGVGPLCKGDGLFL
SCADIVGFFTQHNKKMSFRGLPRYFRVTLRKRVVKN
;
_entity_poly.pdbx_strand_id   AAA,BBB,CCC,DDD,EEE,FFF,GGG,HHH,III,JJJ
#
# COMPACT_ATOMS: atom_id res chain seq x y z
N ILE A 7 -13.46 3.63 -34.15
CA ILE A 7 -14.29 4.20 -33.04
C ILE A 7 -13.36 4.96 -32.08
N GLU A 8 -13.72 6.19 -31.74
CA GLU A 8 -13.09 7.01 -30.66
C GLU A 8 -13.80 6.70 -29.34
N VAL A 9 -13.10 6.10 -28.38
CA VAL A 9 -13.70 5.59 -27.12
C VAL A 9 -13.52 6.63 -26.01
N LEU A 10 -14.62 7.05 -25.38
CA LEU A 10 -14.64 8.06 -24.30
C LEU A 10 -15.06 7.40 -22.97
N ALA A 11 -15.88 8.06 -22.15
CA ALA A 11 -16.11 7.72 -20.73
C ALA A 11 -17.03 6.50 -20.56
N VAL A 12 -16.86 5.77 -19.45
CA VAL A 12 -17.79 4.71 -18.93
C VAL A 12 -18.95 5.39 -18.19
N ARG A 13 -20.15 4.82 -18.27
CA ARG A 13 -21.31 5.13 -17.38
C ARG A 13 -21.42 4.02 -16.31
N THR A 14 -21.65 4.40 -15.04
CA THR A 14 -21.42 3.53 -13.85
C THR A 14 -22.65 3.43 -12.91
N GLY A 15 -23.75 4.14 -13.19
CA GLY A 15 -24.97 4.09 -12.36
C GLY A 15 -25.83 2.87 -12.67
N ASP A 17 -29.27 1.61 -14.54
CA ASP A 17 -29.56 2.06 -15.93
C ASP A 17 -28.42 1.63 -16.88
N SER A 18 -27.15 1.77 -16.46
CA SER A 18 -25.94 1.75 -17.32
C SER A 18 -25.34 0.34 -17.45
N ILE A 19 -25.76 -0.62 -16.62
CA ILE A 19 -25.26 -2.02 -16.65
C ILE A 19 -26.40 -2.91 -17.16
N THR A 20 -26.07 -4.04 -17.77
CA THR A 20 -27.07 -5.08 -18.13
C THR A 20 -26.38 -6.45 -18.21
N GLU A 21 -27.14 -7.53 -18.06
CA GLU A 21 -26.65 -8.91 -18.25
C GLU A 21 -27.51 -9.65 -19.29
N ILE A 22 -26.88 -10.38 -20.20
CA ILE A 22 -27.64 -11.33 -21.05
C ILE A 22 -27.15 -12.75 -20.72
N GLU A 23 -28.04 -13.73 -20.85
CA GLU A 23 -27.70 -15.17 -20.76
C GLU A 23 -28.14 -15.81 -22.08
N ALA A 24 -27.32 -16.71 -22.61
CA ALA A 24 -27.60 -17.44 -23.86
C ALA A 24 -26.95 -18.83 -23.80
N TYR A 25 -27.50 -19.75 -24.58
CA TYR A 25 -26.92 -21.09 -24.86
C TYR A 25 -26.61 -21.19 -26.35
N LEU A 26 -25.52 -21.89 -26.71
CA LEU A 26 -25.35 -22.39 -28.09
C LEU A 26 -25.33 -23.91 -28.01
N ASN A 27 -26.27 -24.55 -28.69
CA ASN A 27 -26.27 -26.02 -28.90
C ASN A 27 -25.17 -26.40 -29.89
N PRO A 28 -24.56 -27.59 -29.72
CA PRO A 28 -23.47 -28.02 -30.59
C PRO A 28 -24.01 -28.37 -31.97
N ARG A 29 -23.17 -28.23 -32.98
CA ARG A 29 -23.49 -28.60 -34.38
C ARG A 29 -22.47 -29.66 -34.80
N MET A 30 -22.59 -30.86 -34.21
CA MET A 30 -21.65 -31.98 -34.48
C MET A 30 -21.95 -32.67 -35.81
N GLY A 31 -23.13 -32.47 -36.43
CA GLY A 31 -23.39 -32.99 -37.78
C GLY A 31 -24.79 -33.58 -37.99
N GLN A 32 -25.28 -34.37 -37.03
CA GLN A 32 -26.61 -35.02 -37.13
C GLN A 32 -27.68 -33.94 -36.97
N PRO A 33 -28.80 -34.04 -37.72
CA PRO A 33 -29.82 -33.00 -37.70
C PRO A 33 -30.48 -32.84 -36.33
N GLN A 34 -30.87 -31.60 -36.06
CA GLN A 34 -31.63 -31.18 -34.85
C GLN A 34 -32.88 -32.03 -34.69
N ASN A 35 -33.24 -32.27 -33.44
CA ASN A 35 -34.54 -32.84 -33.00
C ASN A 35 -34.82 -34.14 -33.74
N GLU A 36 -33.75 -34.86 -34.14
CA GLU A 36 -33.77 -36.29 -34.57
C GLU A 36 -32.89 -37.06 -33.57
N ASP A 37 -32.81 -38.38 -33.66
CA ASP A 37 -32.43 -39.23 -32.50
C ASP A 37 -30.93 -39.14 -32.18
N PHE A 38 -30.12 -38.61 -33.11
CA PHE A 38 -28.65 -38.52 -33.00
C PHE A 38 -28.22 -37.06 -32.79
N TYR A 39 -29.15 -36.18 -32.39
CA TYR A 39 -28.85 -34.74 -32.11
C TYR A 39 -27.81 -34.66 -30.98
N GLY A 40 -26.73 -33.90 -31.24
CA GLY A 40 -25.57 -33.77 -30.33
C GLY A 40 -24.39 -34.56 -30.84
N PHE A 41 -24.61 -35.47 -31.81
CA PHE A 41 -23.59 -36.38 -32.37
C PHE A 41 -23.34 -35.97 -33.84
N SER A 42 -22.21 -36.39 -34.37
CA SER A 42 -21.96 -36.58 -35.83
C SER A 42 -22.56 -37.92 -36.27
N ASP A 43 -22.65 -38.14 -37.58
CA ASP A 43 -22.88 -39.46 -38.17
C ASP A 43 -21.53 -40.22 -38.10
N ASN A 44 -21.55 -41.51 -38.36
CA ASN A 44 -20.38 -42.40 -38.20
C ASN A 44 -19.33 -41.94 -39.21
N VAL A 45 -18.12 -41.65 -38.70
CA VAL A 45 -16.96 -41.10 -39.45
C VAL A 45 -16.36 -42.15 -40.40
N THR A 46 -16.27 -41.77 -41.67
CA THR A 46 -15.61 -42.54 -42.73
C THR A 46 -14.25 -41.89 -42.98
N VAL A 47 -13.30 -42.70 -43.44
CA VAL A 47 -11.87 -42.32 -43.60
C VAL A 47 -11.42 -42.60 -45.03
N SER A 48 -10.77 -41.63 -45.65
CA SER A 48 -10.38 -41.70 -47.06
C SER A 48 -9.16 -42.63 -47.15
N ASP A 49 -8.83 -43.13 -48.34
CA ASP A 49 -7.61 -43.94 -48.57
C ASP A 49 -6.40 -43.04 -48.81
N ASP A 50 -6.62 -41.82 -49.29
CA ASP A 50 -5.55 -40.84 -49.64
C ASP A 50 -6.16 -39.43 -49.63
N PHE A 51 -5.28 -38.44 -49.67
CA PHE A 51 -5.60 -36.97 -49.69
C PHE A 51 -6.37 -36.57 -50.95
N GLY A 52 -5.99 -37.11 -52.13
CA GLY A 52 -6.62 -36.72 -53.41
C GLY A 52 -8.08 -37.12 -53.53
N SER A 53 -8.49 -38.26 -52.95
CA SER A 53 -9.87 -38.81 -52.98
C SER A 53 -10.57 -38.60 -51.62
N ASP A 54 -10.23 -37.54 -50.91
CA ASP A 54 -10.74 -37.22 -49.54
C ASP A 54 -11.99 -36.35 -49.73
N ALA A 55 -13.12 -36.80 -49.20
CA ALA A 55 -14.45 -36.21 -49.41
C ALA A 55 -15.27 -36.46 -48.14
N PRO A 56 -15.14 -35.66 -47.06
CA PRO A 56 -15.90 -35.95 -45.84
C PRO A 56 -17.39 -35.67 -46.08
N PRO A 57 -18.27 -36.70 -46.01
CA PRO A 57 -19.69 -36.52 -46.24
C PRO A 57 -20.27 -35.55 -45.20
N TRP A 58 -21.27 -34.78 -45.63
CA TRP A 58 -22.12 -33.96 -44.75
C TRP A 58 -22.67 -34.84 -43.62
N LYS A 59 -22.69 -34.30 -42.41
CA LYS A 59 -23.10 -34.92 -41.10
C LYS A 59 -21.94 -35.62 -40.37
N GLN A 60 -20.81 -35.91 -41.00
CA GLN A 60 -19.70 -36.68 -40.35
C GLN A 60 -18.63 -35.79 -39.70
N PHE A 61 -18.78 -34.47 -39.71
CA PHE A 61 -17.78 -33.54 -39.15
C PHE A 61 -18.49 -32.37 -38.49
N PRO A 62 -17.98 -31.90 -37.34
CA PRO A 62 -18.56 -30.74 -36.66
C PRO A 62 -18.33 -29.38 -37.35
N CYS A 63 -19.25 -28.47 -37.01
CA CYS A 63 -19.26 -27.05 -37.41
C CYS A 63 -19.37 -26.16 -36.17
N TYR A 64 -18.90 -24.92 -36.34
CA TYR A 64 -18.99 -23.85 -35.32
C TYR A 64 -20.44 -23.52 -35.03
N SER A 65 -20.75 -23.26 -33.75
CA SER A 65 -22.01 -22.62 -33.32
C SER A 65 -21.81 -21.10 -33.30
N THR A 66 -22.83 -20.34 -33.66
CA THR A 66 -22.80 -18.88 -33.49
C THR A 66 -24.23 -18.33 -33.39
N ALA A 67 -24.38 -17.23 -32.66
CA ALA A 67 -25.63 -16.47 -32.54
C ALA A 67 -25.28 -14.99 -32.34
N ARG A 68 -26.15 -14.10 -32.83
CA ARG A 68 -26.10 -12.67 -32.48
C ARG A 68 -27.22 -12.43 -31.48
N ILE A 69 -26.89 -11.83 -30.34
CA ILE A 69 -27.88 -11.51 -29.25
C ILE A 69 -28.27 -10.03 -29.39
N SER A 70 -29.56 -9.78 -29.52
CA SER A 70 -30.14 -8.42 -29.50
C SER A 70 -30.09 -7.90 -28.07
N LEU A 71 -29.65 -6.66 -27.91
CA LEU A 71 -29.39 -6.04 -26.59
C LEU A 71 -30.46 -5.00 -26.32
N PRO A 72 -30.65 -4.58 -25.05
CA PRO A 72 -31.66 -3.58 -24.73
C PRO A 72 -31.40 -2.22 -25.40
N MET A 73 -32.45 -1.39 -25.45
CA MET A 73 -32.38 0.03 -25.91
C MET A 73 -31.39 0.78 -25.00
N LEU A 74 -30.58 1.66 -25.59
CA LEU A 74 -29.49 2.39 -24.90
C LEU A 74 -29.98 3.73 -24.35
N ASN A 75 -31.11 4.26 -24.80
CA ASN A 75 -31.63 5.56 -24.29
C ASN A 75 -30.59 6.63 -24.65
N GLN A 76 -30.45 6.90 -25.95
CA GLN A 76 -29.44 7.82 -26.51
C GLN A 76 -29.78 9.27 -26.09
N ASP A 77 -28.76 10.07 -25.81
CA ASP A 77 -28.90 11.55 -25.67
C ASP A 77 -29.09 12.13 -27.07
N MET A 78 -30.29 12.64 -27.35
CA MET A 78 -30.73 13.05 -28.71
C MET A 78 -29.82 14.15 -29.26
N THR A 79 -29.34 15.08 -28.42
CA THR A 79 -28.63 16.32 -28.85
C THR A 79 -27.10 16.18 -28.73
N SER A 80 -26.60 15.09 -28.13
CA SER A 80 -25.14 14.86 -27.98
C SER A 80 -24.52 14.58 -29.35
N ASP A 81 -23.28 15.03 -29.55
CA ASP A 81 -22.38 14.69 -30.69
C ASP A 81 -22.00 13.21 -30.57
N THR A 82 -21.86 12.70 -29.34
CA THR A 82 -21.45 11.31 -29.00
C THR A 82 -22.60 10.31 -29.14
N ILE A 83 -22.31 9.02 -28.99
CA ILE A 83 -23.32 7.92 -28.98
C ILE A 83 -22.96 6.90 -27.90
N LEU A 84 -23.97 6.23 -27.32
CA LEU A 84 -23.76 5.10 -26.38
C LEU A 84 -23.63 3.78 -27.15
N MET A 85 -22.70 2.93 -26.72
CA MET A 85 -22.63 1.50 -27.16
C MET A 85 -22.57 0.62 -25.92
N TRP A 86 -23.09 -0.59 -26.05
CA TRP A 86 -22.92 -1.65 -25.03
C TRP A 86 -21.50 -2.20 -25.17
N GLU A 87 -20.78 -2.22 -24.06
CA GLU A 87 -19.40 -2.72 -23.91
C GLU A 87 -19.48 -3.98 -23.05
N ALA A 88 -19.08 -5.13 -23.59
CA ALA A 88 -18.94 -6.37 -22.76
C ALA A 88 -17.72 -6.22 -21.84
N ILE A 89 -17.90 -6.42 -20.53
CA ILE A 89 -16.81 -6.24 -19.52
C ILE A 89 -16.43 -7.57 -18.88
N SER A 90 -17.35 -8.54 -18.81
CA SER A 90 -17.07 -9.84 -18.18
C SER A 90 -17.99 -10.92 -18.74
N CYS A 91 -17.61 -12.18 -18.53
CA CYS A 91 -18.53 -13.31 -18.82
C CYS A 91 -18.33 -14.42 -17.79
N ARG A 92 -19.36 -15.24 -17.65
CA ARG A 92 -19.25 -16.63 -17.19
C ARG A 92 -19.61 -17.47 -18.41
N THR A 93 -18.89 -18.55 -18.61
CA THR A 93 -19.24 -19.57 -19.62
C THR A 93 -19.04 -20.93 -18.96
N GLU A 94 -19.83 -21.89 -19.39
CA GLU A 94 -19.86 -23.26 -18.83
C GLU A 94 -20.19 -24.19 -19.99
N VAL A 95 -19.51 -25.33 -20.08
CA VAL A 95 -20.01 -26.46 -20.90
C VAL A 95 -21.08 -27.16 -20.05
N MET A 96 -22.29 -27.25 -20.57
CA MET A 96 -23.42 -27.86 -19.83
C MET A 96 -23.51 -29.35 -20.18
N GLY A 97 -24.15 -30.13 -19.29
CA GLY A 97 -24.47 -31.55 -19.50
C GLY A 97 -23.26 -32.47 -19.34
N VAL A 98 -22.17 -31.98 -18.76
CA VAL A 98 -20.97 -32.81 -18.43
C VAL A 98 -21.48 -34.06 -17.69
N ASN A 99 -22.51 -33.93 -16.85
CA ASN A 99 -23.14 -35.05 -16.08
C ASN A 99 -23.44 -36.24 -16.98
N MET A 100 -23.78 -36.01 -18.25
CA MET A 100 -24.28 -37.07 -19.17
C MET A 100 -23.15 -38.07 -19.47
N LEU A 101 -21.88 -37.68 -19.30
CA LEU A 101 -20.70 -38.50 -19.69
C LEU A 101 -20.41 -39.60 -18.66
N THR A 102 -21.16 -39.65 -17.54
CA THR A 102 -21.16 -40.74 -16.53
C THR A 102 -21.99 -41.94 -17.04
N ASN A 103 -22.59 -41.79 -18.21
CA ASN A 103 -23.36 -42.82 -18.96
C ASN A 103 -22.39 -43.80 -19.63
N VAL A 104 -22.35 -45.02 -19.11
CA VAL A 104 -21.55 -46.13 -19.71
C VAL A 104 -22.43 -47.36 -19.94
N HIS A 105 -23.69 -47.15 -20.28
CA HIS A 105 -24.65 -48.23 -20.63
C HIS A 105 -25.26 -48.08 -22.03
N SER A 106 -25.09 -46.95 -22.72
CA SER A 106 -25.94 -46.57 -23.89
C SER A 106 -25.26 -47.03 -25.19
N ALA A 107 -25.38 -48.32 -25.55
CA ALA A 107 -24.91 -48.88 -26.84
C ALA A 107 -23.42 -48.61 -27.13
N GLN A 108 -22.57 -48.72 -26.11
CA GLN A 108 -21.12 -48.43 -26.22
C GLN A 108 -20.37 -49.76 -26.31
N LYS A 109 -19.39 -49.83 -27.20
CA LYS A 109 -18.30 -50.82 -27.11
C LYS A 109 -17.93 -51.01 -25.63
N ARG A 110 -17.90 -52.29 -25.21
CA ARG A 110 -17.65 -52.69 -23.80
C ARG A 110 -16.13 -52.70 -23.58
N VAL A 111 -15.71 -52.48 -22.34
CA VAL A 111 -14.26 -52.44 -21.98
C VAL A 111 -13.64 -53.80 -22.34
N TYR A 112 -14.36 -54.90 -22.11
CA TYR A 112 -13.86 -56.28 -22.33
C TYR A 112 -14.74 -56.95 -23.37
N GLU A 113 -14.67 -56.49 -24.63
CA GLU A 113 -15.58 -56.93 -25.74
C GLU A 113 -15.38 -58.42 -26.05
N ASN A 114 -14.16 -58.95 -25.88
CA ASN A 114 -13.87 -60.37 -26.22
C ASN A 114 -14.56 -61.28 -25.20
N ASP A 115 -14.98 -60.74 -24.05
CA ASP A 115 -15.72 -61.48 -22.99
C ASP A 115 -17.15 -60.98 -22.89
N ARG A 116 -17.58 -60.10 -23.82
CA ARG A 116 -18.90 -59.40 -23.72
C ARG A 116 -19.14 -58.91 -22.29
N GLU A 117 -18.15 -58.25 -21.69
CA GLU A 117 -18.24 -57.85 -20.26
C GLU A 117 -17.65 -56.45 -20.02
N GLY A 118 -18.08 -55.86 -18.91
CA GLY A 118 -17.57 -54.58 -18.38
C GLY A 118 -18.50 -53.41 -18.73
N THR A 119 -18.15 -52.21 -18.33
CA THR A 119 -18.92 -51.02 -18.79
C THR A 119 -18.72 -50.76 -20.28
N GLY A 120 -19.55 -49.91 -20.85
CA GLY A 120 -19.20 -49.15 -22.07
C GLY A 120 -17.93 -48.36 -21.82
N ILE A 121 -17.16 -48.05 -22.85
CA ILE A 121 -15.89 -47.27 -22.72
C ILE A 121 -16.23 -45.78 -22.57
N GLY A 122 -17.49 -45.40 -22.82
CA GLY A 122 -17.95 -44.00 -22.70
C GLY A 122 -17.34 -43.11 -23.77
N VAL A 123 -17.43 -41.80 -23.59
CA VAL A 123 -16.83 -40.85 -24.57
C VAL A 123 -15.33 -40.70 -24.26
N GLU A 124 -14.46 -40.92 -25.24
CA GLU A 124 -13.01 -40.63 -25.11
C GLU A 124 -12.50 -40.14 -26.46
N GLY A 125 -11.30 -39.56 -26.44
CA GLY A 125 -10.64 -39.01 -27.62
C GLY A 125 -10.54 -37.51 -27.50
N MET A 126 -10.53 -36.82 -28.64
CA MET A 126 -10.09 -35.40 -28.69
C MET A 126 -11.17 -34.51 -28.08
N GLY A 127 -10.72 -33.58 -27.26
CA GLY A 127 -11.46 -32.41 -26.82
C GLY A 127 -11.06 -31.19 -27.64
N TYR A 128 -12.03 -30.48 -28.21
CA TYR A 128 -11.81 -29.14 -28.79
C TYR A 128 -12.85 -28.20 -28.19
N HIS A 129 -12.40 -27.24 -27.37
CA HIS A 129 -13.30 -26.32 -26.63
C HIS A 129 -12.81 -24.91 -26.92
N MET A 130 -13.63 -24.14 -27.63
CA MET A 130 -13.33 -22.72 -27.89
C MET A 130 -14.63 -21.93 -27.78
N PHE A 131 -14.50 -20.68 -27.36
CA PHE A 131 -15.60 -19.69 -27.36
C PHE A 131 -15.01 -18.29 -27.63
N ALA A 132 -15.85 -17.45 -28.21
CA ALA A 132 -15.51 -16.09 -28.65
C ALA A 132 -16.72 -15.23 -28.31
N ILE A 133 -16.46 -14.06 -27.74
CA ILE A 133 -17.44 -13.01 -27.32
C ILE A 133 -16.96 -11.70 -27.94
N GLY A 134 -17.73 -11.11 -28.86
CA GLY A 134 -17.32 -9.91 -29.61
C GLY A 134 -18.48 -9.00 -29.93
N GLY A 135 -18.15 -7.79 -30.37
CA GLY A 135 -19.10 -6.75 -30.83
C GLY A 135 -19.36 -6.85 -32.32
N GLU A 136 -18.83 -7.88 -32.97
CA GLU A 136 -19.06 -8.15 -34.40
C GLU A 136 -18.72 -9.60 -34.64
N PRO A 137 -19.06 -10.19 -35.82
CA PRO A 137 -18.77 -11.60 -36.11
C PRO A 137 -17.30 -11.99 -35.90
N LEU A 138 -17.07 -13.22 -35.44
CA LEU A 138 -15.71 -13.80 -35.28
C LEU A 138 -15.02 -13.82 -36.64
N GLU A 139 -13.80 -13.29 -36.69
CA GLU A 139 -12.95 -13.24 -37.91
C GLU A 139 -12.12 -14.52 -37.97
N LEU A 140 -12.13 -15.17 -39.13
CA LEU A 140 -11.60 -16.53 -39.28
C LEU A 140 -10.42 -16.55 -40.21
N GLN A 141 -9.56 -17.55 -39.95
CA GLN A 141 -8.45 -17.96 -40.83
C GLN A 141 -8.84 -19.34 -41.36
N PHE A 142 -8.88 -19.49 -42.66
CA PHE A 142 -9.08 -20.81 -43.30
C PHE A 142 -7.75 -21.58 -43.20
N MET A 143 -7.82 -22.80 -42.69
CA MET A 143 -6.65 -23.70 -42.61
C MET A 143 -7.15 -25.14 -42.49
N VAL A 144 -6.58 -26.03 -43.31
CA VAL A 144 -6.99 -27.45 -43.42
C VAL A 144 -5.75 -28.36 -43.30
N PHE A 145 -5.99 -29.54 -42.75
CA PHE A 145 -5.01 -30.63 -42.64
C PHE A 145 -4.57 -31.02 -44.05
N ASN A 146 -5.56 -31.17 -44.93
CA ASN A 146 -5.43 -31.68 -46.31
C ASN A 146 -6.20 -30.73 -47.25
N HIS A 147 -5.52 -29.96 -48.11
CA HIS A 147 -6.14 -28.95 -49.02
C HIS A 147 -7.00 -29.58 -50.13
N ARG A 148 -6.80 -30.88 -50.42
CA ARG A 148 -7.45 -31.58 -51.57
C ARG A 148 -8.76 -32.19 -51.09
N ALA A 149 -9.05 -32.07 -49.79
CA ALA A 149 -10.36 -32.39 -49.19
C ALA A 149 -11.47 -31.68 -49.99
N THR A 150 -12.46 -32.42 -50.47
CA THR A 150 -13.70 -31.82 -51.06
C THR A 150 -14.79 -31.81 -49.97
N TYR A 151 -15.13 -30.62 -49.50
CA TYR A 151 -16.20 -30.40 -48.50
C TYR A 151 -17.53 -30.45 -49.24
N PRO A 152 -18.62 -30.86 -48.60
CA PRO A 152 -19.91 -30.94 -49.28
C PRO A 152 -20.45 -29.52 -49.48
N ALA A 153 -21.45 -29.43 -50.37
CA ALA A 153 -22.13 -28.17 -50.76
C ALA A 153 -22.80 -27.54 -49.53
N GLU A 154 -23.27 -28.34 -48.56
CA GLU A 154 -23.93 -27.86 -47.32
C GLU A 154 -22.99 -26.96 -46.48
N ALA A 155 -21.69 -27.11 -46.63
CA ALA A 155 -20.66 -26.51 -45.75
C ALA A 155 -20.09 -25.24 -46.39
N THR A 156 -19.80 -24.24 -45.56
CA THR A 156 -19.10 -23.01 -46.00
C THR A 156 -17.59 -23.20 -45.87
N VAL A 157 -16.92 -23.28 -47.02
CA VAL A 157 -15.45 -23.40 -47.13
C VAL A 157 -15.00 -22.55 -48.32
N ILE A 158 -13.70 -22.26 -48.37
CA ILE A 158 -13.03 -21.77 -49.59
C ILE A 158 -12.72 -22.97 -50.48
N LYS A 159 -13.35 -23.04 -51.66
CA LYS A 159 -13.22 -24.20 -52.56
C LYS A 159 -11.84 -24.12 -53.23
N ASN A 160 -11.25 -25.28 -53.53
CA ASN A 160 -9.92 -25.41 -54.19
C ASN A 160 -8.92 -24.45 -53.57
N PRO A 161 -8.71 -24.50 -52.22
CA PRO A 161 -7.92 -23.47 -51.56
C PRO A 161 -6.42 -23.61 -51.88
N GLY A 162 -5.98 -24.80 -52.34
CA GLY A 162 -4.57 -24.99 -52.76
C GLY A 162 -3.67 -25.29 -51.57
N ALA A 163 -2.42 -25.64 -51.87
CA ALA A 163 -1.43 -26.24 -50.93
C ALA A 163 -1.18 -25.30 -49.75
N SER A 164 -1.07 -23.99 -50.00
CA SER A 164 -0.80 -22.89 -49.02
C SER A 164 -1.80 -22.93 -47.85
N SER A 165 -3.01 -23.47 -48.11
CA SER A 165 -4.12 -23.58 -47.12
C SER A 165 -3.81 -24.61 -46.02
N GLN A 166 -2.82 -25.47 -46.22
CA GLN A 166 -2.35 -26.46 -45.20
C GLN A 166 -1.57 -25.75 -44.08
N VAL A 167 -1.07 -24.53 -44.32
CA VAL A 167 -0.41 -23.65 -43.33
C VAL A 167 -1.08 -22.27 -43.43
N PHE A 168 -0.41 -21.18 -43.06
CA PHE A 168 -1.01 -19.83 -43.06
C PHE A 168 -0.87 -19.20 -44.45
N ASP A 169 -2.00 -18.82 -45.03
CA ASP A 169 -2.03 -18.03 -46.30
C ASP A 169 -2.91 -16.82 -46.02
N PRO A 170 -2.35 -15.59 -46.04
CA PRO A 170 -3.11 -14.39 -45.68
C PRO A 170 -4.28 -14.06 -46.62
N ASN A 171 -4.36 -14.69 -47.78
CA ASN A 171 -5.51 -14.57 -48.72
C ASN A 171 -6.74 -15.32 -48.24
N LEU A 172 -6.62 -16.27 -47.29
CA LEU A 172 -7.71 -17.23 -47.00
C LEU A 172 -8.42 -16.88 -45.68
N LYS A 173 -9.31 -15.89 -45.79
CA LYS A 173 -10.07 -15.30 -44.66
C LYS A 173 -11.56 -15.61 -44.78
N GLY A 174 -12.26 -15.40 -43.66
CA GLY A 174 -13.72 -15.53 -43.57
C GLY A 174 -14.20 -14.87 -42.29
N THR A 175 -15.52 -14.74 -42.17
CA THR A 175 -16.18 -14.32 -40.92
C THR A 175 -17.27 -15.34 -40.63
N LEU A 176 -17.50 -15.61 -39.34
CA LEU A 176 -18.46 -16.65 -38.89
C LEU A 176 -19.86 -16.01 -38.86
N THR A 177 -20.54 -16.09 -39.99
CA THR A 177 -21.80 -15.36 -40.29
C THR A 177 -22.98 -16.33 -40.28
N ALA A 178 -22.77 -17.63 -40.01
CA ALA A 178 -23.90 -18.59 -39.98
C ALA A 178 -23.54 -19.78 -39.07
N ASP A 179 -24.54 -20.22 -38.32
CA ASP A 179 -24.45 -21.33 -37.35
C ASP A 179 -24.44 -22.65 -38.13
N GLY A 180 -23.68 -23.65 -37.65
CA GLY A 180 -23.76 -25.06 -38.11
C GLY A 180 -23.24 -25.35 -39.52
N VAL A 181 -22.46 -24.47 -40.16
CA VAL A 181 -22.02 -24.69 -41.59
C VAL A 181 -20.52 -24.47 -41.81
N PHE A 182 -19.81 -23.78 -40.92
CA PHE A 182 -18.34 -23.54 -41.02
C PHE A 182 -17.66 -24.74 -40.35
N PRO A 183 -17.03 -25.67 -41.11
CA PRO A 183 -16.40 -26.85 -40.53
C PRO A 183 -15.33 -26.44 -39.51
N VAL A 184 -15.42 -26.97 -38.30
CA VAL A 184 -14.37 -26.73 -37.27
C VAL A 184 -12.99 -27.05 -37.90
N GLU A 185 -12.88 -28.10 -38.70
CA GLU A 185 -11.58 -28.60 -39.21
C GLU A 185 -11.00 -27.72 -40.33
N ALA A 186 -11.67 -26.65 -40.73
CA ALA A 186 -11.25 -25.79 -41.88
C ALA A 186 -11.17 -24.31 -41.52
N TRP A 187 -11.66 -23.89 -40.36
CA TRP A 187 -11.65 -22.47 -39.90
C TRP A 187 -11.16 -22.40 -38.45
N GLY A 188 -10.28 -21.45 -38.13
CA GLY A 188 -9.91 -21.08 -36.76
C GLY A 188 -9.92 -19.56 -36.60
N PRO A 189 -9.90 -19.06 -35.35
CA PRO A 189 -9.86 -17.61 -35.10
C PRO A 189 -8.63 -17.00 -35.78
N ASP A 190 -8.81 -15.78 -36.28
CA ASP A 190 -7.77 -15.04 -37.02
C ASP A 190 -7.07 -14.12 -36.06
N PRO A 191 -5.80 -14.38 -35.67
CA PRO A 191 -5.14 -13.54 -34.69
C PRO A 191 -4.70 -12.20 -35.30
N PHE A 192 -4.65 -12.10 -36.62
CA PHE A 192 -4.42 -10.82 -37.33
C PHE A 192 -5.63 -9.87 -37.27
N LYS A 193 -6.81 -10.31 -36.83
CA LYS A 193 -8.00 -9.43 -36.73
C LYS A 193 -8.57 -9.57 -35.32
N ASN A 194 -9.89 -9.61 -35.18
CA ASN A 194 -10.58 -9.80 -33.87
C ASN A 194 -10.08 -8.81 -32.82
N GLU A 195 -9.89 -7.55 -33.20
CA GLU A 195 -9.57 -6.47 -32.21
C GLU A 195 -10.78 -6.25 -31.29
N ASN A 196 -11.98 -6.60 -31.75
CA ASN A 196 -13.25 -6.29 -31.07
C ASN A 196 -13.91 -7.59 -30.60
N THR A 197 -13.13 -8.68 -30.52
CA THR A 197 -13.54 -10.04 -30.07
C THR A 197 -12.46 -10.62 -29.15
N ARG A 198 -12.85 -11.27 -28.05
CA ARG A 198 -11.97 -12.13 -27.22
C ARG A 198 -12.33 -13.57 -27.50
N TYR A 199 -11.33 -14.40 -27.80
CA TYR A 199 -11.52 -15.84 -28.11
C TYR A 199 -10.53 -16.64 -27.28
N PHE A 200 -10.94 -17.85 -26.90
CA PHE A 200 -10.20 -18.75 -25.97
C PHE A 200 -10.44 -20.15 -26.49
N GLY A 201 -9.37 -20.91 -26.68
CA GLY A 201 -9.46 -22.24 -27.29
C GLY A 201 -8.52 -23.21 -26.60
N GLN A 202 -8.97 -24.45 -26.43
CA GLN A 202 -8.10 -25.55 -25.97
C GLN A 202 -8.40 -26.82 -26.79
N TYR A 203 -7.34 -27.49 -27.24
CA TYR A 203 -7.34 -28.79 -27.94
C TYR A 203 -6.49 -29.77 -27.14
N THR A 204 -7.04 -30.96 -26.93
CA THR A 204 -6.33 -32.18 -26.45
C THR A 204 -6.68 -33.30 -27.42
N GLY A 205 -5.70 -33.88 -28.11
CA GLY A 205 -5.95 -34.82 -29.20
C GLY A 205 -6.13 -36.25 -28.72
N GLY A 206 -6.03 -37.17 -29.67
CA GLY A 206 -6.10 -38.63 -29.45
C GLY A 206 -7.51 -39.13 -29.71
N THR A 207 -7.71 -40.45 -29.57
CA THR A 207 -9.00 -41.14 -29.79
C THR A 207 -9.44 -41.96 -28.55
N GLN A 208 -8.50 -42.22 -27.63
CA GLN A 208 -8.68 -42.89 -26.29
C GLN A 208 -8.27 -41.97 -25.12
N THR A 209 -8.03 -40.68 -25.38
CA THR A 209 -7.77 -39.65 -24.33
C THR A 209 -8.98 -39.52 -23.43
N PRO A 210 -8.82 -39.55 -22.09
CA PRO A 210 -9.96 -39.24 -21.21
C PRO A 210 -10.37 -37.78 -21.34
N PRO A 211 -11.66 -37.48 -21.57
CA PRO A 211 -12.15 -36.11 -21.52
C PRO A 211 -11.95 -35.53 -20.12
N VAL A 212 -11.52 -34.28 -20.01
CA VAL A 212 -11.36 -33.56 -18.73
C VAL A 212 -12.20 -32.31 -18.85
N LEU A 213 -13.17 -32.12 -17.97
CA LEU A 213 -14.09 -30.96 -18.01
C LEU A 213 -14.40 -30.52 -16.58
N THR A 214 -14.50 -29.21 -16.36
CA THR A 214 -14.87 -28.58 -15.06
C THR A 214 -16.10 -27.70 -15.30
N PHE A 215 -16.94 -27.56 -14.28
CA PHE A 215 -18.13 -26.68 -14.30
C PHE A 215 -18.28 -26.03 -12.92
N THR A 216 -18.52 -24.71 -12.89
CA THR A 216 -18.78 -23.92 -11.66
C THR A 216 -19.55 -22.66 -12.09
N ASN A 217 -20.37 -22.11 -11.20
CA ASN A 217 -21.00 -20.78 -11.36
C ASN A 217 -20.17 -19.69 -10.63
N THR A 218 -18.91 -19.94 -10.26
CA THR A 218 -18.11 -19.02 -9.39
C THR A 218 -16.96 -18.35 -10.19
N GLN A 219 -16.85 -18.63 -11.48
CA GLN A 219 -15.70 -18.24 -12.35
C GLN A 219 -16.16 -17.14 -13.32
N THR A 220 -15.60 -15.94 -13.17
CA THR A 220 -15.85 -14.79 -14.08
C THR A 220 -14.55 -14.44 -14.82
N THR A 221 -14.62 -14.31 -16.14
CA THR A 221 -13.49 -13.87 -16.99
C THR A 221 -13.74 -12.40 -17.36
N ILE A 222 -12.81 -11.50 -17.08
CA ILE A 222 -12.87 -10.08 -17.53
C ILE A 222 -12.59 -10.03 -19.04
N LEU A 223 -13.33 -9.22 -19.82
CA LEU A 223 -13.17 -9.12 -21.31
C LEU A 223 -12.46 -7.82 -21.72
N LEU A 224 -12.07 -7.00 -20.74
CA LEU A 224 -11.40 -5.70 -20.98
C LEU A 224 -10.00 -5.95 -21.58
N ASP A 225 -9.65 -5.18 -22.61
CA ASP A 225 -8.29 -5.21 -23.17
C ASP A 225 -7.35 -4.43 -22.22
N GLU A 226 -6.07 -4.40 -22.59
CA GLU A 226 -4.97 -3.66 -21.94
C GLU A 226 -5.33 -2.18 -21.70
N ASN A 227 -6.22 -1.60 -22.53
CA ASN A 227 -6.65 -0.18 -22.40
C ASN A 227 -7.87 -0.08 -21.49
N GLY A 228 -8.37 -1.22 -20.98
CA GLY A 228 -9.57 -1.24 -20.13
C GLY A 228 -10.85 -1.10 -20.94
N VAL A 229 -10.77 -1.44 -22.23
CA VAL A 229 -11.91 -1.40 -23.19
C VAL A 229 -12.30 -2.84 -23.52
N GLY A 230 -13.58 -3.14 -23.33
CA GLY A 230 -14.21 -4.41 -23.72
C GLY A 230 -14.67 -4.38 -25.17
N PRO A 231 -15.08 -5.53 -25.73
CA PRO A 231 -15.76 -5.55 -27.02
C PRO A 231 -16.95 -4.57 -27.06
N LEU A 232 -17.05 -3.79 -28.12
CA LEU A 232 -18.09 -2.75 -28.27
C LEU A 232 -19.11 -3.29 -29.28
N CYS A 233 -20.38 -3.41 -28.89
CA CYS A 233 -21.46 -4.09 -29.67
C CYS A 233 -22.00 -3.21 -30.80
N LYS A 234 -21.42 -3.37 -31.99
CA LYS A 234 -21.78 -2.64 -33.22
C LYS A 234 -23.18 -3.09 -33.64
N GLY A 235 -23.99 -2.13 -34.07
CA GLY A 235 -25.41 -2.32 -34.38
C GLY A 235 -26.15 -2.96 -33.21
N ASP A 236 -25.66 -2.77 -31.98
CA ASP A 236 -26.33 -3.21 -30.73
C ASP A 236 -26.53 -4.74 -30.71
N GLY A 237 -25.58 -5.46 -31.28
CA GLY A 237 -25.50 -6.93 -31.21
C GLY A 237 -24.29 -7.42 -30.42
N LEU A 238 -24.48 -8.47 -29.64
CA LEU A 238 -23.41 -9.29 -29.00
C LEU A 238 -23.26 -10.59 -29.81
N PHE A 239 -22.04 -10.92 -30.21
CA PHE A 239 -21.71 -12.10 -31.05
C PHE A 239 -21.03 -13.13 -30.16
N LEU A 240 -21.64 -14.31 -30.09
CA LEU A 240 -21.15 -15.48 -29.35
C LEU A 240 -20.88 -16.62 -30.34
N SER A 241 -19.77 -17.31 -30.16
CA SER A 241 -19.32 -18.39 -31.05
C SER A 241 -18.69 -19.46 -30.16
N CYS A 242 -18.82 -20.73 -30.53
CA CYS A 242 -18.18 -21.84 -29.81
C CYS A 242 -18.14 -23.13 -30.65
N ALA A 243 -17.27 -24.04 -30.21
CA ALA A 243 -17.22 -25.45 -30.60
C ALA A 243 -16.76 -26.19 -29.33
N ASP A 244 -17.48 -27.26 -28.99
CA ASP A 244 -17.30 -28.06 -27.76
C ASP A 244 -17.39 -29.54 -28.11
N ILE A 245 -16.37 -29.99 -28.82
CA ILE A 245 -16.17 -31.42 -29.16
C ILE A 245 -15.70 -32.07 -27.87
N VAL A 246 -16.48 -32.99 -27.33
CA VAL A 246 -16.12 -33.69 -26.07
C VAL A 246 -15.24 -34.90 -26.37
N GLY A 247 -15.45 -35.54 -27.51
CA GLY A 247 -14.74 -36.79 -27.87
C GLY A 247 -15.60 -37.64 -28.76
N PHE A 248 -15.31 -38.96 -28.83
CA PHE A 248 -16.02 -39.91 -29.70
C PHE A 248 -16.88 -40.87 -28.89
N PHE A 249 -17.99 -41.26 -29.53
CA PHE A 249 -18.90 -42.33 -29.09
C PHE A 249 -18.51 -43.53 -29.96
N THR A 250 -18.19 -44.67 -29.36
CA THR A 250 -17.81 -45.91 -30.09
C THR A 250 -18.89 -46.96 -29.88
N GLN A 251 -19.47 -47.46 -30.97
CA GLN A 251 -20.54 -48.49 -30.94
C GLN A 251 -19.88 -49.88 -30.83
N HIS A 252 -20.67 -50.92 -30.54
CA HIS A 252 -20.21 -52.34 -30.49
C HIS A 252 -19.52 -52.70 -31.81
N ASN A 253 -20.02 -52.20 -32.95
CA ASN A 253 -19.41 -52.54 -34.26
C ASN A 253 -18.19 -51.64 -34.52
N LYS A 254 -17.77 -50.80 -33.57
CA LYS A 254 -16.51 -49.98 -33.65
C LYS A 254 -16.71 -48.76 -34.54
N LYS A 255 -17.95 -48.48 -34.95
CA LYS A 255 -18.29 -47.18 -35.59
C LYS A 255 -18.17 -46.08 -34.54
N MET A 256 -17.55 -44.97 -34.92
CA MET A 256 -17.28 -43.82 -34.03
C MET A 256 -17.90 -42.53 -34.61
N SER A 257 -18.52 -41.76 -33.72
CA SER A 257 -19.10 -40.43 -34.03
C SER A 257 -18.57 -39.42 -33.00
N PHE A 258 -18.36 -38.18 -33.42
CA PHE A 258 -18.21 -36.99 -32.56
C PHE A 258 -19.39 -36.88 -31.60
N ARG A 259 -19.12 -36.52 -30.35
CA ARG A 259 -20.14 -36.07 -29.39
C ARG A 259 -19.77 -34.67 -28.92
N GLY A 260 -20.76 -33.77 -28.90
CA GLY A 260 -20.53 -32.39 -28.45
C GLY A 260 -21.47 -32.02 -27.32
N LEU A 261 -21.22 -30.89 -26.66
CA LEU A 261 -22.12 -30.42 -25.60
C LEU A 261 -22.42 -28.94 -25.83
N PRO A 262 -23.57 -28.47 -25.30
CA PRO A 262 -23.96 -27.07 -25.41
C PRO A 262 -23.15 -26.22 -24.43
N ARG A 263 -23.05 -24.94 -24.74
CA ARG A 263 -22.27 -23.94 -23.97
C ARG A 263 -23.24 -22.88 -23.44
N TYR A 264 -23.09 -22.53 -22.17
CA TYR A 264 -23.75 -21.41 -21.45
C TYR A 264 -22.87 -20.17 -21.55
N PHE A 265 -23.50 -19.01 -21.79
CA PHE A 265 -22.86 -17.69 -21.74
C PHE A 265 -23.66 -16.79 -20.79
N ARG A 266 -22.98 -16.12 -19.85
CA ARG A 266 -23.50 -14.92 -19.19
C ARG A 266 -22.53 -13.79 -19.51
N VAL A 267 -23.03 -12.65 -20.00
CA VAL A 267 -22.18 -11.50 -20.37
C VAL A 267 -22.77 -10.26 -19.69
N THR A 268 -21.94 -9.61 -18.89
CA THR A 268 -22.21 -8.30 -18.27
C THR A 268 -21.76 -7.23 -19.26
N LEU A 269 -22.64 -6.34 -19.68
CA LEU A 269 -22.29 -5.18 -20.54
C LEU A 269 -22.56 -3.88 -19.78
N ARG A 270 -21.88 -2.80 -20.16
CA ARG A 270 -22.08 -1.47 -19.56
C ARG A 270 -22.10 -0.44 -20.68
N LYS A 271 -22.72 0.70 -20.40
CA LYS A 271 -22.78 1.79 -21.40
C LYS A 271 -21.41 2.46 -21.51
N ARG A 272 -20.96 2.58 -22.75
CA ARG A 272 -19.75 3.36 -23.09
C ARG A 272 -20.09 4.45 -24.11
N VAL A 273 -19.55 5.63 -23.85
CA VAL A 273 -19.65 6.82 -24.73
C VAL A 273 -18.54 6.73 -25.80
N VAL A 274 -18.93 6.95 -27.05
CA VAL A 274 -17.97 6.96 -28.18
C VAL A 274 -18.34 8.11 -29.12
N LYS A 275 -17.39 8.50 -29.97
CA LYS A 275 -17.62 9.54 -31.01
C LYS A 275 -18.37 8.90 -32.17
N ILE B 7 -35.60 -9.93 -2.70
CA ILE B 7 -34.42 -10.58 -2.05
C ILE B 7 -33.36 -9.52 -1.75
N GLU B 8 -33.75 -8.39 -1.14
CA GLU B 8 -32.83 -7.22 -0.96
C GLU B 8 -32.06 -7.38 0.36
N VAL B 9 -30.74 -7.22 0.29
CA VAL B 9 -29.79 -7.50 1.41
C VAL B 9 -29.34 -6.18 2.02
N LEU B 10 -29.25 -6.14 3.35
CA LEU B 10 -28.75 -4.98 4.12
C LEU B 10 -27.44 -5.37 4.80
N ALA B 11 -27.20 -4.93 6.05
CA ALA B 11 -25.92 -5.10 6.76
C ALA B 11 -25.82 -6.53 7.30
N VAL B 12 -24.59 -6.98 7.55
CA VAL B 12 -24.27 -8.20 8.37
C VAL B 12 -24.55 -7.84 9.84
N ARG B 13 -25.41 -8.61 10.52
CA ARG B 13 -25.77 -8.38 11.95
C ARG B 13 -24.72 -9.04 12.85
N ASP B 17 -22.60 -14.98 19.49
CA ASP B 17 -24.02 -14.69 19.11
C ASP B 17 -24.24 -14.91 17.60
N SER B 18 -23.42 -14.30 16.73
CA SER B 18 -23.79 -14.02 15.32
C SER B 18 -23.23 -15.06 14.32
N ILE B 19 -22.14 -15.76 14.63
CA ILE B 19 -21.48 -16.74 13.70
C ILE B 19 -21.71 -18.17 14.19
N THR B 20 -22.20 -19.06 13.33
CA THR B 20 -22.43 -20.50 13.62
C THR B 20 -21.68 -21.35 12.58
N GLU B 21 -21.40 -22.61 12.92
CA GLU B 21 -20.67 -23.55 12.04
C GLU B 21 -21.33 -24.93 12.11
N ILE B 22 -21.65 -25.51 10.96
CA ILE B 22 -22.27 -26.86 10.86
C ILE B 22 -21.27 -27.78 10.16
N GLU B 23 -21.25 -29.05 10.57
CA GLU B 23 -20.57 -30.14 9.83
C GLU B 23 -21.63 -31.14 9.41
N ALA B 24 -21.45 -31.69 8.22
CA ALA B 24 -22.29 -32.77 7.66
C ALA B 24 -21.45 -33.68 6.79
N TYR B 25 -21.96 -34.87 6.56
CA TYR B 25 -21.48 -35.87 5.58
C TYR B 25 -22.64 -36.26 4.68
N LEU B 26 -22.32 -36.49 3.41
CA LEU B 26 -23.24 -37.13 2.43
C LEU B 26 -22.60 -38.44 2.01
N ASN B 27 -23.29 -39.54 2.30
CA ASN B 27 -22.89 -40.86 1.77
C ASN B 27 -23.27 -40.88 0.29
N PRO B 28 -22.47 -41.62 -0.50
CA PRO B 28 -22.71 -41.74 -1.93
C PRO B 28 -23.87 -42.69 -2.26
N ARG B 29 -24.53 -42.48 -3.40
CA ARG B 29 -25.72 -43.22 -3.85
C ARG B 29 -25.38 -43.84 -5.21
N MET B 30 -24.47 -44.80 -5.21
CA MET B 30 -23.89 -45.38 -6.46
C MET B 30 -24.85 -46.42 -7.05
N GLY B 31 -25.77 -46.95 -6.25
CA GLY B 31 -26.87 -47.80 -6.75
C GLY B 31 -27.25 -48.92 -5.78
N GLN B 32 -26.28 -49.58 -5.17
CA GLN B 32 -26.53 -50.77 -4.30
C GLN B 32 -27.16 -50.29 -2.99
N PRO B 33 -28.16 -51.02 -2.44
CA PRO B 33 -28.90 -50.55 -1.27
C PRO B 33 -27.97 -50.44 -0.06
N GLN B 34 -28.27 -49.52 0.85
CA GLN B 34 -27.38 -49.24 1.98
C GLN B 34 -27.50 -50.38 2.98
N ASN B 35 -26.45 -50.55 3.79
CA ASN B 35 -26.42 -51.44 4.98
C ASN B 35 -26.51 -52.89 4.48
N GLU B 36 -26.19 -53.08 3.20
CA GLU B 36 -26.03 -54.40 2.55
C GLU B 36 -24.60 -54.42 1.97
N ASP B 37 -24.12 -55.58 1.55
CA ASP B 37 -22.66 -55.84 1.46
C ASP B 37 -22.00 -55.03 0.33
N PHE B 38 -22.77 -54.38 -0.54
CA PHE B 38 -22.18 -53.63 -1.68
C PHE B 38 -22.44 -52.15 -1.54
N TYR B 39 -22.74 -51.71 -0.32
CA TYR B 39 -22.94 -50.28 0.00
C TYR B 39 -21.71 -49.51 -0.46
N GLY B 40 -21.90 -48.43 -1.22
CA GLY B 40 -20.77 -47.66 -1.79
C GLY B 40 -20.51 -48.03 -3.24
N PHE B 41 -21.05 -49.15 -3.69
CA PHE B 41 -20.93 -49.63 -5.09
C PHE B 41 -22.26 -49.49 -5.82
N SER B 42 -22.20 -49.47 -7.15
CA SER B 42 -23.34 -49.81 -8.04
C SER B 42 -23.36 -51.32 -8.22
N ASP B 43 -24.41 -51.85 -8.83
CA ASP B 43 -24.46 -53.27 -9.26
C ASP B 43 -23.69 -53.32 -10.57
N ASN B 44 -23.36 -54.52 -11.03
CA ASN B 44 -22.54 -54.73 -12.24
C ASN B 44 -23.27 -54.11 -13.43
N VAL B 45 -22.54 -53.31 -14.19
CA VAL B 45 -23.12 -52.49 -15.29
C VAL B 45 -23.37 -53.38 -16.51
N THR B 46 -24.59 -53.31 -17.03
CA THR B 46 -24.99 -53.90 -18.33
C THR B 46 -25.10 -52.79 -19.37
N VAL B 47 -24.87 -53.15 -20.62
CA VAL B 47 -24.75 -52.21 -21.77
C VAL B 47 -25.78 -52.62 -22.83
N SER B 48 -26.55 -51.65 -23.32
CA SER B 48 -27.62 -51.93 -24.31
C SER B 48 -26.96 -52.18 -25.66
N ASP B 49 -27.70 -52.78 -26.59
CA ASP B 49 -27.22 -53.05 -27.96
C ASP B 49 -27.54 -51.86 -28.89
N ASP B 50 -28.49 -51.00 -28.52
CA ASP B 50 -28.79 -49.77 -29.30
C ASP B 50 -29.50 -48.76 -28.40
N PHE B 51 -29.62 -47.52 -28.88
CA PHE B 51 -30.26 -46.41 -28.15
C PHE B 51 -31.75 -46.72 -27.92
N GLY B 52 -32.40 -47.40 -28.87
CA GLY B 52 -33.85 -47.64 -28.87
C GLY B 52 -34.31 -48.60 -27.77
N SER B 53 -33.49 -49.59 -27.36
CA SER B 53 -33.84 -50.63 -26.37
C SER B 53 -33.15 -50.35 -25.04
N ASP B 54 -32.45 -49.23 -24.93
CA ASP B 54 -31.60 -48.89 -23.77
C ASP B 54 -32.49 -48.63 -22.55
N ALA B 55 -32.34 -49.48 -21.55
CA ALA B 55 -33.11 -49.45 -20.29
C ALA B 55 -32.17 -49.83 -19.17
N PRO B 56 -31.40 -48.86 -18.62
CA PRO B 56 -30.53 -49.14 -17.47
C PRO B 56 -31.31 -49.63 -16.25
N PRO B 57 -31.02 -50.82 -15.69
CA PRO B 57 -31.68 -51.26 -14.47
C PRO B 57 -31.34 -50.41 -13.24
N TRP B 58 -32.32 -50.21 -12.39
CA TRP B 58 -32.13 -49.67 -11.02
C TRP B 58 -31.00 -50.43 -10.32
N LYS B 59 -30.10 -49.67 -9.69
CA LYS B 59 -28.88 -50.09 -8.93
C LYS B 59 -27.63 -50.09 -9.82
N GLN B 60 -27.72 -49.88 -11.14
CA GLN B 60 -26.55 -49.95 -12.07
C GLN B 60 -26.02 -48.57 -12.45
N PHE B 61 -26.52 -47.50 -11.84
CA PHE B 61 -26.06 -46.10 -12.11
C PHE B 61 -26.16 -45.24 -10.87
N PRO B 62 -25.20 -44.29 -10.71
CA PRO B 62 -25.20 -43.39 -9.57
C PRO B 62 -26.31 -42.33 -9.65
N CYS B 63 -26.77 -41.89 -8.48
CA CYS B 63 -27.66 -40.72 -8.26
C CYS B 63 -26.92 -39.70 -7.36
N TYR B 64 -27.35 -38.44 -7.44
CA TYR B 64 -26.84 -37.34 -6.59
C TYR B 64 -27.23 -37.62 -5.14
N SER B 65 -26.36 -37.23 -4.23
CA SER B 65 -26.69 -37.18 -2.79
C SER B 65 -27.18 -35.77 -2.45
N THR B 66 -28.02 -35.62 -1.43
CA THR B 66 -28.46 -34.27 -1.01
C THR B 66 -29.03 -34.32 0.39
N ALA B 67 -28.86 -33.23 1.12
CA ALA B 67 -29.57 -33.06 2.40
C ALA B 67 -29.82 -31.60 2.70
N ARG B 68 -30.88 -31.38 3.47
CA ARG B 68 -31.23 -30.09 4.08
C ARG B 68 -30.76 -30.15 5.53
N ILE B 69 -29.89 -29.22 5.93
CA ILE B 69 -29.43 -29.08 7.33
C ILE B 69 -30.28 -27.97 8.00
N SER B 70 -30.97 -28.30 9.09
CA SER B 70 -31.65 -27.28 9.93
C SER B 70 -30.58 -26.44 10.63
N LEU B 71 -30.72 -25.10 10.57
CA LEU B 71 -29.87 -24.13 11.28
C LEU B 71 -30.62 -23.65 12.52
N PRO B 72 -29.98 -22.95 13.48
CA PRO B 72 -30.68 -22.41 14.65
C PRO B 72 -31.84 -21.44 14.33
N THR B 82 -37.74 -5.76 7.72
CA THR B 82 -36.33 -6.13 8.06
C THR B 82 -36.31 -7.42 8.91
N ILE B 83 -35.66 -8.48 8.43
CA ILE B 83 -35.53 -9.79 9.16
C ILE B 83 -34.07 -10.26 9.07
N LEU B 84 -33.72 -11.31 9.82
CA LEU B 84 -32.37 -11.95 9.81
C LEU B 84 -32.45 -13.29 9.07
N MET B 85 -31.41 -13.61 8.30
CA MET B 85 -31.22 -14.93 7.65
C MET B 85 -29.81 -15.42 7.92
N TRP B 86 -29.63 -16.75 7.99
CA TRP B 86 -28.28 -17.35 8.00
C TRP B 86 -27.65 -17.15 6.62
N GLU B 87 -26.43 -16.60 6.57
CA GLU B 87 -25.66 -16.41 5.32
C GLU B 87 -24.43 -17.33 5.33
N ALA B 88 -24.31 -18.24 4.37
CA ALA B 88 -23.13 -19.11 4.22
C ALA B 88 -22.00 -18.27 3.61
N ILE B 89 -20.88 -18.12 4.33
CA ILE B 89 -19.74 -17.24 3.93
C ILE B 89 -18.53 -18.07 3.46
N SER B 90 -18.39 -19.32 3.91
CA SER B 90 -17.21 -20.15 3.58
C SER B 90 -17.51 -21.63 3.86
N CYS B 91 -16.65 -22.50 3.33
CA CYS B 91 -16.81 -23.97 3.51
C CYS B 91 -15.45 -24.67 3.46
N ARG B 92 -15.43 -25.84 4.07
CA ARG B 92 -14.43 -26.90 3.84
C ARG B 92 -15.22 -28.10 3.35
N THR B 93 -14.67 -28.80 2.39
CA THR B 93 -15.28 -30.05 1.91
C THR B 93 -14.13 -31.01 1.59
N GLU B 94 -14.37 -32.28 1.84
CA GLU B 94 -13.32 -33.30 1.69
C GLU B 94 -13.98 -34.57 1.20
N VAL B 95 -13.37 -35.22 0.20
CA VAL B 95 -13.72 -36.59 -0.18
C VAL B 95 -13.06 -37.46 0.89
N MET B 96 -13.87 -38.08 1.76
CA MET B 96 -13.42 -38.94 2.86
C MET B 96 -13.17 -40.37 2.37
N GLY B 97 -12.21 -41.06 2.96
CA GLY B 97 -11.98 -42.48 2.71
C GLY B 97 -11.09 -42.71 1.48
N VAL B 98 -10.34 -41.70 1.02
CA VAL B 98 -9.41 -41.90 -0.14
C VAL B 98 -8.46 -43.04 0.23
N ASN B 99 -8.14 -43.18 1.53
CA ASN B 99 -7.24 -44.23 2.06
C ASN B 99 -7.62 -45.62 1.53
N MET B 100 -8.91 -45.91 1.31
CA MET B 100 -9.38 -47.30 1.04
C MET B 100 -8.91 -47.78 -0.34
N LEU B 101 -8.57 -46.83 -1.25
CA LEU B 101 -8.17 -47.11 -2.65
C LEU B 101 -6.75 -47.68 -2.72
N THR B 102 -6.05 -47.80 -1.59
CA THR B 102 -4.74 -48.51 -1.49
C THR B 102 -4.99 -50.03 -1.41
N ASN B 103 -6.24 -50.45 -1.26
CA ASN B 103 -6.67 -51.89 -1.34
C ASN B 103 -6.53 -52.43 -2.75
N VAL B 104 -5.56 -53.34 -2.99
CA VAL B 104 -5.46 -54.06 -4.29
C VAL B 104 -5.54 -55.57 -4.09
N HIS B 105 -6.21 -56.07 -3.04
CA HIS B 105 -6.36 -57.52 -2.68
C HIS B 105 -7.81 -58.04 -2.75
N SER B 106 -8.80 -57.15 -2.69
CA SER B 106 -10.24 -57.48 -2.47
C SER B 106 -10.94 -57.85 -3.79
N ALA B 107 -10.85 -59.12 -4.22
CA ALA B 107 -11.66 -59.71 -5.32
C ALA B 107 -11.51 -58.92 -6.64
N GLN B 108 -10.30 -58.45 -6.95
CA GLN B 108 -10.04 -57.58 -8.13
C GLN B 108 -9.36 -58.36 -9.24
N LYS B 109 -9.80 -58.13 -10.48
CA LYS B 109 -9.04 -58.56 -11.66
C LYS B 109 -7.56 -58.20 -11.43
N ARG B 110 -6.66 -59.15 -11.74
N ARG B 110 -6.65 -59.14 -11.68
CA ARG B 110 -5.22 -59.03 -11.44
CA ARG B 110 -5.21 -58.99 -11.33
C ARG B 110 -4.51 -58.31 -12.59
C ARG B 110 -4.47 -58.40 -12.54
N VAL B 111 -3.39 -57.65 -12.30
CA VAL B 111 -2.55 -56.98 -13.33
C VAL B 111 -2.14 -57.98 -14.42
N TYR B 112 -1.83 -59.24 -14.07
CA TYR B 112 -1.38 -60.31 -15.01
C TYR B 112 -2.33 -61.50 -14.88
N GLU B 113 -3.61 -61.30 -15.25
CA GLU B 113 -4.70 -62.30 -15.08
C GLU B 113 -4.32 -63.61 -15.78
N ASN B 114 -3.68 -63.56 -16.96
CA ASN B 114 -3.28 -64.77 -17.75
C ASN B 114 -2.28 -65.60 -16.94
N ASP B 115 -1.54 -64.97 -16.01
CA ASP B 115 -0.58 -65.65 -15.10
C ASP B 115 -1.16 -65.84 -13.69
N ARG B 116 -2.43 -65.49 -13.45
CA ARG B 116 -3.06 -65.39 -12.10
C ARG B 116 -2.07 -64.72 -11.14
N GLU B 117 -1.49 -63.59 -11.53
CA GLU B 117 -0.40 -62.98 -10.74
C GLU B 117 -0.55 -61.44 -10.72
N GLY B 118 0.08 -60.82 -9.74
CA GLY B 118 0.12 -59.37 -9.58
C GLY B 118 -0.91 -58.94 -8.57
N THR B 119 -0.86 -57.67 -8.23
CA THR B 119 -1.93 -57.01 -7.47
C THR B 119 -3.26 -57.04 -8.26
N GLY B 120 -4.36 -56.78 -7.56
CA GLY B 120 -5.56 -56.19 -8.18
C GLY B 120 -5.20 -54.95 -8.98
N ILE B 121 -5.98 -54.65 -10.01
CA ILE B 121 -5.86 -53.37 -10.79
C ILE B 121 -6.45 -52.22 -9.99
N GLY B 122 -7.19 -52.51 -8.92
CA GLY B 122 -7.84 -51.51 -8.05
C GLY B 122 -8.94 -50.77 -8.74
N VAL B 123 -9.27 -49.58 -8.21
CA VAL B 123 -10.35 -48.74 -8.76
C VAL B 123 -9.72 -47.90 -9.88
N GLU B 124 -10.29 -47.95 -11.06
CA GLU B 124 -9.82 -47.18 -12.23
C GLU B 124 -11.01 -46.68 -13.02
N GLY B 125 -10.77 -45.64 -13.80
CA GLY B 125 -11.74 -45.11 -14.78
C GLY B 125 -12.26 -43.76 -14.34
N MET B 126 -13.47 -43.44 -14.77
CA MET B 126 -13.95 -42.05 -14.75
C MET B 126 -14.05 -41.54 -13.31
N GLY B 127 -13.62 -40.30 -13.11
CA GLY B 127 -13.89 -39.49 -11.91
C GLY B 127 -14.96 -38.45 -12.22
N TYR B 128 -16.01 -38.36 -11.40
CA TYR B 128 -17.00 -37.26 -11.42
C TYR B 128 -17.14 -36.77 -9.99
N HIS B 129 -16.65 -35.57 -9.70
CA HIS B 129 -16.66 -34.98 -8.35
C HIS B 129 -17.39 -33.64 -8.42
N MET B 130 -18.54 -33.54 -7.75
CA MET B 130 -19.27 -32.25 -7.74
C MET B 130 -19.88 -32.06 -6.35
N PHE B 131 -19.92 -30.82 -5.91
CA PHE B 131 -20.57 -30.43 -4.64
C PHE B 131 -21.26 -29.08 -4.85
N ALA B 132 -22.37 -28.86 -4.15
CA ALA B 132 -23.09 -27.57 -4.14
C ALA B 132 -23.45 -27.21 -2.71
N ILE B 133 -23.38 -25.92 -2.38
CA ILE B 133 -23.81 -25.36 -1.08
C ILE B 133 -24.72 -24.15 -1.40
N GLY B 134 -26.00 -24.21 -1.01
CA GLY B 134 -26.98 -23.18 -1.34
C GLY B 134 -28.02 -23.01 -0.26
N GLY B 135 -28.77 -21.90 -0.33
CA GLY B 135 -29.85 -21.52 0.60
C GLY B 135 -31.20 -22.06 0.15
N GLU B 136 -31.20 -22.88 -0.90
CA GLU B 136 -32.39 -23.56 -1.48
C GLU B 136 -31.93 -24.75 -2.30
N PRO B 137 -32.83 -25.70 -2.67
CA PRO B 137 -32.43 -26.85 -3.47
C PRO B 137 -31.64 -26.48 -4.72
N LEU B 138 -30.63 -27.29 -5.03
CA LEU B 138 -29.84 -27.17 -6.28
C LEU B 138 -30.79 -27.27 -7.48
N GLU B 139 -30.71 -26.27 -8.36
CA GLU B 139 -31.53 -26.17 -9.59
C GLU B 139 -30.81 -26.93 -10.70
N LEU B 140 -31.55 -27.81 -11.39
CA LEU B 140 -31.00 -28.80 -12.34
C LEU B 140 -31.50 -28.55 -13.76
N GLN B 141 -30.61 -28.82 -14.72
CA GLN B 141 -30.90 -28.90 -16.16
C GLN B 141 -30.90 -30.37 -16.51
N PHE B 142 -31.97 -30.86 -17.11
CA PHE B 142 -32.08 -32.27 -17.56
C PHE B 142 -31.31 -32.42 -18.87
N MET B 143 -30.44 -33.42 -18.95
CA MET B 143 -29.61 -33.65 -20.16
C MET B 143 -29.02 -35.07 -20.12
N VAL B 144 -29.22 -35.78 -21.21
CA VAL B 144 -28.96 -37.24 -21.34
C VAL B 144 -28.13 -37.48 -22.60
N PHE B 145 -27.29 -38.50 -22.52
CA PHE B 145 -26.49 -39.00 -23.65
C PHE B 145 -27.40 -39.47 -24.79
N ASN B 146 -28.39 -40.30 -24.42
CA ASN B 146 -29.39 -40.94 -25.31
C ASN B 146 -30.81 -40.69 -24.75
N HIS B 147 -31.64 -39.93 -25.47
CA HIS B 147 -32.99 -39.51 -24.99
C HIS B 147 -33.93 -40.72 -24.93
N ARG B 148 -33.63 -41.78 -25.66
CA ARG B 148 -34.54 -42.97 -25.75
C ARG B 148 -34.28 -43.93 -24.60
N ALA B 149 -33.28 -43.64 -23.75
CA ALA B 149 -33.08 -44.40 -22.50
C ALA B 149 -34.39 -44.36 -21.70
N THR B 150 -34.84 -45.53 -21.23
CA THR B 150 -35.94 -45.71 -20.27
C THR B 150 -35.35 -45.90 -18.88
N TYR B 151 -35.46 -44.90 -18.01
CA TYR B 151 -34.97 -44.99 -16.62
C TYR B 151 -36.01 -45.79 -15.83
N PRO B 152 -35.59 -46.47 -14.74
CA PRO B 152 -36.50 -47.27 -13.94
C PRO B 152 -37.39 -46.39 -13.05
N ALA B 153 -38.46 -47.02 -12.54
CA ALA B 153 -39.51 -46.43 -11.66
C ALA B 153 -38.87 -45.74 -10.47
N GLU B 154 -37.80 -46.33 -9.93
CA GLU B 154 -37.10 -45.83 -8.72
C GLU B 154 -36.49 -44.45 -8.96
N ALA B 155 -36.14 -44.12 -10.21
CA ALA B 155 -35.39 -42.90 -10.60
C ALA B 155 -36.32 -41.73 -10.98
N THR B 156 -36.01 -40.55 -10.46
CA THR B 156 -36.71 -39.28 -10.79
C THR B 156 -36.11 -38.73 -12.08
N VAL B 157 -36.85 -38.78 -13.19
CA VAL B 157 -36.40 -38.27 -14.51
C VAL B 157 -37.57 -37.55 -15.17
N ILE B 158 -37.26 -36.80 -16.21
CA ILE B 158 -38.28 -36.33 -17.18
C ILE B 158 -38.54 -37.48 -18.17
N LYS B 159 -39.73 -38.08 -18.12
CA LYS B 159 -40.07 -39.24 -18.97
C LYS B 159 -40.26 -38.76 -20.42
N ASN B 160 -39.91 -39.60 -21.41
CA ASN B 160 -39.96 -39.32 -22.88
C ASN B 160 -39.49 -37.90 -23.19
N PRO B 161 -38.23 -37.53 -22.81
CA PRO B 161 -37.84 -36.12 -22.78
C PRO B 161 -37.63 -35.53 -24.18
N GLY B 162 -37.45 -36.39 -25.19
CA GLY B 162 -37.33 -35.99 -26.61
C GLY B 162 -35.87 -35.77 -27.01
N ALA B 163 -35.61 -35.68 -28.32
CA ALA B 163 -34.28 -35.59 -28.97
C ALA B 163 -33.49 -34.36 -28.50
N SER B 164 -34.14 -33.20 -28.30
CA SER B 164 -33.49 -31.96 -27.82
C SER B 164 -32.88 -32.15 -26.42
N SER B 165 -33.29 -33.17 -25.64
CA SER B 165 -32.77 -33.45 -24.27
C SER B 165 -31.32 -33.98 -24.34
N GLN B 166 -30.84 -34.38 -25.51
CA GLN B 166 -29.44 -34.83 -25.77
C GLN B 166 -28.51 -33.61 -25.84
N VAL B 167 -29.09 -32.40 -25.87
CA VAL B 167 -28.32 -31.13 -25.72
C VAL B 167 -29.17 -30.19 -24.85
N PHE B 168 -29.07 -28.88 -25.02
CA PHE B 168 -29.80 -27.96 -24.14
C PHE B 168 -31.22 -27.75 -24.68
N ASP B 169 -32.22 -27.98 -23.83
CA ASP B 169 -33.63 -27.56 -24.02
C ASP B 169 -34.12 -26.82 -22.77
N PRO B 170 -34.51 -25.51 -22.88
CA PRO B 170 -34.86 -24.72 -21.71
C PRO B 170 -36.13 -25.20 -20.99
N ASN B 171 -36.88 -26.14 -21.57
CA ASN B 171 -38.16 -26.65 -21.00
C ASN B 171 -37.86 -27.69 -19.93
N LEU B 172 -36.61 -28.21 -19.88
CA LEU B 172 -36.30 -29.48 -19.18
C LEU B 172 -35.49 -29.15 -17.92
N LYS B 173 -36.20 -28.63 -16.93
CA LYS B 173 -35.67 -28.14 -15.65
C LYS B 173 -36.12 -29.07 -14.51
N GLY B 174 -35.46 -28.95 -13.37
CA GLY B 174 -35.84 -29.68 -12.14
C GLY B 174 -35.08 -29.11 -10.97
N THR B 175 -35.32 -29.64 -9.78
CA THR B 175 -34.59 -29.24 -8.56
C THR B 175 -34.29 -30.52 -7.79
N LEU B 176 -33.13 -30.55 -7.12
CA LEU B 176 -32.67 -31.78 -6.41
C LEU B 176 -33.35 -31.79 -5.03
N THR B 177 -34.58 -32.33 -5.02
CA THR B 177 -35.54 -32.37 -3.88
C THR B 177 -35.37 -33.66 -3.08
N ALA B 178 -34.70 -34.69 -3.64
CA ALA B 178 -34.59 -36.02 -2.99
C ALA B 178 -33.18 -36.63 -3.16
N ASP B 179 -32.68 -37.22 -2.08
CA ASP B 179 -31.42 -38.01 -2.05
C ASP B 179 -31.57 -39.34 -2.80
N GLY B 180 -30.58 -39.73 -3.61
CA GLY B 180 -30.42 -41.12 -4.08
C GLY B 180 -31.35 -41.51 -5.21
N VAL B 181 -31.97 -40.56 -5.92
CA VAL B 181 -33.00 -40.92 -6.95
C VAL B 181 -32.88 -40.08 -8.23
N PHE B 182 -32.11 -38.98 -8.26
CA PHE B 182 -31.87 -38.19 -9.50
C PHE B 182 -30.61 -38.74 -10.17
N PRO B 183 -30.69 -39.49 -11.30
CA PRO B 183 -29.47 -40.08 -11.89
C PRO B 183 -28.46 -39.00 -12.24
N VAL B 184 -27.22 -39.20 -11.83
CA VAL B 184 -26.10 -38.33 -12.25
C VAL B 184 -26.14 -38.15 -13.77
N GLU B 185 -26.37 -39.21 -14.56
CA GLU B 185 -26.21 -39.16 -16.04
C GLU B 185 -27.37 -38.43 -16.72
N ALA B 186 -28.39 -38.02 -15.94
CA ALA B 186 -29.62 -37.36 -16.46
C ALA B 186 -29.73 -35.90 -16.02
N TRP B 187 -29.04 -35.50 -14.95
CA TRP B 187 -29.22 -34.15 -14.36
C TRP B 187 -27.83 -33.53 -14.11
N GLY B 188 -27.65 -32.26 -14.47
CA GLY B 188 -26.53 -31.43 -14.03
C GLY B 188 -27.01 -30.07 -13.50
N PRO B 189 -26.10 -29.28 -12.90
CA PRO B 189 -26.49 -27.97 -12.38
C PRO B 189 -26.84 -27.06 -13.57
N ASP B 190 -27.93 -26.32 -13.40
CA ASP B 190 -28.46 -25.30 -14.33
C ASP B 190 -27.69 -24.00 -14.14
N PRO B 191 -26.82 -23.57 -15.08
CA PRO B 191 -26.17 -22.27 -14.93
C PRO B 191 -27.10 -21.06 -15.14
N PHE B 192 -28.31 -21.27 -15.66
CA PHE B 192 -29.29 -20.17 -15.87
C PHE B 192 -29.93 -19.78 -14.54
N LYS B 193 -29.85 -20.66 -13.54
CA LYS B 193 -30.43 -20.40 -12.20
C LYS B 193 -29.31 -20.53 -11.15
N ASN B 194 -29.60 -21.08 -9.97
CA ASN B 194 -28.60 -21.24 -8.88
C ASN B 194 -27.98 -19.88 -8.50
N GLU B 195 -28.79 -18.81 -8.42
CA GLU B 195 -28.27 -17.48 -7.98
C GLU B 195 -27.86 -17.55 -6.50
N ASN B 196 -28.45 -18.47 -5.75
CA ASN B 196 -28.33 -18.57 -4.28
C ASN B 196 -27.66 -19.91 -3.92
N THR B 197 -27.02 -20.58 -4.90
CA THR B 197 -26.18 -21.79 -4.66
C THR B 197 -24.79 -21.54 -5.27
N ARG B 198 -23.74 -22.10 -4.66
CA ARG B 198 -22.40 -22.19 -5.31
C ARG B 198 -22.17 -23.67 -5.62
N TYR B 199 -21.94 -24.00 -6.89
CA TYR B 199 -21.62 -25.39 -7.31
C TYR B 199 -20.25 -25.43 -7.99
N PHE B 200 -19.62 -26.59 -7.88
CA PHE B 200 -18.24 -26.87 -8.35
C PHE B 200 -18.23 -28.32 -8.83
N GLY B 201 -17.72 -28.58 -10.01
CA GLY B 201 -17.66 -29.96 -10.54
C GLY B 201 -16.40 -30.21 -11.34
N GLN B 202 -15.93 -31.45 -11.31
CA GLN B 202 -14.86 -31.93 -12.22
C GLN B 202 -15.21 -33.32 -12.78
N TYR B 203 -14.98 -33.50 -14.07
CA TYR B 203 -15.11 -34.80 -14.76
C TYR B 203 -13.78 -35.16 -15.43
N THR B 204 -13.38 -36.39 -15.24
CA THR B 204 -12.25 -37.06 -15.95
C THR B 204 -12.79 -38.41 -16.39
N GLY B 205 -12.86 -38.66 -17.70
CA GLY B 205 -13.55 -39.85 -18.18
C GLY B 205 -12.60 -41.02 -18.31
N GLY B 206 -12.96 -41.96 -19.19
CA GLY B 206 -12.20 -43.22 -19.36
C GLY B 206 -12.67 -44.30 -18.40
N THR B 207 -12.20 -45.50 -18.65
CA THR B 207 -12.52 -46.76 -17.92
C THR B 207 -11.25 -47.34 -17.28
N GLN B 208 -10.07 -46.92 -17.75
CA GLN B 208 -8.74 -47.29 -17.19
C GLN B 208 -7.98 -46.07 -16.68
N THR B 209 -8.61 -44.90 -16.61
CA THR B 209 -7.92 -43.68 -16.09
C THR B 209 -7.57 -43.83 -14.61
N PRO B 210 -6.36 -43.40 -14.18
CA PRO B 210 -6.02 -43.38 -12.76
C PRO B 210 -6.79 -42.33 -11.98
N PRO B 211 -7.42 -42.71 -10.86
CA PRO B 211 -8.00 -41.73 -9.95
C PRO B 211 -6.94 -40.83 -9.30
N VAL B 212 -7.27 -39.54 -9.14
CA VAL B 212 -6.43 -38.52 -8.46
C VAL B 212 -7.33 -37.81 -7.47
N LEU B 213 -7.00 -37.94 -6.20
CA LEU B 213 -7.83 -37.39 -5.11
C LEU B 213 -6.86 -36.75 -4.15
N THR B 214 -7.23 -35.62 -3.57
CA THR B 214 -6.42 -34.96 -2.53
C THR B 214 -7.31 -34.77 -1.30
N PHE B 215 -6.70 -34.67 -0.13
CA PHE B 215 -7.38 -34.41 1.15
C PHE B 215 -6.49 -33.52 2.00
N THR B 216 -7.08 -32.45 2.55
CA THR B 216 -6.45 -31.63 3.63
C THR B 216 -7.57 -31.04 4.51
N ASN B 217 -7.25 -30.70 5.76
CA ASN B 217 -8.11 -29.85 6.63
C ASN B 217 -7.65 -28.37 6.52
N THR B 218 -6.74 -28.02 5.62
CA THR B 218 -6.17 -26.64 5.47
C THR B 218 -6.83 -25.81 4.35
N GLN B 219 -7.88 -26.30 3.66
CA GLN B 219 -8.46 -25.58 2.48
C GLN B 219 -9.86 -25.06 2.85
N THR B 220 -10.05 -23.73 2.77
CA THR B 220 -11.37 -23.06 2.94
C THR B 220 -11.72 -22.33 1.65
N THR B 221 -12.90 -22.60 1.11
CA THR B 221 -13.49 -21.95 -0.06
C THR B 221 -14.48 -20.89 0.43
N ILE B 222 -14.29 -19.65 -0.02
CA ILE B 222 -15.18 -18.47 0.25
C ILE B 222 -16.39 -18.55 -0.69
N LEU B 223 -17.60 -18.38 -0.14
CA LEU B 223 -18.90 -18.58 -0.86
C LEU B 223 -19.53 -17.22 -1.20
N LEU B 224 -18.88 -16.10 -0.87
CA LEU B 224 -19.40 -14.74 -1.18
C LEU B 224 -19.38 -14.58 -2.71
N ASP B 225 -20.41 -13.94 -3.27
CA ASP B 225 -20.47 -13.59 -4.72
C ASP B 225 -19.77 -12.23 -4.91
N GLU B 226 -19.76 -11.69 -6.13
CA GLU B 226 -19.06 -10.43 -6.50
C GLU B 226 -19.53 -9.27 -5.59
N ASN B 227 -20.78 -9.31 -5.13
CA ASN B 227 -21.38 -8.27 -4.25
C ASN B 227 -20.94 -8.47 -2.79
N GLY B 228 -20.36 -9.61 -2.42
CA GLY B 228 -19.99 -9.95 -1.02
C GLY B 228 -21.12 -10.64 -0.29
N VAL B 229 -22.09 -11.19 -1.02
CA VAL B 229 -23.23 -11.93 -0.42
C VAL B 229 -22.98 -13.43 -0.61
N GLY B 230 -23.07 -14.21 0.45
CA GLY B 230 -23.09 -15.68 0.35
C GLY B 230 -24.51 -16.16 0.13
N PRO B 231 -24.73 -17.48 -0.07
CA PRO B 231 -26.08 -18.04 -0.06
C PRO B 231 -26.89 -17.73 1.22
N LEU B 232 -28.16 -17.34 1.04
CA LEU B 232 -29.10 -16.97 2.14
C LEU B 232 -30.09 -18.13 2.31
N CYS B 233 -30.10 -18.72 3.49
CA CYS B 233 -30.75 -20.03 3.81
C CYS B 233 -32.23 -19.82 4.06
N LYS B 234 -33.02 -19.99 3.00
CA LYS B 234 -34.47 -19.74 3.03
C LYS B 234 -35.10 -20.79 3.94
N GLY B 235 -35.94 -20.37 4.90
CA GLY B 235 -36.51 -21.26 5.93
C GLY B 235 -35.45 -21.77 6.89
N ASP B 236 -34.33 -21.06 7.03
CA ASP B 236 -33.21 -21.46 7.92
C ASP B 236 -32.84 -22.90 7.56
N GLY B 237 -32.71 -23.19 6.25
CA GLY B 237 -32.26 -24.50 5.73
C GLY B 237 -31.03 -24.33 4.85
N LEU B 238 -29.99 -25.13 5.11
CA LEU B 238 -28.73 -25.18 4.32
C LEU B 238 -28.79 -26.44 3.46
N PHE B 239 -28.64 -26.25 2.14
CA PHE B 239 -28.81 -27.28 1.11
C PHE B 239 -27.40 -27.69 0.65
N LEU B 240 -27.11 -28.98 0.80
CA LEU B 240 -25.82 -29.65 0.50
C LEU B 240 -26.09 -30.71 -0.56
N SER B 241 -25.32 -30.74 -1.62
CA SER B 241 -25.51 -31.70 -2.73
C SER B 241 -24.13 -32.11 -3.24
N CYS B 242 -23.99 -33.36 -3.69
CA CYS B 242 -22.70 -33.86 -4.23
C CYS B 242 -22.91 -35.14 -5.05
N ALA B 243 -21.91 -35.46 -5.86
CA ALA B 243 -21.67 -36.80 -6.41
C ALA B 243 -20.15 -36.99 -6.44
N ASP B 244 -19.68 -38.18 -6.03
CA ASP B 244 -18.23 -38.47 -6.00
C ASP B 244 -17.97 -39.88 -6.49
N ILE B 245 -18.08 -40.05 -7.80
CA ILE B 245 -17.69 -41.26 -8.57
C ILE B 245 -16.17 -41.27 -8.63
N VAL B 246 -15.54 -42.25 -7.99
CA VAL B 246 -14.05 -42.31 -7.92
C VAL B 246 -13.56 -43.10 -9.14
N GLY B 247 -14.35 -44.04 -9.66
CA GLY B 247 -14.01 -44.91 -10.79
C GLY B 247 -14.77 -46.22 -10.72
N PHE B 248 -14.25 -47.27 -11.33
CA PHE B 248 -14.90 -48.60 -11.40
C PHE B 248 -14.11 -49.67 -10.66
N PHE B 249 -14.85 -50.63 -10.12
CA PHE B 249 -14.35 -51.88 -9.50
C PHE B 249 -14.51 -52.98 -10.54
N THR B 250 -13.44 -53.65 -10.93
CA THR B 250 -13.48 -54.73 -11.94
C THR B 250 -13.21 -56.08 -11.29
N GLN B 251 -14.12 -57.04 -11.50
CA GLN B 251 -14.06 -58.35 -10.82
C GLN B 251 -13.11 -59.22 -11.66
N HIS B 252 -12.71 -60.39 -11.17
CA HIS B 252 -11.99 -61.41 -11.98
C HIS B 252 -12.72 -61.75 -13.28
N ASN B 253 -14.06 -61.82 -13.29
CA ASN B 253 -14.87 -62.19 -14.48
C ASN B 253 -15.20 -60.94 -15.33
N LYS B 254 -14.61 -59.80 -14.98
CA LYS B 254 -14.53 -58.53 -15.78
C LYS B 254 -15.82 -57.73 -15.63
N LYS B 255 -16.68 -58.12 -14.69
CA LYS B 255 -17.86 -57.31 -14.29
C LYS B 255 -17.36 -56.04 -13.61
N MET B 256 -17.99 -54.92 -13.98
CA MET B 256 -17.56 -53.57 -13.56
C MET B 256 -18.73 -52.83 -12.90
N SER B 257 -18.44 -52.16 -11.79
CA SER B 257 -19.41 -51.39 -10.99
C SER B 257 -18.77 -50.07 -10.59
N PHE B 258 -19.59 -49.03 -10.42
CA PHE B 258 -19.17 -47.71 -9.92
C PHE B 258 -18.76 -47.91 -8.46
N ARG B 259 -17.72 -47.23 -8.04
CA ARG B 259 -17.36 -47.11 -6.60
C ARG B 259 -17.39 -45.61 -6.29
N GLY B 260 -18.08 -45.27 -5.21
CA GLY B 260 -18.21 -43.88 -4.72
C GLY B 260 -17.65 -43.73 -3.33
N LEU B 261 -17.45 -42.48 -2.93
CA LEU B 261 -16.93 -42.08 -1.58
C LEU B 261 -17.80 -40.99 -0.98
N PRO B 262 -17.92 -40.98 0.37
CA PRO B 262 -18.66 -39.96 1.08
C PRO B 262 -17.92 -38.65 1.16
N ARG B 263 -18.68 -37.55 1.22
CA ARG B 263 -18.13 -36.18 1.28
C ARG B 263 -18.42 -35.54 2.63
N TYR B 264 -17.41 -34.89 3.18
CA TYR B 264 -17.49 -34.04 4.41
C TYR B 264 -17.82 -32.61 3.98
N PHE B 265 -18.63 -31.90 4.78
CA PHE B 265 -18.88 -30.45 4.57
C PHE B 265 -18.80 -29.74 5.93
N ARG B 266 -18.03 -28.67 6.01
CA ARG B 266 -18.01 -27.67 7.11
C ARG B 266 -18.52 -26.37 6.50
N VAL B 267 -19.60 -25.80 7.03
CA VAL B 267 -20.08 -24.48 6.52
C VAL B 267 -20.09 -23.50 7.70
N THR B 268 -19.54 -22.30 7.49
CA THR B 268 -19.61 -21.16 8.44
C THR B 268 -20.73 -20.24 7.94
N LEU B 269 -21.69 -19.93 8.81
CA LEU B 269 -22.81 -19.01 8.48
C LEU B 269 -22.79 -17.85 9.48
N ARG B 270 -23.14 -16.66 8.99
CA ARG B 270 -23.28 -15.43 9.82
C ARG B 270 -24.70 -14.88 9.62
N LYS B 271 -25.17 -14.05 10.55
CA LYS B 271 -26.51 -13.44 10.48
C LYS B 271 -26.43 -12.23 9.54
N ARG B 272 -27.28 -12.18 8.52
CA ARG B 272 -27.43 -11.06 7.56
C ARG B 272 -28.85 -10.48 7.70
N VAL B 273 -28.96 -9.16 7.82
CA VAL B 273 -30.27 -8.43 7.79
C VAL B 273 -30.74 -8.39 6.33
N VAL B 274 -32.00 -8.76 6.05
CA VAL B 274 -32.62 -8.63 4.70
C VAL B 274 -33.96 -7.88 4.80
N LYS B 275 -34.33 -7.20 3.72
CA LYS B 275 -35.67 -6.54 3.54
C LYS B 275 -36.70 -7.63 3.21
N ILE C 7 -8.76 -25.25 25.37
CA ILE C 7 -7.51 -24.47 25.62
C ILE C 7 -7.75 -23.01 25.24
N GLU C 8 -7.79 -22.11 26.23
CA GLU C 8 -7.81 -20.63 26.03
C GLU C 8 -6.42 -20.19 25.58
N VAL C 9 -6.31 -19.59 24.39
CA VAL C 9 -5.01 -19.32 23.72
C VAL C 9 -4.71 -17.82 23.80
N LEU C 10 -3.75 -17.43 24.66
CA LEU C 10 -3.34 -16.02 24.89
C LEU C 10 -2.15 -15.69 23.98
N ALA C 11 -1.11 -15.03 24.50
CA ALA C 11 -0.11 -14.28 23.70
C ALA C 11 1.11 -15.14 23.36
N VAL C 12 1.71 -14.86 22.20
CA VAL C 12 2.99 -15.43 21.69
C VAL C 12 4.16 -14.83 22.48
N ARG C 13 5.04 -15.67 23.04
CA ARG C 13 6.32 -15.25 23.68
C ARG C 13 7.41 -15.15 22.60
N THR C 14 8.11 -14.01 22.51
CA THR C 14 9.16 -13.70 21.50
C THR C 14 10.53 -13.61 22.19
N PRO C 16 16.12 -15.34 21.07
CA PRO C 16 15.95 -16.80 21.17
C PRO C 16 15.47 -17.26 22.56
N ASP C 17 15.34 -18.57 22.74
CA ASP C 17 14.79 -19.24 23.96
C ASP C 17 13.27 -19.46 23.80
N SER C 18 12.63 -18.75 22.85
CA SER C 18 11.17 -18.79 22.59
C SER C 18 10.86 -19.62 21.35
N ILE C 19 11.87 -19.85 20.50
CA ILE C 19 11.78 -20.65 19.24
C ILE C 19 12.63 -21.91 19.40
N THR C 20 12.08 -23.09 19.11
CA THR C 20 12.88 -24.34 18.99
C THR C 20 12.57 -24.96 17.62
N GLU C 21 13.44 -25.85 17.17
CA GLU C 21 13.36 -26.49 15.84
C GLU C 21 13.71 -27.95 16.03
N ILE C 22 12.82 -28.86 15.63
CA ILE C 22 13.08 -30.32 15.68
C ILE C 22 13.11 -30.85 14.26
N GLU C 23 13.81 -31.97 14.09
CA GLU C 23 13.95 -32.73 12.84
C GLU C 23 13.78 -34.21 13.17
N ALA C 24 13.11 -34.93 12.28
CA ALA C 24 12.74 -36.33 12.52
C ALA C 24 12.56 -37.02 11.17
N TYR C 25 12.72 -38.33 11.16
CA TYR C 25 12.39 -39.19 10.01
C TYR C 25 11.38 -40.24 10.45
N LEU C 26 10.53 -40.62 9.51
CA LEU C 26 9.58 -41.74 9.66
C LEU C 26 9.93 -42.70 8.55
N ASN C 27 10.33 -43.91 8.94
CA ASN C 27 10.60 -45.00 7.99
C ASN C 27 9.23 -45.58 7.64
N PRO C 28 9.08 -46.04 6.38
CA PRO C 28 7.81 -46.59 5.90
C PRO C 28 7.56 -47.97 6.51
N ARG C 29 6.30 -48.34 6.53
CA ARG C 29 5.79 -49.62 7.09
C ARG C 29 4.94 -50.33 6.04
N MET C 30 5.61 -50.78 4.98
CA MET C 30 5.00 -51.39 3.77
C MET C 30 4.65 -52.85 4.06
N GLY C 31 5.27 -53.49 5.07
CA GLY C 31 4.87 -54.80 5.59
C GLY C 31 6.02 -55.71 5.97
N GLN C 32 7.10 -55.72 5.19
CA GLN C 32 8.20 -56.68 5.39
C GLN C 32 8.93 -56.23 6.65
N PRO C 33 9.50 -57.14 7.45
CA PRO C 33 10.13 -56.71 8.71
C PRO C 33 11.40 -55.86 8.55
N GLN C 34 11.56 -54.95 9.49
CA GLN C 34 12.76 -54.11 9.72
C GLN C 34 14.02 -54.98 9.73
N ASN C 35 15.12 -54.43 9.25
CA ASN C 35 16.49 -55.02 9.39
C ASN C 35 16.55 -56.36 8.66
N GLU C 36 15.61 -56.67 7.77
CA GLU C 36 15.69 -57.90 6.93
C GLU C 36 15.70 -57.44 5.47
N ASP C 37 15.92 -58.36 4.53
CA ASP C 37 16.37 -58.01 3.15
C ASP C 37 15.25 -57.31 2.34
N PHE C 38 13.99 -57.36 2.75
CA PHE C 38 12.86 -56.73 2.01
C PHE C 38 12.33 -55.50 2.77
N TYR C 39 13.15 -54.95 3.66
CA TYR C 39 12.78 -53.72 4.40
C TYR C 39 12.52 -52.60 3.38
N GLY C 40 11.35 -51.96 3.48
CA GLY C 40 10.94 -50.90 2.55
C GLY C 40 9.89 -51.39 1.59
N PHE C 41 9.70 -52.70 1.48
CA PHE C 41 8.69 -53.38 0.65
C PHE C 41 7.59 -54.07 1.49
N SER C 42 6.46 -54.33 0.86
CA SER C 42 5.47 -55.35 1.31
C SER C 42 6.00 -56.71 0.85
N ASP C 43 5.43 -57.79 1.42
CA ASP C 43 5.50 -59.11 0.76
C ASP C 43 4.65 -59.08 -0.52
N ASN C 44 4.79 -60.10 -1.35
CA ASN C 44 4.09 -60.21 -2.66
C ASN C 44 2.57 -60.32 -2.43
N VAL C 45 1.83 -59.43 -3.09
CA VAL C 45 0.37 -59.27 -2.91
C VAL C 45 -0.36 -60.48 -3.51
N THR C 46 -1.22 -61.08 -2.70
CA THR C 46 -2.21 -62.09 -3.10
C THR C 46 -3.55 -61.38 -3.24
N VAL C 47 -4.43 -61.93 -4.04
CA VAL C 47 -5.76 -61.32 -4.29
C VAL C 47 -6.80 -62.40 -4.04
N SER C 48 -7.83 -62.04 -3.29
CA SER C 48 -8.98 -62.92 -3.00
C SER C 48 -9.91 -63.07 -4.22
N ASP C 49 -10.67 -64.17 -4.20
CA ASP C 49 -11.67 -64.54 -5.24
C ASP C 49 -12.95 -63.74 -5.00
N ASP C 50 -13.25 -63.37 -3.76
CA ASP C 50 -14.54 -62.68 -3.42
C ASP C 50 -14.38 -61.91 -2.12
N PHE C 51 -15.30 -60.97 -1.87
CA PHE C 51 -15.40 -60.13 -0.65
C PHE C 51 -15.61 -61.02 0.61
N GLY C 52 -16.38 -62.10 0.44
CA GLY C 52 -16.81 -63.02 1.51
C GLY C 52 -15.65 -63.75 2.17
N SER C 53 -14.56 -63.98 1.43
CA SER C 53 -13.36 -64.78 1.81
C SER C 53 -12.07 -64.05 1.42
N ASP C 54 -11.86 -62.93 2.10
CA ASP C 54 -10.88 -61.89 1.73
C ASP C 54 -10.04 -61.64 2.96
N ALA C 55 -8.89 -62.28 3.05
CA ALA C 55 -8.06 -62.18 4.25
C ALA C 55 -6.66 -61.77 3.82
N PRO C 56 -6.39 -60.45 3.72
CA PRO C 56 -5.06 -59.99 3.36
C PRO C 56 -4.05 -60.38 4.43
N PRO C 57 -3.08 -61.26 4.12
CA PRO C 57 -2.06 -61.68 5.09
C PRO C 57 -1.21 -60.52 5.60
N TRP C 58 -0.88 -60.58 6.88
CA TRP C 58 0.16 -59.74 7.49
C TRP C 58 1.39 -59.70 6.56
N LYS C 59 1.89 -58.49 6.34
CA LYS C 59 3.12 -58.15 5.56
CA LYS C 59 3.12 -58.17 5.55
C LYS C 59 2.76 -57.81 4.11
N GLN C 60 1.52 -58.08 3.68
CA GLN C 60 1.18 -57.86 2.25
C GLN C 60 0.51 -56.50 2.02
N PHE C 61 0.41 -55.66 3.05
CA PHE C 61 -0.28 -54.35 2.95
C PHE C 61 0.41 -53.32 3.85
N PRO C 62 0.44 -52.05 3.40
CA PRO C 62 1.08 -51.00 4.19
C PRO C 62 0.25 -50.50 5.40
N CYS C 63 0.95 -49.98 6.39
CA CYS C 63 0.36 -49.34 7.58
C CYS C 63 0.97 -47.95 7.75
N TYR C 64 0.27 -47.09 8.48
CA TYR C 64 0.73 -45.72 8.79
C TYR C 64 1.99 -45.79 9.65
N SER C 65 2.88 -44.83 9.42
CA SER C 65 4.03 -44.50 10.26
C SER C 65 3.60 -43.36 11.18
N THR C 66 4.03 -43.38 12.45
CA THR C 66 3.77 -42.33 13.44
C THR C 66 4.90 -42.34 14.50
N ALA C 67 5.23 -41.16 15.01
CA ALA C 67 6.13 -40.99 16.16
C ALA C 67 5.66 -39.79 17.00
N ARG C 68 5.84 -39.88 18.30
CA ARG C 68 5.74 -38.73 19.23
C ARG C 68 7.17 -38.21 19.45
N ILE C 69 7.41 -36.92 19.19
CA ILE C 69 8.72 -36.24 19.49
C ILE C 69 8.57 -35.52 20.83
N SER C 70 9.50 -35.76 21.76
CA SER C 70 9.55 -35.09 23.08
C SER C 70 10.20 -33.71 22.86
N LEU C 71 9.53 -32.67 23.31
CA LEU C 71 9.95 -31.25 23.10
C LEU C 71 10.67 -30.75 24.35
N PRO C 72 11.43 -29.64 24.26
CA PRO C 72 12.09 -29.06 25.45
C PRO C 72 11.17 -28.75 26.64
N THR C 82 -2.12 -19.40 33.88
CA THR C 82 -1.35 -19.28 32.61
C THR C 82 -0.23 -20.34 32.60
N ILE C 83 -0.22 -21.21 31.58
CA ILE C 83 0.88 -22.19 31.30
C ILE C 83 1.50 -21.85 29.94
N LEU C 84 2.73 -22.32 29.69
CA LEU C 84 3.39 -22.18 28.37
C LEU C 84 3.32 -23.52 27.64
N MET C 85 2.88 -23.49 26.37
CA MET C 85 2.89 -24.66 25.43
C MET C 85 3.74 -24.33 24.20
N TRP C 86 4.34 -25.37 23.62
CA TRP C 86 5.01 -25.34 22.29
C TRP C 86 3.96 -25.29 21.19
N GLU C 87 4.11 -24.34 20.27
CA GLU C 87 3.18 -24.14 19.15
C GLU C 87 3.95 -24.31 17.84
N ALA C 88 3.63 -25.37 17.08
CA ALA C 88 4.21 -25.65 15.74
C ALA C 88 3.67 -24.61 14.76
N ILE C 89 4.55 -23.82 14.16
CA ILE C 89 4.16 -22.66 13.30
C ILE C 89 4.51 -22.95 11.84
N SER C 90 5.43 -23.86 11.57
CA SER C 90 5.85 -24.10 10.17
C SER C 90 6.50 -25.47 10.10
N CYS C 91 6.59 -26.03 8.91
CA CYS C 91 7.37 -27.27 8.71
C CYS C 91 8.04 -27.24 7.34
N ARG C 92 9.06 -28.08 7.21
CA ARG C 92 9.43 -28.64 5.91
C ARG C 92 9.18 -30.14 6.03
N THR C 93 8.87 -30.75 4.91
CA THR C 93 8.75 -32.20 4.85
C THR C 93 9.26 -32.62 3.48
N GLU C 94 9.88 -33.78 3.43
CA GLU C 94 10.46 -34.24 2.16
C GLU C 94 10.44 -35.77 2.11
N VAL C 95 10.06 -36.30 0.97
CA VAL C 95 10.19 -37.76 0.77
C VAL C 95 11.66 -38.00 0.37
N MET C 96 12.32 -38.88 1.08
CA MET C 96 13.76 -39.12 0.86
C MET C 96 13.98 -40.37 0.01
N GLY C 97 15.16 -40.48 -0.58
CA GLY C 97 15.54 -41.68 -1.34
C GLY C 97 14.86 -41.76 -2.72
N VAL C 98 14.17 -40.70 -3.16
CA VAL C 98 13.59 -40.59 -4.52
C VAL C 98 14.64 -41.08 -5.53
N ASN C 99 15.92 -40.83 -5.25
CA ASN C 99 17.05 -41.16 -6.14
C ASN C 99 17.07 -42.68 -6.43
N MET C 100 16.63 -43.55 -5.51
CA MET C 100 16.74 -45.02 -5.69
C MET C 100 15.81 -45.48 -6.81
N LEU C 101 14.81 -44.67 -7.18
CA LEU C 101 13.78 -45.04 -8.16
C LEU C 101 14.37 -44.99 -9.58
N THR C 102 15.61 -44.51 -9.72
CA THR C 102 16.37 -44.59 -11.01
C THR C 102 17.00 -45.98 -11.22
N ASN C 103 16.88 -46.89 -10.25
CA ASN C 103 17.30 -48.33 -10.33
C ASN C 103 16.32 -49.12 -11.23
N VAL C 104 16.79 -49.56 -12.40
CA VAL C 104 16.05 -50.49 -13.29
C VAL C 104 16.90 -51.72 -13.60
N HIS C 105 17.71 -52.20 -12.65
CA HIS C 105 18.47 -53.46 -12.79
C HIS C 105 18.11 -54.51 -11.71
N SER C 106 17.45 -54.17 -10.61
CA SER C 106 17.37 -55.06 -9.43
C SER C 106 16.14 -55.98 -9.58
N ALA C 107 16.33 -57.10 -10.27
CA ALA C 107 15.41 -58.26 -10.28
C ALA C 107 14.01 -57.81 -10.69
N GLN C 108 13.93 -56.92 -11.68
CA GLN C 108 12.66 -56.29 -12.15
C GLN C 108 12.21 -56.97 -13.43
N LYS C 109 10.92 -57.30 -13.53
CA LYS C 109 10.28 -57.59 -14.81
C LYS C 109 10.80 -56.57 -15.83
N ARG C 110 11.18 -57.06 -16.99
CA ARG C 110 11.81 -56.22 -18.05
C ARG C 110 10.76 -55.70 -19.02
N VAL C 111 11.12 -54.62 -19.72
CA VAL C 111 10.21 -53.89 -20.61
C VAL C 111 9.80 -54.89 -21.68
N TYR C 112 10.76 -55.67 -22.20
CA TYR C 112 10.54 -56.67 -23.27
C TYR C 112 10.84 -58.07 -22.74
N GLU C 113 9.94 -58.59 -21.89
CA GLU C 113 10.09 -59.87 -21.16
C GLU C 113 10.24 -61.03 -22.13
N ASN C 114 9.54 -60.98 -23.27
CA ASN C 114 9.49 -62.03 -24.32
C ASN C 114 10.86 -62.19 -24.98
N ASP C 115 11.64 -61.11 -25.01
CA ASP C 115 12.96 -61.07 -25.67
C ASP C 115 14.06 -61.11 -24.61
N ARG C 116 13.68 -61.19 -23.33
CA ARG C 116 14.58 -61.09 -22.15
C ARG C 116 15.46 -59.85 -22.32
N GLU C 117 14.86 -58.72 -22.69
CA GLU C 117 15.60 -57.46 -22.99
C GLU C 117 14.92 -56.21 -22.40
N GLY C 118 15.68 -55.13 -22.42
CA GLY C 118 15.29 -53.81 -21.95
C GLY C 118 15.63 -53.59 -20.50
N THR C 119 15.33 -52.41 -19.98
CA THR C 119 15.52 -52.13 -18.54
C THR C 119 14.47 -52.95 -17.76
N GLY C 120 14.63 -52.97 -16.43
CA GLY C 120 13.46 -53.24 -15.59
C GLY C 120 12.38 -52.21 -15.83
N ILE C 121 11.13 -52.54 -15.49
CA ILE C 121 9.99 -51.57 -15.63
C ILE C 121 10.02 -50.60 -14.46
N GLY C 122 10.75 -50.94 -13.40
CA GLY C 122 10.95 -50.01 -12.27
C GLY C 122 9.71 -50.00 -11.39
N VAL C 123 9.62 -49.03 -10.50
CA VAL C 123 8.46 -48.84 -9.59
C VAL C 123 7.36 -48.08 -10.35
N GLU C 124 6.19 -48.69 -10.46
CA GLU C 124 5.04 -47.99 -11.07
C GLU C 124 3.77 -48.40 -10.34
N GLY C 125 2.70 -47.66 -10.61
CA GLY C 125 1.37 -47.90 -10.01
C GLY C 125 1.05 -46.83 -9.01
N MET C 126 0.18 -47.13 -8.05
CA MET C 126 -0.48 -46.10 -7.20
C MET C 126 0.54 -45.36 -6.33
N GLY C 127 0.40 -44.05 -6.23
CA GLY C 127 1.08 -43.22 -5.23
C GLY C 127 0.08 -42.84 -4.16
N TYR C 128 0.48 -42.96 -2.91
CA TYR C 128 -0.30 -42.44 -1.77
C TYR C 128 0.68 -41.81 -0.79
N HIS C 129 0.60 -40.47 -0.68
CA HIS C 129 1.52 -39.61 0.08
C HIS C 129 0.67 -38.76 1.01
N MET C 130 0.93 -38.89 2.28
CA MET C 130 0.16 -38.16 3.30
C MET C 130 1.07 -37.95 4.48
N PHE C 131 0.92 -36.81 5.13
CA PHE C 131 1.64 -36.47 6.37
C PHE C 131 0.69 -35.65 7.23
N ALA C 132 0.89 -35.73 8.54
CA ALA C 132 0.09 -35.00 9.55
C ALA C 132 1.07 -34.54 10.61
N ILE C 133 0.89 -33.32 11.05
CA ILE C 133 1.68 -32.69 12.16
C ILE C 133 0.67 -32.14 13.18
N GLY C 134 0.74 -32.59 14.44
CA GLY C 134 -0.28 -32.19 15.44
C GLY C 134 0.23 -32.12 16.87
N GLY C 135 -0.53 -31.43 17.71
CA GLY C 135 -0.34 -31.36 19.17
C GLY C 135 -0.86 -32.60 19.88
N GLU C 136 -1.28 -33.63 19.14
CA GLU C 136 -1.94 -34.84 19.72
C GLU C 136 -2.05 -35.90 18.62
N PRO C 137 -2.26 -37.19 18.96
CA PRO C 137 -2.39 -38.23 17.94
C PRO C 137 -3.41 -37.87 16.85
N LEU C 138 -3.08 -38.20 15.59
CA LEU C 138 -3.97 -38.02 14.42
C LEU C 138 -5.27 -38.75 14.68
N GLU C 139 -6.39 -38.03 14.57
CA GLU C 139 -7.75 -38.61 14.73
C GLU C 139 -8.16 -39.23 13.40
N LEU C 140 -8.63 -40.48 13.46
CA LEU C 140 -8.88 -41.36 12.29
C LEU C 140 -10.36 -41.68 12.18
N GLN C 141 -10.80 -41.87 10.94
CA GLN C 141 -12.09 -42.43 10.45
C GLN C 141 -11.77 -43.79 9.86
N PHE C 142 -12.44 -44.84 10.32
CA PHE C 142 -12.34 -46.19 9.75
C PHE C 142 -13.18 -46.24 8.47
N MET C 143 -12.57 -46.66 7.37
CA MET C 143 -13.32 -46.87 6.12
C MET C 143 -12.55 -47.83 5.23
N VAL C 144 -13.28 -48.77 4.63
CA VAL C 144 -12.67 -49.94 3.95
C VAL C 144 -13.38 -50.16 2.64
N PHE C 145 -12.64 -50.66 1.68
CA PHE C 145 -13.16 -51.04 0.36
C PHE C 145 -14.23 -52.13 0.54
N ASN C 146 -13.96 -53.13 1.39
CA ASN C 146 -14.77 -54.35 1.62
C ASN C 146 -14.86 -54.61 3.15
N HIS C 147 -16.02 -54.39 3.75
CA HIS C 147 -16.25 -54.52 5.21
C HIS C 147 -15.98 -55.98 5.64
N ARG C 148 -16.14 -56.97 4.74
CA ARG C 148 -16.05 -58.43 5.08
C ARG C 148 -14.60 -58.92 5.06
N ALA C 149 -13.63 -58.06 4.72
CA ALA C 149 -12.20 -58.38 4.82
C ALA C 149 -11.86 -58.76 6.28
N THR C 150 -11.13 -59.85 6.46
CA THR C 150 -10.57 -60.29 7.76
C THR C 150 -9.11 -59.89 7.82
N TYR C 151 -8.82 -58.84 8.58
CA TYR C 151 -7.45 -58.37 8.84
C TYR C 151 -6.79 -59.31 9.85
N PRO C 152 -5.46 -59.42 9.74
CA PRO C 152 -4.65 -60.25 10.61
C PRO C 152 -4.56 -59.68 12.02
N ALA C 153 -4.15 -60.53 12.97
CA ALA C 153 -4.07 -60.19 14.41
C ALA C 153 -3.09 -59.03 14.65
N GLU C 154 -2.03 -58.91 13.84
CA GLU C 154 -0.95 -57.88 13.95
C GLU C 154 -1.52 -56.48 13.72
N ALA C 155 -2.56 -56.33 12.88
CA ALA C 155 -3.18 -55.05 12.47
C ALA C 155 -4.18 -54.56 13.53
N THR C 156 -4.19 -53.25 13.77
CA THR C 156 -5.24 -52.60 14.58
C THR C 156 -6.39 -52.20 13.64
N VAL C 157 -7.54 -52.84 13.79
CA VAL C 157 -8.75 -52.45 13.02
C VAL C 157 -9.95 -52.51 13.95
N ILE C 158 -11.04 -51.91 13.49
CA ILE C 158 -12.40 -52.19 14.02
C ILE C 158 -12.88 -53.51 13.40
N LYS C 159 -13.05 -54.54 14.23
CA LYS C 159 -13.53 -55.89 13.83
C LYS C 159 -15.04 -55.88 13.60
N ASN C 160 -15.52 -56.68 12.64
CA ASN C 160 -16.96 -56.74 12.23
C ASN C 160 -17.50 -55.32 12.07
N PRO C 161 -16.82 -54.50 11.25
CA PRO C 161 -17.19 -53.08 11.15
C PRO C 161 -18.59 -52.82 10.58
N GLY C 162 -19.14 -53.76 9.81
CA GLY C 162 -20.47 -53.67 9.19
C GLY C 162 -20.42 -52.98 7.83
N ALA C 163 -21.44 -53.18 7.00
CA ALA C 163 -21.49 -52.70 5.60
C ALA C 163 -21.34 -51.16 5.50
N SER C 164 -21.77 -50.43 6.54
CA SER C 164 -21.66 -48.94 6.61
C SER C 164 -20.18 -48.50 6.65
N SER C 165 -19.23 -49.37 7.02
CA SER C 165 -17.78 -49.05 7.05
C SER C 165 -17.22 -48.93 5.62
N GLN C 166 -17.97 -49.31 4.61
CA GLN C 166 -17.54 -49.12 3.17
C GLN C 166 -17.81 -47.69 2.71
N VAL C 167 -18.51 -46.93 3.53
CA VAL C 167 -18.74 -45.45 3.36
C VAL C 167 -18.63 -44.81 4.75
N PHE C 168 -19.23 -43.63 5.00
CA PHE C 168 -19.02 -42.95 6.29
C PHE C 168 -20.01 -43.48 7.33
N ASP C 169 -19.48 -43.92 8.45
CA ASP C 169 -20.25 -44.25 9.69
C ASP C 169 -19.62 -43.51 10.85
N PRO C 170 -20.36 -42.56 11.46
CA PRO C 170 -19.81 -41.68 12.49
C PRO C 170 -19.39 -42.44 13.74
N ASN C 171 -19.78 -43.70 13.86
CA ASN C 171 -19.42 -44.55 15.01
C ASN C 171 -17.98 -45.09 14.87
N LEU C 172 -17.44 -45.18 13.66
CA LEU C 172 -16.19 -45.95 13.40
C LEU C 172 -14.96 -45.03 13.42
N LYS C 173 -14.49 -44.77 14.63
CA LYS C 173 -13.43 -43.80 14.97
C LYS C 173 -12.21 -44.54 15.50
N GLY C 174 -11.06 -43.87 15.41
CA GLY C 174 -9.77 -44.24 16.03
C GLY C 174 -8.83 -43.05 16.09
N THR C 175 -7.67 -43.25 16.73
CA THR C 175 -6.57 -42.27 16.80
C THR C 175 -5.32 -43.06 16.49
N LEU C 176 -4.37 -42.48 15.75
CA LEU C 176 -3.14 -43.21 15.32
C LEU C 176 -2.15 -43.29 16.51
N THR C 177 -2.15 -44.40 17.25
CA THR C 177 -1.48 -44.51 18.58
C THR C 177 -0.29 -45.49 18.55
N ALA C 178 0.00 -46.06 17.37
CA ALA C 178 0.92 -47.20 17.19
C ALA C 178 1.45 -47.16 15.75
N ASP C 179 2.77 -47.16 15.61
CA ASP C 179 3.52 -47.22 14.34
C ASP C 179 3.33 -48.62 13.73
N GLY C 180 3.10 -48.69 12.42
CA GLY C 180 3.23 -49.93 11.62
C GLY C 180 2.10 -50.94 11.82
N VAL C 181 0.95 -50.60 12.42
CA VAL C 181 -0.15 -51.58 12.67
C VAL C 181 -1.55 -51.07 12.23
N PHE C 182 -1.74 -49.78 11.94
CA PHE C 182 -2.99 -49.22 11.36
C PHE C 182 -2.93 -49.31 9.85
N PRO C 183 -3.61 -50.27 9.20
CA PRO C 183 -3.54 -50.39 7.74
C PRO C 183 -4.03 -49.10 7.06
N VAL C 184 -3.25 -48.65 6.11
CA VAL C 184 -3.64 -47.50 5.25
C VAL C 184 -5.01 -47.78 4.64
N GLU C 185 -5.29 -49.02 4.21
CA GLU C 185 -6.51 -49.29 3.42
C GLU C 185 -7.77 -49.31 4.33
N ALA C 186 -7.64 -49.10 5.65
CA ALA C 186 -8.70 -49.21 6.68
C ALA C 186 -8.96 -47.91 7.41
N TRP C 187 -8.00 -46.98 7.48
CA TRP C 187 -8.02 -45.75 8.30
C TRP C 187 -7.60 -44.55 7.45
N GLY C 188 -8.30 -43.44 7.60
CA GLY C 188 -7.91 -42.15 7.01
C GLY C 188 -8.15 -41.00 7.98
N PRO C 189 -7.60 -39.81 7.68
CA PRO C 189 -7.76 -38.66 8.57
C PRO C 189 -9.27 -38.32 8.68
N ASP C 190 -9.72 -38.10 9.92
CA ASP C 190 -11.10 -37.69 10.28
C ASP C 190 -11.24 -36.16 10.16
N PRO C 191 -11.94 -35.62 9.12
CA PRO C 191 -12.12 -34.17 8.99
C PRO C 191 -13.09 -33.55 10.00
N PHE C 192 -13.91 -34.35 10.65
CA PHE C 192 -14.79 -33.92 11.78
C PHE C 192 -13.97 -33.66 13.06
N LYS C 193 -12.70 -34.09 13.11
CA LYS C 193 -11.85 -33.85 14.31
C LYS C 193 -10.56 -33.18 13.83
N ASN C 194 -9.43 -33.41 14.51
CA ASN C 194 -8.12 -32.85 14.09
C ASN C 194 -8.12 -31.31 14.09
N GLU C 195 -8.80 -30.68 15.04
CA GLU C 195 -8.73 -29.21 15.28
C GLU C 195 -7.29 -28.78 15.59
N ASN C 196 -6.47 -29.68 16.14
CA ASN C 196 -5.10 -29.46 16.67
C ASN C 196 -4.08 -30.26 15.84
N THR C 197 -4.45 -30.62 14.60
CA THR C 197 -3.52 -31.30 13.64
C THR C 197 -3.74 -30.71 12.24
N ARG C 198 -2.67 -30.58 11.47
CA ARG C 198 -2.73 -30.26 10.03
C ARG C 198 -2.36 -31.53 9.26
N TYR C 199 -3.24 -31.98 8.36
CA TYR C 199 -2.95 -33.14 7.47
C TYR C 199 -3.09 -32.72 6.00
N PHE C 200 -2.30 -33.38 5.17
CA PHE C 200 -2.20 -33.22 3.70
C PHE C 200 -1.99 -34.59 3.08
N GLY C 201 -2.63 -34.83 1.94
CA GLY C 201 -2.73 -36.17 1.37
C GLY C 201 -2.98 -36.07 -0.11
N GLN C 202 -2.29 -36.90 -0.87
CA GLN C 202 -2.61 -37.09 -2.30
C GLN C 202 -2.53 -38.58 -2.63
N TYR C 203 -3.52 -39.04 -3.40
CA TYR C 203 -3.62 -40.36 -4.04
C TYR C 203 -3.66 -40.18 -5.55
N THR C 204 -2.76 -40.88 -6.25
CA THR C 204 -2.85 -41.20 -7.69
C THR C 204 -2.93 -42.72 -7.85
N GLY C 205 -4.00 -43.19 -8.47
CA GLY C 205 -4.29 -44.63 -8.62
C GLY C 205 -3.62 -45.29 -9.79
N GLY C 206 -4.03 -46.53 -10.06
CA GLY C 206 -3.48 -47.39 -11.12
C GLY C 206 -2.39 -48.34 -10.61
N THR C 207 -1.93 -49.21 -11.51
CA THR C 207 -0.85 -50.20 -11.26
C THR C 207 0.30 -50.00 -12.25
N GLN C 208 0.08 -49.25 -13.34
CA GLN C 208 1.15 -48.90 -14.32
C GLN C 208 1.28 -47.37 -14.45
N THR C 209 0.72 -46.62 -13.51
CA THR C 209 0.93 -45.17 -13.42
C THR C 209 2.39 -44.82 -13.10
N PRO C 210 3.00 -43.81 -13.75
CA PRO C 210 4.37 -43.40 -13.39
C PRO C 210 4.34 -42.64 -12.08
N PRO C 211 5.21 -42.95 -11.09
CA PRO C 211 5.33 -42.16 -9.87
C PRO C 211 5.84 -40.75 -10.25
N VAL C 212 5.30 -39.72 -9.61
CA VAL C 212 5.74 -38.31 -9.78
C VAL C 212 6.06 -37.79 -8.38
N LEU C 213 7.34 -37.54 -8.11
CA LEU C 213 7.84 -37.07 -6.81
C LEU C 213 8.74 -35.86 -7.05
N THR C 214 8.72 -34.93 -6.11
CA THR C 214 9.60 -33.74 -6.05
C THR C 214 10.25 -33.66 -4.66
N PHE C 215 11.41 -33.03 -4.63
CA PHE C 215 12.17 -32.87 -3.37
C PHE C 215 12.97 -31.56 -3.46
N THR C 216 13.00 -30.83 -2.36
CA THR C 216 13.72 -29.54 -2.27
C THR C 216 13.82 -29.20 -0.78
N ASN C 217 14.83 -28.44 -0.41
CA ASN C 217 14.98 -27.99 1.00
C ASN C 217 14.51 -26.53 1.08
N THR C 218 13.83 -26.05 0.05
CA THR C 218 13.48 -24.60 -0.05
C THR C 218 11.98 -24.34 0.21
N GLN C 219 11.19 -25.35 0.55
CA GLN C 219 9.72 -25.23 0.72
C GLN C 219 9.36 -25.30 2.21
N THR C 220 8.68 -24.25 2.70
CA THR C 220 8.10 -24.14 4.06
C THR C 220 6.58 -24.02 3.96
N THR C 221 5.89 -24.77 4.81
CA THR C 221 4.42 -24.78 4.96
C THR C 221 4.10 -24.15 6.30
N ILE C 222 3.19 -23.18 6.32
CA ILE C 222 2.76 -22.50 7.57
C ILE C 222 1.66 -23.38 8.15
N LEU C 223 1.68 -23.57 9.45
CA LEU C 223 0.78 -24.51 10.18
C LEU C 223 -0.22 -23.71 11.00
N LEU C 224 -0.13 -22.38 11.01
CA LEU C 224 -1.12 -21.49 11.67
C LEU C 224 -2.49 -21.70 11.01
N ASP C 225 -3.57 -21.67 11.81
CA ASP C 225 -4.98 -21.81 11.36
C ASP C 225 -5.49 -20.40 11.02
N GLU C 226 -6.81 -20.25 10.82
CA GLU C 226 -7.46 -18.98 10.44
C GLU C 226 -7.23 -17.91 11.51
N ASN C 227 -6.99 -18.32 12.77
CA ASN C 227 -6.89 -17.42 13.95
C ASN C 227 -5.44 -17.13 14.32
N GLY C 228 -4.49 -17.52 13.48
CA GLY C 228 -3.05 -17.34 13.72
C GLY C 228 -2.49 -18.36 14.72
N VAL C 229 -3.19 -19.47 14.97
CA VAL C 229 -2.79 -20.49 16.00
C VAL C 229 -2.35 -21.79 15.31
N GLY C 230 -1.16 -22.29 15.63
CA GLY C 230 -0.63 -23.58 15.14
C GLY C 230 -1.00 -24.72 16.09
N PRO C 231 -0.72 -26.00 15.73
CA PRO C 231 -0.83 -27.08 16.71
C PRO C 231 -0.17 -26.70 18.03
N LEU C 232 -0.86 -26.98 19.13
CA LEU C 232 -0.37 -26.77 20.50
C LEU C 232 -0.08 -28.14 21.10
N CYS C 233 1.18 -28.38 21.46
CA CYS C 233 1.73 -29.71 21.80
C CYS C 233 1.33 -30.05 23.24
N LYS C 234 0.32 -30.90 23.36
CA LYS C 234 -0.20 -31.46 24.63
C LYS C 234 0.83 -32.44 25.18
N GLY C 235 1.05 -32.38 26.49
CA GLY C 235 2.08 -33.19 27.19
C GLY C 235 3.48 -32.84 26.72
N ASP C 236 3.68 -31.67 26.10
CA ASP C 236 4.99 -31.25 25.52
C ASP C 236 5.42 -32.29 24.46
N GLY C 237 4.45 -32.77 23.66
CA GLY C 237 4.64 -33.80 22.62
C GLY C 237 4.20 -33.35 21.23
N LEU C 238 5.09 -33.51 20.24
CA LEU C 238 4.80 -33.22 18.80
C LEU C 238 4.53 -34.56 18.10
N PHE C 239 3.42 -34.61 17.36
CA PHE C 239 2.91 -35.86 16.75
C PHE C 239 3.10 -35.79 15.24
N LEU C 240 3.85 -36.76 14.73
CA LEU C 240 4.16 -36.88 13.29
C LEU C 240 3.61 -38.20 12.78
N SER C 241 3.00 -38.16 11.60
CA SER C 241 2.34 -39.33 10.99
C SER C 241 2.55 -39.24 9.50
N CYS C 242 2.68 -40.36 8.82
CA CYS C 242 2.75 -40.32 7.35
C CYS C 242 2.47 -41.70 6.77
N ALA C 243 2.31 -41.70 5.46
CA ALA C 243 2.35 -42.89 4.59
C ALA C 243 2.81 -42.40 3.22
N ASP C 244 3.80 -43.10 2.69
CA ASP C 244 4.48 -42.79 1.41
C ASP C 244 4.58 -44.07 0.58
N ILE C 245 3.47 -44.50 -0.02
CA ILE C 245 3.45 -45.59 -1.03
C ILE C 245 3.93 -44.95 -2.34
N VAL C 246 5.02 -45.46 -2.87
CA VAL C 246 5.61 -44.96 -4.13
C VAL C 246 4.92 -45.63 -5.29
N GLY C 247 4.61 -46.92 -5.14
CA GLY C 247 4.10 -47.77 -6.24
C GLY C 247 4.41 -49.22 -5.98
N PHE C 248 4.48 -50.03 -7.04
CA PHE C 248 4.74 -51.49 -6.95
C PHE C 248 6.07 -51.85 -7.59
N PHE C 249 6.68 -52.87 -7.00
CA PHE C 249 7.87 -53.57 -7.53
C PHE C 249 7.38 -54.88 -8.12
N THR C 250 7.70 -55.11 -9.40
CA THR C 250 7.21 -56.29 -10.13
C THR C 250 8.39 -57.20 -10.45
N GLN C 251 8.35 -58.44 -9.94
CA GLN C 251 9.41 -59.45 -10.18
C GLN C 251 9.29 -59.99 -11.61
N HIS C 252 10.31 -60.72 -12.07
CA HIS C 252 10.29 -61.41 -13.40
C HIS C 252 9.06 -62.34 -13.48
N ASN C 253 8.62 -62.87 -12.35
CA ASN C 253 7.52 -63.86 -12.34
C ASN C 253 6.17 -63.14 -12.13
N LYS C 254 6.14 -61.82 -12.21
CA LYS C 254 4.93 -60.93 -12.17
C LYS C 254 4.35 -60.74 -10.75
N LYS C 255 5.02 -61.26 -9.72
CA LYS C 255 4.68 -60.97 -8.30
C LYS C 255 4.97 -59.49 -8.02
N MET C 256 4.02 -58.85 -7.34
CA MET C 256 4.00 -57.41 -7.08
C MET C 256 3.98 -57.15 -5.57
N SER C 257 4.81 -56.20 -5.16
CA SER C 257 4.92 -55.72 -3.76
C SER C 257 4.84 -54.20 -3.74
N PHE C 258 4.22 -53.65 -2.71
CA PHE C 258 4.34 -52.22 -2.34
C PHE C 258 5.82 -51.86 -2.14
N ARG C 259 6.21 -50.66 -2.58
CA ARG C 259 7.49 -50.00 -2.18
C ARG C 259 7.17 -48.65 -1.54
N GLY C 260 7.76 -48.37 -0.37
CA GLY C 260 7.62 -47.09 0.35
C GLY C 260 8.95 -46.37 0.55
N LEU C 261 8.87 -45.10 0.92
CA LEU C 261 10.05 -44.28 1.18
C LEU C 261 9.87 -43.58 2.52
N PRO C 262 11.02 -43.28 3.20
CA PRO C 262 10.96 -42.54 4.44
C PRO C 262 10.64 -41.06 4.17
N ARG C 263 10.14 -40.40 5.19
CA ARG C 263 9.80 -38.98 5.06
C ARG C 263 10.60 -38.19 6.10
N TYR C 264 11.10 -37.03 5.68
CA TYR C 264 11.81 -36.12 6.58
C TYR C 264 10.83 -35.06 7.09
N PHE C 265 11.00 -34.65 8.34
CA PHE C 265 10.20 -33.54 8.93
C PHE C 265 11.14 -32.58 9.66
N ARG C 266 10.99 -31.30 9.36
CA ARG C 266 11.52 -30.20 10.18
C ARG C 266 10.32 -29.41 10.68
N VAL C 267 10.26 -29.16 11.99
CA VAL C 267 9.15 -28.42 12.63
C VAL C 267 9.74 -27.40 13.61
N THR C 268 9.22 -26.18 13.46
CA THR C 268 9.58 -24.95 14.17
C THR C 268 8.42 -24.63 15.09
N LEU C 269 8.71 -24.56 16.38
CA LEU C 269 7.71 -24.30 17.43
C LEU C 269 8.12 -23.02 18.18
N ARG C 270 7.13 -22.35 18.77
CA ARG C 270 7.32 -21.16 19.62
C ARG C 270 6.54 -21.37 20.92
N LYS C 271 6.96 -20.71 21.99
CA LYS C 271 6.26 -20.73 23.28
C LYS C 271 5.01 -19.85 23.13
N ARG C 272 3.86 -20.39 23.55
CA ARG C 272 2.54 -19.72 23.52
C ARG C 272 1.96 -19.75 24.93
N VAL C 273 1.55 -18.59 25.44
CA VAL C 273 0.82 -18.50 26.75
C VAL C 273 -0.62 -18.95 26.49
N VAL C 274 -1.14 -19.84 27.34
CA VAL C 274 -2.50 -20.44 27.22
C VAL C 274 -3.20 -20.43 28.58
N LYS C 275 -4.50 -20.76 28.60
CA LYS C 275 -5.34 -20.93 29.81
C LYS C 275 -6.26 -22.13 29.62
N ILE D 7 29.34 -19.36 11.01
CA ILE D 7 29.60 -18.04 10.36
C ILE D 7 28.59 -17.01 10.88
N GLU D 8 29.05 -15.95 11.54
CA GLU D 8 28.23 -14.75 11.87
C GLU D 8 28.09 -13.93 10.59
N VAL D 9 26.86 -13.84 10.06
CA VAL D 9 26.55 -13.12 8.81
C VAL D 9 26.26 -11.67 9.18
N LEU D 10 26.83 -10.70 8.46
CA LEU D 10 26.63 -9.26 8.73
C LEU D 10 26.05 -8.60 7.47
N ALA D 11 26.53 -7.41 7.11
CA ALA D 11 25.90 -6.55 6.08
C ALA D 11 26.18 -7.10 4.67
N VAL D 12 25.21 -6.88 3.78
CA VAL D 12 25.35 -6.92 2.30
C VAL D 12 26.09 -5.66 1.83
N ARG D 13 27.00 -5.80 0.85
CA ARG D 13 27.63 -4.68 0.08
C ARG D 13 26.81 -4.40 -1.19
N THR D 14 26.46 -3.14 -1.46
CA THR D 14 25.69 -2.70 -2.67
C THR D 14 26.56 -1.84 -3.59
N PRO D 16 27.72 -1.41 -7.04
CA PRO D 16 28.20 -1.36 -8.43
C PRO D 16 29.30 -2.38 -8.76
N ASP D 17 30.25 -2.62 -7.84
CA ASP D 17 31.35 -3.64 -7.97
C ASP D 17 31.12 -4.82 -7.00
N SER D 18 29.98 -4.87 -6.32
CA SER D 18 29.68 -5.80 -5.21
C SER D 18 29.07 -7.12 -5.73
N ILE D 19 28.68 -7.17 -7.01
CA ILE D 19 27.94 -8.30 -7.63
C ILE D 19 28.76 -8.82 -8.83
N THR D 20 28.79 -10.14 -9.02
CA THR D 20 29.43 -10.82 -10.16
C THR D 20 28.49 -11.91 -10.67
N GLU D 21 28.69 -12.39 -11.90
CA GLU D 21 27.88 -13.49 -12.48
C GLU D 21 28.84 -14.56 -12.97
N ILE D 22 28.55 -15.82 -12.68
CA ILE D 22 29.30 -16.95 -13.30
C ILE D 22 28.32 -17.73 -14.18
N GLU D 23 28.85 -18.35 -15.23
CA GLU D 23 28.10 -19.28 -16.11
C GLU D 23 28.94 -20.55 -16.19
N ALA D 24 28.29 -21.70 -16.10
CA ALA D 24 28.99 -22.99 -16.14
C ALA D 24 28.05 -24.03 -16.74
N TYR D 25 28.62 -25.12 -17.22
CA TYR D 25 27.81 -26.29 -17.65
C TYR D 25 28.36 -27.50 -16.93
N LEU D 26 27.47 -28.47 -16.72
CA LEU D 26 27.78 -29.82 -16.22
C LEU D 26 27.26 -30.79 -17.29
N ASN D 27 28.19 -31.49 -17.92
CA ASN D 27 27.86 -32.58 -18.85
C ASN D 27 27.34 -33.75 -18.01
N PRO D 28 26.43 -34.56 -18.58
CA PRO D 28 25.90 -35.72 -17.86
C PRO D 28 26.92 -36.86 -17.73
N ARG D 29 26.73 -37.71 -16.73
CA ARG D 29 27.59 -38.89 -16.45
C ARG D 29 26.69 -40.13 -16.42
N MET D 30 26.08 -40.42 -17.56
CA MET D 30 25.11 -41.52 -17.69
C MET D 30 25.81 -42.89 -17.76
N GLY D 31 27.13 -42.93 -18.00
CA GLY D 31 27.90 -44.18 -17.80
C GLY D 31 28.91 -44.44 -18.91
N GLN D 32 28.59 -44.18 -20.18
CA GLN D 32 29.54 -44.42 -21.28
C GLN D 32 30.64 -43.36 -21.23
N PRO D 33 31.88 -43.72 -21.62
CA PRO D 33 33.03 -42.80 -21.56
C PRO D 33 32.91 -41.56 -22.45
N GLN D 34 33.44 -40.43 -21.96
CA GLN D 34 33.69 -39.19 -22.73
C GLN D 34 34.52 -39.49 -23.99
N ASN D 35 34.35 -38.67 -25.02
CA ASN D 35 35.20 -38.69 -26.25
C ASN D 35 34.99 -40.00 -27.01
N GLU D 36 33.95 -40.78 -26.70
CA GLU D 36 33.62 -42.02 -27.42
C GLU D 36 32.17 -41.94 -27.90
N ASP D 37 31.77 -42.89 -28.73
CA ASP D 37 30.59 -42.77 -29.63
C ASP D 37 29.26 -42.74 -28.84
N PHE D 38 29.25 -43.16 -27.58
CA PHE D 38 28.01 -43.31 -26.77
C PHE D 38 28.00 -42.31 -25.62
N TYR D 39 28.87 -41.30 -25.70
CA TYR D 39 28.93 -40.20 -24.70
C TYR D 39 27.56 -39.50 -24.60
N GLY D 40 27.02 -39.33 -23.39
CA GLY D 40 25.62 -38.87 -23.20
C GLY D 40 24.63 -39.98 -22.80
N PHE D 41 25.02 -41.22 -23.04
CA PHE D 41 24.20 -42.44 -22.87
C PHE D 41 24.84 -43.29 -21.78
N SER D 42 24.04 -44.16 -21.15
CA SER D 42 24.54 -45.35 -20.42
C SER D 42 24.90 -46.44 -21.44
N ASP D 43 25.54 -47.51 -20.99
CA ASP D 43 25.64 -48.75 -21.79
C ASP D 43 24.31 -49.48 -21.62
N ASN D 44 24.04 -50.47 -22.46
CA ASN D 44 22.76 -51.25 -22.42
C ASN D 44 22.56 -51.85 -21.04
N VAL D 45 21.35 -51.69 -20.51
CA VAL D 45 21.08 -52.09 -19.11
C VAL D 45 20.80 -53.58 -19.04
N THR D 46 21.52 -54.28 -18.15
CA THR D 46 21.32 -55.70 -17.84
C THR D 46 20.53 -55.78 -16.52
N VAL D 47 19.75 -56.82 -16.40
CA VAL D 47 18.82 -56.98 -15.25
C VAL D 47 19.13 -58.32 -14.57
N SER D 48 19.26 -58.23 -13.25
CA SER D 48 19.51 -59.36 -12.33
C SER D 48 18.25 -60.22 -12.17
N ASP D 49 18.46 -61.48 -11.83
CA ASP D 49 17.38 -62.48 -11.63
C ASP D 49 16.84 -62.36 -10.19
N ASP D 50 17.67 -61.83 -9.30
CA ASP D 50 17.30 -61.69 -7.89
C ASP D 50 18.17 -60.62 -7.21
N PHE D 51 17.74 -60.20 -6.02
CA PHE D 51 18.44 -59.14 -5.25
C PHE D 51 19.81 -59.67 -4.79
N GLY D 52 19.92 -60.98 -4.49
CA GLY D 52 21.14 -61.60 -3.93
C GLY D 52 22.34 -61.51 -4.87
N SER D 53 22.13 -61.74 -6.16
CA SER D 53 23.18 -61.87 -7.21
C SER D 53 23.28 -60.55 -8.01
N ASP D 54 22.60 -59.50 -7.55
CA ASP D 54 22.46 -58.23 -8.32
C ASP D 54 23.83 -57.55 -8.35
N ALA D 55 24.34 -57.25 -9.53
CA ALA D 55 25.66 -56.59 -9.69
C ALA D 55 25.62 -55.74 -10.95
N PRO D 56 25.19 -54.47 -10.88
CA PRO D 56 25.11 -53.65 -12.09
C PRO D 56 26.52 -53.33 -12.56
N PRO D 57 26.93 -53.72 -13.79
CA PRO D 57 28.24 -53.36 -14.29
C PRO D 57 28.48 -51.85 -14.45
N TRP D 58 29.72 -51.47 -14.23
CA TRP D 58 30.20 -50.12 -14.63
C TRP D 58 29.74 -49.79 -16.05
N LYS D 59 29.23 -48.57 -16.20
CA LYS D 59 28.79 -47.88 -17.45
C LYS D 59 27.26 -48.00 -17.62
N GLN D 60 26.59 -48.81 -16.81
CA GLN D 60 25.18 -49.22 -17.09
C GLN D 60 24.21 -48.43 -16.23
N PHE D 61 24.71 -47.51 -15.42
CA PHE D 61 23.88 -46.69 -14.51
C PHE D 61 24.45 -45.29 -14.43
N PRO D 62 23.60 -44.25 -14.33
CA PRO D 62 24.13 -42.90 -14.21
C PRO D 62 24.72 -42.58 -12.83
N CYS D 63 25.59 -41.58 -12.81
CA CYS D 63 26.16 -40.96 -11.60
C CYS D 63 25.90 -39.45 -11.59
N TYR D 64 26.07 -38.82 -10.43
CA TYR D 64 25.86 -37.37 -10.29
C TYR D 64 26.99 -36.64 -11.02
N SER D 65 26.67 -35.47 -11.54
CA SER D 65 27.63 -34.48 -12.11
C SER D 65 27.96 -33.47 -11.03
N THR D 66 29.24 -33.14 -10.84
CA THR D 66 29.63 -32.04 -9.92
C THR D 66 30.86 -31.23 -10.43
N ALA D 67 30.93 -29.96 -10.07
CA ALA D 67 32.08 -29.07 -10.35
C ALA D 67 32.14 -27.98 -9.27
N ARG D 68 33.35 -27.59 -8.89
CA ARG D 68 33.62 -26.42 -8.03
C ARG D 68 34.04 -25.28 -8.96
N ILE D 69 33.38 -24.13 -8.90
CA ILE D 69 33.74 -22.95 -9.71
C ILE D 69 34.54 -22.00 -8.81
N SER D 70 35.75 -21.60 -9.26
CA SER D 70 36.63 -20.64 -8.55
C SER D 70 36.09 -19.23 -8.80
N LEU D 71 35.95 -18.41 -7.77
CA LEU D 71 35.25 -17.11 -7.94
C LEU D 71 36.28 -16.00 -8.13
N PRO D 72 35.85 -14.82 -8.64
CA PRO D 72 36.73 -13.65 -8.76
C PRO D 72 37.33 -13.18 -7.42
N MET D 73 38.39 -12.37 -7.47
CA MET D 73 39.01 -11.75 -6.27
C MET D 73 37.94 -10.90 -5.56
N LEU D 74 37.87 -10.98 -4.23
CA LEU D 74 36.86 -10.24 -3.41
C LEU D 74 37.40 -8.84 -3.09
N ASN D 75 38.72 -8.64 -3.19
CA ASN D 75 39.41 -7.38 -2.79
C ASN D 75 39.08 -7.13 -1.31
N GLN D 76 39.65 -7.95 -0.42
CA GLN D 76 39.40 -7.93 1.04
C GLN D 76 39.94 -6.62 1.62
N ASP D 77 39.43 -6.23 2.78
CA ASP D 77 39.92 -5.06 3.53
C ASP D 77 41.02 -5.56 4.47
N MET D 78 42.26 -5.21 4.17
CA MET D 78 43.46 -5.80 4.84
C MET D 78 43.35 -5.64 6.36
N THR D 79 42.82 -4.50 6.86
CA THR D 79 42.88 -4.10 8.29
C THR D 79 41.55 -4.37 9.00
N SER D 80 40.47 -4.77 8.30
CA SER D 80 39.16 -5.05 8.96
C SER D 80 39.26 -6.40 9.67
N ASP D 81 38.49 -6.60 10.75
CA ASP D 81 38.42 -7.88 11.52
C ASP D 81 37.37 -8.81 10.89
N THR D 82 36.61 -8.31 9.91
CA THR D 82 35.61 -9.08 9.13
C THR D 82 36.28 -9.62 7.86
N ILE D 83 35.64 -10.56 7.16
CA ILE D 83 36.02 -10.91 5.76
C ILE D 83 34.78 -10.84 4.88
N LEU D 84 35.01 -10.57 3.59
CA LEU D 84 33.99 -10.69 2.52
C LEU D 84 33.92 -12.16 2.08
N MET D 85 32.71 -12.61 1.78
CA MET D 85 32.40 -13.90 1.13
C MET D 85 31.46 -13.63 -0.03
N TRP D 86 31.60 -14.40 -1.10
CA TRP D 86 30.62 -14.43 -2.20
C TRP D 86 29.37 -15.12 -1.67
N GLU D 87 28.21 -14.47 -1.82
CA GLU D 87 26.87 -14.94 -1.43
C GLU D 87 26.07 -15.16 -2.71
N ALA D 88 25.71 -16.41 -3.01
CA ALA D 88 24.84 -16.75 -4.17
C ALA D 88 23.41 -16.31 -3.85
N ILE D 89 22.88 -15.38 -4.63
CA ILE D 89 21.56 -14.73 -4.36
C ILE D 89 20.49 -15.26 -5.32
N SER D 90 20.86 -15.63 -6.55
CA SER D 90 19.89 -16.03 -7.60
C SER D 90 20.55 -16.94 -8.62
N CYS D 91 19.73 -17.64 -9.38
CA CYS D 91 20.28 -18.46 -10.49
C CYS D 91 19.24 -18.58 -11.60
N ARG D 92 19.75 -18.94 -12.77
CA ARG D 92 18.94 -19.42 -13.90
C ARG D 92 19.59 -20.76 -14.22
N THR D 93 18.78 -21.78 -14.45
CA THR D 93 19.33 -23.07 -14.88
C THR D 93 18.44 -23.55 -16.02
N GLU D 94 19.04 -24.20 -17.01
CA GLU D 94 18.30 -24.75 -18.17
C GLU D 94 18.90 -26.11 -18.50
N VAL D 95 18.06 -27.09 -18.84
CA VAL D 95 18.56 -28.35 -19.43
C VAL D 95 18.85 -28.00 -20.89
N MET D 96 20.09 -28.15 -21.36
CA MET D 96 20.44 -27.82 -22.76
C MET D 96 20.19 -29.03 -23.67
N GLY D 97 19.97 -28.79 -24.97
CA GLY D 97 19.92 -29.82 -26.00
C GLY D 97 18.61 -30.62 -26.05
N VAL D 98 17.53 -30.09 -25.47
CA VAL D 98 16.15 -30.63 -25.54
C VAL D 98 15.80 -30.84 -27.01
N ASN D 99 16.16 -29.88 -27.88
CA ASN D 99 16.01 -29.91 -29.35
C ASN D 99 16.37 -31.29 -29.90
N MET D 100 17.37 -31.97 -29.35
CA MET D 100 17.88 -33.24 -29.94
C MET D 100 16.81 -34.33 -29.82
N LEU D 101 15.88 -34.18 -28.88
CA LEU D 101 14.84 -35.21 -28.62
C LEU D 101 13.77 -35.21 -29.72
N THR D 102 13.87 -34.36 -30.74
CA THR D 102 13.02 -34.44 -31.95
C THR D 102 13.61 -35.44 -32.97
N ASN D 103 14.68 -36.14 -32.60
CA ASN D 103 15.33 -37.20 -33.41
C ASN D 103 14.53 -38.50 -33.22
N VAL D 104 13.81 -38.96 -34.24
CA VAL D 104 13.12 -40.27 -34.24
C VAL D 104 13.61 -41.10 -35.44
N HIS D 105 14.84 -40.89 -35.90
CA HIS D 105 15.43 -41.67 -37.02
C HIS D 105 16.68 -42.45 -36.63
N SER D 106 17.34 -42.16 -35.51
CA SER D 106 18.71 -42.69 -35.23
C SER D 106 18.64 -44.04 -34.51
N ALA D 107 18.64 -45.14 -35.28
CA ALA D 107 18.81 -46.53 -34.80
C ALA D 107 17.81 -46.88 -33.66
N GLN D 108 16.55 -46.43 -33.78
CA GLN D 108 15.53 -46.56 -32.71
C GLN D 108 14.53 -47.67 -33.04
N LYS D 109 14.18 -48.48 -32.05
CA LYS D 109 12.99 -49.36 -32.15
C LYS D 109 11.83 -48.55 -32.77
N ARG D 110 11.14 -49.10 -33.77
CA ARG D 110 10.11 -48.37 -34.55
C ARG D 110 8.72 -48.52 -33.91
N VAL D 111 7.83 -47.59 -34.22
CA VAL D 111 6.44 -47.60 -33.65
C VAL D 111 5.77 -48.90 -34.10
N TYR D 112 5.95 -49.27 -35.38
CA TYR D 112 5.32 -50.46 -36.02
C TYR D 112 6.43 -51.43 -36.43
N GLU D 113 7.03 -52.06 -35.42
CA GLU D 113 8.20 -52.96 -35.60
C GLU D 113 7.77 -54.17 -36.42
N ASN D 114 6.54 -54.68 -36.22
CA ASN D 114 6.04 -55.86 -36.94
C ASN D 114 5.86 -55.53 -38.43
N ASP D 115 5.71 -54.25 -38.78
CA ASP D 115 5.51 -53.80 -40.19
C ASP D 115 6.80 -53.13 -40.69
N ARG D 116 7.89 -53.18 -39.90
CA ARG D 116 9.14 -52.43 -40.14
C ARG D 116 8.77 -50.98 -40.54
N GLU D 117 7.78 -50.40 -39.86
CA GLU D 117 7.26 -49.08 -40.29
C GLU D 117 7.10 -48.11 -39.10
N GLY D 118 7.02 -46.83 -39.42
CA GLY D 118 6.79 -45.78 -38.41
C GLY D 118 8.03 -44.99 -38.12
N THR D 119 7.92 -43.91 -37.35
CA THR D 119 9.12 -43.26 -36.77
C THR D 119 9.80 -44.20 -35.76
N GLY D 120 10.98 -43.80 -35.28
CA GLY D 120 11.52 -44.27 -33.99
C GLY D 120 10.53 -43.99 -32.87
N ILE D 121 10.60 -44.73 -31.76
CA ILE D 121 9.80 -44.38 -30.54
C ILE D 121 10.45 -43.20 -29.82
N GLY D 122 11.70 -42.88 -30.13
CA GLY D 122 12.46 -41.79 -29.52
C GLY D 122 12.84 -42.11 -28.09
N VAL D 123 13.25 -41.10 -27.35
CA VAL D 123 13.60 -41.27 -25.92
C VAL D 123 12.27 -41.31 -25.14
N GLU D 124 12.02 -42.33 -24.34
CA GLU D 124 10.84 -42.33 -23.44
C GLU D 124 11.25 -42.95 -22.11
N GLY D 125 10.39 -42.85 -21.11
CA GLY D 125 10.64 -43.38 -19.77
C GLY D 125 10.98 -42.29 -18.78
N MET D 126 11.74 -42.67 -17.76
CA MET D 126 11.80 -41.88 -16.51
C MET D 126 12.64 -40.62 -16.75
N GLY D 127 12.18 -39.51 -16.18
CA GLY D 127 12.93 -38.27 -16.03
C GLY D 127 13.32 -38.10 -14.57
N TYR D 128 14.62 -37.93 -14.30
CA TYR D 128 15.19 -37.56 -13.00
C TYR D 128 15.99 -36.27 -13.23
N HIS D 129 15.51 -35.18 -12.67
CA HIS D 129 16.10 -33.83 -12.86
C HIS D 129 16.32 -33.19 -11.50
N MET D 130 17.56 -33.02 -11.11
CA MET D 130 17.89 -32.36 -9.85
C MET D 130 19.11 -31.49 -10.10
N PHE D 131 19.14 -30.34 -9.46
CA PHE D 131 20.32 -29.45 -9.41
C PHE D 131 20.46 -28.94 -7.98
N ALA D 132 21.67 -28.53 -7.65
CA ALA D 132 22.06 -28.04 -6.32
C ALA D 132 23.16 -26.99 -6.53
N ILE D 133 23.03 -25.89 -5.83
CA ILE D 133 23.97 -24.73 -5.83
C ILE D 133 24.26 -24.44 -4.36
N GLY D 134 25.51 -24.64 -3.95
CA GLY D 134 25.94 -24.43 -2.55
C GLY D 134 27.32 -23.77 -2.48
N GLY D 135 27.69 -23.34 -1.26
CA GLY D 135 29.00 -22.77 -0.91
C GLY D 135 29.92 -23.84 -0.36
N GLU D 136 29.53 -25.11 -0.49
CA GLU D 136 30.32 -26.29 -0.08
C GLU D 136 29.70 -27.51 -0.74
N PRO D 137 30.41 -28.66 -0.79
CA PRO D 137 29.89 -29.83 -1.52
C PRO D 137 28.52 -30.32 -1.01
N LEU D 138 27.70 -30.81 -1.93
CA LEU D 138 26.32 -31.26 -1.63
C LEU D 138 26.42 -32.38 -0.60
N GLU D 139 25.63 -32.32 0.47
CA GLU D 139 25.60 -33.38 1.50
C GLU D 139 24.55 -34.43 1.12
N LEU D 140 24.96 -35.70 1.16
CA LEU D 140 24.26 -36.90 0.63
C LEU D 140 23.78 -37.82 1.76
N GLN D 141 22.63 -38.46 1.50
CA GLN D 141 22.14 -39.63 2.24
C GLN D 141 22.27 -40.83 1.31
N PHE D 142 22.89 -41.91 1.79
CA PHE D 142 22.94 -43.22 1.09
C PHE D 142 21.56 -43.86 1.21
N MET D 143 21.02 -44.29 0.09
CA MET D 143 19.74 -45.04 0.10
C MET D 143 19.60 -45.80 -1.21
N VAL D 144 19.26 -47.08 -1.11
CA VAL D 144 19.29 -47.97 -2.32
C VAL D 144 17.97 -48.73 -2.41
N PHE D 145 17.65 -49.21 -3.60
CA PHE D 145 16.43 -50.00 -3.85
C PHE D 145 16.60 -51.38 -3.21
N ASN D 146 17.79 -51.92 -3.39
CA ASN D 146 18.24 -53.27 -2.97
C ASN D 146 19.62 -53.14 -2.29
N HIS D 147 19.73 -53.37 -0.98
CA HIS D 147 21.01 -53.24 -0.23
C HIS D 147 22.02 -54.31 -0.65
N ARG D 148 21.59 -55.46 -1.20
CA ARG D 148 22.53 -56.56 -1.61
C ARG D 148 23.11 -56.30 -3.00
N ALA D 149 22.75 -55.21 -3.69
CA ALA D 149 23.41 -54.77 -4.94
C ALA D 149 24.91 -54.58 -4.70
N THR D 150 25.72 -55.24 -5.53
CA THR D 150 27.20 -55.11 -5.51
C THR D 150 27.56 -54.13 -6.60
N TYR D 151 27.90 -52.90 -6.21
CA TYR D 151 28.36 -51.85 -7.14
C TYR D 151 29.79 -52.15 -7.57
N PRO D 152 30.18 -51.68 -8.79
CA PRO D 152 31.52 -51.88 -9.31
C PRO D 152 32.57 -51.00 -8.63
N ALA D 153 33.83 -51.42 -8.75
CA ALA D 153 35.01 -50.73 -8.17
C ALA D 153 35.04 -49.28 -8.59
N GLU D 154 34.69 -48.94 -9.84
CA GLU D 154 34.72 -47.56 -10.41
C GLU D 154 33.81 -46.59 -9.64
N ALA D 155 32.78 -47.10 -8.95
CA ALA D 155 31.72 -46.28 -8.31
C ALA D 155 32.07 -46.00 -6.85
N THR D 156 31.61 -44.87 -6.32
CA THR D 156 31.74 -44.54 -4.90
C THR D 156 30.42 -44.83 -4.19
N VAL D 157 30.41 -45.79 -3.26
CA VAL D 157 29.23 -46.21 -2.47
C VAL D 157 29.70 -46.64 -1.07
N ILE D 158 28.75 -46.87 -0.19
CA ILE D 158 28.92 -47.58 1.10
C ILE D 158 28.73 -49.07 0.83
N LYS D 159 29.83 -49.81 0.94
CA LYS D 159 29.91 -51.28 0.72
C LYS D 159 29.21 -52.02 1.86
N ASN D 160 28.56 -53.15 1.53
CA ASN D 160 27.74 -53.95 2.45
C ASN D 160 26.94 -53.02 3.36
N PRO D 161 26.08 -52.15 2.79
CA PRO D 161 25.40 -51.11 3.55
C PRO D 161 24.31 -51.63 4.49
N GLY D 162 23.83 -52.85 4.29
CA GLY D 162 22.86 -53.52 5.17
C GLY D 162 21.40 -53.17 4.82
N ALA D 163 20.47 -53.99 5.32
CA ALA D 163 19.02 -53.85 5.09
C ALA D 163 18.54 -52.42 5.35
N SER D 164 19.07 -51.74 6.38
CA SER D 164 18.63 -50.40 6.84
C SER D 164 18.75 -49.38 5.70
N SER D 165 19.64 -49.64 4.72
CA SER D 165 19.98 -48.73 3.58
C SER D 165 18.89 -48.74 2.51
N GLN D 166 17.91 -49.65 2.61
CA GLN D 166 16.72 -49.66 1.74
C GLN D 166 15.72 -48.60 2.18
N VAL D 167 15.82 -48.06 3.40
CA VAL D 167 15.06 -46.87 3.85
C VAL D 167 16.06 -45.89 4.48
N PHE D 168 15.65 -45.06 5.45
CA PHE D 168 16.54 -44.03 6.05
C PHE D 168 17.38 -44.67 7.17
N ASP D 169 18.69 -44.59 7.06
CA ASP D 169 19.62 -44.92 8.18
C ASP D 169 20.52 -43.71 8.43
N PRO D 170 20.49 -43.12 9.65
CA PRO D 170 21.26 -41.91 9.95
C PRO D 170 22.79 -42.14 9.93
N ASN D 171 23.27 -43.38 9.97
CA ASN D 171 24.73 -43.68 9.89
C ASN D 171 25.26 -43.59 8.45
N LEU D 172 24.38 -43.49 7.44
CA LEU D 172 24.83 -43.76 6.04
C LEU D 172 24.86 -42.45 5.26
N LYS D 173 25.94 -41.68 5.47
CA LYS D 173 26.11 -40.29 4.96
C LYS D 173 27.24 -40.26 3.94
N GLY D 174 27.20 -39.22 3.12
CA GLY D 174 28.20 -38.93 2.10
C GLY D 174 28.20 -37.46 1.76
N THR D 175 29.20 -37.07 0.99
CA THR D 175 29.31 -35.72 0.39
C THR D 175 29.77 -35.96 -1.04
N LEU D 176 29.18 -35.22 -1.96
CA LEU D 176 29.43 -35.33 -3.42
C LEU D 176 30.72 -34.58 -3.74
N THR D 177 31.84 -35.30 -3.71
CA THR D 177 33.21 -34.77 -3.76
C THR D 177 33.89 -35.11 -5.09
N ALA D 178 33.21 -35.81 -6.01
CA ALA D 178 33.79 -36.29 -7.27
C ALA D 178 32.68 -36.46 -8.32
N ASP D 179 33.00 -36.03 -9.53
CA ASP D 179 32.10 -36.07 -10.72
C ASP D 179 32.09 -37.51 -11.27
N GLY D 180 30.91 -37.98 -11.66
CA GLY D 180 30.76 -39.19 -12.48
C GLY D 180 30.98 -40.50 -11.75
N VAL D 181 30.93 -40.58 -10.42
CA VAL D 181 31.23 -41.85 -9.71
C VAL D 181 30.22 -42.15 -8.58
N PHE D 182 29.48 -41.16 -8.09
CA PHE D 182 28.39 -41.39 -7.13
C PHE D 182 27.13 -41.79 -7.89
N PRO D 183 26.66 -43.07 -7.79
CA PRO D 183 25.50 -43.51 -8.56
C PRO D 183 24.26 -42.74 -8.10
N VAL D 184 23.48 -42.25 -9.04
CA VAL D 184 22.20 -41.55 -8.78
C VAL D 184 21.33 -42.52 -7.95
N GLU D 185 21.29 -43.81 -8.29
CA GLU D 185 20.40 -44.80 -7.62
C GLU D 185 20.84 -45.15 -6.18
N ALA D 186 22.00 -44.66 -5.71
CA ALA D 186 22.53 -44.95 -4.35
C ALA D 186 22.69 -43.72 -3.48
N TRP D 187 22.61 -42.49 -4.01
CA TRP D 187 22.80 -41.25 -3.22
C TRP D 187 21.73 -40.23 -3.57
N GLY D 188 21.24 -39.55 -2.54
CA GLY D 188 20.30 -38.42 -2.65
C GLY D 188 20.69 -37.29 -1.71
N PRO D 189 20.15 -36.06 -1.94
CA PRO D 189 20.44 -34.97 -1.05
C PRO D 189 19.97 -35.26 0.39
N ASP D 190 20.80 -34.84 1.35
CA ASP D 190 20.46 -35.05 2.79
C ASP D 190 19.71 -33.84 3.36
N PRO D 191 18.39 -33.96 3.67
CA PRO D 191 17.60 -32.85 4.20
C PRO D 191 17.95 -32.49 5.65
N PHE D 192 18.61 -33.39 6.37
CA PHE D 192 19.17 -33.10 7.70
C PHE D 192 20.39 -32.18 7.60
N LYS D 193 20.96 -31.95 6.41
CA LYS D 193 22.16 -31.07 6.27
C LYS D 193 21.90 -30.08 5.14
N ASN D 194 22.92 -29.68 4.36
CA ASN D 194 22.71 -28.76 3.22
C ASN D 194 22.10 -27.44 3.72
N GLU D 195 22.56 -26.95 4.87
CA GLU D 195 22.21 -25.61 5.41
C GLU D 195 22.73 -24.51 4.47
N ASN D 196 23.78 -24.80 3.69
CA ASN D 196 24.52 -23.85 2.83
C ASN D 196 24.48 -24.30 1.35
N THR D 197 23.48 -25.12 1.01
CA THR D 197 23.12 -25.53 -0.38
C THR D 197 21.60 -25.42 -0.57
N ARG D 198 21.17 -25.05 -1.76
CA ARG D 198 19.77 -25.17 -2.21
C ARG D 198 19.73 -26.30 -3.25
N TYR D 199 18.88 -27.30 -2.99
CA TYR D 199 18.68 -28.40 -3.96
C TYR D 199 17.23 -28.46 -4.42
N PHE D 200 16.99 -29.00 -5.61
CA PHE D 200 15.68 -29.02 -6.30
C PHE D 200 15.66 -30.30 -7.11
N GLY D 201 14.63 -31.11 -6.96
CA GLY D 201 14.53 -32.45 -7.58
C GLY D 201 13.11 -32.72 -8.05
N GLN D 202 13.02 -33.33 -9.22
CA GLN D 202 11.75 -33.82 -9.80
C GLN D 202 12.01 -35.21 -10.36
N TYR D 203 11.17 -36.19 -10.02
CA TYR D 203 11.21 -37.54 -10.64
C TYR D 203 9.86 -37.88 -11.28
N THR D 204 9.87 -38.35 -12.53
CA THR D 204 8.68 -38.96 -13.19
C THR D 204 9.12 -40.33 -13.69
N GLY D 205 8.54 -41.40 -13.17
CA GLY D 205 9.03 -42.76 -13.41
C GLY D 205 8.51 -43.36 -14.69
N GLY D 206 8.68 -44.66 -14.82
CA GLY D 206 8.20 -45.45 -15.96
C GLY D 206 9.26 -45.66 -17.02
N THR D 207 8.91 -46.47 -18.03
CA THR D 207 9.82 -46.78 -19.15
C THR D 207 9.22 -46.41 -20.52
N GLN D 208 7.95 -46.00 -20.56
CA GLN D 208 7.24 -45.55 -21.80
C GLN D 208 6.66 -44.14 -21.61
N THR D 209 6.97 -43.49 -20.50
CA THR D 209 6.49 -42.13 -20.14
C THR D 209 6.98 -41.13 -21.20
N PRO D 210 6.14 -40.23 -21.73
CA PRO D 210 6.66 -39.17 -22.60
C PRO D 210 7.51 -38.23 -21.77
N PRO D 211 8.74 -37.91 -22.21
CA PRO D 211 9.55 -36.94 -21.48
C PRO D 211 8.90 -35.56 -21.64
N VAL D 212 8.90 -34.73 -20.61
CA VAL D 212 8.41 -33.33 -20.69
C VAL D 212 9.51 -32.39 -20.15
N LEU D 213 9.99 -31.47 -21.00
CA LEU D 213 11.07 -30.52 -20.64
C LEU D 213 10.73 -29.12 -21.17
N THR D 214 11.00 -28.08 -20.38
CA THR D 214 10.85 -26.66 -20.81
C THR D 214 12.25 -26.04 -20.81
N PHE D 215 12.41 -24.98 -21.58
CA PHE D 215 13.64 -24.16 -21.67
C PHE D 215 13.22 -22.72 -22.00
N THR D 216 13.87 -21.78 -21.32
CA THR D 216 13.69 -20.33 -21.51
C THR D 216 14.88 -19.61 -20.89
N ASN D 217 15.17 -18.40 -21.32
CA ASN D 217 16.25 -17.64 -20.64
C ASN D 217 15.61 -16.55 -19.78
N THR D 218 14.33 -16.70 -19.43
CA THR D 218 13.54 -15.67 -18.72
C THR D 218 13.20 -16.04 -17.27
N GLN D 219 13.74 -17.14 -16.73
CA GLN D 219 13.34 -17.68 -15.41
C GLN D 219 14.50 -17.53 -14.41
N THR D 220 14.21 -17.04 -13.21
CA THR D 220 15.23 -16.78 -12.16
C THR D 220 14.69 -17.31 -10.84
N THR D 221 15.52 -18.11 -10.17
CA THR D 221 15.25 -18.73 -8.86
C THR D 221 16.05 -17.94 -7.82
N ILE D 222 15.38 -17.38 -6.83
CA ILE D 222 16.02 -16.71 -5.67
C ILE D 222 16.62 -17.80 -4.77
N LEU D 223 17.88 -17.61 -4.36
CA LEU D 223 18.64 -18.59 -3.55
C LEU D 223 18.68 -18.18 -2.07
N LEU D 224 18.01 -17.09 -1.73
CA LEU D 224 18.00 -16.55 -0.34
C LEU D 224 17.17 -17.48 0.54
N ASP D 225 17.66 -17.81 1.74
CA ASP D 225 16.87 -18.55 2.77
C ASP D 225 15.91 -17.59 3.48
N GLU D 226 15.25 -18.07 4.53
CA GLU D 226 14.21 -17.36 5.32
C GLU D 226 14.81 -16.15 6.09
N ASN D 227 16.14 -16.08 6.24
CA ASN D 227 16.88 -14.97 6.89
C ASN D 227 17.40 -13.98 5.85
N GLY D 228 17.13 -14.25 4.56
CA GLY D 228 17.55 -13.41 3.43
C GLY D 228 19.02 -13.63 3.09
N VAL D 229 19.54 -14.81 3.40
CA VAL D 229 20.96 -15.21 3.21
C VAL D 229 21.01 -16.38 2.21
N GLY D 230 21.76 -16.19 1.12
CA GLY D 230 22.04 -17.21 0.10
C GLY D 230 23.22 -18.06 0.49
N PRO D 231 23.57 -19.12 -0.28
CA PRO D 231 24.78 -19.89 -0.06
C PRO D 231 26.01 -18.96 0.05
N LEU D 232 26.82 -19.20 1.08
CA LEU D 232 28.11 -18.50 1.34
C LEU D 232 29.25 -19.43 0.92
N CYS D 233 30.04 -18.93 -0.04
CA CYS D 233 31.02 -19.72 -0.82
C CYS D 233 32.31 -19.82 -0.02
N LYS D 234 32.42 -20.88 0.78
CA LYS D 234 33.57 -21.20 1.66
C LYS D 234 34.81 -21.49 0.81
N GLY D 235 35.91 -20.82 1.15
CA GLY D 235 37.17 -20.89 0.39
C GLY D 235 36.97 -20.37 -1.02
N ASP D 236 35.99 -19.48 -1.22
CA ASP D 236 35.67 -18.76 -2.48
C ASP D 236 35.45 -19.74 -3.63
N GLY D 237 34.76 -20.84 -3.35
CA GLY D 237 34.23 -21.78 -4.35
C GLY D 237 32.71 -21.84 -4.31
N LEU D 238 32.12 -22.08 -5.49
CA LEU D 238 30.69 -22.26 -5.75
C LEU D 238 30.56 -23.69 -6.27
N PHE D 239 29.73 -24.49 -5.62
CA PHE D 239 29.56 -25.94 -5.84
C PHE D 239 28.25 -26.17 -6.59
N LEU D 240 28.38 -26.67 -7.82
CA LEU D 240 27.25 -27.05 -8.71
C LEU D 240 27.15 -28.59 -8.80
N SER D 241 25.94 -29.11 -8.64
CA SER D 241 25.67 -30.58 -8.74
C SER D 241 24.40 -30.78 -9.55
N CYS D 242 24.30 -31.88 -10.27
CA CYS D 242 23.08 -32.20 -11.02
C CYS D 242 23.05 -33.65 -11.50
N ALA D 243 21.85 -34.05 -11.91
CA ALA D 243 21.55 -35.28 -12.65
C ALA D 243 20.31 -35.03 -13.51
N ASP D 244 20.42 -35.36 -14.79
CA ASP D 244 19.42 -34.97 -15.81
C ASP D 244 19.25 -36.18 -16.71
N ILE D 245 18.59 -37.21 -16.18
CA ILE D 245 18.14 -38.40 -16.95
C ILE D 245 16.88 -37.94 -17.69
N VAL D 246 16.88 -38.04 -19.00
CA VAL D 246 15.74 -37.66 -19.88
CA VAL D 246 15.68 -37.63 -19.78
C VAL D 246 14.80 -38.85 -20.10
N GLY D 247 15.36 -40.07 -20.05
CA GLY D 247 14.60 -41.31 -20.27
C GLY D 247 15.49 -42.35 -20.90
N PHE D 248 14.94 -43.28 -21.67
CA PHE D 248 15.69 -44.40 -22.29
C PHE D 248 15.71 -44.32 -23.82
N PHE D 249 16.83 -44.75 -24.37
CA PHE D 249 17.03 -45.02 -25.82
C PHE D 249 16.84 -46.53 -26.05
N THR D 250 15.94 -46.92 -26.94
CA THR D 250 15.66 -48.35 -27.23
C THR D 250 16.10 -48.71 -28.66
N GLN D 251 16.98 -49.70 -28.80
CA GLN D 251 17.49 -50.21 -30.11
C GLN D 251 16.44 -51.11 -30.76
N HIS D 252 16.61 -51.45 -32.04
CA HIS D 252 15.72 -52.38 -32.75
C HIS D 252 15.66 -53.74 -32.02
N ASN D 253 16.77 -54.15 -31.40
CA ASN D 253 16.92 -55.47 -30.73
C ASN D 253 16.44 -55.33 -29.27
N LYS D 254 15.88 -54.17 -28.89
CA LYS D 254 15.17 -53.91 -27.62
C LYS D 254 16.16 -53.69 -26.46
N LYS D 255 17.46 -53.57 -26.73
CA LYS D 255 18.39 -53.05 -25.71
C LYS D 255 18.06 -51.59 -25.40
N MET D 256 18.14 -51.21 -24.13
CA MET D 256 17.75 -49.89 -23.62
C MET D 256 18.91 -49.32 -22.81
N SER D 257 19.14 -48.02 -22.95
CA SER D 257 20.22 -47.28 -22.29
C SER D 257 19.66 -45.96 -21.81
N PHE D 258 20.16 -45.47 -20.68
CA PHE D 258 19.86 -44.14 -20.16
C PHE D 258 20.37 -43.11 -21.19
N ARG D 259 19.59 -42.06 -21.41
CA ARG D 259 20.03 -40.82 -22.15
C ARG D 259 19.97 -39.65 -21.17
N GLY D 260 21.03 -38.85 -21.17
CA GLY D 260 21.25 -37.70 -20.27
C GLY D 260 21.43 -36.45 -21.10
N LEU D 261 21.20 -35.28 -20.50
CA LEU D 261 21.48 -33.99 -21.17
C LEU D 261 22.30 -33.12 -20.23
N PRO D 262 23.10 -32.19 -20.79
CA PRO D 262 23.87 -31.27 -19.96
C PRO D 262 23.00 -30.13 -19.40
N ARG D 263 23.45 -29.53 -18.31
CA ARG D 263 22.76 -28.43 -17.61
C ARG D 263 23.59 -27.14 -17.63
N TYR D 264 22.92 -26.03 -17.91
CA TYR D 264 23.46 -24.65 -17.81
C TYR D 264 23.08 -24.07 -16.45
N PHE D 265 24.04 -23.35 -15.86
CA PHE D 265 23.89 -22.54 -14.63
C PHE D 265 24.39 -21.12 -14.93
N ARG D 266 23.57 -20.14 -14.62
CA ARG D 266 24.01 -18.75 -14.33
C ARG D 266 23.74 -18.52 -12.84
N VAL D 267 24.77 -18.09 -12.08
CA VAL D 267 24.62 -17.77 -10.62
C VAL D 267 25.06 -16.31 -10.44
N THR D 268 24.21 -15.50 -9.83
CA THR D 268 24.55 -14.12 -9.39
C THR D 268 25.04 -14.24 -7.94
N LEU D 269 26.21 -13.66 -7.67
CA LEU D 269 26.73 -13.59 -6.29
C LEU D 269 26.97 -12.12 -5.97
N ARG D 270 26.89 -11.81 -4.68
CA ARG D 270 27.15 -10.45 -4.13
C ARG D 270 28.09 -10.64 -2.94
N LYS D 271 28.74 -9.55 -2.55
CA LYS D 271 29.71 -9.59 -1.45
C LYS D 271 28.92 -9.43 -0.15
N ARG D 272 29.23 -10.30 0.81
CA ARG D 272 28.57 -10.38 2.13
C ARG D 272 29.68 -10.19 3.15
N VAL D 273 29.50 -9.32 4.14
CA VAL D 273 30.44 -9.23 5.28
C VAL D 273 30.08 -10.35 6.24
N VAL D 274 31.08 -11.04 6.76
CA VAL D 274 30.93 -12.08 7.82
C VAL D 274 32.03 -11.89 8.87
N LYS D 275 31.80 -12.47 10.06
CA LYS D 275 32.73 -12.60 11.21
C LYS D 275 32.94 -11.23 11.86
N ILE E 7 26.09 -1.97 -25.60
CA ILE E 7 25.05 -0.89 -25.76
C ILE E 7 24.73 -0.30 -24.38
N GLU E 8 25.00 1.00 -24.19
CA GLU E 8 24.63 1.76 -22.95
C GLU E 8 23.22 2.31 -23.12
N VAL E 9 22.30 1.96 -22.22
CA VAL E 9 20.83 2.25 -22.36
C VAL E 9 20.46 3.46 -21.50
N LEU E 10 19.99 4.52 -22.15
CA LEU E 10 19.52 5.77 -21.50
C LEU E 10 17.99 5.71 -21.42
N ALA E 11 17.30 6.86 -21.54
CA ALA E 11 15.87 7.00 -21.16
C ALA E 11 14.94 6.39 -22.22
N VAL E 12 13.75 5.96 -21.80
CA VAL E 12 12.62 5.60 -22.70
C VAL E 12 12.12 6.89 -23.35
N ARG E 13 11.96 6.90 -24.68
CA ARG E 13 11.34 8.03 -25.43
C ARG E 13 9.81 7.85 -25.39
N THR E 14 9.08 8.93 -25.07
CA THR E 14 7.60 8.92 -24.84
C THR E 14 6.97 10.14 -25.53
N ASP E 17 3.45 8.48 -30.95
CA ASP E 17 4.62 8.60 -31.87
C ASP E 17 5.75 7.63 -31.47
N SER E 18 5.98 7.40 -30.18
CA SER E 18 7.15 6.67 -29.61
C SER E 18 6.95 5.15 -29.70
N ILE E 19 5.71 4.67 -29.86
CA ILE E 19 5.33 3.23 -29.80
C ILE E 19 5.04 2.73 -31.21
N THR E 20 5.48 1.51 -31.56
CA THR E 20 5.01 0.82 -32.79
C THR E 20 4.63 -0.64 -32.45
N GLU E 21 3.91 -1.26 -33.37
CA GLU E 21 3.38 -2.65 -33.27
C GLU E 21 3.50 -3.33 -34.63
N ILE E 22 4.17 -4.47 -34.69
CA ILE E 22 4.20 -5.35 -35.89
C ILE E 22 3.45 -6.65 -35.59
N GLU E 23 2.83 -7.19 -36.63
CA GLU E 23 2.33 -8.58 -36.65
C GLU E 23 3.06 -9.30 -37.77
N ALA E 24 3.37 -10.59 -37.57
CA ALA E 24 4.07 -11.44 -38.56
C ALA E 24 3.60 -12.89 -38.38
N TYR E 25 3.79 -13.72 -39.40
CA TYR E 25 3.60 -15.20 -39.32
C TYR E 25 4.89 -15.89 -39.74
N LEU E 26 5.23 -17.02 -39.10
CA LEU E 26 6.27 -17.94 -39.63
C LEU E 26 5.54 -19.23 -39.99
N ASN E 27 5.61 -19.63 -41.26
CA ASN E 27 5.08 -20.94 -41.70
C ASN E 27 6.06 -21.98 -41.15
N PRO E 28 5.59 -23.22 -40.86
CA PRO E 28 6.48 -24.28 -40.39
C PRO E 28 7.34 -24.81 -41.55
N ARG E 29 8.49 -25.42 -41.24
CA ARG E 29 9.40 -26.05 -42.22
C ARG E 29 9.64 -27.51 -41.81
N MET E 30 8.59 -28.32 -41.85
CA MET E 30 8.60 -29.73 -41.41
C MET E 30 9.35 -30.60 -42.43
N GLY E 31 9.60 -30.11 -43.64
CA GLY E 31 10.45 -30.75 -44.67
C GLY E 31 9.88 -30.77 -46.08
N GLN E 32 8.57 -30.95 -46.28
CA GLN E 32 8.02 -31.09 -47.66
C GLN E 32 8.02 -29.70 -48.28
N PRO E 33 8.27 -29.53 -49.60
CA PRO E 33 8.35 -28.20 -50.20
C PRO E 33 7.03 -27.43 -50.17
N GLN E 34 7.16 -26.12 -49.99
CA GLN E 34 6.02 -25.17 -49.98
C GLN E 34 5.36 -25.21 -51.36
N ASN E 35 4.07 -24.87 -51.41
CA ASN E 35 3.29 -24.77 -52.66
C ASN E 35 3.03 -26.16 -53.25
N GLU E 36 3.31 -27.26 -52.53
CA GLU E 36 3.05 -28.64 -53.00
C GLU E 36 2.16 -29.39 -52.01
N ASP E 37 1.67 -30.56 -52.39
CA ASP E 37 0.47 -31.17 -51.73
C ASP E 37 0.77 -31.52 -50.28
N PHE E 38 2.05 -31.67 -49.90
CA PHE E 38 2.39 -32.09 -48.52
C PHE E 38 3.02 -30.94 -47.73
N TYR E 39 2.82 -29.68 -48.16
CA TYR E 39 3.23 -28.49 -47.38
C TYR E 39 2.63 -28.54 -45.96
N GLY E 40 3.48 -28.33 -44.92
CA GLY E 40 3.12 -28.47 -43.51
C GLY E 40 3.52 -29.82 -42.94
N PHE E 41 3.93 -30.77 -43.80
CA PHE E 41 4.32 -32.14 -43.36
C PHE E 41 5.79 -32.34 -43.66
N SER E 42 6.39 -33.30 -42.96
CA SER E 42 7.64 -33.93 -43.39
C SER E 42 7.30 -35.01 -44.43
N ASP E 43 8.29 -35.46 -45.19
CA ASP E 43 8.15 -36.74 -45.92
C ASP E 43 8.18 -37.84 -44.86
N ASN E 44 7.76 -39.03 -45.28
CA ASN E 44 7.64 -40.22 -44.41
C ASN E 44 8.99 -40.59 -43.80
N VAL E 45 9.00 -40.76 -42.48
CA VAL E 45 10.23 -40.97 -41.67
C VAL E 45 10.77 -42.40 -41.87
N THR E 46 12.03 -42.50 -42.24
CA THR E 46 12.83 -43.75 -42.34
C THR E 46 13.76 -43.77 -41.12
N VAL E 47 14.09 -44.96 -40.65
CA VAL E 47 14.92 -45.12 -39.44
C VAL E 47 16.14 -45.94 -39.83
N SER E 48 17.30 -45.50 -39.37
CA SER E 48 18.59 -46.18 -39.63
C SER E 48 18.67 -47.42 -38.74
N ASP E 49 19.54 -48.37 -39.11
CA ASP E 49 19.77 -49.62 -38.35
C ASP E 49 20.71 -49.39 -37.17
N ASP E 50 21.59 -48.38 -37.25
CA ASP E 50 22.69 -48.19 -36.29
C ASP E 50 23.20 -46.77 -36.43
N PHE E 51 23.94 -46.26 -35.43
CA PHE E 51 24.48 -44.87 -35.40
C PHE E 51 25.50 -44.68 -36.53
N GLY E 52 26.17 -45.76 -36.95
CA GLY E 52 27.23 -45.69 -37.98
C GLY E 52 26.72 -45.56 -39.41
N SER E 53 25.45 -45.90 -39.68
CA SER E 53 24.81 -45.84 -41.02
C SER E 53 23.53 -45.00 -40.94
N ASP E 54 23.64 -43.77 -40.45
CA ASP E 54 22.53 -42.85 -40.05
C ASP E 54 22.67 -41.58 -40.91
N ALA E 55 21.87 -41.47 -41.96
CA ALA E 55 21.81 -40.30 -42.86
C ALA E 55 20.34 -39.96 -43.06
N PRO E 56 19.73 -39.13 -42.18
CA PRO E 56 18.31 -38.80 -42.32
C PRO E 56 18.08 -38.05 -43.63
N PRO E 57 17.31 -38.58 -44.61
CA PRO E 57 17.17 -37.88 -45.89
C PRO E 57 16.50 -36.52 -45.74
N TRP E 58 16.93 -35.57 -46.56
CA TRP E 58 16.23 -34.27 -46.72
C TRP E 58 14.71 -34.49 -46.89
N LYS E 59 13.90 -33.61 -46.27
CA LYS E 59 12.41 -33.57 -46.25
C LYS E 59 11.86 -34.41 -45.07
N GLN E 60 12.65 -35.27 -44.42
CA GLN E 60 12.15 -36.23 -43.39
C GLN E 60 12.24 -35.67 -41.96
N PHE E 61 12.85 -34.50 -41.78
CA PHE E 61 13.01 -33.89 -40.46
C PHE E 61 12.69 -32.39 -40.54
N PRO E 62 12.17 -31.82 -39.44
CA PRO E 62 11.90 -30.39 -39.38
C PRO E 62 13.12 -29.48 -39.15
N CYS E 63 12.99 -28.22 -39.60
CA CYS E 63 13.99 -27.14 -39.43
C CYS E 63 13.30 -25.93 -38.80
N TYR E 64 14.08 -25.12 -38.13
CA TYR E 64 13.61 -23.86 -37.52
C TYR E 64 13.12 -22.95 -38.64
N SER E 65 12.06 -22.24 -38.33
CA SER E 65 11.58 -21.07 -39.10
C SER E 65 12.22 -19.81 -38.50
N THR E 66 12.55 -18.85 -39.35
CA THR E 66 13.02 -17.54 -38.87
C THR E 66 12.74 -16.47 -39.92
N ALA E 67 12.62 -15.23 -39.47
CA ALA E 67 12.45 -14.05 -40.36
C ALA E 67 12.94 -12.80 -39.64
N ARG E 68 13.55 -11.90 -40.40
CA ARG E 68 13.91 -10.54 -39.94
C ARG E 68 12.80 -9.59 -40.38
N ILE E 69 12.21 -8.85 -39.44
CA ILE E 69 11.11 -7.87 -39.70
C ILE E 69 11.74 -6.46 -39.77
N SER E 70 11.52 -5.74 -40.87
CA SER E 70 12.04 -4.36 -41.04
C SER E 70 11.15 -3.40 -40.23
N LEU E 71 11.75 -2.61 -39.35
CA LEU E 71 11.04 -1.62 -38.49
C LEU E 71 11.20 -0.22 -39.06
N PRO E 72 10.29 0.73 -38.76
CA PRO E 72 10.46 2.13 -39.19
C PRO E 72 11.87 2.71 -38.94
N MET E 73 12.41 3.46 -39.91
CA MET E 73 13.80 3.99 -39.88
C MET E 73 13.84 5.33 -39.12
N THR E 82 24.10 10.31 -28.90
CA THR E 82 23.16 9.21 -28.52
C THR E 82 22.10 9.03 -29.60
N ILE E 83 21.76 7.78 -29.95
CA ILE E 83 20.77 7.43 -31.01
C ILE E 83 19.53 6.79 -30.36
N LEU E 84 18.46 6.66 -31.16
CA LEU E 84 17.24 5.90 -30.77
C LEU E 84 17.33 4.51 -31.40
N MET E 85 16.99 3.47 -30.64
CA MET E 85 16.77 2.10 -31.18
C MET E 85 15.36 1.68 -30.82
N TRP E 86 14.73 0.89 -31.69
CA TRP E 86 13.46 0.20 -31.38
C TRP E 86 13.75 -0.82 -30.26
N GLU E 87 12.89 -0.84 -29.23
CA GLU E 87 13.02 -1.70 -28.04
C GLU E 87 11.75 -2.56 -27.94
N ALA E 88 11.86 -3.88 -28.02
CA ALA E 88 10.70 -4.79 -27.92
C ALA E 88 10.28 -4.95 -26.44
N ILE E 89 9.06 -4.57 -26.06
CA ILE E 89 8.63 -4.50 -24.64
C ILE E 89 7.62 -5.61 -24.33
N SER E 90 6.85 -6.08 -25.30
CA SER E 90 5.81 -7.13 -25.10
C SER E 90 5.51 -7.87 -26.41
N CYS E 91 4.95 -9.07 -26.28
CA CYS E 91 4.45 -9.82 -27.45
C CYS E 91 3.17 -10.57 -27.11
N ARG E 92 2.43 -10.88 -28.16
CA ARG E 92 1.44 -11.96 -28.16
C ARG E 92 1.98 -12.96 -29.18
N THR E 93 1.80 -14.24 -28.92
CA THR E 93 2.14 -15.31 -29.89
C THR E 93 1.05 -16.36 -29.78
N GLU E 94 0.70 -16.94 -30.93
CA GLU E 94 -0.42 -17.91 -31.07
C GLU E 94 0.02 -18.96 -32.08
N VAL E 95 -0.17 -20.21 -31.73
CA VAL E 95 -0.11 -21.26 -32.76
C VAL E 95 -1.44 -21.24 -33.51
N MET E 96 -1.38 -21.00 -34.81
CA MET E 96 -2.55 -20.91 -35.71
C MET E 96 -2.89 -22.29 -36.26
N GLY E 97 -4.16 -22.52 -36.56
CA GLY E 97 -4.65 -23.69 -37.31
C GLY E 97 -4.84 -24.90 -36.41
N VAL E 98 -4.91 -24.70 -35.11
CA VAL E 98 -5.20 -25.78 -34.12
C VAL E 98 -6.49 -26.48 -34.56
N ASN E 99 -7.48 -25.72 -35.03
CA ASN E 99 -8.76 -26.24 -35.56
C ASN E 99 -8.58 -27.43 -36.52
N MET E 100 -7.50 -27.51 -37.34
CA MET E 100 -7.36 -28.53 -38.41
C MET E 100 -7.17 -29.91 -37.78
N LEU E 101 -6.75 -29.96 -36.50
CA LEU E 101 -6.48 -31.23 -35.78
C LEU E 101 -7.77 -31.95 -35.36
N THR E 102 -8.95 -31.35 -35.60
CA THR E 102 -10.27 -32.01 -35.45
C THR E 102 -10.57 -32.89 -36.69
N ASN E 103 -9.70 -32.90 -37.71
CA ASN E 103 -9.82 -33.78 -38.92
C ASN E 103 -9.34 -35.19 -38.56
N VAL E 104 -10.23 -36.19 -38.57
CA VAL E 104 -9.92 -37.64 -38.38
C VAL E 104 -10.47 -38.47 -39.55
N HIS E 105 -10.46 -37.92 -40.78
CA HIS E 105 -10.93 -38.59 -42.03
C HIS E 105 -9.91 -38.59 -43.18
N SER E 106 -8.85 -37.79 -43.14
CA SER E 106 -7.93 -37.57 -44.28
C SER E 106 -6.80 -38.62 -44.26
N ALA E 107 -7.06 -39.80 -44.82
CA ALA E 107 -6.06 -40.82 -45.20
C ALA E 107 -5.25 -41.25 -43.97
N GLN E 108 -5.95 -41.41 -42.84
CA GLN E 108 -5.34 -41.69 -41.53
C GLN E 108 -5.55 -43.15 -41.15
N LYS E 109 -4.53 -43.79 -40.59
CA LYS E 109 -4.68 -45.08 -39.92
C LYS E 109 -5.86 -44.95 -38.95
N ARG E 110 -6.71 -45.96 -38.95
CA ARG E 110 -8.00 -45.97 -38.23
C ARG E 110 -7.79 -46.60 -36.85
N VAL E 111 -8.65 -46.23 -35.88
CA VAL E 111 -8.55 -46.71 -34.48
C VAL E 111 -8.71 -48.24 -34.45
N TYR E 112 -9.58 -48.82 -35.28
CA TYR E 112 -9.79 -50.28 -35.37
C TYR E 112 -9.39 -50.70 -36.79
N GLU E 113 -8.09 -50.60 -37.10
CA GLU E 113 -7.58 -50.83 -38.47
C GLU E 113 -8.00 -52.23 -38.93
N ASN E 114 -8.05 -53.23 -38.04
CA ASN E 114 -8.31 -54.67 -38.35
C ASN E 114 -9.80 -54.90 -38.62
N ASP E 115 -10.61 -53.87 -38.44
CA ASP E 115 -12.06 -53.91 -38.74
C ASP E 115 -12.37 -52.93 -39.87
N ARG E 116 -11.36 -52.22 -40.39
CA ARG E 116 -11.50 -51.04 -41.28
C ARG E 116 -12.58 -50.12 -40.68
N GLU E 117 -12.59 -49.95 -39.35
CA GLU E 117 -13.60 -49.08 -38.67
C GLU E 117 -12.96 -48.05 -37.73
N GLY E 118 -13.79 -47.04 -37.43
CA GLY E 118 -13.47 -46.02 -36.44
C GLY E 118 -12.95 -44.78 -37.12
N THR E 119 -12.77 -43.73 -36.35
CA THR E 119 -12.10 -42.51 -36.88
C THR E 119 -10.66 -42.86 -37.29
N GLY E 120 -10.07 -41.99 -38.10
CA GLY E 120 -8.61 -41.81 -38.13
C GLY E 120 -8.06 -41.61 -36.72
N ILE E 121 -6.81 -41.97 -36.51
CA ILE E 121 -6.17 -41.78 -35.17
C ILE E 121 -5.71 -40.32 -35.05
N GLY E 122 -5.69 -39.57 -36.15
CA GLY E 122 -5.40 -38.13 -36.12
C GLY E 122 -3.96 -37.89 -35.77
N VAL E 123 -3.62 -36.65 -35.39
CA VAL E 123 -2.20 -36.32 -35.15
C VAL E 123 -1.89 -36.69 -33.71
N GLU E 124 -0.81 -37.43 -33.49
CA GLU E 124 -0.41 -37.89 -32.14
C GLU E 124 1.11 -37.88 -32.04
N GLY E 125 1.60 -37.81 -30.81
CA GLY E 125 3.02 -37.92 -30.48
C GLY E 125 3.64 -36.59 -30.12
N MET E 126 4.91 -36.41 -30.44
CA MET E 126 5.77 -35.39 -29.80
C MET E 126 5.23 -33.98 -30.12
N GLY E 127 5.21 -33.10 -29.11
CA GLY E 127 5.05 -31.65 -29.32
C GLY E 127 6.38 -30.95 -29.09
N TYR E 128 6.82 -30.12 -30.00
CA TYR E 128 8.02 -29.26 -29.74
C TYR E 128 7.66 -27.87 -30.20
N HIS E 129 7.52 -26.97 -29.24
CA HIS E 129 6.93 -25.63 -29.44
C HIS E 129 7.96 -24.68 -28.85
N MET E 130 8.60 -23.90 -29.70
CA MET E 130 9.60 -22.91 -29.25
C MET E 130 9.40 -21.64 -30.05
N PHE E 131 9.64 -20.51 -29.41
CA PHE E 131 9.67 -19.22 -30.12
C PHE E 131 10.74 -18.36 -29.44
N ALA E 132 11.25 -17.43 -30.24
CA ALA E 132 12.26 -16.47 -29.76
C ALA E 132 12.01 -15.15 -30.47
N ILE E 133 12.23 -14.10 -29.72
CA ILE E 133 12.07 -12.71 -30.22
C ILE E 133 13.30 -11.95 -29.73
N GLY E 134 14.06 -11.33 -30.66
CA GLY E 134 15.27 -10.56 -30.30
C GLY E 134 15.63 -9.48 -31.29
N GLY E 135 16.68 -8.74 -30.94
CA GLY E 135 17.21 -7.58 -31.67
C GLY E 135 18.35 -8.00 -32.59
N GLU E 136 18.58 -9.31 -32.68
CA GLU E 136 19.60 -9.93 -33.54
C GLU E 136 19.25 -11.41 -33.68
N PRO E 137 19.86 -12.13 -34.64
CA PRO E 137 19.54 -13.54 -34.82
C PRO E 137 19.69 -14.38 -33.54
N LEU E 138 18.87 -15.42 -33.40
CA LEU E 138 18.93 -16.41 -32.30
C LEU E 138 20.33 -17.03 -32.28
N GLU E 139 20.99 -17.02 -31.12
CA GLU E 139 22.29 -17.70 -30.93
C GLU E 139 22.00 -19.17 -30.58
N LEU E 140 22.68 -20.10 -31.26
CA LEU E 140 22.40 -21.55 -31.20
C LEU E 140 23.58 -22.33 -30.64
N GLN E 141 23.25 -23.38 -29.89
CA GLN E 141 24.17 -24.45 -29.44
C GLN E 141 23.93 -25.64 -30.38
N PHE E 142 24.99 -26.15 -30.97
CA PHE E 142 24.92 -27.41 -31.75
C PHE E 142 24.86 -28.56 -30.76
N MET E 143 23.85 -29.42 -30.87
CA MET E 143 23.82 -30.68 -30.07
C MET E 143 22.91 -31.70 -30.76
N VAL E 144 23.35 -32.96 -30.81
CA VAL E 144 22.67 -33.98 -31.63
C VAL E 144 22.56 -35.25 -30.79
N PHE E 145 21.56 -36.07 -31.09
CA PHE E 145 21.36 -37.38 -30.45
C PHE E 145 22.53 -38.34 -30.78
N ASN E 146 22.92 -38.36 -32.06
CA ASN E 146 23.99 -39.24 -32.60
C ASN E 146 24.95 -38.35 -33.41
N HIS E 147 26.15 -38.09 -32.90
CA HIS E 147 27.19 -37.25 -33.59
C HIS E 147 27.49 -37.81 -34.99
N ARG E 148 27.24 -39.09 -35.25
CA ARG E 148 27.73 -39.75 -36.48
C ARG E 148 26.68 -39.62 -37.59
N ALA E 149 25.53 -39.02 -37.28
CA ALA E 149 24.50 -38.70 -38.29
C ALA E 149 25.12 -37.82 -39.39
N THR E 150 24.90 -38.22 -40.64
CA THR E 150 25.29 -37.47 -41.85
C THR E 150 24.06 -36.71 -42.31
N TYR E 151 24.04 -35.39 -42.10
CA TYR E 151 22.90 -34.54 -42.50
C TYR E 151 23.00 -34.19 -43.99
N PRO E 152 21.86 -33.99 -44.67
CA PRO E 152 21.89 -33.77 -46.12
C PRO E 152 22.59 -32.44 -46.43
N ALA E 153 22.98 -32.28 -47.69
CA ALA E 153 23.59 -31.05 -48.25
C ALA E 153 22.69 -29.84 -48.01
N GLU E 154 21.36 -30.01 -48.10
CA GLU E 154 20.38 -28.91 -47.91
C GLU E 154 20.47 -28.36 -46.47
N ALA E 155 20.86 -29.16 -45.47
CA ALA E 155 20.80 -28.75 -44.03
C ALA E 155 22.04 -27.92 -43.72
N THR E 156 21.92 -26.97 -42.81
CA THR E 156 23.06 -26.28 -42.17
C THR E 156 23.33 -26.90 -40.79
N VAL E 157 24.49 -27.54 -40.68
CA VAL E 157 24.96 -28.30 -39.48
C VAL E 157 26.46 -28.03 -39.31
N ILE E 158 27.00 -28.32 -38.13
CA ILE E 158 28.46 -28.56 -37.98
C ILE E 158 28.74 -30.00 -38.44
N LYS E 159 29.56 -30.15 -39.47
CA LYS E 159 30.01 -31.46 -40.01
C LYS E 159 31.05 -32.13 -39.12
N ASN E 160 31.05 -33.48 -39.11
CA ASN E 160 31.94 -34.32 -38.29
C ASN E 160 32.12 -33.67 -36.92
N PRO E 161 31.01 -33.42 -36.17
CA PRO E 161 31.06 -32.53 -35.00
C PRO E 161 31.78 -33.15 -33.79
N GLY E 162 31.90 -34.47 -33.78
CA GLY E 162 32.67 -35.23 -32.78
C GLY E 162 31.76 -35.77 -31.69
N ALA E 163 32.25 -36.72 -30.91
CA ALA E 163 31.51 -37.37 -29.81
C ALA E 163 30.95 -36.31 -28.84
N SER E 164 31.67 -35.21 -28.60
CA SER E 164 31.33 -34.13 -27.62
C SER E 164 29.99 -33.47 -27.96
N SER E 165 29.64 -33.52 -29.24
CA SER E 165 28.42 -32.95 -29.87
C SER E 165 27.16 -33.62 -29.34
N GLN E 166 27.30 -34.75 -28.67
CA GLN E 166 26.17 -35.52 -28.11
C GLN E 166 25.78 -34.88 -26.79
N VAL E 167 26.71 -34.13 -26.19
CA VAL E 167 26.42 -33.29 -25.01
C VAL E 167 26.92 -31.88 -25.32
N PHE E 168 27.23 -31.09 -24.30
CA PHE E 168 27.66 -29.68 -24.42
C PHE E 168 29.16 -29.62 -24.72
N ASP E 169 29.45 -28.98 -25.86
CA ASP E 169 30.79 -28.63 -26.36
C ASP E 169 30.82 -27.12 -26.66
N PRO E 170 31.57 -26.31 -25.89
CA PRO E 170 31.53 -24.85 -26.02
C PRO E 170 32.07 -24.34 -27.37
N ASN E 171 32.70 -25.22 -28.16
CA ASN E 171 33.19 -24.88 -29.53
C ASN E 171 32.04 -24.87 -30.53
N LEU E 172 30.94 -25.60 -30.26
CA LEU E 172 29.94 -25.95 -31.30
C LEU E 172 28.79 -24.94 -31.27
N LYS E 173 29.03 -23.77 -31.85
CA LYS E 173 28.10 -22.61 -31.86
C LYS E 173 27.62 -22.34 -33.28
N GLY E 174 26.51 -21.62 -33.40
CA GLY E 174 25.94 -21.17 -34.68
C GLY E 174 24.99 -20.02 -34.42
N THR E 175 24.52 -19.36 -35.45
CA THR E 175 23.45 -18.34 -35.30
C THR E 175 22.36 -18.68 -36.31
N LEU E 176 21.09 -18.45 -35.96
CA LEU E 176 19.94 -18.81 -36.85
C LEU E 176 19.77 -17.72 -37.92
N THR E 177 20.42 -17.90 -39.07
CA THR E 177 20.54 -16.88 -40.14
C THR E 177 19.82 -17.28 -41.44
N ALA E 178 19.11 -18.42 -41.47
CA ALA E 178 18.36 -18.88 -42.67
C ALA E 178 17.16 -19.73 -42.23
N ASP E 179 16.01 -19.43 -42.82
CA ASP E 179 14.74 -20.15 -42.65
C ASP E 179 14.84 -21.56 -43.26
N GLY E 180 14.26 -22.57 -42.62
CA GLY E 180 13.98 -23.90 -43.20
C GLY E 180 15.19 -24.80 -43.46
N VAL E 181 16.35 -24.60 -42.82
CA VAL E 181 17.62 -25.35 -43.11
C VAL E 181 18.43 -25.73 -41.87
N PHE E 182 18.17 -25.14 -40.69
CA PHE E 182 18.83 -25.49 -39.42
C PHE E 182 18.00 -26.61 -38.78
N PRO E 183 18.46 -27.89 -38.76
CA PRO E 183 17.59 -28.96 -38.31
C PRO E 183 17.28 -28.77 -36.81
N VAL E 184 16.01 -28.90 -36.47
CA VAL E 184 15.60 -28.79 -35.04
C VAL E 184 16.45 -29.78 -34.22
N GLU E 185 16.61 -30.99 -34.72
CA GLU E 185 17.28 -32.08 -34.00
C GLU E 185 18.79 -31.83 -33.82
N ALA E 186 19.38 -30.77 -34.41
CA ALA E 186 20.83 -30.51 -34.30
C ALA E 186 21.12 -29.15 -33.66
N TRP E 187 20.15 -28.25 -33.47
CA TRP E 187 20.39 -26.93 -32.88
C TRP E 187 19.35 -26.65 -31.78
N GLY E 188 19.76 -26.00 -30.71
CA GLY E 188 18.86 -25.37 -29.73
C GLY E 188 19.36 -23.98 -29.32
N PRO E 189 18.56 -23.23 -28.54
CA PRO E 189 18.97 -21.92 -28.07
C PRO E 189 20.19 -22.05 -27.14
N ASP E 190 21.16 -21.17 -27.36
CA ASP E 190 22.37 -21.07 -26.51
C ASP E 190 22.05 -20.22 -25.26
N PRO E 191 22.00 -20.84 -24.05
CA PRO E 191 21.79 -20.09 -22.82
C PRO E 191 22.99 -19.24 -22.40
N PHE E 192 24.17 -19.50 -22.98
CA PHE E 192 25.43 -18.78 -22.71
C PHE E 192 25.45 -17.42 -23.46
N LYS E 193 24.55 -17.24 -24.42
CA LYS E 193 24.46 -16.00 -25.22
C LYS E 193 23.01 -15.53 -25.15
N ASN E 194 22.49 -14.94 -26.23
CA ASN E 194 21.09 -14.45 -26.34
C ASN E 194 20.74 -13.43 -25.24
N GLU E 195 21.66 -12.51 -24.91
CA GLU E 195 21.39 -11.43 -23.94
C GLU E 195 20.36 -10.46 -24.54
N ASN E 196 20.20 -10.46 -25.86
CA ASN E 196 19.34 -9.51 -26.58
C ASN E 196 18.15 -10.23 -27.24
N THR E 197 17.82 -11.45 -26.79
CA THR E 197 16.69 -12.31 -27.26
C THR E 197 16.00 -12.94 -26.03
N ARG E 198 14.70 -13.08 -26.04
CA ARG E 198 13.95 -13.91 -25.07
C ARG E 198 13.54 -15.15 -25.87
N TYR E 199 13.83 -16.35 -25.36
CA TYR E 199 13.33 -17.60 -25.99
C TYR E 199 12.54 -18.39 -24.95
N PHE E 200 11.58 -19.16 -25.43
CA PHE E 200 10.64 -20.01 -24.66
C PHE E 200 10.43 -21.30 -25.43
N GLY E 201 10.44 -22.42 -24.72
CA GLY E 201 10.42 -23.76 -25.33
C GLY E 201 9.74 -24.77 -24.45
N GLN E 202 8.97 -25.66 -25.07
CA GLN E 202 8.40 -26.84 -24.41
C GLN E 202 8.51 -28.04 -25.37
N TYR E 203 8.97 -29.17 -24.87
CA TYR E 203 8.98 -30.48 -25.56
C TYR E 203 8.14 -31.44 -24.73
N THR E 204 7.19 -32.14 -25.34
CA THR E 204 6.57 -33.36 -24.77
C THR E 204 6.88 -34.48 -25.75
N GLY E 205 7.45 -35.61 -25.31
CA GLY E 205 7.91 -36.63 -26.27
C GLY E 205 6.86 -37.68 -26.60
N GLY E 206 7.29 -38.77 -27.25
CA GLY E 206 6.47 -39.98 -27.48
C GLY E 206 5.92 -39.96 -28.90
N THR E 207 5.24 -41.01 -29.31
CA THR E 207 4.73 -41.15 -30.69
C THR E 207 3.20 -41.29 -30.68
N GLN E 208 2.62 -41.73 -29.56
CA GLN E 208 1.13 -41.79 -29.40
C GLN E 208 0.64 -40.78 -28.35
N THR E 209 1.49 -39.88 -27.86
CA THR E 209 1.11 -38.83 -26.89
C THR E 209 -0.03 -37.99 -27.45
N PRO E 210 -1.07 -37.65 -26.65
CA PRO E 210 -2.09 -36.70 -27.10
C PRO E 210 -1.50 -35.30 -27.22
N PRO E 211 -1.60 -34.62 -28.38
CA PRO E 211 -1.19 -33.23 -28.46
C PRO E 211 -2.11 -32.35 -27.57
N VAL E 212 -1.51 -31.34 -26.93
CA VAL E 212 -2.20 -30.33 -26.08
C VAL E 212 -1.81 -28.96 -26.62
N LEU E 213 -2.76 -28.22 -27.17
CA LEU E 213 -2.52 -26.85 -27.68
C LEU E 213 -3.61 -25.93 -27.11
N THR E 214 -3.24 -24.70 -26.79
CA THR E 214 -4.20 -23.64 -26.40
C THR E 214 -4.01 -22.45 -27.35
N PHE E 215 -5.03 -21.60 -27.48
CA PHE E 215 -4.92 -20.36 -28.28
C PHE E 215 -5.90 -19.33 -27.72
N THR E 216 -5.51 -18.06 -27.77
CA THR E 216 -6.30 -16.90 -27.27
C THR E 216 -5.60 -15.66 -27.78
N ASN E 217 -6.36 -14.57 -27.89
CA ASN E 217 -5.81 -13.25 -28.31
C ASN E 217 -5.72 -12.41 -27.04
N THR E 218 -5.78 -13.02 -25.84
CA THR E 218 -5.93 -12.30 -24.55
C THR E 218 -4.62 -12.30 -23.72
N GLN E 219 -3.54 -12.92 -24.19
CA GLN E 219 -2.32 -13.16 -23.35
C GLN E 219 -1.18 -12.29 -23.89
N THR E 220 -0.59 -11.43 -23.05
CA THR E 220 0.63 -10.64 -23.39
C THR E 220 1.79 -11.19 -22.56
N THR E 221 2.93 -11.42 -23.18
CA THR E 221 4.18 -11.77 -22.47
C THR E 221 5.03 -10.51 -22.46
N ILE E 222 5.57 -10.17 -21.29
CA ILE E 222 6.48 -9.00 -21.11
C ILE E 222 7.88 -9.48 -21.51
N LEU E 223 8.64 -8.65 -22.24
CA LEU E 223 9.96 -9.00 -22.80
C LEU E 223 11.07 -8.18 -22.12
N LEU E 224 10.72 -7.42 -21.08
CA LEU E 224 11.73 -6.62 -20.33
C LEU E 224 12.53 -7.60 -19.47
N ASP E 225 13.85 -7.42 -19.45
CA ASP E 225 14.78 -8.16 -18.55
C ASP E 225 14.68 -7.56 -17.14
N GLU E 226 15.42 -8.11 -16.17
CA GLU E 226 15.41 -7.68 -14.75
C GLU E 226 15.63 -6.15 -14.65
N ASN E 227 16.37 -5.55 -15.60
CA ASN E 227 16.73 -4.12 -15.61
C ASN E 227 15.65 -3.25 -16.29
N GLY E 228 14.54 -3.83 -16.75
CA GLY E 228 13.49 -3.06 -17.45
C GLY E 228 13.85 -2.78 -18.90
N VAL E 229 14.80 -3.53 -19.46
CA VAL E 229 15.27 -3.36 -20.88
C VAL E 229 14.73 -4.52 -21.72
N GLY E 230 14.06 -4.17 -22.82
CA GLY E 230 13.59 -5.16 -23.80
C GLY E 230 14.68 -5.44 -24.82
N PRO E 231 14.52 -6.44 -25.70
CA PRO E 231 15.39 -6.56 -26.87
C PRO E 231 15.50 -5.29 -27.73
N LEU E 232 16.75 -4.92 -28.04
CA LEU E 232 17.11 -3.68 -28.75
C LEU E 232 17.43 -4.02 -30.21
N CYS E 233 16.70 -3.46 -31.16
CA CYS E 233 16.66 -3.99 -32.55
C CYS E 233 17.82 -3.41 -33.35
N LYS E 234 18.95 -4.11 -33.33
CA LYS E 234 20.19 -3.73 -34.04
C LYS E 234 19.88 -3.61 -35.54
N GLY E 235 20.31 -2.50 -36.13
CA GLY E 235 20.09 -2.16 -37.55
C GLY E 235 18.62 -2.08 -37.88
N ASP E 236 17.77 -1.81 -36.89
CA ASP E 236 16.30 -1.60 -37.03
C ASP E 236 15.62 -2.89 -37.49
N GLY E 237 16.21 -4.06 -37.14
CA GLY E 237 15.69 -5.39 -37.48
C GLY E 237 15.13 -6.09 -36.24
N LEU E 238 13.98 -6.71 -36.39
CA LEU E 238 13.31 -7.52 -35.33
C LEU E 238 13.37 -8.99 -35.77
N PHE E 239 14.05 -9.83 -35.00
CA PHE E 239 14.31 -11.25 -35.35
C PHE E 239 13.28 -12.16 -34.65
N LEU E 240 12.50 -12.90 -35.45
CA LEU E 240 11.48 -13.88 -34.99
C LEU E 240 11.93 -15.27 -35.42
N SER E 241 11.83 -16.24 -34.51
CA SER E 241 12.22 -17.64 -34.75
C SER E 241 11.21 -18.53 -34.05
N CYS E 242 10.90 -19.65 -34.67
CA CYS E 242 10.09 -20.69 -34.00
C CYS E 242 10.33 -22.08 -34.59
N ALA E 243 9.74 -23.03 -33.91
CA ALA E 243 9.49 -24.41 -34.40
C ALA E 243 8.24 -24.91 -33.66
N ASP E 244 7.29 -25.43 -34.43
CA ASP E 244 5.99 -25.88 -33.86
C ASP E 244 5.63 -27.27 -34.42
N ILE E 245 6.40 -28.27 -34.05
CA ILE E 245 6.02 -29.70 -34.26
C ILE E 245 4.78 -30.03 -33.41
N VAL E 246 3.69 -30.43 -34.05
CA VAL E 246 2.41 -30.78 -33.38
C VAL E 246 2.41 -32.27 -33.03
N GLY E 247 3.00 -33.11 -33.87
CA GLY E 247 3.09 -34.55 -33.68
C GLY E 247 3.23 -35.22 -35.03
N PHE E 248 2.73 -36.44 -35.19
CA PHE E 248 2.90 -37.24 -36.42
C PHE E 248 1.55 -37.59 -37.06
N PHE E 249 1.61 -37.61 -38.39
CA PHE E 249 0.51 -38.05 -39.27
C PHE E 249 0.80 -39.49 -39.67
N THR E 250 -0.04 -40.43 -39.24
CA THR E 250 0.12 -41.88 -39.60
C THR E 250 -0.86 -42.32 -40.70
N GLN E 251 -0.31 -42.84 -41.80
CA GLN E 251 -1.04 -43.32 -43.01
C GLN E 251 -1.64 -44.69 -42.72
N HIS E 252 -2.49 -45.18 -43.62
CA HIS E 252 -3.06 -46.56 -43.50
C HIS E 252 -1.90 -47.58 -43.41
N ASN E 253 -0.87 -47.42 -44.23
CA ASN E 253 0.30 -48.36 -44.32
C ASN E 253 1.34 -48.09 -43.22
N LYS E 254 1.03 -47.26 -42.21
CA LYS E 254 1.80 -47.00 -40.95
C LYS E 254 2.99 -46.05 -41.14
N LYS E 255 3.15 -45.48 -42.33
CA LYS E 255 4.18 -44.45 -42.62
C LYS E 255 3.80 -43.19 -41.85
N MET E 256 4.78 -42.64 -41.16
CA MET E 256 4.60 -41.52 -40.22
C MET E 256 5.42 -40.34 -40.71
N SER E 257 4.82 -39.15 -40.65
CA SER E 257 5.39 -37.83 -41.05
C SER E 257 5.14 -36.84 -39.91
N PHE E 258 6.08 -35.93 -39.65
CA PHE E 258 5.88 -34.76 -38.77
C PHE E 258 4.83 -33.85 -39.43
N ARG E 259 3.92 -33.33 -38.61
CA ARG E 259 2.98 -32.23 -38.96
C ARG E 259 3.36 -31.02 -38.09
N GLY E 260 3.43 -29.85 -38.71
CA GLY E 260 3.68 -28.58 -38.01
C GLY E 260 2.57 -27.57 -38.22
N LEU E 261 2.57 -26.51 -37.42
CA LEU E 261 1.61 -25.39 -37.57
C LEU E 261 2.34 -24.06 -37.62
N PRO E 262 1.73 -23.10 -38.33
CA PRO E 262 2.31 -21.76 -38.46
C PRO E 262 2.15 -21.04 -37.12
N ARG E 263 2.94 -20.00 -36.93
CA ARG E 263 2.95 -19.19 -35.69
C ARG E 263 2.73 -17.69 -35.99
N TYR E 264 1.82 -17.11 -35.20
CA TYR E 264 1.51 -15.66 -35.18
C TYR E 264 2.35 -15.00 -34.12
N PHE E 265 2.87 -13.82 -34.44
CA PHE E 265 3.56 -12.91 -33.51
C PHE E 265 2.98 -11.51 -33.69
N ARG E 266 2.69 -10.84 -32.57
CA ARG E 266 2.49 -9.38 -32.45
C ARG E 266 3.55 -8.86 -31.48
N VAL E 267 4.34 -7.87 -31.89
CA VAL E 267 5.41 -7.30 -31.03
C VAL E 267 5.15 -5.80 -30.89
N THR E 268 5.16 -5.31 -29.66
CA THR E 268 5.03 -3.87 -29.31
C THR E 268 6.43 -3.35 -29.00
N LEU E 269 6.86 -2.28 -29.68
CA LEU E 269 8.22 -1.69 -29.53
C LEU E 269 8.08 -0.21 -29.17
N ARG E 270 9.06 0.31 -28.44
CA ARG E 270 9.16 1.74 -28.05
C ARG E 270 10.52 2.29 -28.50
N LYS E 271 10.61 3.60 -28.72
CA LYS E 271 11.89 4.28 -29.03
C LYS E 271 12.67 4.38 -27.70
N ARG E 272 13.95 4.00 -27.72
CA ARG E 272 14.82 4.03 -26.53
C ARG E 272 16.15 4.68 -26.94
N VAL E 273 16.69 5.60 -26.15
CA VAL E 273 17.95 6.29 -26.50
C VAL E 273 19.12 5.47 -25.92
N VAL E 274 20.21 5.37 -26.69
CA VAL E 274 21.38 4.51 -26.38
C VAL E 274 22.67 5.26 -26.77
N LYS E 275 23.83 4.65 -26.49
CA LYS E 275 25.19 5.23 -26.68
C LYS E 275 25.39 6.37 -25.68
N GLY F 6 -33.24 15.56 0.99
CA GLY F 6 -34.39 15.04 0.19
C GLY F 6 -33.92 14.41 -1.12
N ILE F 7 -32.84 14.95 -1.73
CA ILE F 7 -32.31 14.46 -3.04
C ILE F 7 -31.66 13.08 -2.85
N GLU F 8 -32.10 12.09 -3.64
CA GLU F 8 -31.48 10.74 -3.72
C GLU F 8 -30.34 10.85 -4.75
N VAL F 9 -29.10 10.85 -4.26
CA VAL F 9 -27.86 11.08 -5.07
C VAL F 9 -27.45 9.71 -5.62
N LEU F 10 -27.20 9.63 -6.93
CA LEU F 10 -26.83 8.38 -7.65
C LEU F 10 -25.36 8.50 -8.11
N ALA F 11 -25.06 8.13 -9.34
CA ALA F 11 -23.68 7.98 -9.84
C ALA F 11 -23.14 9.34 -10.31
N VAL F 12 -21.82 9.50 -10.21
CA VAL F 12 -21.03 10.60 -10.84
C VAL F 12 -20.83 10.30 -12.35
N ARG F 13 -21.00 11.31 -13.20
CA ARG F 13 -20.55 11.24 -14.62
C ARG F 13 -19.06 11.60 -14.68
N THR F 14 -18.29 11.06 -15.64
CA THR F 14 -16.80 11.20 -15.68
C THR F 14 -16.22 11.53 -17.07
N GLY F 15 -17.00 12.08 -18.00
CA GLY F 15 -16.49 12.37 -19.36
C GLY F 15 -15.62 13.64 -19.43
N PRO F 16 -14.97 13.91 -20.59
CA PRO F 16 -14.30 15.19 -20.80
C PRO F 16 -15.30 16.36 -20.70
N ASP F 17 -16.59 16.07 -20.91
CA ASP F 17 -17.73 17.02 -20.88
C ASP F 17 -18.37 17.13 -19.48
N SER F 18 -17.97 16.30 -18.51
CA SER F 18 -18.69 16.10 -17.23
C SER F 18 -18.31 17.14 -16.16
N ILE F 19 -17.30 17.98 -16.43
CA ILE F 19 -16.71 18.96 -15.47
C ILE F 19 -16.87 20.37 -16.05
N THR F 20 -17.32 21.32 -15.23
CA THR F 20 -17.34 22.75 -15.61
C THR F 20 -16.64 23.54 -14.50
N GLU F 21 -16.17 24.73 -14.85
CA GLU F 21 -15.49 25.65 -13.91
C GLU F 21 -16.18 27.00 -14.04
N ILE F 22 -16.47 27.64 -12.90
CA ILE F 22 -16.92 29.05 -12.89
C ILE F 22 -15.90 29.83 -12.07
N GLU F 23 -15.75 31.11 -12.44
CA GLU F 23 -14.98 32.11 -11.68
C GLU F 23 -15.91 33.29 -11.42
N ALA F 24 -15.98 33.74 -10.18
CA ALA F 24 -16.80 34.91 -9.80
C ALA F 24 -16.04 35.74 -8.77
N TYR F 25 -16.42 37.01 -8.62
CA TYR F 25 -15.92 37.93 -7.58
C TYR F 25 -17.13 38.41 -6.78
N LEU F 26 -16.90 38.69 -5.51
CA LEU F 26 -17.93 39.35 -4.67
C LEU F 26 -17.21 40.58 -4.14
N ASN F 27 -17.65 41.75 -4.58
CA ASN F 27 -17.21 43.06 -4.05
C ASN F 27 -17.72 43.18 -2.61
N PRO F 28 -16.92 43.79 -1.71
CA PRO F 28 -17.31 43.98 -0.31
C PRO F 28 -18.47 44.97 -0.19
N ARG F 29 -19.22 44.87 0.91
CA ARG F 29 -20.38 45.73 1.22
C ARG F 29 -20.16 46.33 2.60
N MET F 30 -19.14 47.20 2.74
CA MET F 30 -18.73 47.79 4.05
C MET F 30 -19.66 48.93 4.49
N GLY F 31 -20.39 49.53 3.56
CA GLY F 31 -21.54 50.41 3.88
C GLY F 31 -21.67 51.57 2.92
N GLN F 32 -20.56 52.19 2.54
CA GLN F 32 -20.60 53.37 1.64
C GLN F 32 -21.05 52.89 0.26
N PRO F 33 -21.81 53.72 -0.49
CA PRO F 33 -22.39 53.31 -1.76
C PRO F 33 -21.37 53.04 -2.88
N GLN F 34 -21.75 52.14 -3.80
CA GLN F 34 -20.99 51.76 -5.01
C GLN F 34 -20.72 53.02 -5.83
N ASN F 35 -19.55 53.07 -6.45
CA ASN F 35 -19.20 54.02 -7.53
C ASN F 35 -19.28 55.45 -6.99
N GLU F 36 -19.16 55.60 -5.68
CA GLU F 36 -18.88 56.90 -5.02
C GLU F 36 -17.51 56.79 -4.33
N ASP F 37 -16.94 57.89 -3.88
CA ASP F 37 -15.50 58.03 -3.55
C ASP F 37 -15.09 57.10 -2.38
N PHE F 38 -16.02 56.60 -1.55
CA PHE F 38 -15.66 55.77 -0.36
C PHE F 38 -16.07 54.31 -0.53
N TYR F 39 -16.27 53.86 -1.76
CA TYR F 39 -16.57 52.44 -2.06
C TYR F 39 -15.40 51.55 -1.61
N GLY F 40 -15.70 50.55 -0.76
CA GLY F 40 -14.73 49.68 -0.08
C GLY F 40 -14.68 49.95 1.43
N PHE F 41 -15.16 51.14 1.86
CA PHE F 41 -15.27 51.58 3.28
C PHE F 41 -16.72 51.61 3.74
N SER F 42 -16.92 51.48 5.06
CA SER F 42 -18.09 51.98 5.81
C SER F 42 -17.89 53.49 5.90
N ASP F 43 -18.93 54.21 6.26
CA ASP F 43 -18.87 55.62 6.71
C ASP F 43 -18.29 55.59 8.14
N ASN F 44 -17.95 56.75 8.69
CA ASN F 44 -17.29 56.87 10.01
C ASN F 44 -18.21 56.33 11.09
N VAL F 45 -17.67 55.44 11.93
CA VAL F 45 -18.43 54.71 12.97
C VAL F 45 -18.76 55.65 14.12
N THR F 46 -20.03 55.76 14.45
CA THR F 46 -20.50 56.45 15.66
C THR F 46 -20.75 55.37 16.70
N VAL F 47 -20.79 55.75 17.97
CA VAL F 47 -20.87 54.79 19.10
C VAL F 47 -21.93 55.31 20.05
N SER F 48 -22.87 54.43 20.40
CA SER F 48 -24.03 54.76 21.27
C SER F 48 -23.52 55.03 22.69
N ASP F 49 -24.29 55.74 23.49
CA ASP F 49 -23.99 55.95 24.94
C ASP F 49 -24.43 54.73 25.76
N ASP F 50 -25.41 53.97 25.29
CA ASP F 50 -25.99 52.83 26.06
C ASP F 50 -26.69 51.87 25.09
N PHE F 51 -27.01 50.64 25.56
CA PHE F 51 -27.68 49.61 24.73
C PHE F 51 -29.09 50.07 24.32
N GLY F 52 -29.78 50.80 25.21
CA GLY F 52 -31.18 51.22 25.03
C GLY F 52 -31.36 52.16 23.85
N SER F 53 -30.44 53.12 23.64
CA SER F 53 -30.55 54.18 22.61
C SER F 53 -29.70 53.85 21.37
N ASP F 54 -29.17 52.64 21.26
CA ASP F 54 -28.21 52.18 20.22
C ASP F 54 -28.92 52.08 18.84
N ALA F 55 -28.45 52.82 17.82
CA ALA F 55 -29.06 52.89 16.47
C ALA F 55 -27.97 53.12 15.43
N PRO F 56 -27.29 52.07 14.94
CA PRO F 56 -26.19 52.26 14.00
C PRO F 56 -26.75 52.83 12.69
N PRO F 57 -26.37 54.05 12.28
CA PRO F 57 -26.84 54.57 10.99
C PRO F 57 -26.39 53.74 9.78
N TRP F 58 -27.25 53.70 8.79
CA TRP F 58 -26.97 52.96 7.54
C TRP F 58 -25.70 53.56 6.93
N LYS F 59 -24.83 52.69 6.44
CA LYS F 59 -23.50 52.97 5.81
C LYS F 59 -22.38 52.78 6.84
N GLN F 60 -22.67 52.70 8.15
CA GLN F 60 -21.65 52.67 9.22
C GLN F 60 -21.37 51.23 9.69
N PHE F 61 -21.96 50.21 9.06
CA PHE F 61 -21.64 48.80 9.36
C PHE F 61 -21.63 47.96 8.08
N PRO F 62 -20.77 46.91 8.08
CA PRO F 62 -20.72 45.95 6.99
C PRO F 62 -21.85 44.93 6.95
N CYS F 63 -22.16 44.49 5.74
CA CYS F 63 -23.16 43.46 5.45
C CYS F 63 -22.52 42.34 4.61
N TYR F 64 -23.17 41.19 4.52
CA TYR F 64 -22.65 40.07 3.71
C TYR F 64 -22.72 40.41 2.23
N SER F 65 -21.79 39.85 1.47
CA SER F 65 -21.83 39.77 0.00
C SER F 65 -22.43 38.42 -0.37
N THR F 66 -23.29 38.36 -1.38
CA THR F 66 -23.79 37.08 -1.92
C THR F 66 -24.15 37.28 -3.39
N ALA F 67 -24.00 36.21 -4.16
CA ALA F 67 -24.45 36.10 -5.56
C ALA F 67 -24.94 34.67 -5.81
N ARG F 68 -26.00 34.57 -6.61
CA ARG F 68 -26.41 33.31 -7.29
C ARG F 68 -25.66 33.26 -8.62
N ILE F 69 -24.83 32.25 -8.83
CA ILE F 69 -24.21 32.06 -10.16
C ILE F 69 -25.10 31.11 -10.98
N SER F 70 -25.57 31.54 -12.16
CA SER F 70 -26.37 30.69 -13.08
C SER F 70 -25.41 29.70 -13.75
N LEU F 71 -25.64 28.39 -13.59
CA LEU F 71 -24.79 27.30 -14.17
C LEU F 71 -25.41 26.87 -15.50
N PRO F 72 -24.65 26.21 -16.43
CA PRO F 72 -25.26 25.67 -17.64
C PRO F 72 -26.45 24.76 -17.30
N MET F 73 -27.57 24.92 -17.99
CA MET F 73 -28.75 24.06 -17.75
C MET F 73 -28.59 22.76 -18.55
N LEU F 74 -28.29 21.66 -17.86
CA LEU F 74 -27.89 20.32 -18.39
C LEU F 74 -29.06 19.53 -18.96
N ASN F 75 -30.23 19.63 -18.36
CA ASN F 75 -31.34 18.68 -18.64
C ASN F 75 -32.29 19.28 -19.67
N GLN F 76 -32.35 18.65 -20.85
CA GLN F 76 -33.30 19.00 -21.93
C GLN F 76 -34.72 18.72 -21.47
N ASP F 77 -34.92 17.80 -20.51
CA ASP F 77 -36.25 17.44 -19.94
C ASP F 77 -36.10 17.29 -18.41
N MET F 78 -36.82 18.11 -17.64
CA MET F 78 -36.76 18.12 -16.15
C MET F 78 -37.82 17.18 -15.58
N THR F 79 -38.47 16.36 -16.41
CA THR F 79 -39.55 15.45 -15.94
C THR F 79 -39.05 14.00 -15.87
N SER F 80 -37.91 13.65 -16.49
CA SER F 80 -37.48 12.23 -16.54
C SER F 80 -37.22 11.74 -15.09
N ASP F 81 -37.04 10.43 -14.91
CA ASP F 81 -37.03 9.76 -13.58
C ASP F 81 -35.71 10.08 -12.86
N THR F 82 -34.66 10.44 -13.61
CA THR F 82 -33.37 10.96 -13.06
C THR F 82 -32.98 12.23 -13.84
N ILE F 83 -32.33 13.19 -13.15
CA ILE F 83 -31.74 14.38 -13.82
C ILE F 83 -30.27 14.45 -13.43
N LEU F 84 -29.51 15.27 -14.16
CA LEU F 84 -28.14 15.69 -13.79
C LEU F 84 -28.26 16.94 -12.90
N MET F 85 -27.43 17.03 -11.87
CA MET F 85 -27.22 18.31 -11.15
C MET F 85 -25.72 18.58 -11.12
N TRP F 86 -25.34 19.85 -11.16
CA TRP F 86 -23.95 20.24 -10.90
C TRP F 86 -23.67 20.01 -9.43
N GLU F 87 -22.59 19.28 -9.20
CA GLU F 87 -22.01 19.03 -7.85
C GLU F 87 -20.72 19.83 -7.70
N ALA F 88 -20.62 20.75 -6.73
CA ALA F 88 -19.37 21.51 -6.45
C ALA F 88 -18.41 20.56 -5.71
N ILE F 89 -17.28 20.19 -6.33
CA ILE F 89 -16.31 19.20 -5.77
C ILE F 89 -15.09 19.91 -5.18
N SER F 90 -14.70 21.06 -5.72
CA SER F 90 -13.57 21.87 -5.19
C SER F 90 -13.76 23.35 -5.50
N CYS F 91 -12.95 24.14 -4.82
CA CYS F 91 -12.87 25.60 -5.03
C CYS F 91 -11.44 26.06 -4.77
N ARG F 92 -11.09 27.15 -5.44
CA ARG F 92 -10.05 28.10 -5.03
C ARG F 92 -10.80 29.38 -4.64
N THR F 93 -10.38 29.98 -3.53
CA THR F 93 -10.81 31.34 -3.15
C THR F 93 -9.61 32.16 -2.68
N GLU F 94 -9.65 33.45 -3.00
CA GLU F 94 -8.56 34.41 -2.75
C GLU F 94 -9.23 35.73 -2.37
N VAL F 95 -8.77 36.35 -1.31
CA VAL F 95 -9.02 37.78 -1.03
C VAL F 95 -8.16 38.57 -2.03
N MET F 96 -8.75 39.47 -2.77
CA MET F 96 -8.01 40.20 -3.83
C MET F 96 -7.69 41.60 -3.30
N GLY F 97 -6.68 42.27 -3.87
CA GLY F 97 -6.33 43.65 -3.57
C GLY F 97 -5.55 43.82 -2.27
N VAL F 98 -4.91 42.76 -1.78
CA VAL F 98 -4.15 42.76 -0.48
C VAL F 98 -3.03 43.81 -0.66
N ASN F 99 -2.48 43.90 -1.88
CA ASN F 99 -1.46 44.89 -2.33
C ASN F 99 -1.79 46.29 -1.81
N MET F 100 -3.06 46.65 -1.76
CA MET F 100 -3.45 48.05 -1.51
C MET F 100 -3.10 48.45 -0.06
N LEU F 101 -2.96 47.47 0.83
CA LEU F 101 -2.71 47.69 2.30
C LEU F 101 -1.24 48.10 2.54
N THR F 102 -0.40 48.06 1.51
CA THR F 102 0.95 48.66 1.51
C THR F 102 0.86 50.20 1.37
N ASN F 103 -0.32 50.79 1.18
CA ASN F 103 -0.56 52.26 1.25
C ASN F 103 -0.54 52.80 2.70
N VAL F 104 0.47 53.61 3.06
CA VAL F 104 0.52 54.32 4.35
C VAL F 104 0.69 55.82 4.12
N HIS F 105 0.12 56.35 3.04
CA HIS F 105 0.24 57.80 2.68
C HIS F 105 -1.13 58.48 2.57
N SER F 106 -2.22 57.72 2.45
CA SER F 106 -3.53 58.26 2.00
C SER F 106 -4.35 58.70 3.22
N ALA F 107 -4.20 59.94 3.68
CA ALA F 107 -5.11 60.61 4.65
C ALA F 107 -5.24 59.81 5.93
N GLN F 108 -4.13 59.25 6.40
CA GLN F 108 -4.14 58.34 7.58
C GLN F 108 -3.52 59.05 8.78
N LYS F 109 -4.08 58.82 9.97
CA LYS F 109 -3.46 59.23 11.24
C LYS F 109 -2.03 58.66 11.26
N ARG F 110 -1.04 59.52 11.52
CA ARG F 110 0.41 59.18 11.47
C ARG F 110 0.85 58.39 12.71
N VAL F 111 1.90 57.60 12.56
CA VAL F 111 2.52 56.85 13.69
C VAL F 111 2.92 57.81 14.81
N TYR F 112 3.55 58.97 14.50
CA TYR F 112 3.94 60.02 15.49
C TYR F 112 3.15 61.31 15.26
N GLU F 113 1.85 61.28 15.57
CA GLU F 113 0.89 62.38 15.28
C GLU F 113 1.34 63.68 15.98
N ASN F 114 1.84 63.59 17.22
CA ASN F 114 2.37 64.71 18.06
C ASN F 114 3.67 65.28 17.48
N ASP F 115 4.28 64.57 16.53
CA ASP F 115 5.50 65.07 15.82
C ASP F 115 5.11 65.43 14.40
N ARG F 116 3.86 65.19 14.00
CA ARG F 116 3.36 65.22 12.60
C ARG F 116 4.38 64.48 11.73
N GLU F 117 4.75 63.27 12.16
CA GLU F 117 5.85 62.49 11.55
C GLU F 117 5.46 61.02 11.46
N GLY F 118 6.10 60.32 10.54
CA GLY F 118 5.92 58.87 10.36
C GLY F 118 5.02 58.57 9.19
N THR F 119 4.91 57.29 8.90
CA THR F 119 3.89 56.81 7.93
C THR F 119 2.50 57.00 8.55
N GLY F 120 1.46 56.87 7.71
CA GLY F 120 0.13 56.49 8.16
C GLY F 120 0.23 55.22 9.01
N ILE F 121 -0.70 55.02 9.92
CA ILE F 121 -0.78 53.74 10.70
C ILE F 121 -1.35 52.64 9.82
N GLY F 122 -1.86 52.98 8.63
CA GLY F 122 -2.44 52.01 7.70
C GLY F 122 -3.75 51.43 8.21
N VAL F 123 -4.17 50.29 7.70
CA VAL F 123 -5.39 49.53 8.12
C VAL F 123 -4.97 48.60 9.26
N GLU F 124 -5.63 48.75 10.40
CA GLU F 124 -5.46 47.80 11.51
C GLU F 124 -6.79 47.63 12.22
N GLY F 125 -6.82 46.59 13.06
CA GLY F 125 -7.98 46.26 13.91
C GLY F 125 -8.55 44.94 13.47
N MET F 126 -9.85 44.75 13.65
CA MET F 126 -10.45 43.41 13.51
C MET F 126 -10.41 42.94 12.05
N GLY F 127 -10.14 41.67 11.86
CA GLY F 127 -10.26 40.95 10.60
C GLY F 127 -11.40 39.95 10.72
N TYR F 128 -12.38 40.05 9.85
CA TYR F 128 -13.45 39.01 9.78
C TYR F 128 -13.52 38.50 8.35
N HIS F 129 -13.22 37.23 8.16
CA HIS F 129 -13.06 36.62 6.82
C HIS F 129 -13.85 35.32 6.81
N MET F 130 -14.80 35.23 5.89
CA MET F 130 -15.71 34.07 5.83
C MET F 130 -16.19 33.95 4.41
N PHE F 131 -16.26 32.71 3.92
CA PHE F 131 -16.81 32.34 2.61
C PHE F 131 -17.67 31.08 2.80
N ALA F 132 -18.64 30.96 1.91
CA ALA F 132 -19.58 29.83 1.83
C ALA F 132 -19.84 29.55 0.35
N ILE F 133 -19.81 28.27 0.02
CA ILE F 133 -20.13 27.73 -1.33
C ILE F 133 -21.24 26.72 -1.11
N GLY F 134 -22.32 26.87 -1.86
CA GLY F 134 -23.52 26.06 -1.63
C GLY F 134 -24.38 25.88 -2.86
N GLY F 135 -25.29 24.90 -2.79
CA GLY F 135 -26.33 24.65 -3.80
C GLY F 135 -27.62 25.40 -3.51
N GLU F 136 -27.60 26.22 -2.48
CA GLU F 136 -28.80 26.98 -2.06
C GLU F 136 -28.30 28.10 -1.16
N PRO F 137 -29.12 29.11 -0.87
CA PRO F 137 -28.66 30.22 -0.03
C PRO F 137 -28.12 29.71 1.30
N LEU F 138 -27.08 30.38 1.77
CA LEU F 138 -26.47 30.14 3.10
C LEU F 138 -27.54 30.27 4.19
N GLU F 139 -27.62 29.27 5.07
CA GLU F 139 -28.61 29.29 6.17
C GLU F 139 -27.96 29.99 7.35
N LEU F 140 -28.73 30.91 7.93
CA LEU F 140 -28.24 31.94 8.86
C LEU F 140 -28.90 31.78 10.23
N GLN F 141 -28.11 32.04 11.25
CA GLN F 141 -28.58 32.21 12.64
C GLN F 141 -28.50 33.69 12.95
N PHE F 142 -29.61 34.29 13.36
CA PHE F 142 -29.65 35.68 13.85
C PHE F 142 -29.05 35.66 15.26
N MET F 143 -28.06 36.53 15.49
CA MET F 143 -27.47 36.75 16.83
C MET F 143 -26.74 38.10 16.84
N VAL F 144 -27.01 38.88 17.88
CA VAL F 144 -26.52 40.28 18.01
C VAL F 144 -25.87 40.45 19.40
N PHE F 145 -24.90 41.37 19.44
CA PHE F 145 -24.19 41.87 20.66
C PHE F 145 -25.21 42.53 21.62
N ASN F 146 -26.09 43.37 21.08
CA ASN F 146 -27.11 44.14 21.85
C ASN F 146 -28.45 44.00 21.11
N HIS F 147 -29.39 43.30 21.73
CA HIS F 147 -30.74 43.04 21.16
C HIS F 147 -31.52 44.35 20.94
N ARG F 148 -31.22 45.39 21.70
CA ARG F 148 -31.97 46.68 21.73
C ARG F 148 -31.48 47.61 20.62
N ALA F 149 -30.48 47.21 19.85
CA ALA F 149 -29.99 48.02 18.72
C ALA F 149 -31.14 48.17 17.71
N THR F 150 -31.42 49.39 17.31
CA THR F 150 -32.38 49.69 16.22
C THR F 150 -31.61 49.73 14.91
N TYR F 151 -31.77 48.71 14.05
CA TYR F 151 -31.09 48.68 12.74
C TYR F 151 -31.89 49.57 11.77
N PRO F 152 -31.23 50.20 10.78
CA PRO F 152 -31.90 51.08 9.83
C PRO F 152 -32.77 50.30 8.85
N ALA F 153 -33.70 50.98 8.19
CA ALA F 153 -34.71 50.37 7.30
C ALA F 153 -34.03 49.67 6.12
N GLU F 154 -32.87 50.15 5.67
CA GLU F 154 -32.12 49.54 4.55
C GLU F 154 -31.63 48.13 4.90
N ALA F 155 -31.44 47.78 6.17
CA ALA F 155 -30.86 46.47 6.53
C ALA F 155 -31.98 45.46 6.69
N THR F 156 -31.67 44.19 6.48
CA THR F 156 -32.53 43.02 6.76
C THR F 156 -32.15 42.42 8.11
N VAL F 157 -33.02 42.62 9.11
CA VAL F 157 -32.83 42.06 10.46
C VAL F 157 -34.15 41.52 10.96
N ILE F 158 -34.10 40.74 12.03
CA ILE F 158 -35.30 40.40 12.83
C ILE F 158 -35.59 41.60 13.74
N LYS F 159 -36.70 42.30 13.51
CA LYS F 159 -37.06 43.52 14.27
C LYS F 159 -37.43 43.09 15.69
N ASN F 160 -37.09 43.90 16.69
CA ASN F 160 -37.43 43.65 18.12
C ASN F 160 -37.15 42.18 18.44
N PRO F 161 -35.89 41.69 18.27
CA PRO F 161 -35.62 40.26 18.39
C PRO F 161 -35.66 39.68 19.82
N GLY F 162 -35.61 40.50 20.88
CA GLY F 162 -35.66 40.02 22.28
C GLY F 162 -34.29 39.68 22.88
N ALA F 163 -34.18 39.66 24.21
CA ALA F 163 -32.92 39.38 24.95
C ALA F 163 -32.33 38.03 24.54
N SER F 164 -33.13 37.03 24.13
CA SER F 164 -32.60 35.68 23.82
C SER F 164 -31.78 35.74 22.53
N SER F 165 -31.88 36.84 21.78
CA SER F 165 -31.17 36.99 20.47
C SER F 165 -29.70 37.34 20.73
N GLN F 166 -29.35 37.73 21.96
CA GLN F 166 -27.95 37.98 22.40
C GLN F 166 -27.19 36.66 22.56
N VAL F 167 -27.90 35.53 22.61
CA VAL F 167 -27.29 34.18 22.56
C VAL F 167 -28.06 33.35 21.52
N PHE F 168 -28.22 32.03 21.71
CA PHE F 168 -28.88 31.17 20.70
C PHE F 168 -30.37 31.06 21.02
N ASP F 169 -31.18 31.39 20.03
CA ASP F 169 -32.66 31.23 20.08
C ASP F 169 -33.06 30.48 18.82
N PRO F 170 -33.58 29.25 18.96
CA PRO F 170 -33.81 28.38 17.80
C PRO F 170 -34.87 28.96 16.85
N ASN F 171 -35.61 29.99 17.28
CA ASN F 171 -36.67 30.66 16.49
C ASN F 171 -36.09 31.69 15.52
N LEU F 172 -34.84 32.12 15.68
CA LEU F 172 -34.30 33.31 15.00
C LEU F 172 -33.40 32.83 13.84
N LYS F 173 -34.05 32.33 12.81
CA LYS F 173 -33.42 31.79 11.58
C LYS F 173 -33.59 32.80 10.45
N GLY F 174 -32.67 32.74 9.48
CA GLY F 174 -32.90 33.32 8.15
C GLY F 174 -32.10 32.59 7.11
N THR F 175 -32.14 33.09 5.87
CA THR F 175 -31.20 32.72 4.79
C THR F 175 -30.66 33.98 4.10
N LEU F 176 -29.47 33.84 3.56
CA LEU F 176 -28.73 34.96 2.93
C LEU F 176 -29.22 35.06 1.48
N THR F 177 -30.30 35.83 1.33
CA THR F 177 -31.18 35.93 0.13
C THR F 177 -30.82 37.17 -0.70
N ALA F 178 -30.13 38.15 -0.12
CA ALA F 178 -29.80 39.42 -0.81
C ALA F 178 -28.40 39.92 -0.44
N ASP F 179 -27.78 40.61 -1.39
CA ASP F 179 -26.42 41.18 -1.31
C ASP F 179 -26.49 42.50 -0.57
N GLY F 180 -25.55 42.73 0.34
CA GLY F 180 -25.25 44.06 0.86
C GLY F 180 -26.27 44.58 1.87
N VAL F 181 -27.10 43.73 2.48
CA VAL F 181 -28.18 44.21 3.40
C VAL F 181 -28.27 43.40 4.70
N PHE F 182 -27.74 42.18 4.76
CA PHE F 182 -27.70 41.35 6.00
C PHE F 182 -26.47 41.81 6.78
N PRO F 183 -26.61 42.58 7.89
CA PRO F 183 -25.45 43.00 8.65
C PRO F 183 -24.64 41.79 9.16
N VAL F 184 -23.32 41.90 9.10
CA VAL F 184 -22.36 40.89 9.60
C VAL F 184 -22.62 40.73 11.11
N GLU F 185 -22.82 41.82 11.83
CA GLU F 185 -22.94 41.81 13.31
C GLU F 185 -24.31 41.30 13.78
N ALA F 186 -25.21 40.92 12.87
CA ALA F 186 -26.56 40.43 13.18
C ALA F 186 -26.79 38.99 12.72
N TRP F 187 -25.97 38.47 11.81
CA TRP F 187 -26.20 37.12 11.20
C TRP F 187 -24.88 36.33 11.08
N GLY F 188 -24.93 35.02 11.35
CA GLY F 188 -23.79 34.09 11.16
C GLY F 188 -24.29 32.76 10.61
N PRO F 189 -23.39 31.87 10.14
CA PRO F 189 -23.81 30.61 9.59
C PRO F 189 -24.43 29.79 10.72
N ASP F 190 -25.47 29.05 10.35
CA ASP F 190 -26.27 28.16 11.21
C ASP F 190 -25.76 26.74 11.06
N PRO F 191 -25.03 26.19 12.07
CA PRO F 191 -24.51 24.81 12.00
C PRO F 191 -25.58 23.73 12.15
N PHE F 192 -26.81 24.10 12.54
CA PHE F 192 -27.97 23.16 12.61
C PHE F 192 -28.47 22.87 11.19
N LYS F 193 -28.16 23.76 10.25
CA LYS F 193 -28.58 23.55 8.85
C LYS F 193 -27.35 23.51 7.95
N ASN F 194 -27.44 24.09 6.75
CA ASN F 194 -26.33 24.14 5.75
C ASN F 194 -25.79 22.75 5.40
N GLU F 195 -26.66 21.74 5.20
CA GLU F 195 -26.25 20.37 4.80
C GLU F 195 -25.71 20.42 3.35
N ASN F 196 -26.10 21.41 2.55
CA ASN F 196 -25.79 21.50 1.10
C ASN F 196 -24.89 22.71 0.85
N THR F 197 -24.19 23.17 1.89
CA THR F 197 -23.33 24.38 1.82
C THR F 197 -22.09 24.06 2.66
N ARG F 198 -20.91 24.49 2.21
CA ARG F 198 -19.69 24.47 3.05
C ARG F 198 -19.33 25.91 3.38
N TYR F 199 -19.13 26.21 4.65
CA TYR F 199 -18.77 27.59 5.07
C TYR F 199 -17.50 27.52 5.92
N PHE F 200 -16.71 28.59 5.87
CA PHE F 200 -15.42 28.69 6.61
C PHE F 200 -15.29 30.13 7.05
N GLY F 201 -14.82 30.35 8.29
CA GLY F 201 -14.76 31.73 8.79
C GLY F 201 -13.72 31.89 9.86
N GLN F 202 -13.11 33.06 9.91
CA GLN F 202 -12.20 33.38 11.02
C GLN F 202 -12.39 34.83 11.42
N TYR F 203 -12.44 35.06 12.72
CA TYR F 203 -12.35 36.37 13.37
C TYR F 203 -11.06 36.50 14.17
N THR F 204 -10.43 37.67 14.00
CA THR F 204 -9.34 38.18 14.87
C THR F 204 -9.72 39.60 15.30
N GLY F 205 -9.97 39.83 16.59
CA GLY F 205 -10.49 41.12 17.09
C GLY F 205 -9.37 42.11 17.35
N GLY F 206 -9.62 43.08 18.24
CA GLY F 206 -8.78 44.27 18.44
C GLY F 206 -9.16 45.43 17.52
N THR F 207 -8.62 46.61 17.81
CA THR F 207 -8.74 47.80 16.91
C THR F 207 -7.37 48.24 16.40
N GLN F 208 -6.28 47.70 17.00
CA GLN F 208 -4.85 47.93 16.66
C GLN F 208 -4.18 46.64 16.18
N THR F 209 -4.93 45.57 15.97
CA THR F 209 -4.34 44.28 15.56
C THR F 209 -3.84 44.40 14.12
N PRO F 210 -2.63 43.89 13.75
CA PRO F 210 -2.22 43.87 12.35
C PRO F 210 -3.08 42.89 11.55
N PRO F 211 -3.56 43.29 10.36
CA PRO F 211 -4.22 42.38 9.43
C PRO F 211 -3.21 41.34 8.97
N VAL F 212 -3.65 40.09 8.81
CA VAL F 212 -2.81 38.99 8.29
C VAL F 212 -3.61 38.37 7.16
N LEU F 213 -3.09 38.37 5.94
CA LEU F 213 -3.77 37.85 4.75
C LEU F 213 -2.76 37.09 3.88
N THR F 214 -3.19 36.03 3.25
CA THR F 214 -2.35 35.25 2.29
C THR F 214 -3.11 35.20 0.96
N PHE F 215 -2.41 34.98 -0.13
CA PHE F 215 -3.03 34.90 -1.47
C PHE F 215 -2.13 33.98 -2.30
N THR F 216 -2.74 33.02 -2.96
CA THR F 216 -2.06 32.13 -3.93
C THR F 216 -3.14 31.59 -4.87
N ASN F 217 -2.73 31.25 -6.09
CA ASN F 217 -3.58 30.60 -7.11
C ASN F 217 -3.33 29.08 -7.07
N THR F 218 -2.68 28.57 -6.02
CA THR F 218 -2.14 27.18 -5.97
C THR F 218 -2.92 26.31 -4.97
N GLN F 219 -3.88 26.88 -4.22
CA GLN F 219 -4.52 26.22 -3.05
C GLN F 219 -5.95 25.83 -3.44
N THR F 220 -6.28 24.53 -3.34
CA THR F 220 -7.64 23.98 -3.64
C THR F 220 -8.25 23.43 -2.34
N THR F 221 -9.50 23.76 -2.04
CA THR F 221 -10.28 23.16 -0.93
C THR F 221 -11.24 22.15 -1.57
N ILE F 222 -11.23 20.90 -1.11
CA ILE F 222 -12.20 19.85 -1.49
C ILE F 222 -13.51 20.17 -0.75
N LEU F 223 -14.62 20.19 -1.47
CA LEU F 223 -15.97 20.52 -0.93
C LEU F 223 -16.82 19.27 -0.70
N LEU F 224 -16.32 18.08 -1.01
CA LEU F 224 -17.04 16.81 -0.71
C LEU F 224 -17.17 16.62 0.79
N ASP F 225 -18.33 16.13 1.22
CA ASP F 225 -18.66 15.77 2.63
C ASP F 225 -18.16 14.36 2.96
N GLU F 226 -18.57 13.83 4.11
CA GLU F 226 -18.15 12.49 4.61
C GLU F 226 -18.75 11.37 3.74
N ASN F 227 -19.77 11.64 2.90
CA ASN F 227 -20.33 10.63 1.96
C ASN F 227 -19.78 10.78 0.53
N GLY F 228 -18.76 11.62 0.35
CA GLY F 228 -18.17 11.92 -0.96
C GLY F 228 -19.09 12.76 -1.85
N VAL F 229 -20.01 13.54 -1.26
CA VAL F 229 -21.01 14.34 -2.01
C VAL F 229 -20.73 15.83 -1.75
N GLY F 230 -20.45 16.57 -2.82
CA GLY F 230 -20.28 18.04 -2.79
C GLY F 230 -21.63 18.76 -2.79
N PRO F 231 -21.67 20.09 -2.57
CA PRO F 231 -22.92 20.86 -2.69
C PRO F 231 -23.57 20.57 -4.06
N LEU F 232 -24.87 20.33 -4.04
CA LEU F 232 -25.69 20.03 -5.25
C LEU F 232 -26.53 21.26 -5.59
N CYS F 233 -26.38 21.77 -6.82
CA CYS F 233 -26.86 23.10 -7.26
C CYS F 233 -28.32 22.98 -7.73
N LYS F 234 -29.24 23.07 -6.78
CA LYS F 234 -30.71 23.02 -7.00
C LYS F 234 -31.09 24.13 -7.99
N GLY F 235 -31.81 23.80 -9.06
CA GLY F 235 -32.24 24.81 -10.05
C GLY F 235 -31.08 25.37 -10.84
N ASP F 236 -29.95 24.64 -10.90
CA ASP F 236 -28.74 25.02 -11.67
C ASP F 236 -28.22 26.39 -11.20
N GLY F 237 -28.25 26.60 -9.88
CA GLY F 237 -27.78 27.80 -9.18
C GLY F 237 -26.71 27.45 -8.15
N LEU F 238 -25.58 28.15 -8.25
CA LEU F 238 -24.42 28.08 -7.28
C LEU F 238 -24.47 29.33 -6.42
N PHE F 239 -24.58 29.17 -5.10
CA PHE F 239 -24.58 30.32 -4.14
C PHE F 239 -23.19 30.54 -3.55
N LEU F 240 -22.66 31.74 -3.76
CA LEU F 240 -21.36 32.21 -3.20
C LEU F 240 -21.63 33.31 -2.19
N SER F 241 -21.04 33.22 -1.01
CA SER F 241 -21.28 34.23 0.07
C SER F 241 -19.97 34.55 0.75
N CYS F 242 -19.78 35.79 1.20
CA CYS F 242 -18.56 36.12 1.96
C CYS F 242 -18.69 37.45 2.69
N ALA F 243 -17.75 37.69 3.58
CA ALA F 243 -17.50 38.96 4.29
C ALA F 243 -15.98 39.04 4.52
N ASP F 244 -15.38 40.11 4.03
CA ASP F 244 -13.93 40.29 4.16
C ASP F 244 -13.65 41.66 4.78
N ILE F 245 -13.88 41.76 6.08
CA ILE F 245 -13.51 42.94 6.89
C ILE F 245 -12.00 42.83 7.12
N VAL F 246 -11.23 43.78 6.61
CA VAL F 246 -9.74 43.80 6.73
C VAL F 246 -9.33 44.51 8.02
N GLY F 247 -10.08 45.51 8.44
CA GLY F 247 -9.77 46.32 9.61
C GLY F 247 -10.36 47.68 9.46
N PHE F 248 -9.73 48.67 10.07
CA PHE F 248 -10.26 50.04 10.19
C PHE F 248 -9.25 50.98 9.53
N PHE F 249 -9.76 51.94 8.79
CA PHE F 249 -9.03 53.14 8.31
C PHE F 249 -9.27 54.21 9.38
N THR F 250 -8.19 54.80 9.90
CA THR F 250 -8.21 55.93 10.87
C THR F 250 -7.74 57.25 10.21
N GLN F 251 -8.63 58.24 10.17
CA GLN F 251 -8.32 59.60 9.64
C GLN F 251 -7.44 60.40 10.62
N HIS F 252 -6.85 61.52 10.18
CA HIS F 252 -6.10 62.41 11.10
C HIS F 252 -6.94 62.83 12.31
N ASN F 253 -8.23 63.07 12.11
CA ASN F 253 -9.16 63.51 13.18
C ASN F 253 -9.67 62.32 13.99
N LYS F 254 -9.14 61.10 13.78
CA LYS F 254 -9.41 59.91 14.67
C LYS F 254 -10.71 59.22 14.27
N LYS F 255 -11.40 59.71 13.22
CA LYS F 255 -12.59 59.04 12.67
C LYS F 255 -12.16 57.70 12.05
N MET F 256 -12.93 56.65 12.31
CA MET F 256 -12.58 55.29 11.85
C MET F 256 -13.72 54.66 11.03
N SER F 257 -13.35 53.98 9.95
CA SER F 257 -14.28 53.27 9.05
C SER F 257 -13.74 51.85 8.82
N PHE F 258 -14.66 50.91 8.61
CA PHE F 258 -14.38 49.55 8.15
C PHE F 258 -13.76 49.66 6.75
N ARG F 259 -12.70 48.92 6.49
CA ARG F 259 -12.20 48.69 5.11
C ARG F 259 -12.42 47.21 4.75
N GLY F 260 -13.07 46.95 3.62
CA GLY F 260 -13.29 45.60 3.05
C GLY F 260 -12.46 45.36 1.81
N LEU F 261 -12.35 44.10 1.40
CA LEU F 261 -11.70 43.76 0.11
C LEU F 261 -12.56 42.77 -0.62
N PRO F 262 -12.43 42.75 -1.97
CA PRO F 262 -13.16 41.77 -2.75
C PRO F 262 -12.62 40.34 -2.63
N ARG F 263 -13.49 39.37 -2.84
CA ARG F 263 -13.10 37.94 -2.88
C ARG F 263 -13.29 37.31 -4.26
N TYR F 264 -12.31 36.52 -4.67
CA TYR F 264 -12.34 35.68 -5.88
C TYR F 264 -12.81 34.27 -5.52
N PHE F 265 -13.65 33.72 -6.40
CA PHE F 265 -14.07 32.29 -6.32
C PHE F 265 -13.82 31.61 -7.67
N ARG F 266 -13.10 30.48 -7.69
CA ARG F 266 -13.10 29.48 -8.79
C ARG F 266 -13.82 28.25 -8.25
N VAL F 267 -14.85 27.74 -8.91
CA VAL F 267 -15.54 26.51 -8.39
C VAL F 267 -15.54 25.47 -9.51
N THR F 268 -15.05 24.27 -9.19
CA THR F 268 -15.05 23.10 -10.11
C THR F 268 -16.28 22.25 -9.77
N LEU F 269 -17.15 21.98 -10.76
CA LEU F 269 -18.40 21.19 -10.60
C LEU F 269 -18.40 20.05 -11.62
N ARG F 270 -18.97 18.93 -11.21
CA ARG F 270 -19.09 17.70 -12.03
C ARG F 270 -20.57 17.41 -12.16
N LYS F 271 -20.96 16.65 -13.18
CA LYS F 271 -22.37 16.26 -13.35
C LYS F 271 -22.65 15.04 -12.46
N ARG F 272 -23.66 15.15 -11.61
CA ARG F 272 -24.09 14.07 -10.69
C ARG F 272 -25.51 13.66 -11.07
N VAL F 273 -25.76 12.35 -11.21
CA VAL F 273 -27.12 11.82 -11.46
C VAL F 273 -27.85 11.87 -10.12
N VAL F 274 -29.10 12.32 -10.13
CA VAL F 274 -30.00 12.32 -8.96
C VAL F 274 -31.37 11.79 -9.40
N LYS F 275 -32.12 11.22 -8.46
CA LYS F 275 -33.49 10.73 -8.72
C LYS F 275 -34.41 11.95 -8.77
N ASN F 276 -35.44 11.87 -9.62
CA ASN F 276 -36.32 13.01 -9.95
C ASN F 276 -37.78 12.58 -9.76
N ILE G 7 -2.51 25.99 -25.23
CA ILE G 7 -1.38 25.13 -25.74
C ILE G 7 -1.86 23.68 -25.72
N GLU G 8 -1.47 22.87 -26.71
CA GLU G 8 -1.77 21.41 -26.78
C GLU G 8 -0.63 20.63 -26.11
N VAL G 9 -0.86 20.13 -24.89
CA VAL G 9 0.19 19.57 -23.99
C VAL G 9 0.31 18.06 -24.20
N LEU G 10 1.42 17.59 -24.76
CA LEU G 10 1.69 16.14 -24.94
C LEU G 10 2.76 15.70 -23.93
N ALA G 11 3.66 14.78 -24.29
CA ALA G 11 4.48 14.00 -23.33
C ALA G 11 5.68 14.81 -22.82
N VAL G 12 6.06 14.53 -21.57
CA VAL G 12 7.35 14.95 -20.96
C VAL G 12 8.49 14.26 -21.73
N ARG G 13 9.27 15.00 -22.51
CA ARG G 13 10.51 14.47 -23.16
C ARG G 13 11.55 14.28 -22.06
N THR G 14 12.14 13.07 -21.94
CA THR G 14 12.88 12.61 -20.73
C THR G 14 14.34 12.25 -21.10
N GLY G 15 15.16 11.98 -20.06
CA GLY G 15 16.62 11.75 -20.16
C GLY G 15 17.40 13.04 -20.09
N ASP G 17 20.26 15.91 -20.53
CA ASP G 17 19.61 16.40 -21.77
C ASP G 17 18.26 17.06 -21.45
N SER G 18 17.42 16.40 -20.63
CA SER G 18 15.96 16.67 -20.48
C SER G 18 15.69 17.86 -19.54
N ILE G 19 16.56 18.05 -18.54
CA ILE G 19 16.37 18.91 -17.34
C ILE G 19 17.36 20.08 -17.37
N THR G 20 16.99 21.20 -16.77
CA THR G 20 17.86 22.39 -16.69
C THR G 20 17.43 23.21 -15.46
N GLU G 21 18.38 23.88 -14.83
CA GLU G 21 18.16 24.62 -13.57
C GLU G 21 18.69 26.05 -13.77
N ILE G 22 17.88 27.06 -13.45
CA ILE G 22 18.34 28.48 -13.45
C ILE G 22 18.29 29.01 -12.02
N GLU G 23 19.16 29.95 -11.70
CA GLU G 23 19.20 30.64 -10.41
C GLU G 23 19.17 32.13 -10.69
N ALA G 24 18.43 32.88 -9.91
CA ALA G 24 18.34 34.33 -10.20
C ALA G 24 18.02 35.06 -8.93
N TYR G 25 18.32 36.34 -8.93
CA TYR G 25 17.97 37.27 -7.83
C TYR G 25 17.15 38.41 -8.41
N LEU G 26 16.25 38.94 -7.58
CA LEU G 26 15.50 40.18 -7.83
C LEU G 26 15.78 41.06 -6.63
N ASN G 27 16.46 42.15 -6.91
CA ASN G 27 16.69 43.24 -5.95
C ASN G 27 15.38 43.99 -5.72
N PRO G 28 15.18 44.50 -4.49
CA PRO G 28 13.95 45.23 -4.18
C PRO G 28 13.96 46.62 -4.81
N ARG G 29 12.78 47.15 -5.06
CA ARG G 29 12.54 48.48 -5.66
C ARG G 29 11.70 49.30 -4.68
N MET G 30 12.28 49.63 -3.53
CA MET G 30 11.56 50.34 -2.45
C MET G 30 11.40 51.84 -2.75
N GLY G 31 12.21 52.43 -3.64
CA GLY G 31 12.01 53.83 -4.08
C GLY G 31 13.32 54.56 -4.32
N GLN G 32 14.26 54.51 -3.39
CA GLN G 32 15.57 55.24 -3.52
C GLN G 32 16.35 54.62 -4.67
N PRO G 33 17.14 55.43 -5.42
CA PRO G 33 17.78 54.93 -6.63
C PRO G 33 18.91 53.94 -6.30
N GLN G 34 19.15 53.04 -7.25
CA GLN G 34 20.27 52.08 -7.20
C GLN G 34 21.58 52.83 -7.03
N ASN G 35 22.49 52.18 -6.33
CA ASN G 35 23.94 52.47 -6.33
C ASN G 35 24.14 53.89 -5.78
N GLU G 36 23.22 54.31 -4.91
CA GLU G 36 23.34 55.52 -4.05
C GLU G 36 23.01 55.09 -2.61
N ASP G 37 23.20 55.96 -1.64
CA ASP G 37 23.44 55.53 -0.22
C ASP G 37 22.17 54.94 0.42
N PHE G 38 20.99 55.13 -0.16
CA PHE G 38 19.72 54.63 0.43
C PHE G 38 19.13 53.49 -0.37
N TYR G 39 19.97 52.82 -1.16
CA TYR G 39 19.53 51.66 -1.98
C TYR G 39 18.99 50.58 -1.03
N GLY G 40 17.76 50.06 -1.28
CA GLY G 40 17.05 49.12 -0.39
C GLY G 40 15.88 49.77 0.36
N PHE G 41 15.90 51.10 0.46
CA PHE G 41 14.92 51.93 1.22
C PHE G 41 14.04 52.69 0.23
N SER G 42 12.85 53.07 0.67
CA SER G 42 12.12 54.21 0.09
C SER G 42 12.71 55.48 0.71
N ASP G 43 12.36 56.63 0.16
CA ASP G 43 12.56 57.94 0.82
C ASP G 43 11.54 58.01 1.97
N ASN G 44 11.71 59.01 2.82
CA ASN G 44 10.87 59.25 4.01
C ASN G 44 9.44 59.55 3.54
N VAL G 45 8.49 58.79 4.08
CA VAL G 45 7.08 58.80 3.66
C VAL G 45 6.38 60.04 4.22
N THR G 46 5.73 60.76 3.33
CA THR G 46 4.79 61.84 3.67
C THR G 46 3.37 61.30 3.51
N VAL G 47 2.45 61.89 4.26
CA VAL G 47 1.02 61.51 4.40
C VAL G 47 0.21 62.74 4.02
N SER G 48 -0.74 62.54 3.09
CA SER G 48 -1.68 63.57 2.63
C SER G 48 -2.70 63.88 3.73
N ASP G 49 -3.43 64.99 3.57
CA ASP G 49 -4.45 65.42 4.56
C ASP G 49 -5.80 64.78 4.23
N ASP G 50 -6.06 64.48 2.97
CA ASP G 50 -7.38 63.96 2.51
C ASP G 50 -7.17 63.22 1.19
N PHE G 51 -8.15 62.41 0.81
CA PHE G 51 -8.08 61.52 -0.39
C PHE G 51 -8.05 62.36 -1.67
N GLY G 52 -8.71 63.53 -1.67
CA GLY G 52 -8.85 64.43 -2.83
C GLY G 52 -7.52 64.98 -3.31
N SER G 53 -6.60 65.25 -2.37
CA SER G 53 -5.30 65.93 -2.59
C SER G 53 -4.16 65.04 -2.08
N ASP G 54 -3.99 63.91 -2.76
CA ASP G 54 -3.23 62.73 -2.30
C ASP G 54 -2.26 62.34 -3.42
N ALA G 55 -1.05 62.88 -3.39
CA ALA G 55 -0.02 62.70 -4.43
C ALA G 55 1.24 62.07 -3.83
N PRO G 56 1.37 60.74 -3.71
CA PRO G 56 2.59 60.17 -3.10
C PRO G 56 3.80 60.47 -3.99
N PRO G 57 4.81 61.21 -3.48
CA PRO G 57 5.97 61.56 -4.27
C PRO G 57 6.77 60.33 -4.71
N TRP G 58 7.33 60.40 -5.91
CA TRP G 58 8.21 59.32 -6.41
C TRP G 58 9.31 59.03 -5.35
N LYS G 59 9.67 57.76 -5.14
CA LYS G 59 10.72 57.23 -4.22
C LYS G 59 10.14 56.92 -2.84
N GLN G 60 8.91 57.35 -2.51
CA GLN G 60 8.31 57.19 -1.16
C GLN G 60 7.41 55.95 -1.07
N PHE G 61 7.38 55.13 -2.12
CA PHE G 61 6.53 53.92 -2.12
C PHE G 61 7.24 52.82 -2.92
N PRO G 62 7.01 51.55 -2.50
CA PRO G 62 7.58 50.40 -3.20
C PRO G 62 6.90 50.06 -4.54
N CYS G 63 7.69 49.46 -5.44
CA CYS G 63 7.25 48.94 -6.74
C CYS G 63 7.66 47.47 -6.86
N TYR G 64 6.96 46.75 -7.72
CA TYR G 64 7.26 45.32 -8.01
C TYR G 64 8.62 45.22 -8.68
N SER G 65 9.32 44.13 -8.40
CA SER G 65 10.55 43.68 -9.08
C SER G 65 10.14 42.62 -10.10
N THR G 66 10.77 42.60 -11.27
CA THR G 66 10.46 41.58 -12.30
C THR G 66 11.68 41.45 -13.22
N ALA G 67 11.91 40.22 -13.70
CA ALA G 67 12.89 39.90 -14.76
C ALA G 67 12.37 38.76 -15.63
N ARG G 68 12.80 38.80 -16.88
CA ARG G 68 12.70 37.70 -17.85
C ARG G 68 14.07 37.01 -17.93
N ILE G 69 14.12 35.71 -17.60
CA ILE G 69 15.32 34.86 -17.81
C ILE G 69 15.18 34.15 -19.18
N SER G 70 16.16 34.34 -20.06
CA SER G 70 16.39 33.54 -21.30
C SER G 70 16.84 32.12 -20.91
N LEU G 71 16.12 31.11 -21.37
CA LEU G 71 16.42 29.67 -21.13
C LEU G 71 17.16 29.13 -22.35
N PRO G 72 17.82 27.93 -22.27
CA PRO G 72 18.42 27.32 -23.46
C PRO G 72 17.53 27.28 -24.71
N MET G 73 18.11 27.53 -25.90
CA MET G 73 17.38 27.53 -27.21
C MET G 73 16.79 26.14 -27.44
N LEU G 74 15.59 26.07 -28.03
CA LEU G 74 14.85 24.82 -28.29
C LEU G 74 14.44 24.76 -29.77
N THR G 82 4.51 19.34 -33.78
CA THR G 82 4.82 19.42 -32.32
C THR G 82 6.19 20.10 -32.11
N ILE G 83 6.24 21.07 -31.19
CA ILE G 83 7.48 21.81 -30.76
C ILE G 83 7.81 21.42 -29.32
N LEU G 84 9.04 21.74 -28.86
CA LEU G 84 9.42 21.56 -27.43
C LEU G 84 9.29 22.89 -26.69
N MET G 85 8.93 22.81 -25.40
CA MET G 85 8.85 23.99 -24.48
C MET G 85 9.43 23.61 -23.13
N TRP G 86 10.20 24.52 -22.54
CA TRP G 86 10.65 24.43 -21.14
C TRP G 86 9.43 24.58 -20.24
N GLU G 87 9.27 23.63 -19.33
CA GLU G 87 8.17 23.50 -18.36
C GLU G 87 8.77 23.58 -16.96
N ALA G 88 8.52 24.67 -16.23
CA ALA G 88 8.96 24.86 -14.84
C ALA G 88 8.19 23.90 -13.93
N ILE G 89 8.88 23.01 -13.21
CA ILE G 89 8.24 21.90 -12.45
C ILE G 89 8.42 22.12 -10.94
N SER G 90 9.40 22.91 -10.52
CA SER G 90 9.61 23.18 -9.08
C SER G 90 10.49 24.41 -8.92
N CYS G 91 10.54 24.93 -7.70
CA CYS G 91 11.38 26.10 -7.37
C CYS G 91 11.81 26.06 -5.90
N ARG G 92 12.87 26.80 -5.62
CA ARG G 92 13.22 27.29 -4.28
C ARG G 92 13.15 28.82 -4.39
N THR G 93 12.72 29.46 -3.32
CA THR G 93 12.85 30.92 -3.20
C THR G 93 13.32 31.22 -1.76
N GLU G 94 14.04 32.31 -1.58
CA GLU G 94 14.48 32.73 -0.22
C GLU G 94 14.55 34.25 -0.22
N VAL G 95 14.10 34.86 0.86
CA VAL G 95 14.36 36.29 1.13
C VAL G 95 15.80 36.29 1.66
N MET G 96 16.72 36.94 0.96
CA MET G 96 18.14 37.03 1.37
C MET G 96 18.36 38.29 2.21
N GLY G 97 19.40 38.27 3.05
CA GLY G 97 19.82 39.37 3.93
C GLY G 97 18.96 39.54 5.17
N VAL G 98 18.19 38.55 5.59
CA VAL G 98 17.41 38.58 6.88
C VAL G 98 18.37 38.95 8.01
N ASN G 99 19.59 38.40 7.97
CA ASN G 99 20.74 38.70 8.87
C ASN G 99 20.89 40.20 9.16
N MET G 100 20.70 41.08 8.18
CA MET G 100 20.99 42.52 8.38
C MET G 100 20.02 43.13 9.39
N LEU G 101 18.87 42.47 9.71
CA LEU G 101 17.80 43.00 10.62
C LEU G 101 18.19 42.87 12.09
N THR G 102 19.34 42.25 12.39
CA THR G 102 19.98 42.25 13.74
C THR G 102 20.75 43.55 13.97
N ASN G 103 20.76 44.47 12.98
CA ASN G 103 21.37 45.83 13.12
C ASN G 103 20.41 46.75 13.90
N VAL G 104 20.78 47.11 15.14
CA VAL G 104 20.01 48.05 16.00
C VAL G 104 20.90 49.24 16.39
N HIS G 105 21.89 49.60 15.54
CA HIS G 105 22.88 50.67 15.80
C HIS G 105 22.91 51.76 14.71
N SER G 106 22.42 51.53 13.49
CA SER G 106 22.54 52.49 12.36
C SER G 106 21.39 53.53 12.34
N ALA G 107 21.58 54.66 13.03
CA ALA G 107 20.79 55.91 12.92
C ALA G 107 19.28 55.66 13.11
N GLN G 108 18.94 54.79 14.06
CA GLN G 108 17.54 54.34 14.31
C GLN G 108 17.04 55.05 15.56
N LYS G 109 15.76 55.45 15.60
CA LYS G 109 15.05 55.84 16.84
C LYS G 109 15.39 54.83 17.95
N ARG G 110 15.80 55.32 19.11
CA ARG G 110 16.21 54.44 20.23
C ARG G 110 14.95 53.99 20.98
N VAL G 111 15.06 52.93 21.78
CA VAL G 111 13.93 52.36 22.55
C VAL G 111 13.51 53.38 23.60
N TYR G 112 14.47 54.04 24.24
CA TYR G 112 14.24 55.08 25.28
C TYR G 112 14.80 56.40 24.76
N GLU G 113 14.14 56.92 23.72
CA GLU G 113 14.53 58.18 23.02
C GLU G 113 14.69 59.32 24.04
N ASN G 114 13.82 59.36 25.07
CA ASN G 114 13.78 60.43 26.11
C ASN G 114 15.04 60.40 26.97
N ASP G 115 15.61 59.20 27.19
CA ASP G 115 16.85 59.00 27.97
C ASP G 115 18.05 58.94 27.01
N ARG G 116 17.84 59.12 25.70
CA ARG G 116 18.92 58.91 24.70
C ARG G 116 19.65 57.59 25.03
N GLU G 117 18.88 56.52 25.28
CA GLU G 117 19.41 55.18 25.66
C GLU G 117 18.70 54.04 24.96
N GLY G 118 19.32 52.86 25.01
CA GLY G 118 18.73 51.64 24.48
C GLY G 118 19.24 51.35 23.10
N THR G 119 18.90 50.19 22.59
CA THR G 119 19.15 49.91 21.16
C THR G 119 18.27 50.80 20.30
N GLY G 120 18.57 50.85 19.00
CA GLY G 120 17.59 51.27 18.00
C GLY G 120 16.38 50.36 18.04
N ILE G 121 15.24 50.84 17.61
CA ILE G 121 14.00 49.99 17.56
C ILE G 121 14.07 48.98 16.41
N GLY G 122 15.02 49.14 15.50
CA GLY G 122 15.21 48.19 14.38
C GLY G 122 14.10 48.36 13.34
N VAL G 123 14.03 47.44 12.38
CA VAL G 123 12.96 47.45 11.35
C VAL G 123 11.71 46.89 12.02
N GLU G 124 10.61 47.65 12.00
CA GLU G 124 9.31 47.12 12.48
C GLU G 124 8.20 47.49 11.49
N GLY G 125 7.06 46.83 11.60
CA GLY G 125 5.86 47.17 10.82
C GLY G 125 5.56 46.12 9.77
N MET G 126 4.93 46.54 8.67
CA MET G 126 4.24 45.60 7.79
C MET G 126 5.26 44.78 7.00
N GLY G 127 4.97 43.49 6.81
CA GLY G 127 5.67 42.63 5.85
C GLY G 127 4.77 42.34 4.67
N TYR G 128 5.20 42.68 3.46
CA TYR G 128 4.48 42.23 2.24
C TYR G 128 5.46 41.41 1.41
N HIS G 129 5.23 40.10 1.27
CA HIS G 129 6.14 39.14 0.62
C HIS G 129 5.32 38.41 -0.42
N MET G 130 5.67 38.57 -1.69
CA MET G 130 5.00 37.82 -2.78
C MET G 130 6.03 37.52 -3.84
N PHE G 131 5.82 36.40 -4.50
CA PHE G 131 6.68 35.96 -5.62
C PHE G 131 5.81 35.23 -6.63
N ALA G 132 6.21 35.32 -7.91
CA ALA G 132 5.53 34.69 -9.06
C ALA G 132 6.59 34.08 -9.97
N ILE G 133 6.25 32.92 -10.50
CA ILE G 133 7.07 32.17 -11.49
C ILE G 133 6.12 31.73 -12.60
N GLY G 134 6.34 32.22 -13.82
CA GLY G 134 5.48 31.95 -14.98
C GLY G 134 6.25 31.83 -16.29
N GLY G 135 5.56 31.30 -17.30
CA GLY G 135 6.02 31.26 -18.69
C GLY G 135 5.63 32.51 -19.45
N GLU G 136 5.09 33.51 -18.77
CA GLU G 136 4.68 34.79 -19.41
C GLU G 136 4.56 35.82 -18.30
N PRO G 137 4.58 37.12 -18.67
CA PRO G 137 4.48 38.23 -17.71
C PRO G 137 3.28 38.01 -16.77
N LEU G 138 3.51 38.31 -15.50
CA LEU G 138 2.49 38.19 -14.43
C LEU G 138 1.31 39.09 -14.81
N GLU G 139 0.10 38.54 -14.80
CA GLU G 139 -1.16 39.27 -15.10
C GLU G 139 -1.65 39.92 -13.81
N LEU G 140 -1.85 41.24 -13.89
CA LEU G 140 -2.19 42.11 -12.73
C LEU G 140 -3.64 42.55 -12.76
N GLN G 141 -4.19 42.74 -11.56
CA GLN G 141 -5.43 43.48 -11.31
C GLN G 141 -5.07 44.80 -10.63
N PHE G 142 -5.55 45.90 -11.18
CA PHE G 142 -5.38 47.26 -10.62
C PHE G 142 -6.38 47.39 -9.47
N MET G 143 -5.90 47.76 -8.30
CA MET G 143 -6.76 48.03 -7.12
C MET G 143 -5.98 48.89 -6.15
N VAL G 144 -6.63 49.94 -5.62
CA VAL G 144 -5.97 51.00 -4.83
C VAL G 144 -6.84 51.29 -3.63
N PHE G 145 -6.18 51.75 -2.57
CA PHE G 145 -6.81 52.17 -1.31
C PHE G 145 -7.69 53.38 -1.58
N ASN G 146 -7.11 54.37 -2.27
CA ASN G 146 -7.81 55.62 -2.66
C ASN G 146 -7.69 55.86 -4.17
N HIS G 147 -8.81 55.89 -4.89
CA HIS G 147 -8.81 56.01 -6.36
C HIS G 147 -8.38 57.42 -6.75
N ARG G 148 -8.55 58.42 -5.88
CA ARG G 148 -8.20 59.85 -6.17
C ARG G 148 -6.71 60.15 -5.98
N ALA G 149 -5.89 59.14 -5.60
CA ALA G 149 -4.44 59.30 -5.48
C ALA G 149 -3.92 59.65 -6.87
N THR G 150 -3.03 60.63 -6.92
CA THR G 150 -2.31 61.06 -8.13
C THR G 150 -0.89 60.50 -8.10
N TYR G 151 -0.62 59.45 -8.86
CA TYR G 151 0.73 58.83 -8.91
C TYR G 151 1.64 59.70 -9.80
N PRO G 152 2.96 59.63 -9.56
CA PRO G 152 3.90 60.45 -10.29
C PRO G 152 4.13 59.84 -11.67
N ALA G 153 4.75 60.64 -12.51
CA ALA G 153 5.01 60.33 -13.93
C ALA G 153 5.83 59.05 -14.06
N GLU G 154 6.73 58.77 -13.10
CA GLU G 154 7.64 57.61 -13.07
C GLU G 154 6.91 56.28 -12.92
N ALA G 155 5.73 56.27 -12.28
CA ALA G 155 4.98 55.03 -11.99
C ALA G 155 4.10 54.70 -13.20
N THR G 156 3.91 53.43 -13.45
CA THR G 156 2.92 52.85 -14.38
C THR G 156 1.65 52.57 -13.57
N VAL G 157 0.59 53.32 -13.86
CA VAL G 157 -0.77 53.14 -13.28
C VAL G 157 -1.83 53.30 -14.36
N ILE G 158 -3.04 52.86 -14.06
CA ILE G 158 -4.26 53.35 -14.75
C ILE G 158 -4.61 54.72 -14.17
N LYS G 159 -4.60 55.73 -15.03
CA LYS G 159 -4.94 57.11 -14.65
C LYS G 159 -6.45 57.23 -14.54
N ASN G 160 -6.93 58.10 -13.65
CA ASN G 160 -8.38 58.36 -13.39
C ASN G 160 -9.13 57.05 -13.34
N PRO G 161 -8.72 56.07 -12.49
CA PRO G 161 -9.27 54.72 -12.60
C PRO G 161 -10.73 54.61 -12.11
N GLY G 162 -11.22 55.61 -11.36
CA GLY G 162 -12.61 55.69 -10.84
C GLY G 162 -12.79 54.98 -9.50
N ALA G 163 -13.90 55.30 -8.81
CA ALA G 163 -14.28 54.75 -7.48
C ALA G 163 -14.27 53.22 -7.48
N SER G 164 -14.63 52.58 -8.59
CA SER G 164 -14.70 51.10 -8.73
C SER G 164 -13.32 50.47 -8.47
N SER G 165 -12.24 51.20 -8.72
CA SER G 165 -10.85 50.72 -8.55
C SER G 165 -10.52 50.48 -7.07
N GLN G 166 -11.31 50.95 -6.12
CA GLN G 166 -11.05 50.73 -4.68
C GLN G 166 -11.48 49.33 -4.30
N VAL G 167 -12.18 48.64 -5.20
CA VAL G 167 -12.55 47.21 -5.05
C VAL G 167 -12.30 46.54 -6.41
N PHE G 168 -13.01 45.48 -6.75
CA PHE G 168 -12.72 44.72 -7.97
C PHE G 168 -13.47 45.37 -9.14
N ASP G 169 -12.74 45.75 -10.19
CA ASP G 169 -13.32 46.21 -11.47
C ASP G 169 -12.72 45.41 -12.61
N PRO G 170 -13.54 44.59 -13.31
CA PRO G 170 -13.05 43.68 -14.36
C PRO G 170 -12.37 44.41 -15.53
N ASN G 171 -12.59 45.71 -15.65
CA ASN G 171 -12.01 46.56 -16.71
C ASN G 171 -10.55 46.92 -16.39
N LEU G 172 -10.08 46.77 -15.15
CA LEU G 172 -8.80 47.43 -14.74
C LEU G 172 -7.65 46.42 -14.68
N LYS G 173 -7.12 46.06 -15.84
CA LYS G 173 -6.12 44.98 -16.04
C LYS G 173 -4.77 45.58 -16.45
N GLY G 174 -3.69 44.85 -16.14
CA GLY G 174 -2.31 45.13 -16.55
C GLY G 174 -1.52 43.84 -16.63
N THR G 175 -0.28 43.96 -17.08
CA THR G 175 0.70 42.85 -17.04
C THR G 175 2.02 43.46 -16.57
N LEU G 176 2.72 42.77 -15.68
CA LEU G 176 3.93 43.35 -15.05
C LEU G 176 5.05 43.29 -16.08
N THR G 177 5.17 44.36 -16.87
CA THR G 177 6.09 44.38 -18.03
C THR G 177 7.38 45.11 -17.71
N ALA G 178 7.50 45.76 -16.55
CA ALA G 178 8.72 46.54 -16.26
C ALA G 178 9.06 46.46 -14.77
N ASP G 179 10.36 46.41 -14.48
CA ASP G 179 10.94 46.42 -13.11
C ASP G 179 10.79 47.80 -12.50
N GLY G 180 10.37 47.89 -11.24
CA GLY G 180 10.54 49.11 -10.42
C GLY G 180 9.61 50.30 -10.70
N VAL G 181 8.48 50.13 -11.39
CA VAL G 181 7.57 51.23 -11.82
C VAL G 181 6.10 50.91 -11.49
N PHE G 182 5.71 49.64 -11.35
CA PHE G 182 4.33 49.22 -11.00
C PHE G 182 4.20 49.33 -9.49
N PRO G 183 3.50 50.34 -8.93
CA PRO G 183 3.47 50.47 -7.46
C PRO G 183 2.79 49.25 -6.85
N VAL G 184 3.39 48.69 -5.80
CA VAL G 184 2.81 47.57 -5.03
C VAL G 184 1.37 47.95 -4.57
N GLU G 185 1.16 49.16 -4.05
CA GLU G 185 -0.13 49.62 -3.50
C GLU G 185 -1.20 49.83 -4.61
N ALA G 186 -0.87 49.65 -5.90
CA ALA G 186 -1.86 49.86 -6.98
C ALA G 186 -2.14 48.60 -7.80
N TRP G 187 -1.32 47.57 -7.66
CA TRP G 187 -1.36 46.37 -8.52
C TRP G 187 -1.20 45.09 -7.69
N GLY G 188 -1.95 44.08 -8.05
CA GLY G 188 -1.93 42.76 -7.38
C GLY G 188 -2.07 41.67 -8.41
N PRO G 189 -1.68 40.41 -8.13
CA PRO G 189 -1.89 39.34 -9.09
C PRO G 189 -3.39 39.19 -9.39
N ASP G 190 -3.70 38.93 -10.66
CA ASP G 190 -5.10 38.79 -11.14
C ASP G 190 -5.45 37.31 -11.08
N PRO G 191 -6.35 36.89 -10.16
CA PRO G 191 -6.72 35.47 -10.06
C PRO G 191 -7.58 34.95 -11.22
N PHE G 192 -8.16 35.86 -12.00
CA PHE G 192 -8.97 35.51 -13.20
C PHE G 192 -8.10 35.10 -14.39
N LYS G 193 -6.78 35.35 -14.32
CA LYS G 193 -5.82 35.03 -15.42
C LYS G 193 -4.71 34.16 -14.81
N ASN G 194 -3.46 34.41 -15.18
CA ASN G 194 -2.28 33.72 -14.59
C ASN G 194 -2.42 32.19 -14.61
N GLU G 195 -3.01 31.60 -15.66
CA GLU G 195 -3.12 30.11 -15.82
C GLU G 195 -1.73 29.50 -16.01
N ASN G 196 -0.76 30.30 -16.47
CA ASN G 196 0.59 29.84 -16.85
C ASN G 196 1.63 30.43 -15.91
N THR G 197 1.19 30.89 -14.74
CA THR G 197 2.03 31.47 -13.69
C THR G 197 1.57 30.95 -12.34
N ARG G 198 2.48 30.62 -11.43
CA ARG G 198 2.11 30.39 -10.02
C ARG G 198 2.56 31.59 -9.20
N TYR G 199 1.71 32.02 -8.27
CA TYR G 199 2.00 33.18 -7.39
C TYR G 199 1.58 32.85 -5.97
N PHE G 200 2.29 33.51 -5.06
CA PHE G 200 2.17 33.31 -3.59
C PHE G 200 2.43 34.65 -2.91
N GLY G 201 1.58 35.03 -1.96
CA GLY G 201 1.77 36.26 -1.21
C GLY G 201 1.36 36.14 0.25
N GLN G 202 2.07 36.82 1.12
CA GLN G 202 1.76 36.94 2.57
C GLN G 202 1.87 38.42 2.93
N TYR G 203 0.95 38.90 3.78
CA TYR G 203 0.89 40.28 4.29
C TYR G 203 0.63 40.24 5.80
N THR G 204 1.46 40.89 6.59
CA THR G 204 1.12 41.30 7.98
C THR G 204 1.26 42.81 8.04
N GLY G 205 0.20 43.50 8.44
CA GLY G 205 0.23 44.97 8.40
C GLY G 205 0.79 45.54 9.68
N GLY G 206 0.46 46.80 9.95
CA GLY G 206 0.98 47.50 11.12
C GLY G 206 2.24 48.28 10.78
N THR G 207 2.62 49.08 11.76
CA THR G 207 3.77 50.03 11.68
C THR G 207 4.75 49.74 12.81
N GLN G 208 4.34 49.03 13.85
CA GLN G 208 5.25 48.64 14.97
C GLN G 208 5.25 47.11 15.12
N THR G 209 4.72 46.40 14.14
CA THR G 209 4.60 44.92 14.12
C THR G 209 5.99 44.30 14.10
N PRO G 210 6.28 43.24 14.89
CA PRO G 210 7.57 42.57 14.78
C PRO G 210 7.63 41.82 13.44
N PRO G 211 8.66 42.05 12.59
CA PRO G 211 8.88 41.25 11.40
C PRO G 211 9.22 39.80 11.76
N VAL G 212 8.65 38.83 11.06
CA VAL G 212 8.96 37.37 11.21
C VAL G 212 9.38 36.86 9.84
N LEU G 213 10.64 36.44 9.71
CA LEU G 213 11.19 35.94 8.43
C LEU G 213 11.90 34.63 8.73
N THR G 214 11.73 33.65 7.85
CA THR G 214 12.45 32.34 7.94
C THR G 214 13.37 32.22 6.74
N PHE G 215 14.38 31.37 6.84
CA PHE G 215 15.24 31.06 5.67
C PHE G 215 15.75 29.64 5.82
N THR G 216 15.82 28.93 4.71
CA THR G 216 16.34 27.54 4.65
C THR G 216 16.62 27.25 3.18
N ASN G 217 17.55 26.34 2.93
CA ASN G 217 17.81 25.80 1.58
C ASN G 217 17.19 24.42 1.46
N THR G 218 16.28 24.01 2.38
CA THR G 218 15.64 22.67 2.43
C THR G 218 14.19 22.65 1.89
N GLN G 219 13.70 23.70 1.23
CA GLN G 219 12.28 23.87 0.87
C GLN G 219 12.17 23.98 -0.64
N THR G 220 11.49 23.00 -1.25
CA THR G 220 11.24 22.91 -2.71
C THR G 220 9.72 22.89 -2.92
N THR G 221 9.23 23.90 -3.65
CA THR G 221 7.80 24.01 -4.03
C THR G 221 7.63 23.44 -5.43
N ILE G 222 6.70 22.50 -5.54
CA ILE G 222 6.23 21.87 -6.80
C ILE G 222 5.34 22.91 -7.51
N LEU G 223 5.59 23.14 -8.81
CA LEU G 223 4.90 24.16 -9.67
C LEU G 223 3.93 23.48 -10.67
N LEU G 224 3.72 22.17 -10.56
CA LEU G 224 2.73 21.43 -11.39
C LEU G 224 1.30 21.76 -10.94
N ASP G 225 0.38 21.93 -11.90
CA ASP G 225 -1.06 22.20 -11.65
C ASP G 225 -1.76 20.87 -11.36
N GLU G 226 -3.10 20.84 -11.33
CA GLU G 226 -3.95 19.62 -11.14
C GLU G 226 -3.66 18.54 -12.19
N ASN G 227 -3.23 18.93 -13.40
CA ASN G 227 -3.09 18.00 -14.55
C ASN G 227 -1.61 17.65 -14.73
N GLY G 228 -0.77 17.91 -13.73
CA GLY G 228 0.66 17.56 -13.74
C GLY G 228 1.46 18.41 -14.70
N VAL G 229 0.97 19.63 -14.98
CA VAL G 229 1.58 20.59 -15.92
C VAL G 229 2.11 21.80 -15.14
N GLY G 230 3.38 22.15 -15.33
CA GLY G 230 3.98 23.37 -14.76
C GLY G 230 3.85 24.55 -15.71
N PRO G 231 4.25 25.76 -15.30
CA PRO G 231 4.36 26.87 -16.25
C PRO G 231 5.16 26.48 -17.52
N LEU G 232 4.59 26.77 -18.69
CA LEU G 232 5.22 26.51 -20.01
C LEU G 232 5.84 27.80 -20.54
N CYS G 233 7.15 27.82 -20.81
CA CYS G 233 7.91 29.08 -21.05
C CYS G 233 7.76 29.53 -22.52
N LYS G 234 6.76 30.39 -22.75
CA LYS G 234 6.49 31.02 -24.07
C LYS G 234 7.71 31.86 -24.47
N GLY G 235 8.13 31.71 -25.73
CA GLY G 235 9.29 32.42 -26.32
C GLY G 235 10.57 32.04 -25.61
N ASP G 236 10.62 30.87 -24.97
CA ASP G 236 11.78 30.38 -24.15
C ASP G 236 12.15 31.44 -23.10
N GLY G 237 11.16 32.09 -22.49
CA GLY G 237 11.35 33.09 -21.42
C GLY G 237 10.76 32.58 -20.11
N LEU G 238 11.52 32.68 -19.01
CA LEU G 238 11.01 32.41 -17.63
C LEU G 238 10.79 33.75 -16.91
N PHE G 239 9.55 33.98 -16.43
CA PHE G 239 9.13 35.26 -15.82
C PHE G 239 9.05 35.12 -14.30
N LEU G 240 9.87 35.94 -13.63
CA LEU G 240 10.03 35.97 -12.15
C LEU G 240 9.58 37.35 -11.68
N SER G 241 8.78 37.41 -10.62
CA SER G 241 8.28 38.70 -10.09
C SER G 241 8.25 38.60 -8.59
N CYS G 242 8.49 39.71 -7.91
CA CYS G 242 8.29 39.77 -6.44
C CYS G 242 8.18 41.20 -5.90
N ALA G 243 7.80 41.26 -4.63
CA ALA G 243 7.92 42.42 -3.73
C ALA G 243 8.15 41.85 -2.32
N ASP G 244 9.15 42.36 -1.61
CA ASP G 244 9.55 41.90 -0.25
C ASP G 244 9.75 43.11 0.66
N ILE G 245 8.67 43.74 1.06
CA ILE G 245 8.69 44.80 2.09
C ILE G 245 8.89 44.08 3.42
N VAL G 246 9.94 44.43 4.15
CA VAL G 246 10.13 43.76 5.46
C VAL G 246 9.60 44.65 6.60
N GLY G 247 9.53 45.96 6.39
CA GLY G 247 8.99 46.90 7.38
C GLY G 247 9.55 48.30 7.21
N PHE G 248 9.52 49.11 8.26
CA PHE G 248 9.98 50.51 8.24
C PHE G 248 11.23 50.67 9.09
N PHE G 249 12.09 51.56 8.58
CA PHE G 249 13.24 52.17 9.27
C PHE G 249 12.80 53.52 9.81
N THR G 250 12.89 53.70 11.12
CA THR G 250 12.54 54.95 11.84
C THR G 250 13.79 55.69 12.29
N GLN G 251 14.00 56.92 11.80
CA GLN G 251 15.12 57.80 12.20
C GLN G 251 14.86 58.36 13.58
N HIS G 252 15.89 58.98 14.18
CA HIS G 252 15.80 59.65 15.50
C HIS G 252 14.66 60.68 15.45
N ASN G 253 14.47 61.33 14.30
CA ASN G 253 13.45 62.42 14.11
C ASN G 253 12.09 61.84 13.68
N LYS G 254 11.93 60.52 13.69
CA LYS G 254 10.64 59.79 13.51
C LYS G 254 10.23 59.71 12.04
N LYS G 255 11.08 60.17 11.13
CA LYS G 255 10.90 59.93 9.69
C LYS G 255 11.01 58.43 9.45
N MET G 256 10.10 57.91 8.64
CA MET G 256 9.98 56.45 8.41
C MET G 256 10.06 56.16 6.93
N SER G 257 10.80 55.12 6.58
CA SER G 257 10.97 54.67 5.18
C SER G 257 10.73 53.18 5.15
N PHE G 258 10.31 52.70 3.98
CA PHE G 258 10.18 51.26 3.67
C PHE G 258 11.59 50.69 3.62
N ARG G 259 11.77 49.47 4.15
CA ARG G 259 13.03 48.73 3.88
C ARG G 259 12.62 47.44 3.16
N GLY G 260 13.33 47.10 2.07
CA GLY G 260 13.11 45.84 1.36
C GLY G 260 14.35 44.97 1.34
N LEU G 261 14.14 43.70 0.98
CA LEU G 261 15.23 42.73 0.81
C LEU G 261 15.12 42.02 -0.54
N PRO G 262 16.26 41.52 -1.06
CA PRO G 262 16.29 40.79 -2.32
C PRO G 262 15.81 39.34 -2.19
N ARG G 263 15.35 38.81 -3.31
CA ARG G 263 14.76 37.46 -3.38
C ARG G 263 15.60 36.61 -4.32
N TYR G 264 15.91 35.43 -3.84
CA TYR G 264 16.58 34.35 -4.58
C TYR G 264 15.53 33.50 -5.26
N PHE G 265 15.82 33.00 -6.47
CA PHE G 265 14.98 32.00 -7.17
C PHE G 265 15.90 30.90 -7.72
N ARG G 266 15.53 29.66 -7.47
CA ARG G 266 16.07 28.49 -8.22
C ARG G 266 14.86 27.87 -8.89
N VAL G 267 14.90 27.68 -10.21
CA VAL G 267 13.74 27.06 -10.92
C VAL G 267 14.27 25.88 -11.73
N THR G 268 13.69 24.69 -11.52
CA THR G 268 13.96 23.49 -12.33
C THR G 268 12.89 23.34 -13.43
N LEU G 269 13.36 23.17 -14.65
CA LEU G 269 12.51 23.06 -15.85
C LEU G 269 12.85 21.76 -16.59
N ARG G 270 11.87 21.20 -17.27
CA ARG G 270 12.05 20.00 -18.13
C ARG G 270 11.51 20.32 -19.51
N LYS G 271 11.93 19.55 -20.51
CA LYS G 271 11.41 19.64 -21.90
C LYS G 271 10.03 18.96 -21.92
N ARG G 272 9.05 19.68 -22.46
CA ARG G 272 7.69 19.17 -22.70
C ARG G 272 7.38 19.33 -24.19
N VAL G 273 6.85 18.28 -24.81
CA VAL G 273 6.34 18.31 -26.21
C VAL G 273 4.99 19.05 -26.19
N VAL G 274 4.72 19.91 -27.17
CA VAL G 274 3.39 20.57 -27.33
C VAL G 274 2.95 20.54 -28.80
N LYS G 275 1.62 20.52 -29.03
CA LYS G 275 0.93 20.86 -30.31
C LYS G 275 0.16 19.62 -30.79
N GLY H 6 31.51 18.36 -7.09
CA GLY H 6 31.59 17.34 -8.18
C GLY H 6 31.86 15.94 -7.64
N ILE H 7 31.38 15.61 -6.43
CA ILE H 7 31.48 14.24 -5.83
C ILE H 7 30.43 13.32 -6.48
N GLU H 8 30.89 12.31 -7.21
CA GLU H 8 30.04 11.19 -7.72
C GLU H 8 29.76 10.24 -6.56
N VAL H 9 28.54 10.30 -6.01
CA VAL H 9 28.08 9.51 -4.84
C VAL H 9 27.67 8.12 -5.31
N LEU H 10 28.12 7.06 -4.62
CA LEU H 10 27.75 5.65 -4.94
C LEU H 10 26.96 5.05 -3.77
N ALA H 11 27.23 3.80 -3.41
CA ALA H 11 26.41 3.02 -2.47
C ALA H 11 26.63 3.51 -1.03
N VAL H 12 25.58 3.41 -0.23
CA VAL H 12 25.62 3.52 1.26
C VAL H 12 26.16 2.21 1.84
N ARG H 13 27.06 2.26 2.82
CA ARG H 13 27.37 1.10 3.71
C ARG H 13 26.26 0.95 4.78
N THR H 14 25.93 -0.29 5.18
CA THR H 14 24.78 -0.58 6.09
C THR H 14 25.16 -1.41 7.33
N GLY H 15 26.43 -1.74 7.54
CA GLY H 15 26.86 -2.60 8.68
C GLY H 15 26.55 -2.02 10.07
N PRO H 16 26.79 -2.78 11.16
CA PRO H 16 26.75 -2.22 12.52
C PRO H 16 27.91 -1.24 12.81
N ASP H 17 28.88 -1.16 11.90
CA ASP H 17 30.08 -0.28 11.89
C ASP H 17 29.84 1.02 11.11
N SER H 18 28.73 1.10 10.36
CA SER H 18 28.49 2.03 9.23
C SER H 18 28.03 3.40 9.73
N ILE H 19 27.61 3.50 10.99
CA ILE H 19 26.99 4.74 11.56
C ILE H 19 27.80 5.17 12.77
N THR H 20 28.05 6.48 12.87
CA THR H 20 28.68 7.14 14.04
C THR H 20 27.80 8.33 14.44
N GLU H 21 27.87 8.71 15.70
CA GLU H 21 27.15 9.87 16.27
C GLU H 21 28.15 10.77 16.95
N ILE H 22 28.15 12.06 16.62
CA ILE H 22 28.93 13.10 17.34
C ILE H 22 27.94 14.04 18.02
N GLU H 23 28.42 14.63 19.11
CA GLU H 23 27.70 15.65 19.90
C GLU H 23 28.69 16.78 20.09
N ALA H 24 28.20 17.99 19.97
CA ALA H 24 29.03 19.20 20.06
C ALA H 24 28.15 20.33 20.60
N TYR H 25 28.79 21.33 21.20
CA TYR H 25 28.13 22.60 21.59
C TYR H 25 28.84 23.76 20.91
N LEU H 26 28.11 24.82 20.60
CA LEU H 26 28.71 26.12 20.23
C LEU H 26 28.17 27.15 21.20
N ASN H 27 29.08 27.78 21.93
CA ASN H 27 28.76 28.93 22.80
C ASN H 27 28.54 30.15 21.92
N PRO H 28 27.64 31.05 22.38
CA PRO H 28 27.29 32.25 21.63
C PRO H 28 28.47 33.22 21.64
N ARG H 29 28.55 34.04 20.60
CA ARG H 29 29.53 35.13 20.49
C ARG H 29 28.80 36.47 20.33
N MET H 30 28.19 36.96 21.41
CA MET H 30 27.32 38.16 21.45
C MET H 30 28.15 39.44 21.53
N GLY H 31 29.42 39.32 21.92
CA GLY H 31 30.43 40.40 21.84
C GLY H 31 31.39 40.43 23.00
N GLN H 32 30.92 40.21 24.23
CA GLN H 32 31.73 40.42 25.46
C GLN H 32 32.67 39.23 25.60
N PRO H 33 33.92 39.45 26.07
CA PRO H 33 34.94 38.38 26.11
C PRO H 33 34.62 37.18 27.02
N GLN H 34 35.08 36.01 26.55
CA GLN H 34 35.02 34.70 27.24
C GLN H 34 35.51 34.86 28.67
N ASN H 35 34.92 34.08 29.58
CA ASN H 35 35.47 33.84 30.93
C ASN H 35 35.72 35.18 31.61
N GLU H 36 34.92 36.20 31.26
CA GLU H 36 34.79 37.49 31.97
C GLU H 36 33.31 37.65 32.36
N ASP H 37 32.96 38.73 33.05
CA ASP H 37 31.71 38.78 33.87
C ASP H 37 30.47 38.92 32.98
N PHE H 38 30.61 39.37 31.75
CA PHE H 38 29.48 39.59 30.82
C PHE H 38 29.53 38.58 29.66
N TYR H 39 30.20 37.44 29.87
CA TYR H 39 30.18 36.32 28.88
C TYR H 39 28.72 35.87 28.64
N GLY H 40 28.32 35.83 27.36
CA GLY H 40 26.98 35.47 26.87
C GLY H 40 26.16 36.69 26.44
N PHE H 41 26.61 37.91 26.78
CA PHE H 41 26.05 39.24 26.44
C PHE H 41 26.94 39.93 25.40
N SER H 42 26.35 40.89 24.69
CA SER H 42 27.07 42.07 24.13
C SER H 42 27.31 43.10 25.22
N ASP H 43 28.21 44.05 24.96
CA ASP H 43 28.35 45.35 25.69
C ASP H 43 27.14 46.23 25.34
N ASN H 44 26.94 47.32 26.08
CA ASN H 44 25.74 48.19 25.92
C ASN H 44 25.80 48.77 24.52
N VAL H 45 24.66 48.72 23.84
CA VAL H 45 24.58 49.07 22.40
C VAL H 45 24.53 50.60 22.27
N THR H 46 25.46 51.15 21.51
CA THR H 46 25.47 52.58 21.12
C THR H 46 24.81 52.73 19.74
N VAL H 47 24.23 53.90 19.48
CA VAL H 47 23.45 54.11 18.22
C VAL H 47 23.92 55.40 17.59
N SER H 48 24.38 55.34 16.33
CA SER H 48 24.85 56.48 15.49
C SER H 48 23.73 57.48 15.20
N ASP H 49 24.11 58.70 14.82
CA ASP H 49 23.17 59.81 14.52
C ASP H 49 22.77 59.78 13.04
N ASP H 50 23.53 59.06 12.21
CA ASP H 50 23.42 59.05 10.73
C ASP H 50 24.24 57.85 10.21
N PHE H 51 23.94 57.42 9.00
CA PHE H 51 24.61 56.27 8.32
C PHE H 51 26.09 56.60 8.09
N GLY H 52 26.42 57.88 7.91
CA GLY H 52 27.77 58.31 7.50
C GLY H 52 28.80 58.14 8.60
N SER H 53 28.43 58.42 9.86
CA SER H 53 29.30 58.45 11.06
C SER H 53 29.15 57.14 11.85
N ASP H 54 28.49 56.16 11.25
CA ASP H 54 28.02 54.92 11.92
C ASP H 54 29.24 53.99 12.05
N ALA H 55 29.57 53.59 13.28
CA ALA H 55 30.78 52.82 13.62
C ALA H 55 30.50 51.95 14.83
N PRO H 56 29.88 50.76 14.68
CA PRO H 56 29.58 49.95 15.85
C PRO H 56 30.89 49.53 16.53
N PRO H 57 31.10 49.88 17.82
CA PRO H 57 32.29 49.41 18.53
C PRO H 57 32.30 47.88 18.70
N TRP H 58 33.50 47.32 18.63
CA TRP H 58 33.75 45.90 19.00
C TRP H 58 33.15 45.61 20.40
N LYS H 59 32.53 44.44 20.51
CA LYS H 59 31.81 43.86 21.68
C LYS H 59 30.34 44.27 21.65
N GLN H 60 29.93 45.20 20.79
CA GLN H 60 28.54 45.76 20.86
C GLN H 60 27.62 45.06 19.86
N PHE H 61 28.10 44.03 19.17
CA PHE H 61 27.26 43.32 18.18
C PHE H 61 27.66 41.86 18.16
N PRO H 62 26.69 40.99 17.87
CA PRO H 62 26.94 39.55 17.80
C PRO H 62 27.61 39.07 16.50
N CYS H 63 28.35 37.98 16.60
CA CYS H 63 28.97 37.29 15.43
C CYS H 63 28.56 35.81 15.40
N TYR H 64 28.74 35.16 14.26
CA TYR H 64 28.39 33.72 14.12
C TYR H 64 29.33 32.90 14.98
N SER H 65 28.80 31.77 15.44
CA SER H 65 29.57 30.70 16.11
C SER H 65 29.83 29.65 15.04
N THR H 66 31.02 29.07 14.96
CA THR H 66 31.26 27.94 14.03
C THR H 66 32.34 27.02 14.61
N ALA H 67 32.27 25.73 14.33
CA ALA H 67 33.35 24.79 14.70
C ALA H 67 33.47 23.74 13.62
N ARG H 68 34.68 23.24 13.42
CA ARG H 68 34.90 22.06 12.56
C ARG H 68 35.09 20.85 13.49
N ILE H 69 34.26 19.81 13.35
CA ILE H 69 34.35 18.53 14.11
C ILE H 69 35.15 17.54 13.27
N SER H 70 36.25 17.05 13.83
CA SER H 70 37.12 16.02 13.25
C SER H 70 36.41 14.67 13.38
N LEU H 71 36.15 14.03 12.26
CA LEU H 71 35.48 12.71 12.20
C LEU H 71 36.54 11.65 12.01
N PRO H 72 36.28 10.36 12.30
CA PRO H 72 37.28 9.29 12.11
C PRO H 72 37.64 9.15 10.64
N MET H 73 38.94 9.00 10.38
CA MET H 73 39.44 8.88 9.00
C MET H 73 39.24 7.44 8.53
N LEU H 74 38.51 7.26 7.42
CA LEU H 74 38.02 5.94 6.96
C LEU H 74 38.98 5.26 5.98
N ASN H 75 39.83 6.02 5.27
CA ASN H 75 40.49 5.56 4.03
C ASN H 75 41.97 5.30 4.31
N GLN H 76 42.40 4.04 4.21
CA GLN H 76 43.83 3.65 4.40
C GLN H 76 44.65 4.13 3.20
N ASP H 77 44.03 4.21 2.01
CA ASP H 77 44.70 4.55 0.72
C ASP H 77 43.82 5.52 -0.09
N MET H 78 44.26 6.78 -0.20
CA MET H 78 43.47 7.89 -0.82
C MET H 78 43.71 7.93 -2.33
N THR H 79 44.43 6.94 -2.88
CA THR H 79 44.65 6.76 -4.35
C THR H 79 43.73 5.66 -4.89
N SER H 80 42.80 5.12 -4.09
CA SER H 80 41.89 4.03 -4.52
C SER H 80 40.82 4.63 -5.43
N ASP H 81 40.20 3.80 -6.27
CA ASP H 81 39.21 4.23 -7.29
C ASP H 81 37.99 4.83 -6.58
N THR H 82 37.67 4.29 -5.40
CA THR H 82 36.59 4.80 -4.52
C THR H 82 37.15 5.02 -3.13
N ILE H 83 36.53 5.94 -2.38
CA ILE H 83 36.79 6.16 -0.93
C ILE H 83 35.46 6.20 -0.19
N LEU H 84 35.52 6.12 1.13
CA LEU H 84 34.37 6.37 2.00
C LEU H 84 34.44 7.83 2.47
N MET H 85 33.27 8.44 2.58
CA MET H 85 33.12 9.75 3.25
C MET H 85 31.98 9.59 4.24
N TRP H 86 32.06 10.34 5.32
CA TRP H 86 30.91 10.46 6.26
C TRP H 86 29.82 11.32 5.63
N GLU H 87 28.59 10.84 5.77
CA GLU H 87 27.36 11.46 5.22
C GLU H 87 26.48 11.81 6.42
N ALA H 88 26.23 13.10 6.68
CA ALA H 88 25.31 13.51 7.76
C ALA H 88 23.88 13.20 7.26
N ILE H 89 23.17 12.29 7.92
CA ILE H 89 21.81 11.84 7.53
C ILE H 89 20.73 12.48 8.41
N SER H 90 21.06 12.88 9.64
CA SER H 90 20.07 13.46 10.57
C SER H 90 20.78 14.18 11.71
N CYS H 91 20.03 15.00 12.45
CA CYS H 91 20.54 15.75 13.61
C CYS H 91 19.42 16.02 14.63
N ARG H 92 19.83 16.16 15.89
CA ARG H 92 19.06 16.87 16.93
C ARG H 92 19.83 18.16 17.17
N THR H 93 19.14 19.28 17.26
CA THR H 93 19.75 20.52 17.79
C THR H 93 18.78 21.11 18.82
N GLU H 94 19.32 21.76 19.85
CA GLU H 94 18.56 22.32 20.99
C GLU H 94 19.29 23.58 21.43
N VAL H 95 18.52 24.65 21.67
CA VAL H 95 19.05 25.85 22.36
C VAL H 95 19.14 25.46 23.83
N MET H 96 20.32 25.56 24.40
CA MET H 96 20.54 25.12 25.80
C MET H 96 20.39 26.35 26.69
N GLY H 97 19.99 26.14 27.96
CA GLY H 97 19.97 27.23 28.94
C GLY H 97 18.75 28.14 28.84
N VAL H 98 17.68 27.68 28.20
CA VAL H 98 16.36 28.38 28.13
C VAL H 98 15.91 28.69 29.56
N ASN H 99 16.08 27.73 30.48
CA ASN H 99 15.81 27.86 31.94
C ASN H 99 16.23 29.23 32.50
N MET H 100 17.35 29.83 32.08
CA MET H 100 17.91 31.06 32.73
C MET H 100 16.97 32.24 32.51
N LEU H 101 16.11 32.19 31.48
CA LEU H 101 15.24 33.30 31.05
C LEU H 101 14.08 33.48 32.04
N THR H 102 13.98 32.60 33.05
CA THR H 102 13.01 32.70 34.17
C THR H 102 13.57 33.64 35.25
N ASN H 103 14.75 34.23 35.03
CA ASN H 103 15.42 35.16 35.99
C ASN H 103 14.88 36.57 35.73
N VAL H 104 14.11 37.08 36.69
CA VAL H 104 13.58 38.47 36.62
C VAL H 104 14.01 39.28 37.84
N HIS H 105 15.19 38.97 38.37
CA HIS H 105 15.78 39.69 39.55
C HIS H 105 17.15 40.29 39.26
N SER H 106 17.87 39.89 38.19
CA SER H 106 19.30 40.24 38.01
C SER H 106 19.45 41.59 37.28
N ALA H 107 19.44 42.68 38.05
CA ALA H 107 19.84 44.03 37.61
C ALA H 107 19.02 44.52 36.41
N GLN H 108 17.73 44.19 36.36
CA GLN H 108 16.82 44.45 35.21
C GLN H 108 15.94 45.67 35.47
N LYS H 109 15.72 46.48 34.44
CA LYS H 109 14.66 47.51 34.46
C LYS H 109 13.36 46.84 34.93
N ARG H 110 12.64 47.50 35.82
CA ARG H 110 11.43 46.86 36.43
C ARG H 110 10.23 47.17 35.52
N VAL H 111 9.22 46.31 35.59
CA VAL H 111 7.92 46.46 34.88
C VAL H 111 7.33 47.83 35.25
N TYR H 112 7.35 48.20 36.53
CA TYR H 112 6.92 49.55 37.03
C TYR H 112 8.10 50.35 37.57
N GLU H 113 8.97 50.84 36.69
CA GLU H 113 10.21 51.55 37.10
C GLU H 113 9.80 52.75 37.97
N ASN H 114 8.79 53.52 37.54
CA ASN H 114 8.32 54.76 38.22
C ASN H 114 8.00 54.45 39.69
N ASP H 115 7.43 53.28 39.96
CA ASP H 115 7.04 52.84 41.32
C ASP H 115 8.18 52.08 42.00
N ARG H 116 9.33 51.91 41.35
CA ARG H 116 10.40 50.97 41.77
C ARG H 116 9.75 49.67 42.23
N GLU H 117 8.88 49.09 41.41
CA GLU H 117 8.17 47.84 41.76
C GLU H 117 8.01 46.91 40.55
N GLY H 118 7.71 45.65 40.85
CA GLY H 118 7.42 44.60 39.86
C GLY H 118 8.65 43.74 39.60
N THR H 119 8.50 42.66 38.85
CA THR H 119 9.66 41.89 38.37
C THR H 119 10.54 42.78 37.47
N GLY H 120 11.75 42.30 37.17
CA GLY H 120 12.50 42.73 35.99
C GLY H 120 11.65 42.47 34.74
N ILE H 121 11.91 43.20 33.66
CA ILE H 121 11.22 42.99 32.34
C ILE H 121 11.84 41.74 31.67
N GLY H 122 13.00 41.31 32.14
CA GLY H 122 13.65 40.08 31.62
C GLY H 122 14.21 40.31 30.25
N VAL H 123 14.49 39.22 29.54
CA VAL H 123 15.01 39.29 28.15
C VAL H 123 13.84 39.43 27.18
N GLU H 124 13.84 40.47 26.37
CA GLU H 124 12.82 40.62 25.32
C GLU H 124 13.44 41.33 24.11
N GLY H 125 12.68 41.33 23.03
CA GLY H 125 13.04 41.87 21.71
C GLY H 125 13.45 40.77 20.75
N MET H 126 14.27 41.16 19.79
CA MET H 126 14.51 40.41 18.55
C MET H 126 15.06 39.05 18.92
N GLY H 127 14.55 38.04 18.24
CA GLY H 127 15.09 36.68 18.23
C GLY H 127 15.74 36.50 16.89
N TYR H 128 16.94 35.90 16.85
CA TYR H 128 17.55 35.42 15.58
C TYR H 128 18.19 34.07 15.86
N HIS H 129 17.58 33.02 15.36
CA HIS H 129 18.05 31.64 15.64
C HIS H 129 18.38 31.03 14.29
N MET H 130 19.61 30.60 14.08
CA MET H 130 19.90 29.86 12.84
C MET H 130 20.96 28.80 13.13
N PHE H 131 20.91 27.70 12.42
CA PHE H 131 21.95 26.67 12.50
C PHE H 131 22.20 26.11 11.11
N ALA H 132 23.41 25.60 10.91
CA ALA H 132 23.87 25.02 9.64
C ALA H 132 24.74 23.82 9.99
N ILE H 133 24.58 22.79 9.19
CA ILE H 133 25.37 21.54 9.25
C ILE H 133 25.78 21.24 7.81
N GLY H 134 27.08 21.12 7.56
CA GLY H 134 27.62 20.83 6.23
C GLY H 134 28.90 20.02 6.29
N GLY H 135 29.34 19.58 5.11
CA GLY H 135 30.63 18.87 4.92
C GLY H 135 31.74 19.82 4.50
N GLU H 136 31.51 21.12 4.66
CA GLU H 136 32.46 22.20 4.32
C GLU H 136 31.94 23.50 4.94
N PRO H 137 32.76 24.58 4.98
CA PRO H 137 32.32 25.84 5.59
C PRO H 137 31.04 26.38 4.94
N LEU H 138 30.17 26.95 5.78
CA LEU H 138 28.95 27.70 5.39
C LEU H 138 29.32 28.84 4.43
N GLU H 139 28.72 28.83 3.24
CA GLU H 139 28.93 29.83 2.17
C GLU H 139 27.96 30.99 2.44
N LEU H 140 28.52 32.20 2.54
CA LEU H 140 27.87 33.44 3.02
C LEU H 140 27.67 34.45 1.88
N GLN H 141 26.63 35.28 2.03
CA GLN H 141 26.35 36.48 1.22
C GLN H 141 26.52 37.65 2.18
N PHE H 142 27.39 38.59 1.82
CA PHE H 142 27.60 39.84 2.56
C PHE H 142 26.41 40.73 2.22
N MET H 143 25.73 41.21 3.23
CA MET H 143 24.60 42.14 3.08
C MET H 143 24.39 42.83 4.40
N VAL H 144 24.32 44.15 4.33
CA VAL H 144 24.25 45.05 5.50
C VAL H 144 23.05 45.99 5.35
N PHE H 145 22.60 46.51 6.48
CA PHE H 145 21.54 47.53 6.59
C PHE H 145 22.05 48.87 6.05
N ASN H 146 23.28 49.24 6.44
CA ASN H 146 23.92 50.52 6.05
C ASN H 146 25.35 50.22 5.58
N HIS H 147 25.63 50.41 4.29
CA HIS H 147 26.95 50.08 3.71
C HIS H 147 28.04 51.00 4.28
N ARG H 148 27.69 52.20 4.79
CA ARG H 148 28.66 53.19 5.30
C ARG H 148 29.06 52.91 6.77
N ALA H 149 28.48 51.93 7.43
CA ALA H 149 28.94 51.45 8.75
C ALA H 149 30.44 51.08 8.69
N THR H 150 31.25 51.56 9.65
CA THR H 150 32.68 51.14 9.75
C THR H 150 32.77 50.09 10.84
N TYR H 151 33.04 48.86 10.44
CA TYR H 151 33.17 47.72 11.37
C TYR H 151 34.55 47.77 11.99
N PRO H 152 34.70 47.28 13.24
CA PRO H 152 36.01 47.31 13.90
C PRO H 152 36.97 46.29 13.27
N ALA H 153 38.25 46.51 13.50
CA ALA H 153 39.37 45.68 13.00
C ALA H 153 39.19 44.22 13.43
N GLU H 154 38.59 43.98 14.60
CA GLU H 154 38.35 42.61 15.13
C GLU H 154 37.43 41.82 14.19
N ALA H 155 36.51 42.48 13.51
CA ALA H 155 35.45 41.78 12.74
C ALA H 155 35.95 41.49 11.33
N THR H 156 35.47 40.41 10.74
CA THR H 156 35.70 40.04 9.34
C THR H 156 34.48 40.50 8.54
N VAL H 157 34.68 41.50 7.69
CA VAL H 157 33.65 42.14 6.83
C VAL H 157 34.30 42.41 5.48
N ILE H 158 33.52 42.87 4.51
CA ILE H 158 34.04 43.41 3.24
C ILE H 158 34.16 44.92 3.44
N LYS H 159 35.36 45.47 3.33
CA LYS H 159 35.63 46.89 3.66
C LYS H 159 35.10 47.73 2.51
N ASN H 160 34.55 48.94 2.75
CA ASN H 160 33.95 49.80 1.68
C ASN H 160 33.15 48.99 0.67
N PRO H 161 32.11 48.25 1.14
CA PRO H 161 31.36 47.35 0.27
C PRO H 161 30.52 48.05 -0.81
N GLY H 162 30.25 49.34 -0.63
CA GLY H 162 29.43 50.15 -1.56
C GLY H 162 27.92 49.97 -1.36
N ALA H 163 27.13 50.86 -1.93
CA ALA H 163 25.65 50.91 -1.77
C ALA H 163 24.98 49.57 -2.19
N SER H 164 25.51 48.84 -3.19
CA SER H 164 24.97 47.55 -3.69
C SER H 164 24.89 46.48 -2.58
N SER H 165 25.75 46.57 -1.57
CA SER H 165 25.82 45.66 -0.39
C SER H 165 24.60 45.87 0.53
N GLN H 166 23.82 46.93 0.34
CA GLN H 166 22.56 47.10 1.14
C GLN H 166 21.48 46.19 0.55
N VAL H 167 21.73 45.60 -0.62
CA VAL H 167 20.84 44.59 -1.25
C VAL H 167 21.72 43.49 -1.84
N PHE H 168 21.29 42.77 -2.88
CA PHE H 168 22.11 41.65 -3.42
C PHE H 168 23.11 42.16 -4.46
N ASP H 169 24.38 41.82 -4.22
CA ASP H 169 25.50 42.02 -5.17
C ASP H 169 26.25 40.70 -5.34
N PRO H 170 26.25 40.09 -6.56
CA PRO H 170 26.78 38.73 -6.70
C PRO H 170 28.30 38.67 -6.40
N ASN H 171 28.94 39.84 -6.27
CA ASN H 171 30.39 39.93 -6.00
C ASN H 171 30.68 39.64 -4.52
N LEU H 172 29.75 39.92 -3.59
CA LEU H 172 30.04 40.07 -2.14
C LEU H 172 29.82 38.72 -1.45
N LYS H 173 30.69 37.76 -1.77
CA LYS H 173 30.67 36.39 -1.22
C LYS H 173 31.72 36.22 -0.11
N GLY H 174 31.51 35.22 0.74
CA GLY H 174 32.47 34.80 1.78
C GLY H 174 32.15 33.40 2.23
N THR H 175 32.93 32.89 3.20
CA THR H 175 32.68 31.60 3.87
C THR H 175 32.95 31.82 5.36
N LEU H 176 32.20 31.09 6.18
CA LEU H 176 32.25 31.15 7.67
C LEU H 176 33.43 30.29 8.12
N THR H 177 34.62 30.88 8.09
CA THR H 177 35.94 30.23 8.28
C THR H 177 36.42 30.37 9.72
N ALA H 178 35.89 31.32 10.50
CA ALA H 178 36.33 31.56 11.89
C ALA H 178 35.13 31.84 12.80
N ASP H 179 35.31 31.40 14.04
CA ASP H 179 34.35 31.60 15.15
C ASP H 179 34.45 33.04 15.72
N GLY H 180 33.31 33.68 15.95
CA GLY H 180 33.21 34.91 16.78
C GLY H 180 33.75 36.17 16.15
N VAL H 181 33.80 36.27 14.81
CA VAL H 181 34.39 37.41 14.04
C VAL H 181 33.54 37.85 12.84
N PHE H 182 32.67 37.03 12.28
CA PHE H 182 31.76 37.43 11.17
C PHE H 182 30.48 38.00 11.80
N PRO H 183 30.26 39.33 11.75
CA PRO H 183 29.07 39.93 12.35
C PRO H 183 27.78 39.32 11.77
N VAL H 184 26.84 38.95 12.62
CA VAL H 184 25.49 38.48 12.17
C VAL H 184 24.85 39.50 11.22
N GLU H 185 24.94 40.81 11.53
CA GLU H 185 24.27 41.90 10.80
C GLU H 185 24.94 42.15 9.43
N ALA H 186 26.08 41.53 9.13
CA ALA H 186 26.81 41.72 7.85
C ALA H 186 26.79 40.47 6.96
N TRP H 187 26.51 39.29 7.49
CA TRP H 187 26.62 38.06 6.69
C TRP H 187 25.40 37.17 6.89
N GLY H 188 24.99 36.49 5.84
CA GLY H 188 23.89 35.51 5.86
C GLY H 188 24.13 34.35 4.92
N PRO H 189 23.35 33.25 5.05
CA PRO H 189 23.53 32.09 4.19
C PRO H 189 23.29 32.44 2.71
N ASP H 190 24.17 31.96 1.82
CA ASP H 190 24.08 32.18 0.35
C ASP H 190 23.30 31.03 -0.29
N PRO H 191 22.05 31.26 -0.76
CA PRO H 191 21.28 30.21 -1.40
C PRO H 191 21.79 29.84 -2.79
N PHE H 192 22.60 30.68 -3.41
CA PHE H 192 23.24 30.34 -4.70
C PHE H 192 24.27 29.20 -4.55
N LYS H 193 24.71 28.94 -3.32
CA LYS H 193 25.75 27.93 -3.03
C LYS H 193 25.17 27.00 -1.95
N ASN H 194 26.01 26.51 -1.05
CA ASN H 194 25.61 25.57 0.03
C ASN H 194 24.94 24.31 -0.47
N GLU H 195 25.42 23.74 -1.57
CA GLU H 195 24.93 22.44 -2.09
C GLU H 195 25.24 21.34 -1.06
N ASN H 196 26.26 21.50 -0.22
CA ASN H 196 26.77 20.44 0.70
C ASN H 196 26.53 20.83 2.16
N THR H 197 25.57 21.72 2.40
CA THR H 197 25.22 22.24 3.75
C THR H 197 23.70 22.33 3.82
N ARG H 198 23.09 22.03 4.96
CA ARG H 198 21.69 22.39 5.22
C ARG H 198 21.69 23.49 6.27
N TYR H 199 21.00 24.59 5.98
CA TYR H 199 20.82 25.68 6.94
C TYR H 199 19.33 25.98 7.18
N PHE H 200 19.07 26.46 8.39
CA PHE H 200 17.72 26.79 8.93
C PHE H 200 17.87 28.03 9.80
N GLY H 201 16.91 28.94 9.68
CA GLY H 201 16.98 30.25 10.35
C GLY H 201 15.61 30.86 10.54
N GLN H 202 15.46 31.64 11.59
CA GLN H 202 14.24 32.44 11.86
C GLN H 202 14.61 33.71 12.60
N TYR H 203 14.02 34.82 12.17
CA TYR H 203 14.17 36.16 12.74
C TYR H 203 12.78 36.60 13.20
N THR H 204 12.64 36.97 14.46
CA THR H 204 11.46 37.65 15.01
C THR H 204 12.00 38.97 15.54
N GLY H 205 11.61 40.08 14.93
CA GLY H 205 12.10 41.41 15.28
C GLY H 205 11.36 42.03 16.45
N GLY H 206 11.63 43.30 16.70
CA GLY H 206 11.00 44.06 17.80
C GLY H 206 12.00 44.20 18.92
N THR H 207 11.71 45.08 19.88
CA THR H 207 12.54 45.27 21.09
C THR H 207 11.73 44.90 22.34
N GLN H 208 10.41 44.75 22.21
CA GLN H 208 9.49 44.32 23.31
C GLN H 208 8.95 42.91 23.06
N THR H 209 9.31 42.29 21.93
CA THR H 209 8.80 40.96 21.52
C THR H 209 9.21 39.92 22.57
N PRO H 210 8.32 39.04 23.07
CA PRO H 210 8.73 38.02 24.03
C PRO H 210 9.47 36.90 23.33
N PRO H 211 10.60 36.40 23.89
CA PRO H 211 11.26 35.24 23.32
C PRO H 211 10.31 34.02 23.32
N VAL H 212 10.43 33.19 22.30
CA VAL H 212 9.74 31.89 22.22
C VAL H 212 10.76 30.84 21.82
N LEU H 213 11.03 29.93 22.75
CA LEU H 213 12.05 28.85 22.60
C LEU H 213 11.40 27.55 23.04
N THR H 214 11.76 26.45 22.38
CA THR H 214 11.35 25.09 22.74
C THR H 214 12.62 24.25 22.87
N PHE H 215 12.57 23.20 23.68
CA PHE H 215 13.69 22.24 23.86
C PHE H 215 13.06 20.86 24.13
N THR H 216 13.62 19.84 23.49
CA THR H 216 13.21 18.42 23.66
C THR H 216 14.36 17.57 23.10
N ASN H 217 14.60 16.41 23.72
CA ASN H 217 15.61 15.46 23.19
C ASN H 217 14.95 14.48 22.22
N THR H 218 13.71 14.72 21.79
CA THR H 218 12.89 13.76 21.00
C THR H 218 12.70 14.15 19.52
N GLN H 219 13.26 15.28 19.06
CA GLN H 219 13.06 15.79 17.67
C GLN H 219 14.34 15.59 16.86
N THR H 220 14.21 14.92 15.73
CA THR H 220 15.27 14.61 14.75
C THR H 220 14.92 15.37 13.48
N THR H 221 15.90 16.04 12.87
CA THR H 221 15.74 16.60 11.52
C THR H 221 16.55 15.76 10.53
N ILE H 222 15.94 15.38 9.40
CA ILE H 222 16.56 14.62 8.29
C ILE H 222 17.39 15.60 7.46
N LEU H 223 18.60 15.22 7.05
CA LEU H 223 19.51 16.15 6.34
C LEU H 223 19.71 15.69 4.90
N LEU H 224 19.12 14.55 4.54
CA LEU H 224 19.13 14.04 3.15
C LEU H 224 18.47 15.07 2.24
N ASP H 225 19.06 15.29 1.09
CA ASP H 225 18.53 16.20 0.03
C ASP H 225 17.49 15.42 -0.77
N GLU H 226 17.07 15.97 -1.91
CA GLU H 226 15.99 15.43 -2.77
C GLU H 226 16.46 14.10 -3.41
N ASN H 227 17.77 13.89 -3.55
CA ASN H 227 18.33 12.63 -4.09
C ASN H 227 18.65 11.62 -2.97
N GLY H 228 18.26 11.91 -1.74
CA GLY H 228 18.54 11.04 -0.58
C GLY H 228 20.02 11.05 -0.18
N VAL H 229 20.71 12.18 -0.42
CA VAL H 229 22.13 12.37 -0.01
C VAL H 229 22.22 13.49 1.05
N GLY H 230 22.88 13.21 2.17
CA GLY H 230 23.14 14.20 3.23
C GLY H 230 24.42 14.93 2.92
N PRO H 231 24.79 15.98 3.69
CA PRO H 231 26.12 16.58 3.56
C PRO H 231 27.22 15.50 3.64
N LEU H 232 28.18 15.63 2.75
CA LEU H 232 29.36 14.76 2.65
C LEU H 232 30.59 15.53 3.14
N CYS H 233 31.29 14.93 4.09
CA CYS H 233 32.30 15.57 4.95
C CYS H 233 33.68 15.51 4.30
N LYS H 234 34.00 16.55 3.54
CA LYS H 234 35.33 16.76 2.91
C LYS H 234 36.44 16.84 3.95
N GLY H 235 37.52 16.12 3.68
CA GLY H 235 38.68 15.99 4.59
C GLY H 235 38.27 15.46 5.94
N ASP H 236 37.16 14.71 6.03
CA ASP H 236 36.61 14.08 7.27
C ASP H 236 36.28 15.16 8.33
N GLY H 237 35.82 16.31 7.85
CA GLY H 237 35.41 17.50 8.62
C GLY H 237 33.91 17.73 8.55
N LEU H 238 33.29 17.98 9.70
CA LEU H 238 31.84 18.31 9.81
C LEU H 238 31.76 19.73 10.34
N PHE H 239 31.05 20.63 9.65
CA PHE H 239 31.02 22.07 9.97
C PHE H 239 29.67 22.41 10.59
N LEU H 240 29.72 22.97 11.79
CA LEU H 240 28.58 23.41 12.61
C LEU H 240 28.66 24.92 12.70
N SER H 241 27.56 25.59 12.43
CA SER H 241 27.46 27.07 12.50
C SER H 241 26.10 27.44 13.10
N CYS H 242 26.08 28.48 13.91
CA CYS H 242 24.83 29.04 14.49
C CYS H 242 24.97 30.50 14.90
N ALA H 243 23.82 31.11 15.16
CA ALA H 243 23.66 32.39 15.88
C ALA H 243 22.35 32.23 16.66
N ASP H 244 22.37 32.47 17.96
CA ASP H 244 21.19 32.35 18.85
C ASP H 244 21.05 33.59 19.70
N ILE H 245 20.66 34.67 19.05
CA ILE H 245 20.21 35.92 19.72
C ILE H 245 18.84 35.63 20.33
N VAL H 246 18.76 35.69 21.66
CA VAL H 246 17.50 35.45 22.40
C VAL H 246 16.71 36.76 22.48
N GLY H 247 17.41 37.89 22.63
CA GLY H 247 16.84 39.23 22.80
C GLY H 247 17.84 40.15 23.46
N PHE H 248 17.32 41.15 24.18
CA PHE H 248 18.10 42.21 24.86
C PHE H 248 17.85 42.16 26.37
N PHE H 249 18.89 42.45 27.13
CA PHE H 249 18.83 42.67 28.59
C PHE H 249 18.87 44.19 28.78
N THR H 250 17.95 44.74 29.56
CA THR H 250 17.80 46.21 29.76
C THR H 250 18.15 46.51 31.22
N GLN H 251 19.08 47.43 31.46
CA GLN H 251 19.52 47.79 32.83
C GLN H 251 18.48 48.75 33.42
N HIS H 252 18.54 49.00 34.72
CA HIS H 252 17.78 50.12 35.33
C HIS H 252 17.99 51.43 34.56
N ASN H 253 19.21 51.75 34.12
CA ASN H 253 19.51 53.03 33.41
C ASN H 253 19.20 52.91 31.91
N LYS H 254 18.51 51.85 31.46
CA LYS H 254 17.92 51.66 30.09
C LYS H 254 18.99 51.26 29.07
N LYS H 255 20.22 51.03 29.52
CA LYS H 255 21.28 50.43 28.66
C LYS H 255 20.84 49.01 28.27
N MET H 256 21.08 48.65 27.02
CA MET H 256 20.57 47.40 26.42
C MET H 256 21.74 46.69 25.76
N SER H 257 21.77 45.39 25.96
CA SER H 257 22.79 44.49 25.41
C SER H 257 22.09 43.25 24.84
N PHE H 258 22.64 42.68 23.79
CA PHE H 258 22.26 41.34 23.27
C PHE H 258 22.47 40.26 24.36
N ARG H 259 21.55 39.32 24.50
CA ARG H 259 21.78 38.04 25.23
C ARG H 259 21.66 36.89 24.22
N GLY H 260 22.64 35.97 24.24
CA GLY H 260 22.70 34.78 23.38
C GLY H 260 22.71 33.52 24.24
N LEU H 261 22.45 32.35 23.64
CA LEU H 261 22.51 31.07 24.38
C LEU H 261 23.34 30.09 23.57
N PRO H 262 23.94 29.09 24.26
CA PRO H 262 24.59 28.01 23.54
C PRO H 262 23.61 27.06 22.83
N ARG H 263 24.16 26.32 21.88
CA ARG H 263 23.43 25.37 20.99
C ARG H 263 24.12 24.02 21.03
N TYR H 264 23.33 23.00 21.35
CA TYR H 264 23.70 21.57 21.26
C TYR H 264 23.47 21.08 19.85
N PHE H 265 24.41 20.27 19.35
CA PHE H 265 24.24 19.51 18.10
C PHE H 265 24.47 18.04 18.42
N ARG H 266 23.60 17.18 17.92
CA ARG H 266 23.90 15.74 17.76
C ARG H 266 23.73 15.43 16.29
N VAL H 267 24.75 14.90 15.61
CA VAL H 267 24.70 14.59 14.15
C VAL H 267 24.96 13.09 13.97
N THR H 268 24.10 12.42 13.20
CA THR H 268 24.19 10.96 12.93
C THR H 268 24.77 10.86 11.52
N LEU H 269 25.86 10.11 11.34
CA LEU H 269 26.53 10.04 10.02
C LEU H 269 26.68 8.58 9.65
N ARG H 270 26.69 8.29 8.36
CA ARG H 270 26.92 6.93 7.85
C ARG H 270 28.03 7.00 6.83
N LYS H 271 28.61 5.85 6.50
CA LYS H 271 29.66 5.74 5.48
C LYS H 271 28.97 5.62 4.11
N ARG H 272 29.39 6.47 3.19
CA ARG H 272 28.93 6.50 1.79
C ARG H 272 30.15 6.29 0.89
N VAL H 273 30.00 5.41 -0.08
CA VAL H 273 31.04 5.20 -1.12
C VAL H 273 30.93 6.35 -2.14
N VAL H 274 32.05 6.98 -2.43
CA VAL H 274 32.13 8.02 -3.51
C VAL H 274 33.29 7.69 -4.44
N LYS H 275 33.24 8.27 -5.64
CA LYS H 275 34.26 8.15 -6.71
C LYS H 275 35.47 9.02 -6.35
N ASN H 276 36.67 8.49 -6.55
CA ASN H 276 37.96 9.13 -6.16
C ASN H 276 38.89 9.21 -7.38
N ILE I 7 22.49 -1.17 29.58
CA ILE I 7 21.52 -2.30 29.44
C ILE I 7 21.59 -2.82 28.00
N GLU I 8 21.69 -4.14 27.84
CA GLU I 8 21.53 -4.88 26.56
C GLU I 8 20.07 -5.33 26.49
N VAL I 9 19.29 -4.74 25.58
CA VAL I 9 17.80 -4.83 25.59
C VAL I 9 17.36 -5.94 24.64
N LEU I 10 16.60 -6.92 25.15
CA LEU I 10 16.13 -8.08 24.35
C LEU I 10 14.65 -7.84 23.98
N ALA I 11 13.78 -8.81 24.25
CA ALA I 11 12.38 -8.82 23.77
C ALA I 11 11.44 -8.18 24.80
N VAL I 12 10.37 -7.57 24.28
CA VAL I 12 9.15 -7.16 25.02
C VAL I 12 8.48 -8.44 25.55
N ARG I 13 8.48 -8.66 26.86
CA ARG I 13 7.86 -9.87 27.47
C ARG I 13 6.35 -9.67 27.48
N THR I 14 5.66 -10.12 26.41
CA THR I 14 4.17 -10.15 26.33
C THR I 14 3.65 -11.21 27.33
N GLY I 15 2.49 -10.97 27.95
CA GLY I 15 1.85 -11.91 28.89
C GLY I 15 1.06 -11.21 29.99
N ASP I 17 -0.98 -9.16 32.58
CA ASP I 17 0.29 -9.37 33.34
C ASP I 17 1.36 -8.34 32.93
N SER I 18 1.62 -8.15 31.63
CA SER I 18 2.84 -7.49 31.08
C SER I 18 2.77 -5.96 31.14
N ILE I 19 1.57 -5.37 31.17
CA ILE I 19 1.38 -3.89 31.07
C ILE I 19 0.78 -3.32 32.37
N THR I 20 1.40 -2.27 32.92
CA THR I 20 0.88 -1.49 34.07
C THR I 20 0.72 -0.02 33.65
N GLU I 21 -0.03 0.73 34.45
CA GLU I 21 -0.30 2.17 34.22
C GLU I 21 -0.21 2.86 35.59
N ILE I 22 0.45 4.01 35.64
CA ILE I 22 0.44 4.87 36.86
C ILE I 22 -0.10 6.25 36.44
N GLU I 23 -0.59 6.97 37.45
CA GLU I 23 -1.00 8.39 37.43
C GLU I 23 -0.36 9.08 38.62
N ALA I 24 0.16 10.29 38.41
CA ALA I 24 0.71 11.10 39.50
C ALA I 24 0.41 12.55 39.24
N TYR I 25 0.54 13.37 40.26
CA TYR I 25 0.58 14.84 40.16
C TYR I 25 1.89 15.33 40.78
N LEU I 26 2.45 16.39 40.20
CA LEU I 26 3.47 17.20 40.90
C LEU I 26 2.87 18.59 41.07
N ASN I 27 2.82 19.06 42.31
CA ASN I 27 2.42 20.44 42.65
C ASN I 27 3.60 21.37 42.36
N PRO I 28 3.29 22.62 41.95
CA PRO I 28 4.34 23.60 41.66
C PRO I 28 5.10 24.04 42.91
N ARG I 29 6.36 24.40 42.72
CA ARG I 29 7.28 24.88 43.79
C ARG I 29 7.73 26.29 43.40
N MET I 30 6.77 27.21 43.35
CA MET I 30 6.97 28.63 42.94
C MET I 30 7.69 29.41 44.04
N GLY I 31 7.60 28.99 45.31
CA GLY I 31 8.52 29.45 46.37
C GLY I 31 7.83 29.73 47.70
N GLN I 32 6.57 30.16 47.69
CA GLN I 32 5.79 30.33 48.95
C GLN I 32 5.54 28.95 49.56
N PRO I 33 5.57 28.81 50.91
CA PRO I 33 5.40 27.49 51.54
C PRO I 33 4.04 26.80 51.35
N GLN I 34 4.09 25.46 51.28
CA GLN I 34 2.92 24.56 51.25
C GLN I 34 2.00 24.89 52.43
N ASN I 35 0.70 24.63 52.27
CA ASN I 35 -0.36 24.69 53.32
C ASN I 35 -0.30 26.06 54.03
N GLU I 36 0.13 27.10 53.32
CA GLU I 36 0.00 28.52 53.72
C GLU I 36 -0.80 29.23 52.62
N ASP I 37 -1.15 30.51 52.84
CA ASP I 37 -2.17 31.23 52.02
C ASP I 37 -1.63 31.56 50.62
N PHE I 38 -0.33 31.52 50.38
CA PHE I 38 0.24 31.87 49.05
C PHE I 38 0.84 30.64 48.39
N TYR I 39 0.38 29.45 48.78
CA TYR I 39 0.74 28.17 48.13
C TYR I 39 0.36 28.23 46.63
N GLY I 40 1.35 27.99 45.76
CA GLY I 40 1.17 28.07 44.31
C GLY I 40 1.80 29.30 43.72
N PHE I 41 2.14 30.29 44.55
CA PHE I 41 2.79 31.57 44.19
C PHE I 41 4.23 31.62 44.69
N SER I 42 4.98 32.55 44.12
CA SER I 42 6.26 33.01 44.71
C SER I 42 5.97 34.19 45.63
N ASP I 43 6.91 34.52 46.50
CA ASP I 43 6.86 35.80 47.23
C ASP I 43 7.10 36.90 46.20
N ASN I 44 6.82 38.14 46.59
CA ASN I 44 6.93 39.35 45.73
C ASN I 44 8.40 39.52 45.31
N VAL I 45 8.63 39.62 44.00
CA VAL I 45 9.99 39.56 43.40
C VAL I 45 10.71 40.88 43.66
N THR I 46 11.89 40.81 44.30
CA THR I 46 12.82 41.95 44.46
C THR I 46 13.87 41.90 43.33
N VAL I 47 14.39 43.06 42.93
CA VAL I 47 15.41 43.19 41.84
C VAL I 47 16.66 43.90 42.35
N SER I 48 17.83 43.34 42.04
CA SER I 48 19.17 43.91 42.36
C SER I 48 19.44 45.19 41.53
N ASP I 49 20.37 46.03 41.99
CA ASP I 49 20.84 47.22 41.25
C ASP I 49 21.97 46.81 40.30
N ASP I 50 22.60 45.65 40.52
CA ASP I 50 23.78 45.22 39.73
C ASP I 50 23.98 43.70 39.86
N PHE I 51 24.76 43.10 38.96
CA PHE I 51 25.03 41.64 38.96
C PHE I 51 25.89 41.29 40.19
N GLY I 52 26.81 42.17 40.59
CA GLY I 52 27.72 41.94 41.74
C GLY I 52 26.99 41.70 43.07
N SER I 53 25.96 42.50 43.40
CA SER I 53 25.23 42.46 44.71
C SER I 53 23.96 41.61 44.58
N ASP I 54 23.80 40.90 43.47
CA ASP I 54 22.54 40.21 43.12
C ASP I 54 22.40 39.03 44.08
N ALA I 55 21.32 38.99 44.86
CA ALA I 55 21.07 37.92 45.85
C ALA I 55 19.57 37.64 45.91
N PRO I 56 19.03 36.77 45.03
CA PRO I 56 17.61 36.44 45.06
C PRO I 56 17.23 35.79 46.39
N PRO I 57 16.42 36.44 47.25
CA PRO I 57 15.89 35.77 48.45
C PRO I 57 15.12 34.46 48.21
N TRP I 58 15.25 33.53 49.16
CA TRP I 58 14.41 32.30 49.23
C TRP I 58 12.92 32.71 49.20
N LYS I 59 12.12 31.92 48.47
CA LYS I 59 10.65 32.03 48.17
C LYS I 59 10.34 32.94 46.98
N GLN I 60 11.27 33.76 46.51
CA GLN I 60 10.99 34.76 45.43
C GLN I 60 11.30 34.19 44.04
N PHE I 61 11.62 32.90 43.94
CA PHE I 61 11.94 32.26 42.64
C PHE I 61 11.47 30.82 42.65
N PRO I 62 11.00 30.33 41.49
CA PRO I 62 10.57 28.96 41.33
C PRO I 62 11.73 27.98 41.22
N CYS I 63 11.46 26.79 41.74
CA CYS I 63 12.33 25.59 41.63
C CYS I 63 11.56 24.49 40.90
N TYR I 64 12.30 23.49 40.40
CA TYR I 64 11.72 22.29 39.75
C TYR I 64 10.96 21.44 40.77
N SER I 65 9.92 20.76 40.30
CA SER I 65 9.21 19.67 41.04
C SER I 65 9.79 18.36 40.54
N THR I 66 9.81 17.33 41.40
CA THR I 66 10.23 15.98 40.97
C THR I 66 9.69 14.98 41.97
N ALA I 67 9.42 13.77 41.50
CA ALA I 67 9.05 12.62 42.34
C ALA I 67 9.58 11.37 41.68
N ARG I 68 9.88 10.38 42.52
CA ARG I 68 10.14 9.00 42.08
C ARG I 68 8.91 8.17 42.42
N ILE I 69 8.37 7.45 41.44
CA ILE I 69 7.18 6.60 41.60
C ILE I 69 7.64 5.14 41.72
N SER I 70 7.28 4.48 42.82
CA SER I 70 7.59 3.04 43.06
C SER I 70 6.67 2.23 42.15
N LEU I 71 7.25 1.39 41.31
CA LEU I 71 6.52 0.49 40.37
C LEU I 71 6.41 -0.88 41.03
N PRO I 72 5.51 -1.77 40.53
CA PRO I 72 5.42 -3.14 41.03
C PRO I 72 6.73 -3.94 40.90
N MET I 73 7.14 -4.63 41.96
CA MET I 73 8.45 -5.36 42.01
C MET I 73 8.41 -6.53 41.02
N LEU I 74 9.52 -6.76 40.29
CA LEU I 74 9.67 -7.91 39.36
C LEU I 74 10.79 -8.83 39.86
N ILE I 83 17.24 -10.17 33.39
CA ILE I 83 16.30 -9.36 34.23
C ILE I 83 15.13 -8.85 33.36
N LEU I 84 13.96 -8.71 33.97
CA LEU I 84 12.87 -7.84 33.44
C LEU I 84 12.99 -6.45 34.07
N MET I 85 12.84 -5.40 33.27
CA MET I 85 12.62 -4.00 33.74
C MET I 85 11.30 -3.47 33.18
N TRP I 86 10.66 -2.58 33.92
CA TRP I 86 9.55 -1.73 33.42
C TRP I 86 10.13 -0.75 32.40
N GLU I 87 9.57 -0.75 31.19
CA GLU I 87 9.84 0.21 30.10
C GLU I 87 8.64 1.14 29.94
N ALA I 88 8.83 2.45 30.04
CA ALA I 88 7.77 3.45 29.78
C ALA I 88 7.61 3.59 28.26
N ILE I 89 6.40 3.34 27.73
CA ILE I 89 6.08 3.33 26.28
C ILE I 89 5.26 4.56 25.89
N SER I 90 4.44 5.11 26.79
CA SER I 90 3.48 6.19 26.43
C SER I 90 3.11 7.00 27.67
N CYS I 91 2.77 8.27 27.47
CA CYS I 91 2.32 9.16 28.57
C CYS I 91 1.24 10.12 28.08
N ARG I 92 0.34 10.45 29.00
CA ARG I 92 -0.46 11.69 28.91
C ARG I 92 0.08 12.63 29.98
N THR I 93 0.03 13.91 29.70
CA THR I 93 0.34 14.91 30.72
C THR I 93 -0.56 16.12 30.46
N GLU I 94 -0.88 16.84 31.53
CA GLU I 94 -1.88 17.92 31.52
C GLU I 94 -1.48 18.87 32.65
N VAL I 95 -1.44 20.15 32.32
CA VAL I 95 -1.42 21.23 33.33
C VAL I 95 -2.85 21.33 33.80
N MET I 96 -3.05 21.13 35.10
CA MET I 96 -4.39 21.16 35.71
C MET I 96 -4.63 22.57 36.27
N GLY I 97 -5.89 22.93 36.47
CA GLY I 97 -6.24 24.19 37.15
C GLY I 97 -6.21 25.37 36.18
N VAL I 98 -6.19 25.14 34.87
CA VAL I 98 -6.19 26.23 33.85
C VAL I 98 -7.43 27.09 34.08
N ASN I 99 -8.56 26.46 34.41
CA ASN I 99 -9.83 27.14 34.79
C ASN I 99 -9.59 28.31 35.75
N MET I 100 -8.63 28.23 36.69
CA MET I 100 -8.49 29.26 37.76
C MET I 100 -8.11 30.61 37.15
N LEU I 101 -7.53 30.62 35.95
CA LEU I 101 -6.94 31.83 35.33
C LEU I 101 -8.05 32.72 34.77
N THR I 102 -9.30 32.26 34.85
CA THR I 102 -10.50 33.07 34.48
C THR I 102 -10.89 34.01 35.63
N ASN I 103 -10.15 33.91 36.75
CA ASN I 103 -10.27 34.79 37.93
C ASN I 103 -9.62 36.13 37.64
N VAL I 104 -10.43 37.18 37.54
CA VAL I 104 -9.95 38.59 37.39
C VAL I 104 -10.60 39.45 38.47
N HIS I 105 -10.88 38.90 39.65
CA HIS I 105 -11.41 39.69 40.79
C HIS I 105 -10.50 39.66 42.03
N SER I 106 -9.58 38.70 42.15
CA SER I 106 -8.85 38.47 43.44
C SER I 106 -7.62 39.39 43.58
N ALA I 107 -7.76 40.62 44.12
CA ALA I 107 -6.64 41.49 44.57
C ALA I 107 -5.63 41.79 43.46
N GLN I 108 -6.09 42.01 42.23
CA GLN I 108 -5.25 42.22 41.04
C GLN I 108 -5.33 43.70 40.66
N LYS I 109 -4.18 44.31 40.35
CA LYS I 109 -4.08 45.60 39.62
C LYS I 109 -5.15 45.60 38.51
N ARG I 110 -5.95 46.67 38.44
CA ARG I 110 -7.08 46.79 37.51
C ARG I 110 -6.66 47.35 36.14
N VAL I 111 -7.44 47.06 35.11
CA VAL I 111 -7.14 47.42 33.69
C VAL I 111 -7.02 48.95 33.63
N TYR I 112 -7.84 49.69 34.40
CA TYR I 112 -7.84 51.16 34.43
C TYR I 112 -7.57 51.67 35.85
N GLU I 113 -6.32 51.56 36.32
CA GLU I 113 -6.00 51.76 37.76
C GLU I 113 -6.34 53.19 38.15
N ASN I 114 -6.08 54.15 37.27
CA ASN I 114 -6.32 55.60 37.54
C ASN I 114 -7.80 55.80 37.81
N ASP I 115 -8.69 55.11 37.08
CA ASP I 115 -10.17 55.24 37.23
C ASP I 115 -10.68 54.26 38.29
N ARG I 116 -9.79 53.49 38.90
CA ARG I 116 -10.15 52.40 39.84
C ARG I 116 -11.28 51.57 39.22
N GLU I 117 -11.11 51.20 37.95
CA GLU I 117 -12.19 50.49 37.21
C GLU I 117 -11.59 49.40 36.34
N GLY I 118 -12.49 48.51 35.90
CA GLY I 118 -12.20 47.44 34.93
C GLY I 118 -11.96 46.16 35.70
N THR I 119 -11.74 45.05 35.03
CA THR I 119 -11.39 43.81 35.73
C THR I 119 -9.96 43.92 36.28
N GLY I 120 -9.53 42.89 37.02
CA GLY I 120 -8.12 42.65 37.30
C GLY I 120 -7.41 42.33 35.99
N ILE I 121 -6.11 42.61 35.88
CA ILE I 121 -5.31 42.25 34.68
C ILE I 121 -5.07 40.74 34.61
N GLY I 122 -5.38 39.99 35.68
CA GLY I 122 -5.16 38.54 35.74
C GLY I 122 -3.68 38.20 35.70
N VAL I 123 -3.38 36.96 35.37
CA VAL I 123 -1.97 36.47 35.26
C VAL I 123 -1.48 36.77 33.84
N GLU I 124 -0.29 37.32 33.71
CA GLU I 124 0.34 37.71 32.43
C GLU I 124 1.84 37.51 32.62
N GLY I 125 2.58 37.55 31.51
CA GLY I 125 4.05 37.39 31.53
C GLY I 125 4.44 35.97 31.17
N MET I 126 5.60 35.54 31.60
CA MET I 126 6.27 34.37 30.96
C MET I 126 5.58 33.05 31.33
N GLY I 127 5.45 32.16 30.36
CA GLY I 127 5.16 30.72 30.54
C GLY I 127 6.43 29.92 30.36
N TYR I 128 6.82 29.16 31.37
CA TYR I 128 7.89 28.14 31.27
C TYR I 128 7.24 26.82 31.69
N HIS I 129 7.13 25.89 30.76
CA HIS I 129 6.36 24.62 30.88
C HIS I 129 7.30 23.52 30.39
N MET I 130 7.80 22.69 31.28
CA MET I 130 8.64 21.52 30.89
C MET I 130 8.28 20.31 31.75
N PHE I 131 8.40 19.16 31.14
CA PHE I 131 8.21 17.88 31.86
C PHE I 131 9.23 16.89 31.31
N ALA I 132 9.56 15.94 32.15
CA ALA I 132 10.51 14.86 31.82
C ALA I 132 10.01 13.59 32.49
N ILE I 133 10.16 12.49 31.77
CA ILE I 133 9.74 11.14 32.26
C ILE I 133 10.91 10.23 31.97
N GLY I 134 11.45 9.59 33.01
CA GLY I 134 12.70 8.83 32.84
C GLY I 134 12.80 7.62 33.75
N GLY I 135 13.84 6.81 33.48
CA GLY I 135 14.21 5.62 34.26
C GLY I 135 15.17 5.92 35.39
N GLU I 136 15.56 7.20 35.54
CA GLU I 136 16.56 7.66 36.54
C GLU I 136 16.40 9.16 36.67
N PRO I 137 16.98 9.84 37.69
CA PRO I 137 16.76 11.29 37.80
C PRO I 137 17.15 12.02 36.50
N LEU I 138 16.34 13.02 36.16
CA LEU I 138 16.65 14.03 35.11
C LEU I 138 18.10 14.49 35.28
N GLU I 139 18.88 14.46 34.20
CA GLU I 139 20.27 14.96 34.19
C GLU I 139 20.26 16.43 33.76
N LEU I 140 20.91 17.29 34.56
CA LEU I 140 20.84 18.78 34.44
C LEU I 140 22.20 19.38 34.03
N GLN I 141 22.10 20.48 33.29
CA GLN I 141 23.19 21.42 32.98
C GLN I 141 22.92 22.67 33.83
N PHE I 142 23.87 23.04 34.67
CA PHE I 142 23.85 24.33 35.41
C PHE I 142 24.04 25.45 34.40
N MET I 143 23.15 26.45 34.40
CA MET I 143 23.41 27.62 33.55
C MET I 143 22.56 28.78 34.07
N VAL I 144 23.19 29.95 34.24
CA VAL I 144 22.51 31.09 34.90
C VAL I 144 22.63 32.33 34.03
N PHE I 145 21.68 33.22 34.18
CA PHE I 145 21.72 34.57 33.59
C PHE I 145 22.96 35.34 34.09
N ASN I 146 23.23 35.29 35.40
CA ASN I 146 24.25 36.13 36.07
C ASN I 146 25.01 35.22 37.03
N HIS I 147 26.27 34.90 36.72
CA HIS I 147 27.06 33.92 37.49
C HIS I 147 27.35 34.45 38.90
N ARG I 148 27.33 35.77 39.10
CA ARG I 148 27.68 36.46 40.39
C ARG I 148 26.45 36.52 41.32
N ALA I 149 25.30 35.96 40.92
CA ALA I 149 24.11 35.81 41.80
C ALA I 149 24.48 34.93 43.00
N THR I 150 24.12 35.36 44.22
CA THR I 150 24.28 34.55 45.44
C THR I 150 22.94 33.87 45.74
N TYR I 151 22.78 32.58 45.43
CA TYR I 151 21.53 31.83 45.73
C TYR I 151 21.49 31.58 47.24
N PRO I 152 20.28 31.43 47.82
CA PRO I 152 20.16 31.28 49.27
C PRO I 152 20.45 29.84 49.71
N ALA I 153 20.71 29.69 51.02
CA ALA I 153 21.19 28.42 51.60
C ALA I 153 20.23 27.28 51.19
N GLU I 154 18.92 27.56 51.16
CA GLU I 154 17.82 26.59 50.92
C GLU I 154 17.89 25.96 49.52
N ALA I 155 18.48 26.67 48.54
CA ALA I 155 18.54 26.27 47.13
C ALA I 155 19.72 25.32 46.96
N THR I 156 19.63 24.37 46.03
CA THR I 156 20.76 23.55 45.53
C THR I 156 21.27 24.13 44.21
N VAL I 157 22.49 24.67 44.23
CA VAL I 157 23.19 25.23 43.05
C VAL I 157 24.69 24.98 43.21
N ILE I 158 25.43 25.21 42.12
CA ILE I 158 26.92 25.23 42.16
C ILE I 158 27.35 26.62 42.64
N LYS I 159 28.07 26.69 43.77
CA LYS I 159 28.51 27.97 44.35
C LYS I 159 29.71 28.46 43.55
N ASN I 160 29.83 29.79 43.48
CA ASN I 160 30.92 30.49 42.75
C ASN I 160 31.18 29.78 41.42
N PRO I 161 30.12 29.61 40.58
CA PRO I 161 30.22 28.78 39.39
C PRO I 161 31.10 29.38 38.29
N GLY I 162 31.49 30.65 38.39
CA GLY I 162 32.34 31.28 37.35
C GLY I 162 31.57 31.85 36.16
N ALA I 163 32.20 32.78 35.44
CA ALA I 163 31.71 33.47 34.22
C ALA I 163 31.18 32.43 33.22
N SER I 164 31.87 31.29 33.06
CA SER I 164 31.57 30.27 32.02
C SER I 164 30.16 29.68 32.22
N SER I 165 29.62 29.76 33.44
CA SER I 165 28.26 29.26 33.79
C SER I 165 27.14 30.10 33.15
N GLN I 166 27.48 31.25 32.54
CA GLN I 166 26.50 32.15 31.87
C GLN I 166 26.24 31.62 30.46
N VAL I 167 27.08 30.70 29.98
CA VAL I 167 26.85 29.93 28.73
C VAL I 167 27.13 28.46 29.04
N PHE I 168 27.49 27.64 28.04
CA PHE I 168 27.72 26.19 28.27
C PHE I 168 29.15 25.93 28.76
N ASP I 169 29.24 25.37 29.97
CA ASP I 169 30.50 24.87 30.58
C ASP I 169 30.31 23.39 30.88
N PRO I 170 31.04 22.48 30.21
CA PRO I 170 30.82 21.04 30.39
C PRO I 170 31.15 20.49 31.79
N ASN I 171 31.83 21.25 32.65
CA ASN I 171 32.17 20.87 34.05
C ASN I 171 30.93 20.99 34.98
N LEU I 172 29.88 21.72 34.58
CA LEU I 172 28.85 22.18 35.56
C LEU I 172 27.55 21.40 35.40
N LYS I 173 27.47 20.23 36.06
CA LYS I 173 26.39 19.23 35.89
C LYS I 173 25.77 18.97 37.26
N GLY I 174 24.57 18.45 37.22
CA GLY I 174 23.84 17.89 38.37
C GLY I 174 22.85 16.89 37.88
N THR I 175 22.13 16.31 38.83
CA THR I 175 20.94 15.46 38.63
C THR I 175 19.85 16.02 39.55
N LEU I 176 18.60 16.00 39.09
CA LEU I 176 17.46 16.58 39.84
C LEU I 176 17.03 15.54 40.87
N THR I 177 17.60 15.61 42.08
CA THR I 177 17.51 14.56 43.12
C THR I 177 16.63 14.99 44.29
N ALA I 178 16.18 16.25 44.34
CA ALA I 178 15.25 16.76 45.38
C ALA I 178 14.22 17.70 44.75
N ASP I 179 12.99 17.59 45.24
CA ASP I 179 11.81 18.45 44.96
C ASP I 179 11.97 19.85 45.55
N GLY I 180 11.75 20.88 44.73
CA GLY I 180 11.46 22.25 45.18
C GLY I 180 12.67 22.97 45.69
N VAL I 181 13.88 22.57 45.29
CA VAL I 181 15.15 23.23 45.75
C VAL I 181 16.11 23.53 44.59
N PHE I 182 15.95 22.92 43.44
CA PHE I 182 16.73 23.26 42.21
C PHE I 182 16.09 24.49 41.53
N PRO I 183 16.71 25.69 41.54
CA PRO I 183 16.09 26.88 40.94
C PRO I 183 15.95 26.62 39.45
N VAL I 184 14.76 26.91 38.93
CA VAL I 184 14.52 26.85 37.47
C VAL I 184 15.56 27.69 36.75
N GLU I 185 15.84 28.89 37.23
CA GLU I 185 16.75 29.86 36.54
C GLU I 185 18.23 29.43 36.51
N ALA I 186 18.61 28.31 37.19
CA ALA I 186 20.02 27.86 37.37
C ALA I 186 20.26 26.48 36.77
N TRP I 187 19.19 25.72 36.52
CA TRP I 187 19.30 24.33 36.02
C TRP I 187 18.36 24.14 34.84
N GLY I 188 18.86 23.46 33.81
CA GLY I 188 18.02 22.97 32.70
C GLY I 188 18.42 21.56 32.32
N PRO I 189 17.62 20.87 31.47
CA PRO I 189 17.93 19.51 31.03
C PRO I 189 19.24 19.48 30.22
N ASP I 190 20.03 18.44 30.46
CA ASP I 190 21.36 18.21 29.84
C ASP I 190 21.16 17.37 28.57
N PRO I 191 21.28 17.99 27.37
CA PRO I 191 21.11 17.27 26.12
C PRO I 191 22.28 16.32 25.75
N PHE I 192 23.40 16.46 26.46
CA PHE I 192 24.55 15.52 26.33
C PHE I 192 24.27 14.24 27.11
N LYS I 193 23.28 14.24 28.00
CA LYS I 193 22.95 13.02 28.78
C LYS I 193 21.48 12.69 28.52
N ASN I 194 20.77 12.21 29.54
CA ASN I 194 19.33 11.88 29.49
C ASN I 194 19.04 10.89 28.36
N GLU I 195 19.90 9.87 28.18
CA GLU I 195 19.64 8.80 27.18
C GLU I 195 18.43 7.98 27.66
N ASN I 196 18.18 7.96 28.98
CA ASN I 196 17.12 7.12 29.59
C ASN I 196 15.96 7.97 30.12
N THR I 197 15.82 9.21 29.64
CA THR I 197 14.75 10.19 30.02
C THR I 197 14.29 10.92 28.76
N ARG I 198 12.98 11.13 28.61
CA ARG I 198 12.43 12.04 27.58
C ARG I 198 12.06 13.38 28.22
N TYR I 199 12.49 14.52 27.65
CA TYR I 199 12.13 15.86 28.19
C TYR I 199 11.63 16.76 27.06
N PHE I 200 10.77 17.71 27.45
CA PHE I 200 9.97 18.58 26.56
C PHE I 200 9.75 19.90 27.29
N GLY I 201 10.00 21.02 26.62
CA GLY I 201 10.03 22.36 27.23
C GLY I 201 9.60 23.40 26.23
N GLN I 202 8.85 24.39 26.73
CA GLN I 202 8.32 25.53 25.95
C GLN I 202 8.41 26.74 26.88
N TYR I 203 9.10 27.80 26.44
CA TYR I 203 9.21 29.11 27.11
C TYR I 203 8.61 30.16 26.19
N THR I 204 7.69 30.97 26.74
CA THR I 204 7.33 32.28 26.14
C THR I 204 7.63 33.35 27.19
N GLY I 205 8.44 34.34 26.83
CA GLY I 205 8.97 35.33 27.78
C GLY I 205 8.02 36.50 27.96
N GLY I 206 8.55 37.61 28.46
CA GLY I 206 7.78 38.84 28.72
C GLY I 206 7.20 38.86 30.14
N THR I 207 6.58 39.99 30.46
CA THR I 207 5.91 40.28 31.76
C THR I 207 4.44 40.66 31.54
N GLN I 208 4.07 41.11 30.34
CA GLN I 208 2.66 41.43 29.94
C GLN I 208 2.12 40.43 28.91
N THR I 209 2.88 39.41 28.49
CA THR I 209 2.43 38.36 27.52
C THR I 209 1.16 37.64 27.96
N PRO I 210 0.16 37.41 27.08
CA PRO I 210 -1.03 36.66 27.51
C PRO I 210 -0.63 35.21 27.65
N PRO I 211 -0.93 34.52 28.78
CA PRO I 211 -0.66 33.10 28.87
C PRO I 211 -1.52 32.32 27.87
N VAL I 212 -0.98 31.21 27.37
CA VAL I 212 -1.71 30.32 26.43
C VAL I 212 -1.53 28.90 26.96
N LEU I 213 -2.63 28.24 27.29
CA LEU I 213 -2.60 26.86 27.79
C LEU I 213 -3.70 26.08 27.08
N THR I 214 -3.43 24.81 26.85
CA THR I 214 -4.45 23.85 26.38
C THR I 214 -4.50 22.71 27.38
N PHE I 215 -5.60 21.98 27.37
CA PHE I 215 -5.85 20.78 28.18
C PHE I 215 -6.82 19.92 27.37
N THR I 216 -6.57 18.61 27.41
CA THR I 216 -7.36 17.52 26.80
C THR I 216 -6.90 16.20 27.42
N ASN I 217 -7.79 15.23 27.45
CA ASN I 217 -7.50 13.82 27.86
C ASN I 217 -7.37 12.93 26.60
N THR I 218 -7.26 13.50 25.40
CA THR I 218 -7.27 12.73 24.10
C THR I 218 -5.87 12.73 23.45
N GLN I 219 -4.85 13.16 24.17
CA GLN I 219 -3.47 13.26 23.65
C GLN I 219 -2.58 12.27 24.38
N THR I 220 -1.92 11.39 23.62
CA THR I 220 -0.92 10.40 24.10
C THR I 220 0.37 10.67 23.33
N THR I 221 1.46 10.81 24.08
CA THR I 221 2.84 10.94 23.56
C THR I 221 3.54 9.59 23.73
N ILE I 222 4.05 9.03 22.63
CA ILE I 222 4.88 7.79 22.61
C ILE I 222 6.28 8.13 23.14
N LEU I 223 6.86 7.26 23.97
CA LEU I 223 8.13 7.55 24.69
C LEU I 223 9.25 6.67 24.10
N LEU I 224 8.93 5.84 23.10
CA LEU I 224 9.90 4.96 22.38
C LEU I 224 10.91 5.83 21.63
N ASP I 225 12.20 5.46 21.67
CA ASP I 225 13.29 6.18 20.96
C ASP I 225 13.31 5.70 19.51
N GLU I 226 14.35 6.05 18.74
CA GLU I 226 14.50 5.64 17.31
C GLU I 226 14.65 4.12 17.20
N ASN I 227 15.06 3.44 18.28
CA ASN I 227 15.25 1.96 18.33
C ASN I 227 14.00 1.20 18.82
N GLY I 228 12.96 1.89 19.28
CA GLY I 228 11.73 1.27 19.79
C GLY I 228 11.82 0.91 21.27
N VAL I 229 12.71 1.58 22.01
CA VAL I 229 12.98 1.39 23.46
C VAL I 229 12.48 2.63 24.24
N GLY I 230 11.54 2.46 25.19
CA GLY I 230 11.16 3.50 26.17
C GLY I 230 12.19 3.64 27.27
N PRO I 231 12.10 4.68 28.14
CA PRO I 231 12.89 4.72 29.37
C PRO I 231 12.76 3.44 30.19
N LEU I 232 13.90 2.89 30.61
CA LEU I 232 13.93 1.64 31.42
C LEU I 232 14.10 2.03 32.89
N CYS I 233 13.19 1.56 33.74
CA CYS I 233 13.06 2.08 35.12
C CYS I 233 14.05 1.33 36.02
N LYS I 234 15.17 1.97 36.33
CA LYS I 234 16.25 1.40 37.16
C LYS I 234 15.75 1.36 38.60
N GLY I 235 16.08 0.27 39.30
CA GLY I 235 15.57 -0.02 40.66
C GLY I 235 14.06 0.07 40.72
N ASP I 236 13.38 -0.25 39.62
CA ASP I 236 11.90 -0.23 39.52
C ASP I 236 11.36 1.14 39.96
N GLY I 237 12.03 2.22 39.54
CA GLY I 237 11.63 3.61 39.84
C GLY I 237 11.36 4.37 38.56
N LEU I 238 10.23 5.08 38.49
CA LEU I 238 9.82 6.01 37.41
C LEU I 238 10.01 7.45 37.92
N PHE I 239 10.76 8.26 37.17
CA PHE I 239 11.17 9.62 37.57
C PHE I 239 10.37 10.62 36.73
N LEU I 240 9.66 11.49 37.43
CA LEU I 240 8.76 12.54 36.87
C LEU I 240 9.29 13.88 37.34
N SER I 241 9.43 14.82 36.40
CA SER I 241 9.99 16.16 36.66
C SER I 241 9.20 17.19 35.85
N CYS I 242 9.03 18.38 36.42
CA CYS I 242 8.33 19.47 35.72
C CYS I 242 8.54 20.80 36.43
N ALA I 243 8.26 21.85 35.65
CA ALA I 243 8.21 23.26 36.07
C ALA I 243 7.11 23.84 35.19
N ASP I 244 6.13 24.51 35.77
CA ASP I 244 4.97 25.08 35.01
C ASP I 244 4.64 26.46 35.58
N ILE I 245 5.50 27.44 35.24
CA ILE I 245 5.29 28.89 35.50
C ILE I 245 4.26 29.36 34.48
N VAL I 246 3.09 29.79 34.92
CA VAL I 246 2.03 30.29 34.01
C VAL I 246 2.28 31.76 33.72
N GLY I 247 2.77 32.50 34.71
CA GLY I 247 3.17 33.91 34.56
C GLY I 247 3.15 34.61 35.90
N PHE I 248 2.82 35.90 35.93
CA PHE I 248 2.90 36.70 37.18
C PHE I 248 1.54 37.21 37.62
N PHE I 249 1.37 37.27 38.94
CA PHE I 249 0.26 37.89 39.68
C PHE I 249 0.68 39.30 40.12
N THR I 250 -0.01 40.34 39.65
CA THR I 250 0.29 41.76 39.95
C THR I 250 -0.75 42.33 40.94
N GLN I 251 -0.29 42.75 42.12
CA GLN I 251 -1.13 43.39 43.17
C GLN I 251 -1.43 44.84 42.81
N HIS I 252 -2.40 45.45 43.51
CA HIS I 252 -2.76 46.87 43.30
C HIS I 252 -1.52 47.76 43.45
N ASN I 253 -0.60 47.45 44.36
CA ASN I 253 0.65 48.21 44.58
C ASN I 253 1.79 47.72 43.66
N LYS I 254 1.47 46.93 42.65
CA LYS I 254 2.38 46.56 41.53
C LYS I 254 3.44 45.56 41.97
N LYS I 255 3.32 44.96 43.16
CA LYS I 255 4.19 43.85 43.57
C LYS I 255 3.79 42.64 42.73
N MET I 256 4.78 41.93 42.21
CA MET I 256 4.58 40.82 41.26
C MET I 256 5.19 39.56 41.86
N SER I 257 4.46 38.45 41.69
CA SER I 257 4.89 37.10 42.11
C SER I 257 4.70 36.15 40.94
N PHE I 258 5.57 35.16 40.83
CA PHE I 258 5.34 33.98 39.95
C PHE I 258 4.04 33.30 40.35
N ARG I 259 3.23 32.90 39.39
CA ARG I 259 2.13 31.91 39.63
C ARG I 259 2.47 30.63 38.87
N GLY I 260 2.23 29.48 39.50
CA GLY I 260 2.46 28.17 38.90
C GLY I 260 1.22 27.30 39.01
N LEU I 261 1.20 26.18 38.31
CA LEU I 261 0.07 25.20 38.38
C LEU I 261 0.60 23.77 38.46
N PRO I 262 -0.21 22.81 38.97
CA PRO I 262 0.21 21.41 39.08
C PRO I 262 0.09 20.71 37.74
N ARG I 263 0.80 19.61 37.60
CA ARG I 263 0.88 18.81 36.36
C ARG I 263 0.45 17.38 36.73
N TYR I 264 -0.48 16.85 35.95
CA TYR I 264 -0.92 15.43 35.90
C TYR I 264 0.01 14.64 34.99
N PHE I 265 0.33 13.40 35.37
CA PHE I 265 1.11 12.46 34.51
C PHE I 265 0.38 11.13 34.51
N ARG I 266 0.13 10.58 33.33
CA ARG I 266 -0.21 9.15 33.12
C ARG I 266 0.96 8.50 32.38
N VAL I 267 1.47 7.39 32.88
CA VAL I 267 2.57 6.65 32.20
C VAL I 267 2.17 5.17 32.14
N THR I 268 2.14 4.64 30.93
CA THR I 268 1.98 3.20 30.64
C THR I 268 3.38 2.61 30.56
N LEU I 269 3.59 1.45 31.18
CA LEU I 269 4.89 0.76 31.18
C LEU I 269 4.66 -0.71 30.81
N ARG I 270 5.67 -1.33 30.19
CA ARG I 270 5.59 -2.76 29.78
C ARG I 270 6.85 -3.48 30.22
N LYS I 271 6.71 -4.79 30.43
CA LYS I 271 7.79 -5.70 30.86
C LYS I 271 8.73 -5.90 29.67
N ARG I 272 10.01 -5.55 29.85
CA ARG I 272 11.08 -5.72 28.84
C ARG I 272 12.18 -6.61 29.42
N VAL I 273 12.60 -7.64 28.69
CA VAL I 273 13.76 -8.52 29.04
C VAL I 273 15.05 -7.78 28.68
N VAL I 274 15.97 -7.65 29.65
CA VAL I 274 17.32 -7.03 29.47
C VAL I 274 18.39 -8.02 29.96
N LYS I 275 19.57 -7.99 29.32
CA LYS I 275 20.74 -8.84 29.66
C LYS I 275 21.66 -8.05 30.59
N ILE J 7 -17.49 -1.76 32.63
CA ILE J 7 -18.26 -2.21 31.42
C ILE J 7 -17.29 -2.96 30.49
N GLU J 8 -17.49 -4.27 30.35
CA GLU J 8 -16.77 -5.10 29.34
C GLU J 8 -17.48 -4.90 28.00
N VAL J 9 -16.77 -4.36 27.02
CA VAL J 9 -17.35 -3.93 25.71
C VAL J 9 -17.15 -5.07 24.70
N LEU J 10 -18.23 -5.44 23.98
CA LEU J 10 -18.19 -6.45 22.89
C LEU J 10 -18.33 -5.73 21.54
N ALA J 11 -18.98 -6.35 20.55
CA ALA J 11 -18.96 -5.90 19.13
C ALA J 11 -19.97 -4.75 18.93
N VAL J 12 -19.75 -3.97 17.89
CA VAL J 12 -20.69 -2.92 17.37
C VAL J 12 -21.89 -3.64 16.74
N ARG J 13 -23.13 -3.26 17.09
CA ARG J 13 -24.38 -3.80 16.48
C ARG J 13 -24.64 -3.04 15.18
N THR J 14 -25.13 -3.75 14.15
CA THR J 14 -25.45 -3.20 12.80
C THR J 14 -26.79 -3.77 12.32
N ASP J 17 -30.37 2.09 11.07
CA ASP J 17 -31.00 1.48 12.27
C ASP J 17 -30.06 1.57 13.50
N SER J 18 -28.77 1.27 13.33
CA SER J 18 -27.74 1.13 14.41
C SER J 18 -27.08 2.47 14.74
N ILE J 19 -27.41 3.52 14.00
CA ILE J 19 -26.74 4.85 14.06
C ILE J 19 -27.81 5.89 14.38
N THR J 20 -27.50 6.83 15.26
CA THR J 20 -28.34 8.04 15.45
C THR J 20 -27.40 9.23 15.63
N GLU J 21 -27.88 10.39 15.20
CA GLU J 21 -27.20 11.71 15.35
C GLU J 21 -28.08 12.57 16.26
N ILE J 22 -27.48 13.37 17.15
CA ILE J 22 -28.23 14.43 17.88
C ILE J 22 -27.59 15.76 17.54
N GLU J 23 -28.37 16.85 17.61
CA GLU J 23 -27.83 18.22 17.63
C GLU J 23 -28.35 18.90 18.90
N ALA J 24 -27.49 19.71 19.50
CA ALA J 24 -27.78 20.45 20.75
C ALA J 24 -27.07 21.80 20.74
N TYR J 25 -27.58 22.73 21.52
CA TYR J 25 -26.85 23.98 21.90
C TYR J 25 -26.81 24.14 23.41
N LEU J 26 -25.70 24.71 23.89
CA LEU J 26 -25.56 25.20 25.28
C LEU J 26 -25.36 26.69 25.21
N ASN J 27 -26.34 27.45 25.70
CA ASN J 27 -26.19 28.89 25.90
C ASN J 27 -25.13 29.10 26.96
N PRO J 28 -24.39 30.23 26.91
CA PRO J 28 -23.40 30.56 27.92
C PRO J 28 -24.04 31.04 29.23
N ARG J 29 -23.30 30.88 30.34
CA ARG J 29 -23.80 31.27 31.67
C ARG J 29 -22.79 32.24 32.26
N MET J 30 -22.71 33.44 31.69
CA MET J 30 -21.68 34.44 32.04
C MET J 30 -22.03 35.17 33.35
N GLY J 31 -23.27 35.08 33.82
CA GLY J 31 -23.70 35.67 35.11
C GLY J 31 -25.06 36.36 35.05
N GLN J 32 -25.28 37.23 34.08
CA GLN J 32 -26.55 38.00 34.00
C GLN J 32 -27.67 37.04 33.64
N PRO J 33 -28.89 37.29 34.19
CA PRO J 33 -30.02 36.38 34.01
C PRO J 33 -30.51 36.31 32.56
N GLN J 34 -30.97 35.09 32.23
CA GLN J 34 -31.75 34.74 31.02
C GLN J 34 -32.82 35.78 30.73
N ASN J 35 -33.03 36.03 29.45
CA ASN J 35 -34.26 36.69 28.95
C ASN J 35 -34.41 38.08 29.60
N GLU J 36 -33.32 38.62 30.14
CA GLU J 36 -33.22 40.06 30.52
C GLU J 36 -32.13 40.67 29.64
N ASP J 37 -31.95 41.99 29.70
CA ASP J 37 -31.27 42.78 28.63
C ASP J 37 -29.76 42.47 28.54
N PHE J 38 -29.15 41.89 29.58
CA PHE J 38 -27.67 41.64 29.64
C PHE J 38 -27.40 40.16 29.45
N TYR J 39 -28.36 39.38 28.95
CA TYR J 39 -28.19 37.94 28.71
C TYR J 39 -27.01 37.71 27.75
N GLY J 40 -26.05 36.90 28.18
CA GLY J 40 -24.81 36.62 27.44
C GLY J 40 -23.63 37.34 28.05
N PHE J 41 -23.87 38.26 28.99
CA PHE J 41 -22.80 39.02 29.70
C PHE J 41 -22.79 38.62 31.17
N SER J 42 -21.66 38.88 31.81
CA SER J 42 -21.59 39.06 33.28
C SER J 42 -22.07 40.46 33.66
N ASP J 43 -22.29 40.68 34.96
CA ASP J 43 -22.47 42.04 35.49
C ASP J 43 -21.04 42.60 35.60
N ASN J 44 -20.94 43.92 35.71
CA ASN J 44 -19.66 44.66 35.77
C ASN J 44 -18.84 44.08 36.92
N VAL J 45 -17.61 43.71 36.61
CA VAL J 45 -16.70 43.00 37.54
C VAL J 45 -16.09 43.99 38.52
N THR J 46 -16.15 43.64 39.80
CA THR J 46 -15.55 44.31 40.97
C THR J 46 -14.30 43.52 41.36
N VAL J 47 -13.32 44.22 41.92
CA VAL J 47 -12.00 43.62 42.28
C VAL J 47 -11.78 43.85 43.76
N SER J 48 -11.43 42.78 44.49
CA SER J 48 -11.02 42.88 45.90
C SER J 48 -9.66 43.56 46.06
N ASP J 49 -9.38 44.08 47.25
CA ASP J 49 -8.12 44.79 47.60
C ASP J 49 -7.06 43.78 48.07
N ASP J 50 -7.51 42.62 48.54
CA ASP J 50 -6.65 41.55 49.10
C ASP J 50 -7.40 40.24 49.07
N PHE J 51 -6.66 39.14 49.24
CA PHE J 51 -7.19 37.76 49.27
C PHE J 51 -8.08 37.49 50.50
N GLY J 52 -7.91 38.25 51.59
CA GLY J 52 -8.61 38.06 52.88
C GLY J 52 -10.07 38.44 52.84
N SER J 53 -10.42 39.41 51.99
CA SER J 53 -11.78 39.97 51.86
C SER J 53 -12.12 40.04 50.38
N ASP J 54 -12.43 38.87 49.82
CA ASP J 54 -12.56 38.58 48.37
C ASP J 54 -13.85 37.77 48.20
N ALA J 55 -14.95 38.45 47.88
CA ALA J 55 -16.28 37.86 47.77
C ALA J 55 -16.85 38.28 46.43
N PRO J 56 -16.55 37.55 45.32
CA PRO J 56 -17.05 37.95 44.01
C PRO J 56 -18.57 37.80 43.98
N PRO J 57 -19.33 38.89 43.78
CA PRO J 57 -20.78 38.80 43.81
C PRO J 57 -21.31 37.89 42.70
N TRP J 58 -22.42 37.20 43.01
CA TRP J 58 -23.26 36.52 42.00
C TRP J 58 -23.49 37.45 40.79
N LYS J 59 -23.43 36.86 39.60
CA LYS J 59 -23.60 37.48 38.24
C LYS J 59 -22.30 38.10 37.70
N GLN J 60 -21.25 38.30 38.51
CA GLN J 60 -19.97 38.91 38.03
C GLN J 60 -18.92 37.90 37.57
N PHE J 61 -19.23 36.62 37.52
CA PHE J 61 -18.30 35.57 37.04
C PHE J 61 -19.04 34.47 36.28
N PRO J 62 -18.41 33.87 35.24
CA PRO J 62 -19.05 32.83 34.45
C PRO J 62 -19.05 31.47 35.16
N CYS J 63 -20.04 30.65 34.83
CA CYS J 63 -20.12 29.24 35.28
C CYS J 63 -20.19 28.33 34.07
N TYR J 64 -19.92 27.03 34.26
CA TYR J 64 -20.07 25.99 33.21
C TYR J 64 -21.53 25.86 32.81
N SER J 65 -21.73 25.59 31.52
CA SER J 65 -22.98 25.09 30.92
C SER J 65 -22.89 23.57 30.79
N THR J 66 -24.01 22.89 31.00
CA THR J 66 -24.13 21.44 30.85
C THR J 66 -25.58 21.09 30.57
N ALA J 67 -25.78 20.00 29.82
CA ALA J 67 -27.10 19.39 29.59
C ALA J 67 -26.92 17.88 29.45
N ARG J 68 -27.97 17.18 29.83
CA ARG J 68 -28.20 15.75 29.50
C ARG J 68 -29.21 15.70 28.36
N ILE J 69 -28.77 15.17 27.22
CA ILE J 69 -29.60 14.77 26.06
C ILE J 69 -30.07 13.33 26.27
N SER J 70 -31.39 13.13 26.28
CA SER J 70 -32.04 11.80 26.27
C SER J 70 -31.94 11.22 24.85
N LEU J 71 -31.34 10.03 24.75
CA LEU J 71 -31.14 9.28 23.49
C LEU J 71 -32.29 8.29 23.32
N PRO J 72 -32.58 7.83 22.08
CA PRO J 72 -33.62 6.81 21.85
C PRO J 72 -33.48 5.58 22.78
N MET J 73 -34.53 5.25 23.55
CA MET J 73 -34.54 4.06 24.45
C MET J 73 -34.23 2.80 23.63
N LEU J 74 -33.50 1.84 24.21
CA LEU J 74 -32.93 0.65 23.50
C LEU J 74 -33.68 -0.61 23.93
N THR J 82 -25.55 -9.75 27.99
CA THR J 82 -25.38 -8.70 26.94
C THR J 82 -26.41 -7.58 27.14
N ILE J 83 -26.01 -6.32 26.92
CA ILE J 83 -26.92 -5.13 26.87
C ILE J 83 -26.42 -4.22 25.73
N LEU J 84 -27.33 -3.45 25.12
CA LEU J 84 -27.00 -2.43 24.11
C LEU J 84 -26.84 -1.07 24.81
N MET J 85 -25.76 -0.35 24.49
CA MET J 85 -25.54 1.08 24.88
C MET J 85 -25.17 1.87 23.63
N TRP J 86 -25.72 3.09 23.52
CA TRP J 86 -25.29 4.15 22.57
C TRP J 86 -23.84 4.55 22.85
N GLU J 87 -23.01 4.50 21.81
CA GLU J 87 -21.56 4.83 21.82
C GLU J 87 -21.32 6.07 20.97
N ALA J 88 -20.88 7.18 21.60
CA ALA J 88 -20.53 8.41 20.86
C ALA J 88 -19.24 8.16 20.09
N ILE J 89 -19.29 8.20 18.76
CA ILE J 89 -18.11 7.86 17.90
C ILE J 89 -17.51 9.14 17.30
N SER J 90 -18.30 10.20 17.11
CA SER J 90 -17.78 11.45 16.51
C SER J 90 -18.66 12.64 16.92
N CYS J 91 -18.15 13.82 16.67
CA CYS J 91 -18.86 15.06 16.98
C CYS J 91 -18.42 16.16 16.02
N ARG J 92 -19.29 17.15 15.89
CA ARG J 92 -18.97 18.50 15.41
C ARG J 92 -19.29 19.43 16.55
N THR J 93 -18.52 20.50 16.69
CA THR J 93 -18.82 21.55 17.69
C THR J 93 -18.44 22.89 17.08
N GLU J 94 -19.15 23.93 17.47
CA GLU J 94 -18.90 25.26 16.88
C GLU J 94 -19.31 26.32 17.88
N VAL J 95 -18.47 27.34 18.07
CA VAL J 95 -18.88 28.54 18.84
C VAL J 95 -19.73 29.34 17.86
N MET J 96 -21.03 29.44 18.17
CA MET J 96 -21.98 30.22 17.35
C MET J 96 -21.93 31.71 17.72
N GLY J 97 -22.35 32.53 16.77
CA GLY J 97 -22.49 33.98 16.92
C GLY J 97 -21.18 34.75 16.91
N VAL J 98 -20.07 34.16 16.47
CA VAL J 98 -18.76 34.84 16.22
C VAL J 98 -19.05 36.17 15.48
N ASN J 99 -19.98 36.17 14.54
CA ASN J 99 -20.41 37.35 13.72
C ASN J 99 -20.69 38.58 14.58
N MET J 100 -21.29 38.44 15.76
CA MET J 100 -21.71 39.62 16.57
C MET J 100 -20.48 40.44 17.01
N LEU J 101 -19.27 39.87 16.95
CA LEU J 101 -18.06 40.56 17.49
C LEU J 101 -17.56 41.61 16.50
N THR J 102 -18.19 41.72 15.31
CA THR J 102 -17.96 42.84 14.35
C THR J 102 -18.68 44.10 14.82
N ASN J 103 -19.44 44.04 15.92
CA ASN J 103 -20.12 45.24 16.49
C ASN J 103 -19.12 46.11 17.26
N VAL J 104 -18.84 47.32 16.77
CA VAL J 104 -18.00 48.31 17.47
C VAL J 104 -18.75 49.63 17.66
N HIS J 105 -20.09 49.57 17.78
CA HIS J 105 -20.98 50.75 18.00
C HIS J 105 -21.80 50.70 19.29
N SER J 106 -21.93 49.55 19.97
CA SER J 106 -22.90 49.33 21.08
C SER J 106 -22.26 49.68 22.45
N ALA J 107 -22.25 50.96 22.81
CA ALA J 107 -21.99 51.50 24.18
C ALA J 107 -20.58 51.11 24.66
N GLN J 108 -19.60 51.16 23.75
CA GLN J 108 -18.23 50.66 24.02
C GLN J 108 -17.29 51.84 24.22
N LYS J 109 -16.38 51.73 25.20
CA LYS J 109 -15.22 52.62 25.28
C LYS J 109 -14.67 52.76 23.84
N ARG J 110 -14.43 53.99 23.41
CA ARG J 110 -13.90 54.30 22.05
C ARG J 110 -12.37 54.19 22.01
N VAL J 111 -11.83 53.87 20.84
CA VAL J 111 -10.35 53.78 20.61
C VAL J 111 -9.70 55.12 21.03
N TYR J 112 -10.32 56.27 20.73
CA TYR J 112 -9.83 57.60 21.20
C TYR J 112 -10.86 58.29 22.11
N GLU J 113 -11.07 57.75 23.30
CA GLU J 113 -12.07 58.26 24.30
C GLU J 113 -11.82 59.74 24.63
N ASN J 114 -10.55 60.17 24.61
CA ASN J 114 -10.15 61.56 24.95
C ASN J 114 -10.47 62.52 23.81
N ASP J 115 -10.86 61.98 22.65
CA ASP J 115 -11.27 62.77 21.47
C ASP J 115 -12.76 62.50 21.20
N ARG J 116 -13.39 61.67 22.03
CA ARG J 116 -14.75 61.11 21.82
C ARG J 116 -14.84 60.63 20.37
N GLU J 117 -13.79 59.98 19.88
CA GLU J 117 -13.72 59.58 18.47
C GLU J 117 -13.26 58.12 18.34
N GLY J 118 -13.51 57.57 17.19
CA GLY J 118 -13.10 56.20 16.84
C GLY J 118 -14.23 55.20 16.99
N THR J 119 -13.98 53.98 16.58
CA THR J 119 -14.88 52.85 16.88
C THR J 119 -14.87 52.55 18.39
N GLY J 120 -15.87 51.81 18.85
CA GLY J 120 -15.73 51.02 20.08
C GLY J 120 -14.51 50.12 19.99
N ILE J 121 -13.87 49.88 21.11
CA ILE J 121 -12.75 48.90 21.24
C ILE J 121 -13.22 47.44 21.01
N GLY J 122 -14.53 47.18 21.06
CA GLY J 122 -15.10 45.84 20.91
C GLY J 122 -14.76 44.92 22.08
N VAL J 123 -14.95 43.62 21.88
CA VAL J 123 -14.65 42.58 22.90
C VAL J 123 -13.15 42.29 22.78
N GLU J 124 -12.42 42.30 23.88
CA GLU J 124 -10.96 42.01 23.93
C GLU J 124 -10.72 41.29 25.25
N GLY J 125 -9.62 40.54 25.32
CA GLY J 125 -9.14 39.89 26.54
C GLY J 125 -9.24 38.39 26.42
N MET J 126 -9.38 37.71 27.54
CA MET J 126 -9.16 36.24 27.64
C MET J 126 -10.17 35.47 26.80
N GLY J 127 -9.69 34.40 26.18
CA GLY J 127 -10.53 33.37 25.59
C GLY J 127 -10.39 32.16 26.48
N TYR J 128 -11.50 31.60 26.95
CA TYR J 128 -11.55 30.28 27.61
C TYR J 128 -12.66 29.56 26.92
N HIS J 129 -12.26 28.54 26.19
CA HIS J 129 -13.10 27.72 25.30
C HIS J 129 -12.86 26.28 25.69
N MET J 130 -13.87 25.61 26.21
CA MET J 130 -13.74 24.19 26.60
C MET J 130 -15.06 23.46 26.34
N PHE J 131 -14.98 22.19 25.92
CA PHE J 131 -16.20 21.36 25.76
C PHE J 131 -15.83 19.94 26.17
N ALA J 132 -16.86 19.19 26.57
CA ALA J 132 -16.79 17.78 27.01
C ALA J 132 -17.98 17.05 26.42
N ILE J 133 -17.73 15.85 25.89
CA ILE J 133 -18.78 14.91 25.44
C ILE J 133 -18.46 13.59 26.16
N GLY J 134 -19.44 13.07 26.91
CA GLY J 134 -19.28 11.85 27.74
C GLY J 134 -20.58 11.10 27.96
N GLY J 135 -20.44 9.86 28.45
CA GLY J 135 -21.56 8.97 28.77
C GLY J 135 -22.02 9.09 30.21
N GLU J 136 -21.57 10.12 30.93
CA GLU J 136 -21.93 10.42 32.34
C GLU J 136 -21.45 11.84 32.63
N PRO J 137 -21.85 12.48 33.77
CA PRO J 137 -21.42 13.85 34.05
C PRO J 137 -19.91 14.06 34.04
N LEU J 138 -19.47 15.23 33.57
CA LEU J 138 -18.07 15.66 33.61
C LEU J 138 -17.57 15.65 35.06
N GLU J 139 -16.45 14.97 35.28
CA GLU J 139 -15.85 14.81 36.61
C GLU J 139 -14.83 15.95 36.76
N LEU J 140 -14.93 16.67 37.88
CA LEU J 140 -14.25 17.96 38.10
C LEU J 140 -13.19 17.85 39.20
N GLN J 141 -12.16 18.70 39.10
CA GLN J 141 -11.14 18.98 40.15
C GLN J 141 -11.38 20.42 40.59
N PHE J 142 -11.65 20.61 41.88
CA PHE J 142 -11.74 21.94 42.52
C PHE J 142 -10.36 22.59 42.54
N MET J 143 -10.23 23.78 41.94
CA MET J 143 -8.94 24.50 42.04
C MET J 143 -9.19 25.99 41.76
N VAL J 144 -8.67 26.83 42.65
CA VAL J 144 -8.98 28.28 42.71
C VAL J 144 -7.68 29.06 42.79
N PHE J 145 -7.76 30.30 42.36
CA PHE J 145 -6.64 31.25 42.39
C PHE J 145 -6.34 31.62 43.83
N ASN J 146 -7.39 31.84 44.60
CA ASN J 146 -7.31 32.32 45.99
C ASN J 146 -8.30 31.49 46.82
N HIS J 147 -7.81 30.57 47.67
CA HIS J 147 -8.66 29.68 48.49
C HIS J 147 -9.57 30.48 49.46
N ARG J 148 -9.21 31.72 49.78
CA ARG J 148 -9.92 32.53 50.81
C ARG J 148 -11.11 33.28 50.19
N ALA J 149 -11.30 33.18 48.87
CA ALA J 149 -12.51 33.72 48.16
C ALA J 149 -13.79 33.11 48.75
N THR J 150 -14.74 33.97 49.04
CA THR J 150 -16.09 33.60 49.50
C THR J 150 -17.06 33.63 48.32
N TYR J 151 -17.45 32.47 47.81
CA TYR J 151 -18.41 32.42 46.67
C TYR J 151 -19.82 32.63 47.23
N PRO J 152 -20.72 33.14 46.38
CA PRO J 152 -22.10 33.42 46.78
C PRO J 152 -22.94 32.14 46.90
N ALA J 153 -24.09 32.26 47.56
CA ALA J 153 -24.99 31.11 47.84
C ALA J 153 -25.41 30.38 46.56
N GLU J 154 -25.58 31.10 45.43
CA GLU J 154 -26.08 30.57 44.13
C GLU J 154 -25.08 29.58 43.51
N ALA J 155 -23.80 29.78 43.74
CA ALA J 155 -22.68 29.00 43.18
C ALA J 155 -22.53 27.65 43.90
N THR J 156 -22.08 26.64 43.16
CA THR J 156 -21.66 25.32 43.69
C THR J 156 -20.13 25.29 43.75
N VAL J 157 -19.60 25.28 44.97
CA VAL J 157 -18.14 25.27 45.30
C VAL J 157 -17.92 24.35 46.52
N ILE J 158 -16.65 24.03 46.80
CA ILE J 158 -16.20 23.49 48.12
C ILE J 158 -15.88 24.70 49.00
N LYS J 159 -16.63 24.89 50.09
CA LYS J 159 -16.39 25.98 51.08
C LYS J 159 -15.17 25.68 51.95
N ASN J 160 -14.53 26.73 52.44
CA ASN J 160 -13.25 26.76 53.22
C ASN J 160 -12.36 25.63 52.70
N PRO J 161 -12.01 25.64 51.40
CA PRO J 161 -11.37 24.49 50.76
C PRO J 161 -9.91 24.28 51.16
N GLY J 162 -9.26 25.29 51.74
CA GLY J 162 -7.89 25.20 52.26
C GLY J 162 -6.85 25.72 51.26
N ALA J 163 -5.68 26.13 51.76
CA ALA J 163 -4.55 26.63 50.95
C ALA J 163 -4.17 25.63 49.85
N SER J 164 -4.35 24.32 50.11
CA SER J 164 -4.07 23.20 49.16
C SER J 164 -4.89 23.29 47.86
N SER J 165 -6.10 23.90 47.90
CA SER J 165 -6.99 24.09 46.73
C SER J 165 -6.45 25.13 45.74
N GLN J 166 -5.39 25.89 46.07
CA GLN J 166 -4.69 26.81 45.14
C GLN J 166 -3.75 26.04 44.21
N VAL J 167 -3.48 24.77 44.51
CA VAL J 167 -2.77 23.80 43.61
C VAL J 167 -3.55 22.49 43.62
N PHE J 168 -2.97 21.32 43.32
CA PHE J 168 -3.73 20.04 43.26
C PHE J 168 -3.91 19.46 44.67
N ASP J 169 -5.16 19.19 45.07
CA ASP J 169 -5.52 18.42 46.29
C ASP J 169 -6.50 17.32 45.92
N PRO J 170 -6.10 16.02 46.06
CA PRO J 170 -6.92 14.90 45.60
C PRO J 170 -8.23 14.68 46.35
N ASN J 171 -8.42 15.36 47.49
CA ASN J 171 -9.71 15.32 48.25
C ASN J 171 -10.75 16.23 47.59
N LEU J 172 -10.33 17.16 46.72
CA LEU J 172 -11.24 18.27 46.32
C LEU J 172 -11.88 17.98 44.95
N LYS J 173 -12.92 17.13 44.97
CA LYS J 173 -13.55 16.56 43.75
C LYS J 173 -15.00 17.02 43.64
N GLY J 174 -15.52 17.03 42.42
CA GLY J 174 -16.95 17.26 42.19
C GLY J 174 -17.36 16.66 40.87
N THR J 175 -18.63 16.71 40.56
CA THR J 175 -19.15 16.29 39.22
C THR J 175 -20.06 17.42 38.71
N LEU J 176 -20.07 17.63 37.40
CA LEU J 176 -20.82 18.74 36.75
C LEU J 176 -22.27 18.31 36.54
N THR J 177 -23.11 18.50 37.58
CA THR J 177 -24.48 17.93 37.70
C THR J 177 -25.54 19.04 37.54
N ALA J 178 -25.15 20.29 37.25
CA ALA J 178 -26.12 21.41 37.14
C ALA J 178 -25.58 22.53 36.25
N ASP J 179 -26.47 23.12 35.46
CA ASP J 179 -26.16 24.22 34.52
C ASP J 179 -26.03 25.55 35.26
N GLY J 180 -24.97 26.30 34.97
CA GLY J 180 -24.89 27.74 35.29
C GLY J 180 -24.61 28.06 36.76
N VAL J 181 -23.98 27.17 37.53
CA VAL J 181 -23.78 27.37 39.01
C VAL J 181 -22.39 26.91 39.45
N PHE J 182 -21.68 26.09 38.67
CA PHE J 182 -20.27 25.75 38.95
C PHE J 182 -19.36 26.85 38.42
N PRO J 183 -18.72 27.70 39.26
CA PRO J 183 -17.89 28.80 38.76
C PRO J 183 -16.79 28.19 37.89
N VAL J 184 -16.55 28.76 36.71
CA VAL J 184 -15.43 28.33 35.84
C VAL J 184 -14.12 28.48 36.60
N GLU J 185 -13.94 29.59 37.36
CA GLU J 185 -12.66 29.95 38.01
C GLU J 185 -12.38 29.04 39.23
N ALA J 186 -13.28 28.10 39.56
CA ALA J 186 -13.12 27.21 40.75
C ALA J 186 -13.11 25.72 40.37
N TRP J 187 -13.44 25.38 39.13
CA TRP J 187 -13.60 23.96 38.71
C TRP J 187 -12.95 23.77 37.33
N GLY J 188 -12.19 22.69 37.16
CA GLY J 188 -11.76 22.20 35.82
C GLY J 188 -11.89 20.68 35.69
N PRO J 189 -11.78 20.15 34.46
CA PRO J 189 -11.87 18.70 34.24
C PRO J 189 -10.77 18.03 35.07
N ASP J 190 -11.10 16.85 35.60
CA ASP J 190 -10.18 15.99 36.39
C ASP J 190 -9.52 14.98 35.44
N PRO J 191 -8.20 15.04 35.21
CA PRO J 191 -7.57 14.07 34.32
C PRO J 191 -7.37 12.70 35.00
N PHE J 192 -7.57 12.57 36.32
CA PHE J 192 -7.46 11.28 37.04
C PHE J 192 -8.72 10.43 36.79
N LYS J 193 -9.77 11.05 36.25
CA LYS J 193 -11.08 10.38 35.98
C LYS J 193 -11.45 10.65 34.52
N ASN J 194 -12.76 10.78 34.22
CA ASN J 194 -13.32 11.13 32.89
C ASN J 194 -12.87 10.08 31.86
N GLU J 195 -12.83 8.81 32.25
CA GLU J 195 -12.46 7.69 31.33
C GLU J 195 -13.57 7.51 30.29
N ASN J 196 -14.78 8.00 30.57
CA ASN J 196 -15.99 7.85 29.73
C ASN J 196 -16.43 9.21 29.18
N THR J 197 -15.50 10.17 29.06
CA THR J 197 -15.74 11.56 28.61
C THR J 197 -14.48 12.02 27.85
N ARG J 198 -14.62 12.70 26.72
CA ARG J 198 -13.51 13.39 26.04
C ARG J 198 -13.70 14.88 26.31
N TYR J 199 -12.67 15.56 26.82
CA TYR J 199 -12.76 17.04 26.95
C TYR J 199 -11.58 17.71 26.25
N PHE J 200 -11.78 18.95 25.82
CA PHE J 200 -10.80 19.77 25.08
C PHE J 200 -10.99 21.20 25.61
N GLY J 201 -9.89 21.90 25.88
CA GLY J 201 -9.93 23.30 26.35
C GLY J 201 -8.74 24.09 25.84
N GLN J 202 -8.95 25.38 25.66
CA GLN J 202 -7.88 26.31 25.26
C GLN J 202 -8.09 27.60 26.05
N TYR J 203 -7.02 28.15 26.60
CA TYR J 203 -7.09 29.43 27.35
C TYR J 203 -6.06 30.38 26.74
N THR J 204 -6.47 31.59 26.46
CA THR J 204 -5.56 32.71 26.15
C THR J 204 -5.92 33.80 27.13
N GLY J 205 -4.98 34.26 27.93
CA GLY J 205 -5.26 35.23 29.01
C GLY J 205 -5.24 36.65 28.52
N GLY J 206 -5.24 37.57 29.47
CA GLY J 206 -5.09 39.01 29.23
C GLY J 206 -6.43 39.73 29.24
N THR J 207 -6.38 41.04 29.07
CA THR J 207 -7.61 41.89 29.10
C THR J 207 -7.81 42.72 27.82
N GLN J 208 -6.75 42.94 27.04
CA GLN J 208 -6.79 43.67 25.74
C GLN J 208 -6.37 42.73 24.58
N THR J 209 -6.26 41.45 24.87
CA THR J 209 -5.85 40.41 23.89
C THR J 209 -6.85 40.36 22.74
N PRO J 210 -6.38 40.34 21.48
CA PRO J 210 -7.28 40.12 20.36
C PRO J 210 -7.95 38.76 20.49
N PRO J 211 -9.29 38.65 20.50
CA PRO J 211 -9.96 37.36 20.41
C PRO J 211 -9.75 36.75 19.01
N VAL J 212 -9.44 35.46 18.95
CA VAL J 212 -9.30 34.68 17.67
C VAL J 212 -10.32 33.55 17.75
N LEU J 213 -11.20 33.47 16.76
CA LEU J 213 -12.27 32.44 16.69
C LEU J 213 -12.42 31.99 15.24
N THR J 214 -12.57 30.69 15.02
CA THR J 214 -12.82 30.08 13.69
C THR J 214 -14.16 29.37 13.77
N PHE J 215 -14.79 29.14 12.63
CA PHE J 215 -16.08 28.45 12.52
C PHE J 215 -16.14 27.85 11.12
N THR J 216 -16.61 26.62 11.04
CA THR J 216 -16.73 25.84 9.78
C THR J 216 -17.67 24.69 10.09
N ASN J 217 -18.37 24.17 9.08
CA ASN J 217 -19.21 22.95 9.24
C ASN J 217 -18.46 21.75 8.64
N THR J 218 -17.15 21.86 8.39
CA THR J 218 -16.38 20.80 7.67
C THR J 218 -15.43 20.03 8.61
N GLN J 219 -15.48 20.28 9.92
CA GLN J 219 -14.62 19.64 10.96
C GLN J 219 -15.42 18.63 11.77
N THR J 220 -14.97 17.37 11.76
CA THR J 220 -15.50 16.26 12.61
C THR J 220 -14.40 15.72 13.50
N THR J 221 -14.65 15.63 14.82
CA THR J 221 -13.66 15.11 15.82
C THR J 221 -14.06 13.68 16.16
N ILE J 222 -13.09 12.75 16.06
CA ILE J 222 -13.30 11.30 16.33
C ILE J 222 -13.18 11.13 17.84
N LEU J 223 -14.20 10.54 18.49
CA LEU J 223 -14.33 10.40 19.96
C LEU J 223 -13.91 9.00 20.44
N LEU J 224 -13.41 8.15 19.54
CA LEU J 224 -12.92 6.80 19.90
C LEU J 224 -11.61 6.92 20.68
N ASP J 225 -11.41 6.05 21.68
CA ASP J 225 -10.15 6.00 22.49
C ASP J 225 -9.16 5.11 21.72
N GLU J 226 -7.97 4.92 22.31
CA GLU J 226 -6.88 4.04 21.79
C GLU J 226 -7.46 2.65 21.43
N ASN J 227 -8.43 2.16 22.21
CA ASN J 227 -9.05 0.82 22.05
C ASN J 227 -10.21 0.85 21.05
N GLY J 228 -10.45 2.00 20.40
CA GLY J 228 -11.56 2.19 19.43
C GLY J 228 -12.93 2.23 20.09
N VAL J 229 -13.01 2.70 21.34
CA VAL J 229 -14.30 2.77 22.09
C VAL J 229 -14.62 4.25 22.37
N GLY J 230 -15.82 4.69 22.02
CA GLY J 230 -16.35 6.02 22.30
C GLY J 230 -16.98 6.06 23.68
N PRO J 231 -17.27 7.26 24.24
CA PRO J 231 -18.10 7.36 25.43
C PRO J 231 -19.37 6.51 25.27
N LEU J 232 -19.70 5.72 26.31
CA LEU J 232 -20.87 4.82 26.35
C LEU J 232 -21.88 5.44 27.31
N CYS J 233 -23.11 5.67 26.83
CA CYS J 233 -24.10 6.55 27.47
C CYS J 233 -24.93 5.81 28.52
N LYS J 234 -24.45 5.85 29.75
CA LYS J 234 -25.12 5.29 30.96
C LYS J 234 -26.50 5.93 31.08
N GLY J 235 -27.53 5.12 31.32
CA GLY J 235 -28.94 5.55 31.43
C GLY J 235 -29.45 6.15 30.14
N ASP J 236 -28.86 5.77 29.01
CA ASP J 236 -29.19 6.31 27.66
C ASP J 236 -29.14 7.84 27.74
N GLY J 237 -28.03 8.37 28.28
CA GLY J 237 -27.79 9.78 28.59
C GLY J 237 -26.52 10.28 27.92
N LEU J 238 -26.61 11.40 27.20
CA LEU J 238 -25.43 12.03 26.54
C LEU J 238 -25.16 13.34 27.27
N PHE J 239 -23.98 13.50 27.84
CA PHE J 239 -23.62 14.63 28.74
C PHE J 239 -22.75 15.59 27.93
N LEU J 240 -23.25 16.80 27.76
CA LEU J 240 -22.58 17.89 27.02
C LEU J 240 -22.25 18.98 28.04
N SER J 241 -21.04 19.52 27.94
CA SER J 241 -20.53 20.55 28.86
C SER J 241 -19.68 21.56 28.10
N CYS J 242 -19.68 22.81 28.52
CA CYS J 242 -18.78 23.79 27.89
C CYS J 242 -18.66 25.05 28.72
N ALA J 243 -17.66 25.84 28.36
CA ALA J 243 -17.57 27.26 28.73
C ALA J 243 -16.93 28.00 27.55
N ASP J 244 -17.52 29.11 27.14
CA ASP J 244 -17.01 29.91 25.99
C ASP J 244 -17.02 31.40 26.34
N ILE J 245 -16.02 31.78 27.12
CA ILE J 245 -15.64 33.19 27.41
C ILE J 245 -14.92 33.72 26.18
N VAL J 246 -15.47 34.73 25.52
CA VAL J 246 -14.84 35.32 24.30
C VAL J 246 -14.03 36.55 24.68
N GLY J 247 -14.26 37.14 25.86
CA GLY J 247 -13.47 38.30 26.31
C GLY J 247 -14.34 39.21 27.15
N PHE J 248 -13.98 40.48 27.19
CA PHE J 248 -14.66 41.48 28.04
C PHE J 248 -15.29 42.56 27.15
N PHE J 249 -16.45 43.06 27.56
CA PHE J 249 -17.13 44.27 27.05
C PHE J 249 -16.72 45.42 27.98
N THR J 250 -16.14 46.49 27.42
CA THR J 250 -15.73 47.71 28.15
C THR J 250 -16.67 48.88 27.79
N GLN J 251 -17.32 49.41 28.83
CA GLN J 251 -18.25 50.57 28.78
C GLN J 251 -17.45 51.86 28.74
N HIS J 252 -18.09 52.97 28.37
CA HIS J 252 -17.47 54.30 28.33
C HIS J 252 -16.82 54.65 29.68
N ASN J 253 -17.43 54.24 30.80
CA ASN J 253 -16.94 54.55 32.17
C ASN J 253 -15.92 53.48 32.61
N LYS J 254 -15.44 52.66 31.67
CA LYS J 254 -14.34 51.67 31.83
C LYS J 254 -14.79 50.46 32.67
N LYS J 255 -16.08 50.36 33.09
CA LYS J 255 -16.68 49.11 33.64
C LYS J 255 -16.58 47.94 32.64
N MET J 256 -16.17 46.77 33.12
CA MET J 256 -15.91 45.61 32.24
C MET J 256 -16.74 44.42 32.71
N SER J 257 -17.24 43.68 31.73
CA SER J 257 -18.09 42.50 31.88
C SER J 257 -17.55 41.40 30.99
N PHE J 258 -17.77 40.18 31.41
CA PHE J 258 -17.55 38.97 30.57
C PHE J 258 -18.61 38.95 29.48
N ARG J 259 -18.19 38.54 28.29
CA ARG J 259 -19.08 38.18 27.16
C ARG J 259 -18.78 36.75 26.73
N GLY J 260 -19.83 35.96 26.56
CA GLY J 260 -19.77 34.54 26.15
C GLY J 260 -20.57 34.33 24.88
N LEU J 261 -20.39 33.20 24.23
CA LEU J 261 -21.20 32.79 23.05
C LEU J 261 -21.71 31.38 23.28
N PRO J 262 -22.85 31.02 22.64
CA PRO J 262 -23.42 29.67 22.72
C PRO J 262 -22.64 28.64 21.90
N ARG J 263 -22.72 27.35 22.24
CA ARG J 263 -21.96 26.29 21.53
C ARG J 263 -22.92 25.26 20.91
N TYR J 264 -22.69 24.97 19.63
CA TYR J 264 -23.38 23.91 18.87
C TYR J 264 -22.65 22.60 19.08
N PHE J 265 -23.42 21.53 19.22
CA PHE J 265 -22.95 20.12 19.27
C PHE J 265 -23.73 19.29 18.26
N ARG J 266 -22.99 18.51 17.49
CA ARG J 266 -23.54 17.39 16.71
C ARG J 266 -22.82 16.13 17.21
N VAL J 267 -23.55 15.08 17.60
CA VAL J 267 -22.87 13.83 18.06
C VAL J 267 -23.52 12.67 17.33
N THR J 268 -22.68 11.84 16.74
CA THR J 268 -23.05 10.62 16.01
C THR J 268 -22.84 9.46 16.97
N LEU J 269 -23.85 8.61 17.15
CA LEU J 269 -23.77 7.47 18.09
C LEU J 269 -24.19 6.18 17.39
N ARG J 270 -23.59 5.05 17.79
CA ARG J 270 -23.91 3.70 17.27
C ARG J 270 -24.20 2.77 18.46
N LYS J 271 -24.99 1.72 18.22
CA LYS J 271 -25.28 0.68 19.24
C LYS J 271 -24.01 -0.16 19.40
N ARG J 272 -23.58 -0.33 20.66
CA ARG J 272 -22.45 -1.17 21.10
C ARG J 272 -23.03 -2.26 22.01
N VAL J 273 -22.61 -3.51 21.83
CA VAL J 273 -22.94 -4.63 22.75
C VAL J 273 -21.90 -4.61 23.86
N VAL J 274 -22.33 -4.73 25.11
CA VAL J 274 -21.45 -4.70 26.33
C VAL J 274 -21.83 -5.86 27.27
#